data_7RDW
#
_entry.id   7RDW
#
_cell.length_a   103.361
_cell.length_b   106.266
_cell.length_c   113.219
_cell.angle_alpha   67.566
_cell.angle_beta   76.674
_cell.angle_gamma   60.987
#
_symmetry.space_group_name_H-M   'P 1'
#
loop_
_entity.id
_entity.type
_entity.pdbx_description
1 polymer 'Glycoprotein 120'
2 polymer 'FH1 Fab Heavy Chain'
3 polymer 'FH1 Fab Heavy Chain'
4 polymer 'FH1 Fab Light Chain'
5 branched beta-D-mannopyranose-(1-4)-2-acetamido-2-deoxy-beta-D-glucopyranose-(1-4)-2-acetamido-2-deoxy-beta-D-glucopyranose
6 non-polymer 2-acetamido-2-deoxy-beta-D-glucopyranose
7 non-polymer 'AMMONIUM ION'
8 non-polymer 1,2-ETHANEDIOL
9 non-polymer 'SULFATE ION'
10 water water
#
loop_
_entity_poly.entity_id
_entity_poly.type
_entity_poly.pdbx_seq_one_letter_code
_entity_poly.pdbx_strand_id
1 'polypeptide(L)'
;VWKEATTTLFCASDAKAYDTECHNVWATHACVPTDPNPQEVVLVNVTENFNMWKNDMVEQMHEDIISLWDQCLKPCVKLT
NTSVITQACPKVSFEPIPIHYCAPAGFAILKCNNKTFNGTGPCTNVSTVQCTHGIRPVVSTQLLLNGSLAEEEVVIRSVN
FTDNAKTIIVQLNTSVEINCTRPNNGGSGSGGNMRQAHCNISRAKWNNTLKQIASKLREQFGNNKTIIFKQSSGGDPEIV
THSFNCGGEFFYCNSTQLFNSTWFNSTWSTEGSNNTEGSDTITLPCRIKQIINMWQKVGKAMYAPPISGQIRCSSNITGL
LLTRDGGNSNNESEIFRPGGGDMRDNWRSELYKYKVVKIEPLGSGSGHHHHHH
;
C,D,M,N
2 'polypeptide(L)'
;(PCA)VQLVQSGAEVKKPGASVKVSCKASGYTFTGYYMNWVRQAPGQGLEWMGWINPNSGDTNYAQKFQGRVTMTRDTSS
STAYMELNRVRSDDTAVYYCARWDWGQYWFFDLWGRGTLVTVSSASTKGPSVFPLAPSSKSTSGGTAALGCLVKDYFPEP
VTVSWNSGALTSGVHTFPAVLQSSGLYSLSSVVTVPSSSLGTQTYICNVNHKPSNTKVDKRVEPKSCDK
;
G,U
3 'polypeptide(L)'
;QVQLVQSGAEVKKPGASVKVSCKASGYTFTGYYMNWVRQAPGQGLEWMGWINPNSGDTNYAQKFQGRVTMTRDTSSSTAY
MELNRVRSDDTAVYYCARWDWGQYWFFDLWGRGTLVTVSSASTKGPSVFPLAPSSKSTSGGTAALGCLVKDYFPEPVTVS
WNSGALTSGVHTFPAVLQSSGLYSLSSVVTVPSSSLGTQTYICNVNHKPSNTKVDKRVEPKSCDK
;
H,Q
4 'polypeptide(L)'
;EIVLTQSPGTLSLSPGERATLSCRASQSVRSSYLAWYQQKPGQVPRLLIYGASSRATGIPDRFSGSGSGTDFTLTISRLE
PEDFAVYYCQHMYTFGQGTKLEIKRTVAAPSVFIFPPSDEQLKSGTASVVCLLNNFYPREAKVQWKVDNALQSGNSQESV
TEQDSKDSTYSLSSTLTLSKADYEKHKVYACEVTHQGLSSPVTKSFNRGEC
;
I,L,R,V
#
loop_
_chem_comp.id
_chem_comp.type
_chem_comp.name
_chem_comp.formula
BMA D-saccharide, beta linking beta-D-mannopyranose 'C6 H12 O6'
EDO non-polymer 1,2-ETHANEDIOL 'C2 H6 O2'
NAG D-saccharide, beta linking 2-acetamido-2-deoxy-beta-D-glucopyranose 'C8 H15 N O6'
NH4 non-polymer 'AMMONIUM ION' 'H4 N 1'
SO4 non-polymer 'SULFATE ION' 'O4 S -2'
#
# COMPACT_ATOMS: atom_id res chain seq x y z
N GLU A 4 1.15 41.54 -26.60
CA GLU A 4 2.21 40.98 -25.76
C GLU A 4 1.60 40.17 -24.62
N ALA A 5 0.59 39.37 -24.94
CA ALA A 5 -0.17 38.63 -23.96
C ALA A 5 0.22 37.15 -23.98
N THR A 6 -0.48 36.34 -23.19
CA THR A 6 -0.22 34.91 -23.10
C THR A 6 -1.55 34.19 -23.00
N THR A 7 -1.59 32.97 -23.53
CA THR A 7 -2.81 32.17 -23.52
C THR A 7 -2.43 30.69 -23.62
N THR A 8 -3.42 29.84 -23.80
CA THR A 8 -3.20 28.40 -23.85
C THR A 8 -2.67 28.00 -25.23
N LEU A 9 -1.58 27.24 -25.24
CA LEU A 9 -1.04 26.66 -26.45
C LEU A 9 -1.48 25.21 -26.57
N PHE A 10 -1.24 24.63 -27.75
CA PHE A 10 -1.60 23.24 -28.01
C PHE A 10 -0.42 22.54 -28.68
N CYS A 11 -0.09 21.35 -28.18
CA CYS A 11 1.04 20.61 -28.71
C CYS A 11 0.71 20.02 -30.08
N ALA A 12 1.76 19.77 -30.86
CA ALA A 12 1.63 19.18 -32.17
C ALA A 12 2.88 18.38 -32.48
N SER A 13 2.71 17.18 -33.02
CA SER A 13 3.84 16.31 -33.32
C SER A 13 3.45 15.35 -34.42
N ASP A 14 4.44 14.95 -35.22
CA ASP A 14 4.24 13.98 -36.30
C ASP A 14 4.36 12.57 -35.72
N ALA A 15 3.38 12.22 -34.89
CA ALA A 15 3.38 10.95 -34.18
C ALA A 15 2.72 9.87 -35.02
N LYS A 16 3.21 8.64 -34.85
CA LYS A 16 2.67 7.47 -35.53
C LYS A 16 1.70 6.75 -34.59
N ALA A 17 0.50 6.47 -35.10
CA ALA A 17 -0.55 5.88 -34.28
C ALA A 17 -0.42 4.37 -34.12
N TYR A 18 0.44 3.72 -34.90
CA TYR A 18 0.58 2.27 -34.83
C TYR A 18 1.74 1.84 -33.94
N ASP A 19 2.65 2.74 -33.60
CA ASP A 19 3.79 2.38 -32.78
C ASP A 19 3.38 2.24 -31.32
N THR A 20 4.10 1.37 -30.59
CA THR A 20 3.83 1.11 -29.19
C THR A 20 4.82 1.82 -28.28
N GLU A 21 5.55 2.80 -28.79
CA GLU A 21 6.39 3.62 -27.94
C GLU A 21 5.52 4.53 -27.09
N CYS A 22 5.85 4.64 -25.80
CA CYS A 22 5.02 5.41 -24.89
C CYS A 22 4.72 6.80 -25.45
N HIS A 23 5.76 7.57 -25.77
CA HIS A 23 5.56 8.92 -26.25
C HIS A 23 4.53 8.97 -27.38
N ASN A 24 4.62 8.02 -28.32
CA ASN A 24 3.73 8.05 -29.46
C ASN A 24 2.27 7.84 -29.04
N VAL A 25 2.03 6.97 -28.06
CA VAL A 25 0.66 6.76 -27.59
C VAL A 25 0.05 8.08 -27.13
N TRP A 26 0.69 8.74 -26.17
CA TRP A 26 0.13 9.97 -25.63
C TRP A 26 -0.04 11.04 -26.71
N ALA A 27 0.91 11.11 -27.66
CA ALA A 27 0.84 12.13 -28.68
C ALA A 27 -0.40 11.94 -29.58
N THR A 28 -0.73 10.68 -29.89
CA THR A 28 -1.86 10.43 -30.77
C THR A 28 -3.14 10.99 -30.19
N HIS A 29 -3.33 10.86 -28.87
CA HIS A 29 -4.55 11.28 -28.20
C HIS A 29 -4.33 12.46 -27.25
N ALA A 30 -3.37 13.33 -27.59
CA ALA A 30 -3.25 14.59 -26.86
C ALA A 30 -2.48 15.65 -27.65
N CYS A 31 -2.11 15.37 -28.89
CA CYS A 31 -1.44 16.35 -29.73
C CYS A 31 -1.82 16.11 -31.18
N VAL A 32 -2.08 17.19 -31.92
CA VAL A 32 -2.49 17.11 -33.31
C VAL A 32 -1.27 16.92 -34.20
N PRO A 33 -1.43 16.47 -35.45
CA PRO A 33 -0.28 16.34 -36.34
C PRO A 33 0.43 17.66 -36.59
N THR A 34 1.48 17.64 -37.40
CA THR A 34 2.27 18.84 -37.66
C THR A 34 1.61 19.70 -38.74
N ASP A 35 1.88 21.00 -38.67
CA ASP A 35 1.32 21.92 -39.64
C ASP A 35 1.85 21.59 -41.04
N PRO A 36 0.98 21.38 -42.03
CA PRO A 36 1.48 21.10 -43.39
C PRO A 36 2.45 22.15 -43.91
N ASN A 37 2.05 23.42 -43.91
CA ASN A 37 2.87 24.50 -44.45
C ASN A 37 3.41 25.34 -43.31
N PRO A 38 4.73 25.44 -43.12
CA PRO A 38 5.26 26.27 -42.04
C PRO A 38 5.27 27.75 -42.44
N GLN A 39 4.64 28.58 -41.62
CA GLN A 39 4.53 30.02 -41.87
C GLN A 39 5.61 30.73 -41.05
N GLU A 40 6.79 30.87 -41.63
CA GLU A 40 7.89 31.60 -41.01
C GLU A 40 8.06 32.91 -41.77
N VAL A 41 7.75 34.02 -41.10
CA VAL A 41 7.85 35.36 -41.68
C VAL A 41 8.93 36.12 -40.94
N VAL A 42 9.83 36.76 -41.70
CA VAL A 42 10.93 37.54 -41.15
C VAL A 42 10.49 39.00 -41.13
N LEU A 43 10.25 39.54 -39.94
CA LEU A 43 9.89 40.95 -39.81
C LEU A 43 11.16 41.79 -39.85
N VAL A 44 11.15 42.84 -40.66
CA VAL A 44 12.32 43.68 -40.88
C VAL A 44 12.27 44.86 -39.93
N ASN A 45 13.40 45.14 -39.27
CA ASN A 45 13.55 46.28 -38.38
C ASN A 45 12.48 46.26 -37.28
N VAL A 46 12.53 45.19 -36.48
CA VAL A 46 11.65 45.02 -35.33
C VAL A 46 12.51 44.75 -34.11
N THR A 47 12.23 45.47 -33.02
CA THR A 47 12.98 45.33 -31.77
C THR A 47 11.99 45.00 -30.65
N GLU A 48 12.12 43.82 -30.07
CA GLU A 48 11.25 43.37 -29.00
C GLU A 48 12.09 42.69 -27.93
N ASN A 49 11.74 42.94 -26.67
CA ASN A 49 12.47 42.39 -25.53
C ASN A 49 11.91 41.01 -25.18
N PHE A 50 12.79 40.01 -25.14
CA PHE A 50 12.42 38.66 -24.75
C PHE A 50 12.90 38.39 -23.33
N ASN A 51 12.26 37.41 -22.69
CA ASN A 51 12.62 37.00 -21.34
C ASN A 51 12.43 35.49 -21.22
N MET A 52 13.53 34.76 -21.07
CA MET A 52 13.46 33.31 -20.94
C MET A 52 12.67 32.90 -19.71
N TRP A 53 12.91 33.58 -18.59
CA TRP A 53 12.57 33.05 -17.28
C TRP A 53 11.14 33.35 -16.85
N LYS A 54 10.59 34.49 -17.25
CA LYS A 54 9.20 34.83 -16.96
C LYS A 54 8.31 34.55 -18.17
N ASN A 55 8.39 33.32 -18.68
CA ASN A 55 7.67 32.92 -19.89
C ASN A 55 6.66 31.84 -19.54
N ASP A 56 5.46 31.96 -20.12
CA ASP A 56 4.39 31.01 -19.84
C ASP A 56 4.54 29.73 -20.64
N MET A 57 5.17 29.79 -21.83
CA MET A 57 5.38 28.59 -22.62
C MET A 57 6.09 27.52 -21.82
N VAL A 58 7.04 27.92 -20.97
CA VAL A 58 7.81 26.96 -20.20
C VAL A 58 6.90 26.18 -19.26
N GLU A 59 6.00 26.88 -18.57
CA GLU A 59 5.11 26.21 -17.63
C GLU A 59 4.10 25.32 -18.35
N GLN A 60 3.64 25.76 -19.53
CA GLN A 60 2.76 24.91 -20.32
C GLN A 60 3.45 23.61 -20.70
N MET A 61 4.64 23.70 -21.29
CA MET A 61 5.39 22.49 -21.63
C MET A 61 5.63 21.64 -20.40
N HIS A 62 5.96 22.28 -19.27
CA HIS A 62 6.15 21.53 -18.03
C HIS A 62 4.90 20.76 -17.65
N GLU A 63 3.73 21.40 -17.76
CA GLU A 63 2.48 20.74 -17.40
C GLU A 63 2.19 19.58 -18.34
N ASP A 64 2.36 19.79 -19.64
CA ASP A 64 2.08 18.73 -20.61
C ASP A 64 2.97 17.52 -20.36
N ILE A 65 4.26 17.75 -20.08
CA ILE A 65 5.17 16.63 -19.86
C ILE A 65 4.79 15.87 -18.60
N ILE A 66 4.43 16.58 -17.54
CA ILE A 66 4.02 15.91 -16.30
C ILE A 66 2.94 14.87 -16.60
N SER A 67 1.91 15.28 -17.34
CA SER A 67 0.83 14.35 -17.67
C SER A 67 1.33 13.18 -18.50
N LEU A 68 2.26 13.43 -19.42
CA LEU A 68 2.81 12.35 -20.23
C LEU A 68 3.40 11.25 -19.35
N TRP A 69 4.40 11.61 -18.54
CA TRP A 69 5.06 10.62 -17.70
C TRP A 69 4.05 9.85 -16.85
N ASP A 70 3.04 10.53 -16.31
CA ASP A 70 2.07 9.87 -15.46
C ASP A 70 1.24 8.86 -16.24
N GLN A 71 0.50 9.32 -17.24
CA GLN A 71 -0.37 8.43 -17.99
C GLN A 71 0.40 7.38 -18.78
N CYS A 72 1.68 7.61 -19.04
CA CYS A 72 2.44 6.87 -20.03
C CYS A 72 3.67 6.20 -19.47
N LEU A 73 4.04 6.48 -18.22
CA LEU A 73 5.18 5.86 -17.53
C LEU A 73 4.81 5.87 -16.04
N LYS A 74 3.95 4.95 -15.65
CA LYS A 74 3.29 5.03 -14.35
C LYS A 74 4.12 4.34 -13.28
N PRO A 75 4.13 4.87 -12.05
CA PRO A 75 4.90 4.22 -10.98
C PRO A 75 4.07 3.18 -10.23
N CYS A 76 4.73 2.07 -9.90
CA CYS A 76 4.04 1.00 -9.18
C CYS A 76 3.74 1.40 -7.74
N VAL A 77 4.60 2.20 -7.11
CA VAL A 77 4.41 2.64 -5.74
C VAL A 77 4.93 4.06 -5.63
N LYS A 78 4.06 5.00 -5.27
CA LYS A 78 4.41 6.39 -5.05
C LYS A 78 4.38 6.69 -3.56
N LEU A 79 5.32 7.52 -3.10
CA LEU A 79 5.49 7.79 -1.68
C LEU A 79 5.57 9.28 -1.44
N THR A 80 4.85 9.74 -0.43
CA THR A 80 4.86 11.13 0.01
C THR A 80 4.83 11.15 1.53
N ASN A 81 5.31 12.25 2.11
CA ASN A 81 5.26 12.39 3.56
C ASN A 81 3.86 12.11 4.09
N THR A 82 2.85 12.70 3.45
CA THR A 82 1.48 12.60 3.95
C THR A 82 0.84 11.27 3.59
N SER A 83 0.94 10.85 2.32
CA SER A 83 0.13 9.77 1.80
C SER A 83 0.99 8.76 1.04
N VAL A 84 0.37 7.61 0.75
CA VAL A 84 0.97 6.55 -0.03
C VAL A 84 -0.08 6.06 -1.03
N ILE A 85 0.35 5.85 -2.27
CA ILE A 85 -0.54 5.38 -3.34
C ILE A 85 0.16 4.23 -4.06
N THR A 86 -0.49 3.07 -4.09
CA THR A 86 0.01 1.88 -4.76
C THR A 86 -0.83 1.58 -5.99
N GLN A 87 -0.17 1.23 -7.09
CA GLN A 87 -0.87 0.91 -8.33
C GLN A 87 0.05 0.04 -9.18
N ALA A 88 -0.42 -0.30 -10.37
CA ALA A 88 0.29 -1.17 -11.29
C ALA A 88 1.08 -0.35 -12.30
N CYS A 89 2.27 -0.83 -12.66
CA CYS A 89 3.14 -0.16 -13.63
C CYS A 89 3.54 -1.17 -14.70
N PRO A 90 2.95 -1.11 -15.89
CA PRO A 90 3.35 -2.04 -16.95
C PRO A 90 4.58 -1.54 -17.69
N LYS A 91 5.50 -2.47 -17.95
CA LYS A 91 6.72 -2.12 -18.67
C LYS A 91 6.40 -1.75 -20.11
N VAL A 92 7.02 -0.67 -20.60
CA VAL A 92 6.79 -0.17 -21.95
C VAL A 92 8.09 0.40 -22.48
N SER A 93 8.14 0.60 -23.79
CA SER A 93 9.28 1.24 -24.42
C SER A 93 9.18 2.76 -24.29
N PHE A 94 10.32 3.43 -24.40
CA PHE A 94 10.40 4.85 -24.08
C PHE A 94 11.58 5.45 -24.84
N GLU A 95 11.28 6.15 -25.94
CA GLU A 95 12.28 6.83 -26.75
C GLU A 95 11.80 8.23 -27.11
N PRO A 96 12.43 9.29 -26.60
CA PRO A 96 11.90 10.64 -26.83
C PRO A 96 11.64 10.94 -28.30
N ILE A 97 10.55 11.65 -28.55
CA ILE A 97 10.18 12.07 -29.91
C ILE A 97 10.07 13.59 -29.89
N PRO A 98 10.10 14.22 -31.05
CA PRO A 98 9.99 15.68 -31.09
C PRO A 98 8.55 16.15 -30.95
N ILE A 99 8.40 17.30 -30.29
CA ILE A 99 7.08 17.90 -30.04
C ILE A 99 7.13 19.35 -30.49
N HIS A 100 6.12 19.76 -31.27
CA HIS A 100 5.97 21.14 -31.69
C HIS A 100 4.85 21.78 -30.88
N TYR A 101 5.19 22.83 -30.14
CA TYR A 101 4.20 23.60 -29.36
C TYR A 101 3.76 24.78 -30.20
N CYS A 102 2.59 24.65 -30.83
CA CYS A 102 2.05 25.69 -31.71
C CYS A 102 1.28 26.72 -30.92
N ALA A 103 1.26 27.95 -31.44
CA ALA A 103 0.44 28.99 -30.86
C ALA A 103 -1.00 28.87 -31.35
N PRO A 104 -1.96 29.30 -30.55
CA PRO A 104 -3.37 29.13 -30.93
C PRO A 104 -3.81 30.11 -32.00
N ALA A 105 -4.86 29.72 -32.72
CA ALA A 105 -5.47 30.59 -33.70
C ALA A 105 -5.79 31.95 -33.08
N GLY A 106 -5.30 33.01 -33.70
CA GLY A 106 -5.43 34.36 -33.20
C GLY A 106 -4.17 34.90 -32.55
N PHE A 107 -3.20 34.05 -32.25
CA PHE A 107 -1.93 34.45 -31.68
C PHE A 107 -0.80 33.89 -32.53
N ALA A 108 0.41 34.39 -32.29
CA ALA A 108 1.59 33.95 -33.02
C ALA A 108 2.79 34.01 -32.08
N ILE A 109 3.88 33.36 -32.50
CA ILE A 109 5.10 33.27 -31.71
C ILE A 109 6.17 34.14 -32.38
N LEU A 110 6.79 35.02 -31.59
CA LEU A 110 7.93 35.80 -32.06
C LEU A 110 9.21 35.02 -31.78
N LYS A 111 10.09 34.97 -32.77
CA LYS A 111 11.31 34.17 -32.69
C LYS A 111 12.52 35.05 -32.97
N CYS A 112 13.44 35.13 -32.01
CA CYS A 112 14.72 35.80 -32.21
C CYS A 112 15.64 34.89 -32.99
N ASN A 113 16.05 35.33 -34.19
CA ASN A 113 16.80 34.49 -35.12
C ASN A 113 18.28 34.80 -35.13
N ASN A 114 18.86 35.13 -33.97
CA ASN A 114 20.29 35.36 -33.83
C ASN A 114 20.83 34.43 -32.75
N LYS A 115 21.91 33.72 -33.07
CA LYS A 115 22.43 32.72 -32.14
C LYS A 115 22.89 33.36 -30.85
N THR A 116 23.64 34.45 -30.94
CA THR A 116 24.24 35.09 -29.76
C THR A 116 23.24 36.04 -29.11
N PHE A 117 22.17 35.45 -28.58
CA PHE A 117 21.16 36.16 -27.80
C PHE A 117 21.28 35.71 -26.36
N ASN A 118 21.48 36.67 -25.44
CA ASN A 118 21.76 36.31 -24.06
C ASN A 118 20.56 35.69 -23.38
N GLY A 119 19.34 36.01 -23.83
CA GLY A 119 18.12 35.48 -23.26
C GLY A 119 17.20 36.55 -22.71
N THR A 120 17.75 37.66 -22.23
CA THR A 120 16.97 38.75 -21.66
C THR A 120 17.45 40.05 -22.28
N GLY A 121 16.53 40.78 -22.90
CA GLY A 121 16.84 42.03 -23.55
C GLY A 121 16.28 42.11 -24.95
N PRO A 122 16.60 43.18 -25.67
CA PRO A 122 16.07 43.35 -27.02
C PRO A 122 16.76 42.46 -28.03
N CYS A 123 15.99 42.07 -29.05
CA CYS A 123 16.48 41.26 -30.15
C CYS A 123 16.44 42.08 -31.43
N THR A 124 17.55 42.07 -32.17
CA THR A 124 17.63 42.88 -33.39
C THR A 124 16.76 42.29 -34.50
N ASN A 125 16.93 41.00 -34.79
CA ASN A 125 16.21 40.32 -35.86
C ASN A 125 15.21 39.35 -35.26
N VAL A 126 13.93 39.60 -35.48
CA VAL A 126 12.85 38.76 -34.98
C VAL A 126 12.00 38.31 -36.16
N SER A 127 11.62 37.03 -36.15
CA SER A 127 10.75 36.45 -37.16
C SER A 127 9.59 35.74 -36.48
N THR A 128 8.40 35.89 -37.04
CA THR A 128 7.19 35.30 -36.47
C THR A 128 6.91 33.96 -37.15
N VAL A 129 6.64 32.95 -36.33
CA VAL A 129 6.29 31.62 -36.83
C VAL A 129 5.02 31.16 -36.13
N GLN A 130 4.22 30.37 -36.85
CA GLN A 130 2.97 29.87 -36.29
C GLN A 130 3.22 28.73 -35.31
N CYS A 131 4.20 27.88 -35.60
CA CYS A 131 4.55 26.75 -34.74
C CYS A 131 6.04 26.78 -34.46
N THR A 132 6.40 26.42 -33.23
CA THR A 132 7.81 26.27 -32.87
C THR A 132 8.36 24.97 -33.43
N HIS A 133 9.69 24.87 -33.46
CA HIS A 133 10.32 23.67 -33.96
C HIS A 133 10.21 22.53 -32.95
N GLY A 134 10.44 21.31 -33.43
CA GLY A 134 10.27 20.15 -32.58
C GLY A 134 11.30 20.12 -31.46
N ILE A 135 10.83 19.99 -30.24
CA ILE A 135 11.68 19.95 -29.04
C ILE A 135 11.48 18.59 -28.39
N ARG A 136 12.53 17.78 -28.38
CA ARG A 136 12.47 16.47 -27.74
C ARG A 136 12.35 16.66 -26.23
N PRO A 137 11.29 16.16 -25.58
CA PRO A 137 11.13 16.36 -24.13
C PRO A 137 11.87 15.32 -23.30
N VAL A 138 13.18 15.54 -23.14
CA VAL A 138 14.05 14.63 -22.42
C VAL A 138 14.24 15.14 -21.00
N VAL A 139 14.01 14.28 -20.02
CA VAL A 139 14.25 14.59 -18.62
C VAL A 139 15.64 14.08 -18.25
N SER A 140 16.53 15.00 -17.89
CA SER A 140 17.90 14.66 -17.57
C SER A 140 18.37 15.51 -16.40
N THR A 141 19.37 14.99 -15.68
CA THR A 141 19.98 15.67 -14.56
C THR A 141 21.43 16.00 -14.88
N GLN A 142 21.86 17.20 -14.49
CA GLN A 142 23.22 17.64 -14.75
C GLN A 142 23.45 17.85 -16.25
N LEU A 143 23.53 16.77 -17.00
CA LEU A 143 23.79 16.86 -18.43
C LEU A 143 22.49 17.12 -19.19
N LEU A 144 22.64 17.65 -20.40
CA LEU A 144 21.54 17.83 -21.34
C LEU A 144 21.75 16.89 -22.52
N LEU A 145 20.65 16.34 -23.03
CA LEU A 145 20.71 15.32 -24.08
C LEU A 145 19.63 15.58 -25.13
N ASN A 146 19.86 15.03 -26.32
CA ASN A 146 18.96 15.20 -27.46
C ASN A 146 18.45 16.63 -27.56
N GLY A 147 19.34 17.61 -27.35
CA GLY A 147 18.96 19.00 -27.33
C GLY A 147 19.32 19.73 -28.62
N SER A 148 19.25 21.06 -28.56
CA SER A 148 19.52 21.92 -29.70
C SER A 148 20.88 22.58 -29.51
N LEU A 149 21.67 22.62 -30.59
CA LEU A 149 22.99 23.21 -30.56
C LEU A 149 22.92 24.69 -30.92
N ALA A 150 23.82 25.47 -30.33
CA ALA A 150 23.94 26.88 -30.70
C ALA A 150 24.59 26.99 -32.08
N GLU A 151 23.99 27.77 -32.96
CA GLU A 151 24.46 27.83 -34.34
C GLU A 151 25.86 28.42 -34.43
N GLU A 152 26.05 29.60 -33.83
CA GLU A 152 27.33 30.29 -33.93
C GLU A 152 28.36 29.69 -32.97
N GLU A 153 28.29 30.06 -31.69
CA GLU A 153 29.26 29.62 -30.70
C GLU A 153 28.53 29.30 -29.40
N VAL A 154 29.28 28.80 -28.42
CA VAL A 154 28.70 28.49 -27.12
C VAL A 154 28.13 29.76 -26.50
N VAL A 155 26.97 29.64 -25.87
CA VAL A 155 26.28 30.77 -25.27
C VAL A 155 26.03 30.46 -23.80
N ILE A 156 26.08 31.52 -22.98
CA ILE A 156 25.81 31.42 -21.55
C ILE A 156 24.56 32.25 -21.24
N ARG A 157 23.71 31.71 -20.38
CA ARG A 157 22.44 32.34 -20.05
C ARG A 157 22.14 32.16 -18.58
N SER A 158 21.68 33.23 -17.94
CA SER A 158 21.30 33.19 -16.53
C SER A 158 20.55 34.48 -16.20
N VAL A 159 19.78 34.44 -15.12
CA VAL A 159 19.06 35.62 -14.67
C VAL A 159 20.04 36.66 -14.14
N ASN A 160 21.08 36.22 -13.45
CA ASN A 160 21.99 37.13 -12.76
C ASN A 160 23.31 36.41 -12.51
N PHE A 161 24.37 36.84 -13.19
CA PHE A 161 25.70 36.33 -12.86
C PHE A 161 26.16 36.77 -11.49
N THR A 162 25.60 37.87 -10.96
CA THR A 162 25.97 38.33 -9.63
C THR A 162 25.45 37.38 -8.56
N ASP A 163 24.18 37.00 -8.64
CA ASP A 163 23.59 36.07 -7.70
C ASP A 163 24.07 34.65 -8.00
N ASN A 164 24.78 34.05 -7.05
CA ASN A 164 25.34 32.72 -7.28
C ASN A 164 24.27 31.65 -7.27
N ALA A 165 23.19 31.86 -6.52
CA ALA A 165 22.16 30.82 -6.39
C ALA A 165 21.51 30.52 -7.74
N LYS A 166 21.25 31.54 -8.54
CA LYS A 166 20.62 31.34 -9.84
C LYS A 166 21.47 30.41 -10.70
N THR A 167 20.82 29.45 -11.34
CA THR A 167 21.54 28.49 -12.17
C THR A 167 22.07 29.16 -13.44
N ILE A 168 23.13 28.57 -13.99
CA ILE A 168 23.71 29.00 -15.25
C ILE A 168 23.50 27.89 -16.27
N ILE A 169 22.86 28.23 -17.39
CA ILE A 169 22.59 27.28 -18.46
C ILE A 169 23.58 27.52 -19.59
N VAL A 170 24.02 26.44 -20.23
CA VAL A 170 24.99 26.51 -21.31
C VAL A 170 24.46 25.70 -22.49
N GLN A 171 24.53 26.28 -23.68
CA GLN A 171 24.14 25.61 -24.91
C GLN A 171 25.40 25.15 -25.65
N LEU A 172 25.46 23.87 -25.97
CA LEU A 172 26.67 23.30 -26.54
C LEU A 172 26.94 23.85 -27.93
N ASN A 173 28.21 23.82 -28.32
CA ASN A 173 28.70 24.27 -29.62
C ASN A 173 28.63 23.15 -30.65
N THR A 174 29.20 21.99 -30.32
CA THR A 174 29.12 20.79 -31.13
C THR A 174 28.59 19.65 -30.28
N SER A 175 27.65 18.89 -30.84
CA SER A 175 27.05 17.79 -30.10
C SER A 175 28.09 16.76 -29.70
N VAL A 176 28.14 16.45 -28.41
CA VAL A 176 29.06 15.45 -27.87
C VAL A 176 28.29 14.17 -27.63
N GLU A 177 28.69 13.10 -28.31
CA GLU A 177 27.96 11.84 -28.25
C GLU A 177 28.34 11.05 -27.00
N ILE A 178 27.33 10.44 -26.38
CA ILE A 178 27.51 9.59 -25.20
C ILE A 178 26.70 8.32 -25.41
N ASN A 179 27.35 7.17 -25.25
CA ASN A 179 26.77 5.87 -25.58
C ASN A 179 26.69 5.04 -24.31
N CYS A 180 25.46 4.88 -23.80
CA CYS A 180 25.20 4.22 -22.53
C CYS A 180 24.52 2.88 -22.76
N THR A 181 25.01 1.83 -22.12
CA THR A 181 24.43 0.51 -22.26
C THR A 181 24.60 -0.28 -20.97
N ARG A 182 23.60 -1.11 -20.68
CA ARG A 182 23.69 -2.11 -19.61
C ARG A 182 23.73 -3.48 -20.26
N PRO A 183 24.91 -4.08 -20.43
CA PRO A 183 24.98 -5.39 -21.08
C PRO A 183 24.64 -6.52 -20.11
N ASN A 184 24.08 -7.59 -20.67
CA ASN A 184 23.73 -8.78 -19.91
C ASN A 184 24.95 -9.70 -19.83
N ASN A 185 25.21 -10.21 -18.62
CA ASN A 185 26.37 -11.07 -18.41
C ASN A 185 26.29 -12.32 -19.29
N GLY A 192 23.75 -12.66 -12.86
CA GLY A 192 24.66 -11.80 -12.12
C GLY A 192 23.98 -10.56 -11.56
N ASN A 193 24.76 -9.50 -11.37
CA ASN A 193 24.24 -8.24 -10.85
C ASN A 193 23.81 -7.37 -12.02
N MET A 194 22.51 -7.09 -12.10
CA MET A 194 21.97 -6.37 -13.25
C MET A 194 22.05 -4.85 -13.11
N ARG A 195 22.21 -4.33 -11.89
CA ARG A 195 22.26 -2.88 -11.72
C ARG A 195 23.47 -2.27 -12.40
N GLN A 196 24.61 -2.96 -12.33
CA GLN A 196 25.86 -2.38 -12.83
C GLN A 196 25.77 -2.11 -14.32
N ALA A 197 26.09 -0.88 -14.71
CA ALA A 197 26.10 -0.48 -16.11
C ALA A 197 27.21 0.56 -16.30
N HIS A 198 27.25 1.19 -17.47
CA HIS A 198 28.29 2.16 -17.74
C HIS A 198 27.93 3.00 -18.97
N CYS A 199 28.42 4.24 -18.98
CA CYS A 199 28.38 5.11 -20.14
C CYS A 199 29.79 5.37 -20.62
N ASN A 200 29.96 5.47 -21.94
CA ASN A 200 31.25 5.77 -22.55
C ASN A 200 31.18 7.09 -23.30
N ILE A 201 32.21 7.91 -23.12
CA ILE A 201 32.30 9.21 -23.77
C ILE A 201 33.76 9.46 -24.16
N SER A 202 33.94 10.13 -25.30
CA SER A 202 35.28 10.42 -25.78
C SER A 202 36.01 11.35 -24.80
N ARG A 203 37.26 10.99 -24.49
CA ARG A 203 38.05 11.79 -23.55
C ARG A 203 38.50 13.09 -24.18
N ALA A 204 39.14 13.00 -25.35
CA ALA A 204 39.67 14.20 -26.01
C ALA A 204 38.55 15.16 -26.38
N LYS A 205 37.46 14.63 -26.96
CA LYS A 205 36.36 15.48 -27.37
C LYS A 205 35.75 16.21 -26.18
N TRP A 206 35.55 15.49 -25.07
CA TRP A 206 34.97 16.13 -23.88
C TRP A 206 35.92 17.17 -23.31
N ASN A 207 37.22 16.86 -23.25
CA ASN A 207 38.19 17.82 -22.73
C ASN A 207 38.18 19.10 -23.55
N ASN A 208 38.08 18.99 -24.87
CA ASN A 208 38.04 20.17 -25.72
C ASN A 208 36.77 20.97 -25.46
N THR A 209 35.62 20.31 -25.40
CA THR A 209 34.37 21.01 -25.14
C THR A 209 34.39 21.67 -23.76
N LEU A 210 34.95 20.99 -22.76
CA LEU A 210 35.04 21.58 -21.43
C LEU A 210 35.94 22.81 -21.44
N LYS A 211 37.07 22.74 -22.16
CA LYS A 211 37.95 23.89 -22.26
C LYS A 211 37.24 25.06 -22.93
N GLN A 212 36.39 24.77 -23.92
CA GLN A 212 35.65 25.84 -24.59
C GLN A 212 34.69 26.52 -23.62
N ILE A 213 33.95 25.74 -22.84
CA ILE A 213 33.04 26.33 -21.85
C ILE A 213 33.82 27.12 -20.82
N ALA A 214 35.01 26.62 -20.43
CA ALA A 214 35.83 27.35 -19.48
C ALA A 214 36.26 28.70 -20.05
N SER A 215 36.57 28.74 -21.35
CA SER A 215 36.92 30.01 -21.98
C SER A 215 35.73 30.97 -21.98
N LYS A 216 34.52 30.45 -22.24
CA LYS A 216 33.34 31.30 -22.21
C LYS A 216 33.09 31.83 -20.80
N LEU A 217 33.23 30.97 -19.79
CA LEU A 217 33.10 31.42 -18.41
C LEU A 217 34.15 32.47 -18.07
N ARG A 218 35.36 32.29 -18.59
CA ARG A 218 36.41 33.29 -18.36
C ARG A 218 36.03 34.63 -18.98
N GLU A 219 35.39 34.61 -20.15
CA GLU A 219 34.91 35.86 -20.74
C GLU A 219 33.85 36.51 -19.88
N GLN A 220 33.02 35.70 -19.21
CA GLN A 220 32.00 36.26 -18.33
C GLN A 220 32.64 36.99 -17.15
N PHE A 221 33.70 36.42 -16.58
CA PHE A 221 34.42 37.01 -15.46
C PHE A 221 35.82 37.39 -15.96
N GLY A 222 35.98 38.68 -16.29
CA GLY A 222 37.13 39.16 -17.02
C GLY A 222 38.49 38.60 -16.66
N ASN A 223 38.96 38.85 -15.43
CA ASN A 223 40.34 38.55 -15.07
C ASN A 223 40.76 37.14 -15.44
N ASN A 224 39.80 36.23 -15.62
CA ASN A 224 40.07 34.87 -16.10
C ASN A 224 40.98 34.11 -15.13
N LYS A 225 40.47 33.89 -13.93
CA LYS A 225 41.14 33.03 -12.96
C LYS A 225 40.97 31.58 -13.42
N THR A 226 42.08 30.92 -13.74
CA THR A 226 42.04 29.54 -14.21
C THR A 226 41.20 28.69 -13.26
N ILE A 227 39.98 28.36 -13.67
CA ILE A 227 39.02 27.69 -12.82
C ILE A 227 39.00 26.21 -13.14
N ILE A 228 38.48 25.42 -12.20
CA ILE A 228 38.34 23.98 -12.35
C ILE A 228 36.95 23.58 -11.87
N PHE A 229 36.40 22.54 -12.49
CA PHE A 229 35.09 22.02 -12.14
C PHE A 229 35.22 20.81 -11.22
N LYS A 230 34.20 20.59 -10.40
CA LYS A 230 34.20 19.50 -9.44
C LYS A 230 32.79 18.94 -9.32
N GLN A 231 32.69 17.77 -8.69
CA GLN A 231 31.41 17.12 -8.50
C GLN A 231 30.51 17.95 -7.60
N SER A 232 29.20 17.79 -7.77
CA SER A 232 28.24 18.47 -6.91
C SER A 232 28.54 18.16 -5.44
N SER A 233 28.32 19.15 -4.58
CA SER A 233 28.63 19.00 -3.17
C SER A 233 27.81 17.87 -2.54
N GLY A 234 26.51 18.07 -2.42
CA GLY A 234 25.66 17.08 -1.79
C GLY A 234 24.21 17.29 -2.16
N GLY A 235 23.37 16.45 -1.59
CA GLY A 235 21.94 16.45 -1.84
C GLY A 235 21.46 15.11 -2.34
N ASP A 236 20.19 15.08 -2.74
CA ASP A 236 19.62 13.85 -3.29
C ASP A 236 20.41 13.41 -4.52
N PRO A 237 20.49 12.11 -4.79
CA PRO A 237 21.32 11.64 -5.91
C PRO A 237 20.83 12.06 -7.28
N GLU A 238 19.61 12.59 -7.39
CA GLU A 238 19.11 13.00 -8.70
C GLU A 238 19.93 14.16 -9.26
N ILE A 239 20.35 15.07 -8.39
CA ILE A 239 21.12 16.22 -8.85
C ILE A 239 22.62 15.98 -8.75
N VAL A 240 23.07 15.15 -7.80
CA VAL A 240 24.50 14.90 -7.64
C VAL A 240 25.04 14.10 -8.80
N THR A 241 24.28 13.10 -9.27
CA THR A 241 24.71 12.21 -10.33
C THR A 241 23.97 12.51 -11.62
N HIS A 242 24.58 12.14 -12.73
CA HIS A 242 23.93 12.23 -14.03
C HIS A 242 22.84 11.17 -14.12
N SER A 243 21.58 11.58 -14.06
CA SER A 243 20.45 10.67 -14.13
C SER A 243 19.62 10.99 -15.37
N PHE A 244 19.04 9.93 -15.95
CA PHE A 244 18.26 10.04 -17.17
C PHE A 244 17.57 8.71 -17.42
N ASN A 245 16.47 8.77 -18.16
CA ASN A 245 15.69 7.58 -18.49
C ASN A 245 16.20 7.00 -19.80
N CYS A 246 16.57 5.73 -19.79
CA CYS A 246 17.08 5.03 -20.97
C CYS A 246 16.38 3.68 -21.07
N GLY A 247 15.71 3.45 -22.20
CA GLY A 247 15.06 2.18 -22.44
C GLY A 247 14.00 1.83 -21.41
N GLY A 248 13.31 2.83 -20.86
CA GLY A 248 12.31 2.60 -19.84
C GLY A 248 12.85 2.43 -18.44
N GLU A 249 14.12 2.09 -18.29
CA GLU A 249 14.75 1.93 -16.99
C GLU A 249 15.58 3.18 -16.68
N PHE A 250 15.47 3.65 -15.45
CA PHE A 250 16.18 4.85 -15.02
C PHE A 250 17.64 4.52 -14.75
N PHE A 251 18.53 5.35 -15.26
CA PHE A 251 19.98 5.17 -15.09
C PHE A 251 20.52 6.34 -14.29
N TYR A 252 21.29 6.03 -13.24
CA TYR A 252 21.93 7.03 -12.39
C TYR A 252 23.44 6.89 -12.58
N CYS A 253 23.95 7.50 -13.65
CA CYS A 253 25.36 7.40 -13.99
C CYS A 253 26.18 8.42 -13.20
N ASN A 254 27.35 7.99 -12.77
CA ASN A 254 28.24 8.80 -11.95
C ASN A 254 29.09 9.68 -12.86
N SER A 255 28.92 10.99 -12.74
CA SER A 255 29.64 11.97 -13.55
C SER A 255 30.88 12.51 -12.83
N THR A 256 31.57 11.66 -12.08
CA THR A 256 32.77 12.09 -11.38
C THR A 256 33.96 12.27 -12.32
N GLN A 257 34.04 11.44 -13.37
CA GLN A 257 35.17 11.53 -14.29
C GLN A 257 35.08 12.75 -15.20
N LEU A 258 33.86 13.14 -15.57
CA LEU A 258 33.71 14.24 -16.53
C LEU A 258 34.28 15.54 -15.99
N PHE A 259 33.91 15.89 -14.76
CA PHE A 259 34.24 17.20 -14.19
C PHE A 259 35.50 17.06 -13.35
N ASN A 260 36.64 17.32 -13.99
CA ASN A 260 37.92 17.24 -13.30
C ASN A 260 38.93 18.19 -13.94
N ASP A 280 42.82 8.44 -23.77
CA ASP A 280 42.00 7.28 -23.44
C ASP A 280 40.54 7.54 -23.79
N THR A 281 39.67 6.60 -23.41
CA THR A 281 38.23 6.71 -23.63
C THR A 281 37.54 6.73 -22.28
N ILE A 282 37.02 7.90 -21.90
CA ILE A 282 36.33 8.03 -20.62
C ILE A 282 35.13 7.09 -20.58
N THR A 283 34.95 6.44 -19.43
CA THR A 283 33.82 5.55 -19.21
C THR A 283 33.26 5.78 -17.82
N LEU A 284 31.96 6.07 -17.73
CA LEU A 284 31.32 6.33 -16.46
C LEU A 284 30.54 5.10 -16.00
N PRO A 285 30.47 4.86 -14.68
CA PRO A 285 29.66 3.75 -14.18
C PRO A 285 28.22 4.16 -13.88
N CYS A 286 27.29 3.29 -14.25
CA CYS A 286 25.87 3.55 -14.09
C CYS A 286 25.24 2.46 -13.22
N ARG A 287 24.08 2.79 -12.66
CA ARG A 287 23.33 1.86 -11.81
C ARG A 287 21.85 2.11 -11.99
N ILE A 288 21.11 1.06 -12.34
CA ILE A 288 19.66 1.17 -12.52
C ILE A 288 19.00 1.22 -11.14
N LYS A 289 18.34 2.33 -10.85
CA LYS A 289 17.68 2.53 -9.55
C LYS A 289 16.20 2.23 -9.67
N GLN A 290 15.67 1.44 -8.73
CA GLN A 290 14.24 1.18 -8.70
C GLN A 290 13.49 2.35 -8.08
N ILE A 291 13.97 2.87 -6.96
CA ILE A 291 13.36 4.01 -6.28
C ILE A 291 14.14 5.26 -6.64
N ILE A 292 13.42 6.34 -6.96
CA ILE A 292 14.03 7.60 -7.37
C ILE A 292 13.17 8.75 -6.88
N ASN A 293 13.80 9.92 -6.75
CA ASN A 293 13.10 11.13 -6.34
C ASN A 293 12.39 11.71 -7.57
N MET A 294 11.06 11.57 -7.62
CA MET A 294 10.31 12.05 -8.77
C MET A 294 10.26 13.57 -8.78
N TRP A 295 10.33 14.14 -9.98
CA TRP A 295 10.34 15.59 -10.17
C TRP A 295 8.95 16.18 -10.31
N GLN A 296 7.91 15.35 -10.45
CA GLN A 296 6.55 15.87 -10.55
C GLN A 296 6.13 16.56 -9.26
N LYS A 297 6.26 15.87 -8.13
CA LYS A 297 5.93 16.43 -6.83
C LYS A 297 7.08 16.24 -5.87
N VAL A 298 6.86 16.54 -4.59
CA VAL A 298 7.85 16.30 -3.55
C VAL A 298 7.56 14.92 -2.97
N GLY A 299 8.32 13.92 -3.41
CA GLY A 299 8.09 12.57 -2.95
C GLY A 299 8.97 11.59 -3.71
N LYS A 300 8.74 10.31 -3.42
CA LYS A 300 9.49 9.22 -4.02
C LYS A 300 8.55 8.33 -4.82
N ALA A 301 9.14 7.51 -5.68
CA ALA A 301 8.39 6.57 -6.49
C ALA A 301 9.25 5.35 -6.76
N MET A 302 8.59 4.20 -6.94
CA MET A 302 9.27 2.93 -7.17
C MET A 302 8.71 2.29 -8.43
N TYR A 303 9.59 1.56 -9.14
CA TYR A 303 9.25 0.91 -10.40
C TYR A 303 9.65 -0.56 -10.33
N ALA A 304 9.16 -1.32 -11.31
CA ALA A 304 9.32 -2.76 -11.32
C ALA A 304 10.77 -3.13 -11.62
N PRO A 305 11.12 -4.42 -11.55
CA PRO A 305 12.50 -4.83 -11.83
C PRO A 305 12.92 -4.45 -13.23
N PRO A 306 14.20 -4.59 -13.55
CA PRO A 306 14.68 -4.20 -14.89
C PRO A 306 14.48 -5.30 -15.92
N ILE A 307 14.58 -4.90 -17.18
CA ILE A 307 14.49 -5.84 -18.29
C ILE A 307 15.82 -6.56 -18.45
N SER A 308 15.75 -7.81 -18.90
CA SER A 308 16.88 -8.74 -18.85
C SER A 308 17.50 -8.87 -20.23
N GLY A 309 18.61 -8.17 -20.46
CA GLY A 309 19.29 -8.22 -21.74
C GLY A 309 19.98 -6.91 -22.03
N GLN A 310 20.34 -6.74 -23.30
CA GLN A 310 21.07 -5.54 -23.72
C GLN A 310 20.13 -4.33 -23.78
N ILE A 311 20.57 -3.24 -23.16
CA ILE A 311 19.91 -1.95 -23.25
C ILE A 311 20.89 -0.99 -23.91
N ARG A 312 20.45 -0.32 -24.98
CA ARG A 312 21.30 0.58 -25.74
C ARG A 312 20.67 1.97 -25.80
N CYS A 313 21.46 2.99 -25.46
CA CYS A 313 21.01 4.37 -25.54
C CYS A 313 22.21 5.25 -25.87
N SER A 314 22.16 5.92 -27.02
CA SER A 314 23.22 6.83 -27.46
C SER A 314 22.60 8.19 -27.72
N SER A 315 23.01 9.20 -26.95
CA SER A 315 22.44 10.53 -27.03
C SER A 315 23.54 11.55 -27.32
N ASN A 316 23.11 12.73 -27.77
CA ASN A 316 24.00 13.84 -28.08
C ASN A 316 23.94 14.84 -26.93
N ILE A 317 25.05 15.02 -26.23
CA ILE A 317 25.12 16.05 -25.20
C ILE A 317 25.18 17.41 -25.90
N THR A 318 24.27 18.30 -25.52
CA THR A 318 24.13 19.60 -26.16
C THR A 318 24.03 20.73 -25.15
N GLY A 319 24.64 20.57 -23.99
CA GLY A 319 24.62 21.61 -22.98
C GLY A 319 24.61 21.01 -21.59
N LEU A 320 24.69 21.89 -20.60
CA LEU A 320 24.82 21.48 -19.21
C LEU A 320 24.10 22.47 -18.32
N LEU A 321 23.79 22.02 -17.09
CA LEU A 321 23.20 22.85 -16.05
C LEU A 321 24.22 22.99 -14.93
N LEU A 322 24.77 24.18 -14.76
CA LEU A 322 25.82 24.43 -13.78
C LEU A 322 25.42 25.57 -12.85
N THR A 323 25.97 25.53 -11.64
CA THR A 323 25.78 26.59 -10.65
C THR A 323 27.13 26.99 -10.09
N ARG A 324 27.18 28.19 -9.52
CA ARG A 324 28.42 28.77 -9.02
C ARG A 324 28.44 28.71 -7.50
N ASP A 325 29.54 28.18 -6.95
CA ASP A 325 29.75 28.19 -5.51
C ASP A 325 30.27 29.56 -5.09
N GLY A 326 29.65 30.14 -4.07
CA GLY A 326 30.02 31.47 -3.64
C GLY A 326 31.45 31.55 -3.17
N GLY A 327 31.98 32.78 -3.17
CA GLY A 327 33.33 33.04 -2.74
C GLY A 327 33.55 34.48 -2.33
N GLU A 334 36.57 31.43 -10.11
CA GLU A 334 35.26 31.01 -9.62
C GLU A 334 35.08 29.50 -9.79
N ILE A 335 34.64 28.84 -8.72
CA ILE A 335 34.41 27.40 -8.74
C ILE A 335 32.97 27.14 -9.19
N PHE A 336 32.82 26.18 -10.11
CA PHE A 336 31.51 25.81 -10.63
C PHE A 336 31.24 24.34 -10.34
N ARG A 337 29.99 24.04 -10.01
CA ARG A 337 29.54 22.68 -9.75
C ARG A 337 28.27 22.42 -10.54
N PRO A 338 28.03 21.17 -10.96
CA PRO A 338 26.82 20.88 -11.73
C PRO A 338 25.55 21.21 -10.95
N GLY A 339 24.53 21.62 -11.69
CA GLY A 339 23.23 21.91 -11.10
C GLY A 339 22.16 20.97 -11.61
N GLY A 340 20.92 21.44 -11.65
CA GLY A 340 19.81 20.66 -12.15
C GLY A 340 18.80 20.33 -11.06
N GLY A 341 17.95 19.36 -11.37
CA GLY A 341 16.92 18.94 -10.44
C GLY A 341 15.57 19.53 -10.77
N ASP A 342 15.55 20.78 -11.20
CA ASP A 342 14.33 21.47 -11.61
C ASP A 342 14.27 21.46 -13.13
N MET A 343 13.35 20.66 -13.68
CA MET A 343 13.28 20.48 -15.13
C MET A 343 12.74 21.70 -15.86
N ARG A 344 12.19 22.68 -15.14
CA ARG A 344 11.73 23.91 -15.80
C ARG A 344 12.87 24.59 -16.54
N ASP A 345 14.09 24.50 -16.01
CA ASP A 345 15.23 25.14 -16.67
C ASP A 345 15.53 24.47 -18.01
N ASN A 346 15.34 23.15 -18.09
CA ASN A 346 15.57 22.47 -19.36
C ASN A 346 14.64 23.00 -20.44
N TRP A 347 13.37 23.21 -20.09
CA TRP A 347 12.42 23.73 -21.08
C TRP A 347 12.73 25.18 -21.43
N ARG A 348 13.24 25.95 -20.47
CA ARG A 348 13.72 27.29 -20.79
C ARG A 348 14.85 27.25 -21.80
N SER A 349 15.78 26.30 -21.62
CA SER A 349 16.90 26.18 -22.55
C SER A 349 16.43 25.95 -23.98
N GLU A 350 15.28 25.28 -24.14
CA GLU A 350 14.74 25.00 -25.45
C GLU A 350 13.73 26.04 -25.93
N LEU A 351 13.13 26.79 -25.01
CA LEU A 351 12.12 27.80 -25.33
C LEU A 351 12.63 29.21 -25.05
N TYR A 352 13.92 29.46 -25.31
CA TYR A 352 14.50 30.75 -24.95
C TYR A 352 14.23 31.81 -26.01
N LYS A 353 14.14 31.43 -27.28
CA LYS A 353 13.98 32.37 -28.37
C LYS A 353 12.53 32.54 -28.81
N TYR A 354 11.57 31.97 -28.07
CA TYR A 354 10.17 31.95 -28.46
C TYR A 354 9.32 32.67 -27.43
N LYS A 355 8.45 33.56 -27.91
CA LYS A 355 7.51 34.29 -27.08
C LYS A 355 6.15 34.30 -27.76
N VAL A 356 5.09 34.13 -26.96
CA VAL A 356 3.73 34.17 -27.46
C VAL A 356 3.20 35.59 -27.31
N VAL A 357 2.63 36.13 -28.39
CA VAL A 357 2.07 37.48 -28.40
C VAL A 357 0.81 37.48 -29.25
N LYS A 358 0.05 38.56 -29.15
CA LYS A 358 -1.19 38.72 -29.91
C LYS A 358 -0.91 39.42 -31.24
N ILE A 359 -1.70 39.07 -32.25
CA ILE A 359 -1.53 39.63 -33.59
C ILE A 359 -1.82 41.13 -33.51
N GLU A 360 -0.78 41.94 -33.69
CA GLU A 360 -0.91 43.40 -33.65
C GLU A 360 -1.65 43.85 -32.40
N GLU B 4 33.44 -29.44 22.48
CA GLU B 4 33.14 -28.33 21.58
C GLU B 4 31.87 -28.58 20.79
N ALA B 5 30.78 -27.91 21.18
CA ALA B 5 29.49 -28.06 20.54
C ALA B 5 28.80 -26.70 20.49
N THR B 6 27.58 -26.69 19.98
CA THR B 6 26.78 -25.48 19.87
C THR B 6 25.38 -25.74 20.40
N THR B 7 24.71 -24.67 20.84
CA THR B 7 23.39 -24.80 21.45
C THR B 7 22.78 -23.40 21.55
N THR B 8 21.57 -23.35 22.15
CA THR B 8 20.77 -22.13 22.21
C THR B 8 21.13 -21.37 23.48
N LEU B 9 22.16 -20.53 23.37
CA LEU B 9 22.51 -19.64 24.46
C LEU B 9 21.51 -18.48 24.57
N PHE B 10 21.25 -18.07 25.79
CA PHE B 10 20.28 -17.01 26.07
C PHE B 10 21.03 -15.74 26.46
N CYS B 11 20.49 -14.59 26.05
CA CYS B 11 21.12 -13.31 26.34
C CYS B 11 20.56 -12.75 27.65
N ALA B 12 21.10 -11.62 28.09
CA ALA B 12 20.79 -11.09 29.41
C ALA B 12 21.39 -9.70 29.55
N SER B 13 20.66 -8.79 30.18
CA SER B 13 21.11 -7.41 30.28
C SER B 13 20.44 -6.73 31.47
N ASP B 14 21.03 -5.61 31.88
CA ASP B 14 20.52 -4.79 32.99
C ASP B 14 19.60 -3.71 32.43
N ALA B 15 18.37 -4.11 32.13
CA ALA B 15 17.38 -3.22 31.55
C ALA B 15 16.40 -2.78 32.64
N LYS B 16 16.08 -1.49 32.64
CA LYS B 16 15.08 -0.94 33.54
C LYS B 16 13.69 -1.24 32.99
N ALA B 17 12.89 -1.99 33.75
CA ALA B 17 11.53 -2.29 33.31
C ALA B 17 10.66 -1.04 33.27
N TYR B 18 11.03 0.01 33.99
CA TYR B 18 10.25 1.25 34.01
C TYR B 18 10.68 2.25 32.95
N ASP B 19 11.94 2.19 32.53
CA ASP B 19 12.41 3.11 31.50
C ASP B 19 11.68 2.85 30.19
N THR B 20 11.20 3.91 29.55
CA THR B 20 10.47 3.79 28.31
C THR B 20 11.38 3.64 27.09
N GLU B 21 12.70 3.65 27.29
CA GLU B 21 13.62 3.54 26.16
C GLU B 21 13.40 2.22 25.43
N CYS B 22 13.62 2.25 24.12
CA CYS B 22 13.33 1.09 23.29
C CYS B 22 13.97 -0.18 23.81
N HIS B 23 15.31 -0.25 23.78
CA HIS B 23 16.00 -1.48 24.13
C HIS B 23 15.53 -2.02 25.47
N ASN B 24 15.26 -1.13 26.43
CA ASN B 24 14.79 -1.58 27.73
C ASN B 24 13.44 -2.29 27.61
N VAL B 25 12.58 -1.82 26.70
CA VAL B 25 11.29 -2.49 26.49
C VAL B 25 11.53 -3.90 25.96
N TRP B 26 12.46 -4.06 25.04
CA TRP B 26 12.69 -5.37 24.43
C TRP B 26 13.40 -6.32 25.40
N ALA B 27 14.47 -5.85 26.04
CA ALA B 27 15.25 -6.72 26.92
C ALA B 27 14.40 -7.22 28.09
N THR B 28 13.59 -6.34 28.68
CA THR B 28 12.79 -6.72 29.84
C THR B 28 11.85 -7.87 29.54
N HIS B 29 11.62 -8.20 28.26
CA HIS B 29 10.78 -9.33 27.91
C HIS B 29 11.43 -10.29 26.93
N ALA B 30 12.74 -10.21 26.75
CA ALA B 30 13.40 -11.22 25.94
C ALA B 30 14.77 -11.63 26.49
N CYS B 31 15.15 -11.22 27.69
CA CYS B 31 16.37 -11.75 28.26
C CYS B 31 16.45 -11.44 29.75
N VAL B 32 17.24 -12.24 30.44
CA VAL B 32 17.26 -12.28 31.90
C VAL B 32 18.18 -11.19 32.44
N PRO B 33 17.95 -10.66 33.66
CA PRO B 33 18.92 -9.73 34.29
C PRO B 33 20.36 -10.27 34.27
N THR B 34 21.40 -9.44 34.47
CA THR B 34 22.75 -9.99 34.68
C THR B 34 22.81 -10.79 35.97
N ASP B 35 23.53 -11.91 35.95
CA ASP B 35 23.52 -12.80 37.10
C ASP B 35 24.28 -12.15 38.26
N PRO B 36 23.89 -12.47 39.49
CA PRO B 36 24.56 -11.89 40.65
C PRO B 36 26.03 -12.25 40.75
N ASN B 37 26.40 -13.51 40.52
CA ASN B 37 27.78 -13.95 40.73
C ASN B 37 28.45 -14.28 39.39
N PRO B 38 29.61 -13.69 39.06
CA PRO B 38 30.32 -14.08 37.85
C PRO B 38 31.23 -15.27 38.13
N GLN B 39 30.81 -16.44 37.68
CA GLN B 39 31.47 -17.70 37.97
C GLN B 39 32.59 -17.93 36.95
N GLU B 40 33.63 -17.09 37.06
CA GLU B 40 34.75 -17.09 36.13
C GLU B 40 35.88 -17.95 36.73
N VAL B 41 36.16 -19.08 36.07
CA VAL B 41 37.26 -19.97 36.45
C VAL B 41 38.33 -19.89 35.37
N VAL B 42 39.59 -19.85 35.79
CA VAL B 42 40.74 -19.83 34.90
C VAL B 42 41.31 -21.23 34.84
N LEU B 43 41.26 -21.85 33.66
CA LEU B 43 41.96 -23.11 33.43
C LEU B 43 43.43 -22.83 33.17
N VAL B 44 44.30 -23.50 33.91
CA VAL B 44 45.73 -23.23 33.89
C VAL B 44 46.40 -24.08 32.80
N ASN B 45 47.16 -23.43 31.94
CA ASN B 45 47.96 -24.11 30.92
C ASN B 45 47.10 -25.03 30.07
N VAL B 46 46.02 -24.48 29.53
CA VAL B 46 45.12 -25.19 28.63
C VAL B 46 44.99 -24.36 27.35
N THR B 47 45.26 -24.99 26.21
CA THR B 47 45.25 -24.31 24.92
C THR B 47 44.26 -25.00 23.99
N GLU B 48 43.33 -24.22 23.44
CA GLU B 48 42.39 -24.70 22.44
C GLU B 48 42.22 -23.62 21.39
N ASN B 49 42.13 -24.03 20.13
CA ASN B 49 42.04 -23.08 19.03
C ASN B 49 40.59 -22.72 18.74
N PHE B 50 40.39 -21.48 18.31
CA PHE B 50 39.08 -20.93 18.04
C PHE B 50 38.98 -20.52 16.56
N ASN B 51 37.76 -20.55 16.04
CA ASN B 51 37.45 -20.07 14.69
C ASN B 51 36.34 -19.04 14.84
N MET B 52 36.73 -17.76 14.94
CA MET B 52 35.76 -16.70 15.14
C MET B 52 34.77 -16.62 13.98
N TRP B 53 35.19 -17.01 12.78
CA TRP B 53 34.35 -16.82 11.60
C TRP B 53 33.32 -17.93 11.43
N LYS B 54 33.65 -19.14 11.87
CA LYS B 54 32.69 -20.25 11.88
C LYS B 54 32.13 -20.46 13.28
N ASN B 55 31.63 -19.38 13.88
CA ASN B 55 31.15 -19.38 15.25
C ASN B 55 29.64 -19.21 15.27
N ASP B 56 28.97 -20.00 16.11
CA ASP B 56 27.51 -19.94 16.18
C ASP B 56 27.02 -18.74 16.97
N MET B 57 27.79 -18.29 17.96
CA MET B 57 27.39 -17.13 18.75
C MET B 57 27.08 -15.93 17.86
N VAL B 58 27.81 -15.79 16.75
CA VAL B 58 27.60 -14.66 15.84
C VAL B 58 26.20 -14.70 15.26
N GLU B 59 25.81 -15.85 14.70
CA GLU B 59 24.48 -15.96 14.12
C GLU B 59 23.39 -15.88 15.17
N GLN B 60 23.65 -16.38 16.38
CA GLN B 60 22.69 -16.23 17.47
C GLN B 60 22.41 -14.76 17.74
N MET B 61 23.47 -13.97 17.93
CA MET B 61 23.30 -12.54 18.17
C MET B 61 22.65 -11.87 16.96
N HIS B 62 23.00 -12.31 15.76
CA HIS B 62 22.39 -11.75 14.56
C HIS B 62 20.87 -11.93 14.58
N GLU B 63 20.42 -13.12 14.96
CA GLU B 63 18.98 -13.36 15.04
C GLU B 63 18.33 -12.47 16.08
N ASP B 64 18.95 -12.34 17.25
CA ASP B 64 18.35 -11.54 18.33
C ASP B 64 18.24 -10.08 17.93
N ILE B 65 19.27 -9.54 17.28
CA ILE B 65 19.24 -8.13 16.91
C ILE B 65 18.23 -7.89 15.79
N ILE B 66 18.05 -8.86 14.89
CA ILE B 66 17.00 -8.74 13.88
C ILE B 66 15.64 -8.68 14.55
N SER B 67 15.42 -9.54 15.55
CA SER B 67 14.15 -9.49 16.28
C SER B 67 13.99 -8.16 17.01
N LEU B 68 15.10 -7.61 17.52
CA LEU B 68 15.04 -6.33 18.20
C LEU B 68 14.57 -5.22 17.28
N TRP B 69 15.14 -5.14 16.08
CA TRP B 69 14.77 -4.09 15.14
C TRP B 69 13.40 -4.31 14.55
N ASP B 70 12.99 -5.57 14.36
CA ASP B 70 11.65 -5.84 13.86
C ASP B 70 10.58 -5.42 14.85
N GLN B 71 10.90 -5.45 16.15
CA GLN B 71 9.95 -5.16 17.21
C GLN B 71 10.06 -3.75 17.74
N CYS B 72 11.26 -3.31 18.09
CA CYS B 72 11.42 -2.04 18.79
C CYS B 72 11.48 -0.84 17.86
N LEU B 73 11.99 -1.00 16.64
CA LEU B 73 12.09 0.10 15.68
C LEU B 73 11.41 -0.37 14.38
N LYS B 74 10.09 -0.22 14.34
CA LYS B 74 9.32 -0.73 13.22
C LYS B 74 9.50 0.15 11.98
N PRO B 75 9.27 -0.42 10.79
CA PRO B 75 9.25 0.39 9.57
C PRO B 75 7.83 0.70 9.13
N CYS B 76 7.51 1.98 8.92
CA CYS B 76 6.17 2.33 8.47
C CYS B 76 5.87 1.72 7.10
N VAL B 77 6.85 1.76 6.20
CA VAL B 77 6.69 1.26 4.83
C VAL B 77 7.79 0.26 4.57
N LYS B 78 7.42 -0.98 4.30
CA LYS B 78 8.36 -2.06 4.01
C LYS B 78 8.21 -2.47 2.55
N LEU B 79 9.34 -2.53 1.84
CA LEU B 79 9.34 -2.83 0.41
C LEU B 79 10.17 -4.07 0.14
N THR B 80 9.63 -4.96 -0.68
CA THR B 80 10.34 -6.15 -1.14
C THR B 80 9.99 -6.40 -2.59
N ASN B 81 10.85 -7.14 -3.28
CA ASN B 81 10.60 -7.49 -4.67
C ASN B 81 9.44 -8.48 -4.73
N THR B 82 8.32 -8.04 -5.32
CA THR B 82 7.09 -8.81 -5.43
C THR B 82 6.27 -8.80 -4.15
N SER B 83 6.50 -7.83 -3.26
CA SER B 83 5.75 -7.75 -2.01
C SER B 83 5.94 -6.37 -1.40
N VAL B 84 4.84 -5.77 -0.94
CA VAL B 84 4.86 -4.46 -0.30
C VAL B 84 3.97 -4.52 0.93
N ILE B 85 4.52 -4.15 2.08
CA ILE B 85 3.78 -4.09 3.33
C ILE B 85 3.82 -2.67 3.87
N THR B 86 2.67 -2.17 4.30
CA THR B 86 2.56 -0.87 4.94
C THR B 86 1.95 -1.05 6.32
N GLN B 87 2.49 -0.32 7.29
CA GLN B 87 2.05 -0.43 8.68
C GLN B 87 2.41 0.85 9.41
N ALA B 88 2.10 0.90 10.70
CA ALA B 88 2.35 2.06 11.53
C ALA B 88 3.67 1.88 12.27
N CYS B 89 4.51 2.92 12.24
CA CYS B 89 5.75 2.95 13.01
C CYS B 89 5.73 4.16 13.92
N PRO B 90 5.51 3.99 15.23
CA PRO B 90 5.55 5.15 16.14
C PRO B 90 7.00 5.47 16.52
N LYS B 91 7.39 6.72 16.33
CA LYS B 91 8.74 7.14 16.66
C LYS B 91 8.97 7.02 18.17
N VAL B 92 10.10 6.43 18.53
CA VAL B 92 10.46 6.17 19.93
C VAL B 92 11.95 6.40 20.09
N SER B 93 12.36 6.59 21.36
CA SER B 93 13.78 6.71 21.66
C SER B 93 14.49 5.42 21.25
N PHE B 94 15.82 5.50 21.14
CA PHE B 94 16.62 4.35 20.72
C PHE B 94 18.07 4.63 21.08
N GLU B 95 18.51 4.06 22.20
CA GLU B 95 19.88 4.22 22.69
C GLU B 95 20.42 2.84 23.06
N PRO B 96 21.45 2.33 22.36
CA PRO B 96 21.88 0.94 22.60
C PRO B 96 22.36 0.74 24.03
N ILE B 97 22.03 -0.42 24.58
CA ILE B 97 22.46 -0.80 25.92
C ILE B 97 23.26 -2.09 25.81
N PRO B 98 24.06 -2.41 26.82
CA PRO B 98 24.82 -3.67 26.79
C PRO B 98 23.91 -4.88 26.81
N ILE B 99 24.41 -5.98 26.28
CA ILE B 99 23.72 -7.27 26.27
C ILE B 99 24.72 -8.35 26.58
N HIS B 100 24.35 -9.27 27.47
CA HIS B 100 25.19 -10.40 27.85
C HIS B 100 24.56 -11.67 27.33
N TYR B 101 25.38 -12.52 26.69
CA TYR B 101 24.95 -13.79 26.13
C TYR B 101 25.55 -14.91 26.99
N CYS B 102 24.72 -15.46 27.87
CA CYS B 102 25.17 -16.55 28.75
C CYS B 102 24.91 -17.90 28.10
N ALA B 103 25.78 -18.86 28.39
CA ALA B 103 25.61 -20.20 27.88
C ALA B 103 24.47 -20.90 28.63
N PRO B 104 23.88 -21.92 28.04
CA PRO B 104 22.77 -22.63 28.69
C PRO B 104 23.27 -23.63 29.72
N ALA B 105 22.33 -24.19 30.46
CA ALA B 105 22.66 -25.21 31.45
C ALA B 105 23.24 -26.43 30.76
N GLY B 106 24.41 -26.87 31.25
CA GLY B 106 25.10 -28.00 30.67
C GLY B 106 26.24 -27.64 29.73
N PHE B 107 26.45 -26.35 29.48
CA PHE B 107 27.54 -25.89 28.63
C PHE B 107 28.22 -24.70 29.27
N ALA B 108 29.40 -24.35 28.77
CA ALA B 108 30.16 -23.22 29.26
C ALA B 108 30.86 -22.55 28.09
N ILE B 109 31.31 -21.32 28.32
CA ILE B 109 31.95 -20.50 27.29
C ILE B 109 33.41 -20.32 27.68
N LEU B 110 34.31 -20.49 26.70
CA LEU B 110 35.73 -20.26 26.89
C LEU B 110 36.06 -18.83 26.49
N LYS B 111 36.83 -18.13 27.32
CA LYS B 111 37.30 -16.78 27.05
C LYS B 111 38.82 -16.79 26.98
N CYS B 112 39.36 -16.12 25.97
CA CYS B 112 40.80 -16.06 25.76
C CYS B 112 41.35 -14.71 26.21
N ASN B 113 42.48 -14.74 26.89
CA ASN B 113 43.05 -13.58 27.56
C ASN B 113 44.37 -13.15 26.94
N ASN B 114 44.61 -13.50 25.68
CA ASN B 114 45.82 -13.05 24.98
C ASN B 114 45.64 -11.62 24.52
N LYS B 115 46.59 -10.76 24.89
CA LYS B 115 46.50 -9.34 24.53
C LYS B 115 46.40 -9.18 23.02
N THR B 116 47.17 -9.96 22.26
CA THR B 116 47.22 -9.87 20.80
C THR B 116 46.81 -11.22 20.23
N PHE B 117 45.51 -11.49 20.24
CA PHE B 117 44.95 -12.69 19.62
C PHE B 117 44.38 -12.33 18.27
N ASN B 118 44.65 -13.16 17.27
CA ASN B 118 44.18 -12.91 15.91
C ASN B 118 42.78 -13.46 15.65
N GLY B 119 42.26 -14.31 16.54
CA GLY B 119 40.94 -14.88 16.40
C GLY B 119 40.91 -16.27 15.79
N THR B 120 41.98 -16.69 15.15
CA THR B 120 42.08 -18.02 14.56
C THR B 120 43.36 -18.69 15.03
N GLY B 121 43.30 -20.02 15.13
CA GLY B 121 44.44 -20.79 15.59
C GLY B 121 44.40 -21.00 17.10
N PRO B 122 45.51 -21.45 17.66
CA PRO B 122 45.52 -21.83 19.08
C PRO B 122 45.57 -20.60 20.00
N CYS B 123 45.01 -20.79 21.19
CA CYS B 123 44.95 -19.74 22.21
C CYS B 123 45.60 -20.27 23.47
N THR B 124 46.67 -19.59 23.91
CA THR B 124 47.46 -20.05 25.04
C THR B 124 46.66 -20.03 26.34
N ASN B 125 46.30 -18.84 26.82
CA ASN B 125 45.62 -18.67 28.09
C ASN B 125 44.11 -18.68 27.86
N VAL B 126 43.42 -19.62 28.47
CA VAL B 126 41.98 -19.78 28.34
C VAL B 126 41.36 -19.77 29.73
N SER B 127 40.24 -19.07 29.86
CA SER B 127 39.47 -19.02 31.10
C SER B 127 37.99 -19.14 30.78
N THR B 128 37.28 -19.98 31.52
CA THR B 128 35.89 -20.26 31.24
C THR B 128 34.98 -19.35 32.06
N VAL B 129 34.04 -18.70 31.39
CA VAL B 129 32.99 -17.92 32.04
C VAL B 129 31.66 -18.37 31.46
N GLN B 130 30.60 -18.28 32.27
CA GLN B 130 29.30 -18.72 31.82
C GLN B 130 28.56 -17.64 31.03
N CYS B 131 28.97 -16.39 31.15
CA CYS B 131 28.33 -15.32 30.39
C CYS B 131 29.39 -14.36 29.87
N THR B 132 29.16 -13.85 28.66
CA THR B 132 30.09 -12.94 28.01
C THR B 132 29.95 -11.54 28.60
N HIS B 133 30.91 -10.68 28.26
CA HIS B 133 30.84 -9.29 28.67
C HIS B 133 29.73 -8.57 27.91
N GLY B 134 29.30 -7.43 28.47
CA GLY B 134 28.26 -6.65 27.85
C GLY B 134 28.63 -6.13 26.48
N ILE B 135 27.79 -6.39 25.48
CA ILE B 135 28.03 -5.96 24.10
C ILE B 135 26.87 -5.07 23.68
N ARG B 136 27.18 -3.82 23.36
CA ARG B 136 26.16 -2.89 22.87
C ARG B 136 25.83 -3.22 21.42
N PRO B 137 24.57 -3.55 21.09
CA PRO B 137 24.24 -3.92 19.70
C PRO B 137 24.04 -2.71 18.78
N VAL B 138 25.15 -2.08 18.43
CA VAL B 138 25.12 -0.91 17.56
C VAL B 138 25.13 -1.37 16.11
N VAL B 139 24.25 -0.80 15.31
CA VAL B 139 24.06 -1.19 13.91
C VAL B 139 24.73 -0.10 13.07
N SER B 140 25.98 -0.34 12.69
CA SER B 140 26.79 0.66 11.99
C SER B 140 27.57 -0.01 10.87
N THR B 141 27.89 0.78 9.85
CA THR B 141 28.76 0.37 8.76
C THR B 141 29.97 1.30 8.72
N GLN B 142 30.99 0.88 7.96
CA GLN B 142 32.22 1.67 7.86
C GLN B 142 32.88 1.76 9.24
N LEU B 143 32.72 2.87 9.95
CA LEU B 143 33.24 2.98 11.30
C LEU B 143 32.34 2.24 12.27
N LEU B 144 32.94 1.63 13.30
CA LEU B 144 32.21 0.95 14.36
C LEU B 144 32.26 1.79 15.63
N LEU B 145 31.14 1.83 16.36
CA LEU B 145 30.98 2.70 17.51
C LEU B 145 30.56 1.89 18.73
N ASN B 146 30.52 2.57 19.89
CA ASN B 146 30.23 1.97 21.18
C ASN B 146 30.76 0.54 21.27
N GLY B 147 32.05 0.35 20.98
CA GLY B 147 32.64 -0.97 20.98
C GLY B 147 33.74 -1.15 22.01
N SER B 148 34.47 -2.26 21.93
CA SER B 148 35.54 -2.58 22.86
C SER B 148 36.88 -2.40 22.17
N LEU B 149 37.87 -1.94 22.93
CA LEU B 149 39.22 -1.70 22.41
C LEU B 149 40.13 -2.87 22.76
N ALA B 150 41.17 -3.04 21.93
CA ALA B 150 42.18 -4.04 22.23
C ALA B 150 43.02 -3.59 23.42
N GLU B 151 43.27 -4.52 24.34
CA GLU B 151 43.98 -4.19 25.57
C GLU B 151 45.39 -3.72 25.28
N GLU B 152 46.15 -4.50 24.51
CA GLU B 152 47.55 -4.19 24.25
C GLU B 152 47.68 -3.12 23.16
N GLU B 153 47.58 -3.51 21.90
CA GLU B 153 47.78 -2.61 20.78
C GLU B 153 46.72 -2.91 19.71
N VAL B 154 46.80 -2.18 18.60
CA VAL B 154 45.86 -2.38 17.51
C VAL B 154 45.98 -3.80 16.98
N VAL B 155 44.83 -4.40 16.65
CA VAL B 155 44.77 -5.77 16.17
C VAL B 155 43.99 -5.80 14.86
N ILE B 156 44.42 -6.67 13.95
CA ILE B 156 43.78 -6.85 12.65
C ILE B 156 43.31 -8.29 12.55
N ARG B 157 42.14 -8.49 11.93
CA ARG B 157 41.50 -9.80 11.88
C ARG B 157 40.79 -9.99 10.56
N SER B 158 40.97 -11.16 9.97
CA SER B 158 40.30 -11.55 8.73
C SER B 158 40.56 -13.03 8.48
N VAL B 159 39.68 -13.65 7.69
CA VAL B 159 39.83 -15.06 7.38
C VAL B 159 41.17 -15.31 6.69
N ASN B 160 41.36 -14.73 5.51
CA ASN B 160 42.66 -14.75 4.83
C ASN B 160 42.87 -13.41 4.16
N PHE B 161 43.95 -12.71 4.53
CA PHE B 161 44.28 -11.44 3.90
C PHE B 161 44.60 -11.62 2.42
N THR B 162 45.18 -12.76 2.05
CA THR B 162 45.59 -12.96 0.67
C THR B 162 44.39 -12.85 -0.27
N ASP B 163 43.22 -13.32 0.17
CA ASP B 163 41.98 -13.16 -0.58
C ASP B 163 41.38 -11.81 -0.23
N ASN B 164 41.50 -10.85 -1.16
CA ASN B 164 41.08 -9.48 -0.87
C ASN B 164 39.57 -9.40 -0.60
N ALA B 165 38.78 -10.24 -1.28
CA ALA B 165 37.33 -10.13 -1.16
C ALA B 165 36.88 -10.22 0.29
N LYS B 166 37.50 -11.10 1.07
CA LYS B 166 37.14 -11.23 2.47
C LYS B 166 37.38 -9.92 3.21
N THR B 167 36.42 -9.52 4.03
CA THR B 167 36.52 -8.25 4.74
C THR B 167 37.61 -8.31 5.80
N ILE B 168 38.11 -7.13 6.17
CA ILE B 168 39.16 -6.98 7.16
C ILE B 168 38.60 -6.17 8.32
N ILE B 169 38.81 -6.65 9.54
CA ILE B 169 38.37 -5.98 10.75
C ILE B 169 39.61 -5.45 11.48
N VAL B 170 39.47 -4.27 12.09
CA VAL B 170 40.54 -3.62 12.84
C VAL B 170 39.98 -3.17 14.17
N GLN B 171 40.73 -3.43 15.25
CA GLN B 171 40.35 -3.05 16.60
C GLN B 171 41.39 -2.07 17.13
N LEU B 172 40.93 -0.89 17.55
CA LEU B 172 41.83 0.16 18.01
C LEU B 172 42.13 0.00 19.49
N ASN B 173 43.27 0.56 19.91
CA ASN B 173 43.65 0.55 21.32
C ASN B 173 43.23 1.82 22.04
N THR B 174 43.08 2.93 21.32
CA THR B 174 42.64 4.20 21.90
C THR B 174 41.34 4.61 21.23
N SER B 175 40.37 5.01 22.04
CA SER B 175 39.07 5.43 21.52
C SER B 175 39.15 6.83 20.93
N VAL B 176 38.54 7.01 19.77
CA VAL B 176 38.48 8.31 19.10
C VAL B 176 37.03 8.76 19.15
N GLU B 177 36.74 9.74 20.00
CA GLU B 177 35.38 10.22 20.19
C GLU B 177 34.96 11.13 19.04
N ILE B 178 33.71 11.02 18.63
CA ILE B 178 33.14 11.87 17.59
C ILE B 178 31.77 12.36 18.06
N ASN B 179 31.48 13.63 17.81
CA ASN B 179 30.18 14.21 18.08
C ASN B 179 29.39 14.28 16.77
N CYS B 180 28.16 13.77 16.80
CA CYS B 180 27.24 13.85 15.67
C CYS B 180 25.91 14.40 16.18
N THR B 181 25.54 15.57 15.67
CA THR B 181 24.34 16.27 16.14
C THR B 181 23.60 16.88 14.97
N ARG B 182 22.27 16.82 15.02
CA ARG B 182 21.42 17.52 14.07
C ARG B 182 20.95 18.81 14.72
N PRO B 183 21.48 19.97 14.35
CA PRO B 183 21.10 21.21 15.03
C PRO B 183 19.72 21.69 14.62
N ASN B 184 19.05 22.36 15.55
CA ASN B 184 17.73 22.92 15.32
C ASN B 184 17.83 24.39 14.98
N ASN B 185 16.80 24.90 14.30
CA ASN B 185 16.76 26.30 13.89
C ASN B 185 16.92 27.23 15.08
N GLY B 192 16.68 26.46 8.78
CA GLY B 192 17.29 25.86 7.59
C GLY B 192 16.63 24.57 7.18
N ASN B 193 17.44 23.63 6.68
CA ASN B 193 16.96 22.32 6.25
C ASN B 193 17.14 21.34 7.38
N MET B 194 16.04 20.69 7.78
CA MET B 194 16.09 19.80 8.94
C MET B 194 16.99 18.59 8.69
N ARG B 195 16.96 18.06 7.47
CA ARG B 195 17.76 16.87 7.18
C ARG B 195 19.26 17.14 7.29
N GLN B 196 19.67 18.38 7.03
CA GLN B 196 21.08 18.73 7.09
C GLN B 196 21.61 18.56 8.51
N ALA B 197 22.75 17.90 8.63
CA ALA B 197 23.42 17.73 9.91
C ALA B 197 24.91 17.53 9.65
N HIS B 198 25.67 17.27 10.71
CA HIS B 198 27.10 17.08 10.57
C HIS B 198 27.65 16.44 11.84
N CYS B 199 28.83 15.82 11.69
CA CYS B 199 29.61 15.30 12.80
C CYS B 199 30.87 16.14 12.95
N ASN B 200 31.44 16.10 14.16
CA ASN B 200 32.70 16.78 14.46
C ASN B 200 33.63 15.80 15.15
N ILE B 201 34.88 15.75 14.70
CA ILE B 201 35.88 14.84 15.26
C ILE B 201 37.24 15.51 15.21
N SER B 202 38.07 15.20 16.19
CA SER B 202 39.42 15.75 16.24
C SER B 202 40.25 15.20 15.08
N ARG B 203 40.95 16.10 14.37
CA ARG B 203 41.76 15.69 13.23
C ARG B 203 43.05 15.01 13.69
N ALA B 204 43.82 15.66 14.56
CA ALA B 204 45.13 15.14 14.93
C ALA B 204 45.04 13.72 15.47
N LYS B 205 44.12 13.49 16.41
CA LYS B 205 43.97 12.15 16.98
C LYS B 205 43.66 11.14 15.89
N TRP B 206 42.73 11.47 14.99
CA TRP B 206 42.37 10.54 13.93
C TRP B 206 43.54 10.29 12.99
N ASN B 207 44.25 11.35 12.60
CA ASN B 207 45.42 11.18 11.74
C ASN B 207 46.44 10.26 12.38
N ASN B 208 46.64 10.39 13.69
CA ASN B 208 47.57 9.50 14.39
C ASN B 208 47.11 8.05 14.29
N THR B 209 45.85 7.79 14.61
CA THR B 209 45.34 6.43 14.53
C THR B 209 45.53 5.84 13.14
N LEU B 210 45.26 6.64 12.10
CA LEU B 210 45.49 6.17 10.74
C LEU B 210 46.94 5.79 10.52
N LYS B 211 47.87 6.53 11.12
CA LYS B 211 49.28 6.19 11.01
C LYS B 211 49.59 4.87 11.69
N GLN B 212 49.03 4.65 12.89
CA GLN B 212 49.26 3.40 13.59
C GLN B 212 48.67 2.22 12.83
N ILE B 213 47.44 2.38 12.32
CA ILE B 213 46.84 1.33 11.51
C ILE B 213 47.74 0.98 10.34
N ALA B 214 48.06 1.98 9.51
CA ALA B 214 48.90 1.75 8.34
C ALA B 214 50.18 1.02 8.72
N SER B 215 50.77 1.37 9.87
CA SER B 215 52.00 0.70 10.29
C SER B 215 51.76 -0.78 10.56
N LYS B 216 50.59 -1.13 11.10
CA LYS B 216 50.31 -2.53 11.42
C LYS B 216 50.15 -3.35 10.15
N LEU B 217 49.32 -2.87 9.21
CA LEU B 217 49.13 -3.60 7.96
C LEU B 217 50.44 -3.67 7.18
N ARG B 218 51.20 -2.58 7.14
CA ARG B 218 52.50 -2.60 6.48
C ARG B 218 53.38 -3.71 7.07
N GLU B 219 53.29 -3.93 8.39
CA GLU B 219 54.04 -5.00 9.01
C GLU B 219 53.59 -6.36 8.51
N GLN B 220 52.30 -6.49 8.16
CA GLN B 220 51.79 -7.76 7.64
C GLN B 220 52.11 -7.97 6.18
N PHE B 221 52.40 -6.90 5.44
CA PHE B 221 52.75 -7.01 4.03
C PHE B 221 54.17 -6.48 3.80
N ASN B 223 57.82 -5.70 5.45
CA ASN B 223 57.63 -4.30 5.79
C ASN B 223 58.02 -3.42 4.60
N ASN B 224 57.18 -3.43 3.56
CA ASN B 224 57.46 -2.68 2.35
C ASN B 224 56.14 -2.17 1.77
N LYS B 225 56.26 -1.39 0.70
CA LYS B 225 55.10 -0.84 -0.01
C LYS B 225 54.36 0.17 0.86
N THR B 226 53.48 0.95 0.23
CA THR B 226 52.74 2.02 0.89
C THR B 226 51.27 1.64 0.98
N ILE B 227 50.68 1.85 2.15
CA ILE B 227 49.25 1.62 2.35
C ILE B 227 48.48 2.83 1.86
N ILE B 228 47.41 2.60 1.10
CA ILE B 228 46.62 3.66 0.49
C ILE B 228 45.20 3.57 1.02
N PHE B 229 44.66 4.71 1.45
CA PHE B 229 43.28 4.81 1.90
C PHE B 229 42.48 5.62 0.89
N LYS B 230 41.24 5.21 0.66
CA LYS B 230 40.37 5.91 -0.28
C LYS B 230 38.93 5.57 0.06
N GLN B 231 38.02 6.45 -0.36
CA GLN B 231 36.60 6.24 -0.11
C GLN B 231 36.13 4.96 -0.77
N SER B 232 34.95 4.50 -0.36
CA SER B 232 34.38 3.29 -0.93
C SER B 232 34.21 3.44 -2.44
N SER B 233 34.45 2.34 -3.15
CA SER B 233 34.40 2.39 -4.62
C SER B 233 33.03 2.84 -5.10
N GLY B 234 31.99 2.05 -4.83
CA GLY B 234 30.65 2.40 -5.25
C GLY B 234 29.64 1.42 -4.71
N GLY B 235 28.38 1.71 -5.01
CA GLY B 235 27.25 0.90 -4.58
C GLY B 235 26.23 1.72 -3.86
N ASP B 236 25.28 1.04 -3.22
CA ASP B 236 24.25 1.73 -2.46
C ASP B 236 24.89 2.58 -1.37
N PRO B 237 24.20 3.65 -0.93
CA PRO B 237 24.81 4.55 0.06
C PRO B 237 25.07 3.91 1.41
N GLU B 238 24.52 2.73 1.69
CA GLU B 238 24.76 2.10 2.98
C GLU B 238 26.24 1.85 3.21
N ILE B 239 26.93 1.28 2.22
CA ILE B 239 28.35 1.03 2.36
C ILE B 239 29.19 2.23 1.90
N VAL B 240 28.69 3.00 0.92
CA VAL B 240 29.45 4.13 0.42
C VAL B 240 29.60 5.20 1.49
N THR B 241 28.54 5.43 2.28
CA THR B 241 28.54 6.45 3.32
C THR B 241 28.48 5.79 4.69
N HIS B 242 29.28 6.30 5.62
CA HIS B 242 29.26 5.83 7.00
C HIS B 242 27.90 6.16 7.62
N SER B 243 27.15 5.13 7.99
CA SER B 243 25.82 5.30 8.53
C SER B 243 25.72 4.70 9.92
N PHE B 244 24.75 5.18 10.69
CA PHE B 244 24.48 4.70 12.04
C PHE B 244 23.16 5.30 12.50
N ASN B 245 22.65 4.76 13.60
CA ASN B 245 21.40 5.23 14.20
C ASN B 245 21.70 6.14 15.38
N CYS B 246 21.15 7.34 15.35
CA CYS B 246 21.33 8.32 16.42
C CYS B 246 19.96 8.89 16.79
N GLY B 247 19.54 8.65 18.03
CA GLY B 247 18.27 9.16 18.50
C GLY B 247 17.08 8.67 17.71
N GLY B 248 17.15 7.46 17.16
CA GLY B 248 16.06 6.91 16.39
C GLY B 248 16.03 7.32 14.93
N GLU B 249 16.79 8.33 14.54
CA GLU B 249 16.85 8.79 13.16
C GLU B 249 18.18 8.38 12.54
N PHE B 250 18.12 7.90 11.30
CA PHE B 250 19.31 7.40 10.62
C PHE B 250 20.13 8.56 10.07
N PHE B 251 21.44 8.50 10.28
CA PHE B 251 22.38 9.49 9.78
C PHE B 251 23.33 8.82 8.79
N TYR B 252 23.44 9.38 7.60
CA TYR B 252 24.31 8.87 6.55
C TYR B 252 25.37 9.94 6.28
N CYS B 253 26.52 9.81 6.93
CA CYS B 253 27.58 10.80 6.85
C CYS B 253 28.56 10.44 5.74
N ASN B 254 29.13 11.49 5.14
CA ASN B 254 30.05 11.36 4.01
C ASN B 254 31.47 11.36 4.57
N SER B 255 32.08 10.19 4.64
CA SER B 255 33.36 10.00 5.32
C SER B 255 34.52 9.95 4.33
N THR B 256 34.66 10.98 3.50
CA THR B 256 35.80 11.07 2.60
C THR B 256 37.02 11.62 3.31
N GLN B 257 36.89 12.82 3.89
CA GLN B 257 38.02 13.47 4.54
C GLN B 257 38.57 12.64 5.70
N LEU B 258 37.77 11.73 6.27
CA LEU B 258 38.30 10.83 7.29
C LEU B 258 39.30 9.85 6.69
N PHE B 259 39.06 9.40 5.47
CA PHE B 259 39.88 8.39 4.81
C PHE B 259 40.59 9.05 3.62
N ASN B 260 41.87 9.39 3.82
CA ASN B 260 42.69 9.94 2.75
C ASN B 260 44.15 10.00 3.19
N ASP B 280 42.46 22.98 13.13
CA ASP B 280 41.63 22.31 12.13
C ASP B 280 40.96 21.09 12.74
N THR B 281 39.62 21.07 12.70
CA THR B 281 38.82 19.97 13.22
C THR B 281 37.96 19.42 12.09
N ILE B 282 38.13 18.13 11.79
CA ILE B 282 37.35 17.52 10.72
C ILE B 282 35.87 17.56 11.08
N THR B 283 35.05 17.90 10.09
CA THR B 283 33.60 17.94 10.26
C THR B 283 32.95 17.28 9.06
N LEU B 284 32.13 16.25 9.32
CA LEU B 284 31.54 15.49 8.22
C LEU B 284 30.15 16.04 7.88
N PRO B 285 29.81 16.15 6.58
CA PRO B 285 28.44 16.54 6.23
C PRO B 285 27.50 15.35 6.18
N CYS B 286 26.55 15.31 7.11
CA CYS B 286 25.62 14.19 7.23
C CYS B 286 24.24 14.59 6.72
N ARG B 287 23.43 13.58 6.43
CA ARG B 287 22.07 13.78 5.95
C ARG B 287 21.20 12.64 6.45
N ILE B 288 20.04 12.98 7.01
CA ILE B 288 19.10 11.97 7.50
C ILE B 288 18.35 11.39 6.30
N LYS B 289 18.52 10.09 6.08
CA LYS B 289 17.93 9.40 4.94
C LYS B 289 16.74 8.59 5.43
N GLN B 290 15.53 9.01 5.04
CA GLN B 290 14.33 8.24 5.37
C GLN B 290 14.39 6.86 4.73
N ILE B 291 14.65 6.81 3.43
CA ILE B 291 14.73 5.54 2.70
C ILE B 291 16.09 4.91 2.93
N ILE B 292 16.09 3.60 3.20
CA ILE B 292 17.32 2.88 3.49
C ILE B 292 17.15 1.43 3.08
N ASN B 293 18.26 0.77 2.76
CA ASN B 293 18.27 -0.65 2.42
C ASN B 293 18.36 -1.46 3.70
N MET B 294 17.34 -2.25 3.99
CA MET B 294 17.32 -3.05 5.20
C MET B 294 18.51 -3.99 5.24
N TRP B 295 19.20 -4.00 6.39
CA TRP B 295 20.34 -4.89 6.57
C TRP B 295 19.91 -6.30 6.99
N GLN B 296 18.66 -6.49 7.39
CA GLN B 296 18.19 -7.82 7.77
C GLN B 296 18.14 -8.74 6.56
N LYS B 297 17.44 -8.33 5.51
CA LYS B 297 17.22 -9.15 4.34
C LYS B 297 17.29 -8.26 3.10
N VAL B 298 16.91 -8.82 1.96
CA VAL B 298 16.83 -8.06 0.71
C VAL B 298 15.55 -7.23 0.76
N GLY B 299 15.70 -5.92 0.81
CA GLY B 299 14.55 -5.05 0.86
C GLY B 299 14.94 -3.66 1.34
N LYS B 300 13.96 -2.76 1.25
CA LYS B 300 14.15 -1.37 1.65
C LYS B 300 12.95 -0.92 2.47
N ALA B 301 13.19 0.07 3.33
CA ALA B 301 12.14 0.58 4.22
C ALA B 301 12.33 2.07 4.40
N MET B 302 11.24 2.74 4.78
CA MET B 302 11.25 4.17 5.04
C MET B 302 10.62 4.44 6.40
N TYR B 303 11.00 5.58 6.98
CA TYR B 303 10.45 6.05 8.24
C TYR B 303 9.93 7.47 8.06
N ALA B 304 9.10 7.89 9.01
CA ALA B 304 8.50 9.22 8.95
C ALA B 304 9.58 10.30 9.04
N PRO B 305 9.25 11.55 8.75
CA PRO B 305 10.26 12.63 8.84
C PRO B 305 10.86 12.69 10.22
N PRO B 306 11.96 13.41 10.38
CA PRO B 306 12.63 13.46 11.69
C PRO B 306 11.94 14.41 12.66
N ILE B 307 12.00 14.05 13.94
CA ILE B 307 11.44 14.90 14.97
C ILE B 307 12.28 16.17 15.11
N SER B 308 11.63 17.27 15.46
CA SER B 308 12.33 18.53 15.63
C SER B 308 13.01 18.60 16.99
N GLY B 309 14.08 19.36 17.06
CA GLY B 309 14.87 19.51 18.27
C GLY B 309 16.34 19.27 18.03
N GLN B 310 17.13 19.65 19.02
CA GLN B 310 18.59 19.51 18.95
C GLN B 310 18.97 18.09 19.32
N ILE B 311 19.09 17.24 18.31
CA ILE B 311 19.47 15.85 18.50
C ILE B 311 20.99 15.76 18.51
N ARG B 312 21.55 15.19 19.57
CA ARG B 312 22.99 15.09 19.72
C ARG B 312 23.37 13.70 20.20
N CYS B 313 24.26 13.04 19.46
CA CYS B 313 24.81 11.75 19.85
C CYS B 313 26.33 11.83 19.79
N SER B 314 26.99 11.39 20.87
CA SER B 314 28.44 11.35 20.95
C SER B 314 28.85 9.91 21.18
N SER B 315 29.47 9.29 20.18
CA SER B 315 29.93 7.91 20.25
C SER B 315 31.45 7.88 20.09
N ASN B 316 32.05 6.82 20.62
CA ASN B 316 33.50 6.66 20.64
C ASN B 316 33.91 5.54 19.70
N ILE B 317 34.64 5.89 18.65
CA ILE B 317 35.02 4.92 17.64
C ILE B 317 35.93 3.87 18.26
N THR B 318 35.75 2.61 17.87
CA THR B 318 36.49 1.51 18.45
C THR B 318 36.95 0.46 17.44
N GLY B 319 36.71 0.66 16.14
CA GLY B 319 37.09 -0.32 15.15
C GLY B 319 36.58 0.01 13.76
N LEU B 320 37.25 -0.48 12.74
CA LEU B 320 36.94 -0.15 11.36
C LEU B 320 36.78 -1.43 10.54
N LEU B 321 36.10 -1.30 9.40
CA LEU B 321 35.94 -2.39 8.45
C LEU B 321 36.53 -1.94 7.12
N LEU B 322 37.54 -2.66 6.65
CA LEU B 322 38.30 -2.26 5.46
C LEU B 322 38.31 -3.40 4.44
N THR B 323 38.46 -3.02 3.18
CA THR B 323 38.51 -3.96 2.07
C THR B 323 39.60 -3.54 1.11
N ARG B 324 40.34 -4.51 0.59
CA ARG B 324 41.46 -4.23 -0.30
C ARG B 324 41.00 -4.22 -1.76
N ASP B 325 41.39 -3.18 -2.48
CA ASP B 325 41.19 -3.17 -3.93
C ASP B 325 42.20 -4.09 -4.59
N GLY B 326 41.70 -5.00 -5.43
CA GLY B 326 42.57 -6.01 -6.01
C GLY B 326 43.68 -5.40 -6.84
N GLY B 327 44.83 -6.04 -6.81
CA GLY B 327 45.98 -5.64 -7.58
C GLY B 327 47.23 -5.69 -6.74
N ASN B 328 48.31 -5.14 -7.29
CA ASN B 328 49.61 -5.08 -6.63
C ASN B 328 50.47 -4.11 -7.40
N SER B 329 51.45 -3.53 -6.70
CA SER B 329 52.28 -2.49 -7.29
C SER B 329 51.43 -1.27 -7.65
N ASN B 330 52.02 -0.28 -8.30
CA ASN B 330 51.27 0.90 -8.72
C ASN B 330 51.87 1.49 -9.99
N SER B 333 51.57 0.09 -2.04
CA SER B 333 50.72 0.27 -3.21
C SER B 333 49.43 -0.54 -3.09
N GLU B 334 49.17 -1.05 -1.88
CA GLU B 334 47.95 -1.79 -1.60
C GLU B 334 46.86 -0.80 -1.20
N ILE B 335 45.76 -0.80 -1.95
CA ILE B 335 44.66 0.14 -1.72
C ILE B 335 43.73 -0.45 -0.67
N PHE B 336 43.34 0.38 0.30
CA PHE B 336 42.40 0.00 1.35
C PHE B 336 41.16 0.86 1.23
N ARG B 337 40.00 0.22 1.07
CA ARG B 337 38.73 0.92 1.04
C ARG B 337 37.84 0.43 2.19
N PRO B 338 37.00 1.31 2.75
CA PRO B 338 36.13 0.87 3.84
C PRO B 338 35.12 -0.18 3.37
N GLY B 339 34.77 -1.07 4.29
CA GLY B 339 33.81 -2.11 4.01
C GLY B 339 32.56 -1.99 4.86
N GLY B 340 31.87 -3.11 5.08
CA GLY B 340 30.68 -3.15 5.88
C GLY B 340 29.51 -3.73 5.10
N GLY B 341 28.31 -3.53 5.65
CA GLY B 341 27.10 -4.03 5.04
C GLY B 341 26.62 -5.33 5.67
N ASP B 342 27.56 -6.23 5.96
CA ASP B 342 27.27 -7.51 6.59
C ASP B 342 27.55 -7.36 8.08
N MET B 343 26.48 -7.36 8.89
CA MET B 343 26.61 -7.11 10.31
C MET B 343 27.10 -8.33 11.09
N ARG B 344 27.16 -9.52 10.47
CA ARG B 344 27.79 -10.65 11.13
C ARG B 344 29.22 -10.33 11.52
N ASP B 345 29.91 -9.51 10.71
CA ASP B 345 31.28 -9.15 11.03
C ASP B 345 31.36 -8.30 12.30
N ASN B 346 30.39 -7.41 12.50
CA ASN B 346 30.37 -6.60 13.71
C ASN B 346 30.23 -7.49 14.95
N TRP B 347 29.32 -8.46 14.90
CA TRP B 347 29.16 -9.36 16.03
C TRP B 347 30.40 -10.23 16.23
N ARG B 348 31.13 -10.51 15.14
CA ARG B 348 32.39 -11.23 15.26
C ARG B 348 33.44 -10.35 15.94
N SER B 349 33.47 -9.05 15.61
CA SER B 349 34.42 -8.15 16.23
C SER B 349 34.27 -8.13 17.75
N GLU B 350 33.05 -8.36 18.25
CA GLU B 350 32.79 -8.38 19.68
C GLU B 350 32.82 -9.79 20.27
N LEU B 351 32.62 -10.83 19.45
CA LEU B 351 32.59 -12.21 19.91
C LEU B 351 33.78 -13.02 19.41
N TYR B 352 34.89 -12.37 19.09
CA TYR B 352 36.03 -13.09 18.54
C TYR B 352 36.71 -13.97 19.58
N LYS B 353 36.64 -13.58 20.85
CA LYS B 353 37.34 -14.27 21.92
C LYS B 353 36.49 -15.30 22.65
N TYR B 354 35.25 -15.53 22.22
CA TYR B 354 34.31 -16.40 22.90
C TYR B 354 33.96 -17.60 22.03
N LYS B 355 33.81 -18.76 22.68
CA LYS B 355 33.34 -19.96 22.01
C LYS B 355 32.59 -20.81 23.04
N VAL B 356 31.54 -21.48 22.57
CA VAL B 356 30.68 -22.30 23.43
C VAL B 356 31.10 -23.75 23.27
N VAL B 357 31.24 -24.46 24.39
CA VAL B 357 31.72 -25.84 24.40
C VAL B 357 31.01 -26.59 25.53
N LYS B 358 31.15 -27.92 25.52
CA LYS B 358 30.62 -28.75 26.58
C LYS B 358 31.40 -28.51 27.88
N ILE B 359 30.85 -28.99 28.99
CA ILE B 359 31.46 -28.83 30.30
C ILE B 359 32.91 -29.33 30.24
N GLU B 360 33.08 -30.63 30.09
CA GLU B 360 34.41 -31.22 29.98
C GLU B 360 34.73 -31.59 28.54
N PCA C 1 -17.47 60.67 15.06
CA PCA C 1 -18.43 59.72 14.53
CB PCA C 1 -19.61 60.47 13.92
CG PCA C 1 -19.23 61.94 13.89
CD PCA C 1 -17.94 61.99 14.66
OE PCA C 1 -17.37 63.05 14.93
C PCA C 1 -17.87 58.77 13.50
O PCA C 1 -17.01 59.13 12.69
N VAL C 2 -18.34 57.52 13.54
CA VAL C 2 -18.07 56.54 12.49
C VAL C 2 -16.66 55.95 12.58
N GLN C 3 -16.27 55.50 13.77
CA GLN C 3 -15.05 54.70 13.92
C GLN C 3 -15.06 54.09 15.32
N LEU C 4 -14.27 53.03 15.48
CA LEU C 4 -14.20 52.31 16.74
C LEU C 4 -13.32 53.06 17.73
N VAL C 5 -13.85 53.26 18.94
CA VAL C 5 -13.10 53.88 20.04
C VAL C 5 -13.10 52.90 21.21
N GLN C 6 -11.95 52.71 21.83
CA GLN C 6 -11.77 51.70 22.85
C GLN C 6 -11.14 52.32 24.09
N SER C 7 -11.07 51.49 25.15
CA SER C 7 -10.61 51.94 26.46
C SER C 7 -9.20 52.49 26.41
N GLY C 8 -8.69 52.94 27.56
CA GLY C 8 -7.31 53.37 27.65
C GLY C 8 -6.37 52.23 28.05
N ALA C 9 -5.08 52.53 27.99
CA ALA C 9 -4.08 51.54 28.33
C ALA C 9 -4.28 51.04 29.76
N GLU C 10 -4.24 49.72 29.93
CA GLU C 10 -4.41 49.09 31.23
C GLU C 10 -3.13 48.37 31.65
N VAL C 11 -2.80 48.48 32.93
CA VAL C 11 -1.68 47.76 33.52
C VAL C 11 -2.25 46.72 34.48
N LYS C 12 -1.89 45.46 34.26
CA LYS C 12 -2.46 44.35 35.03
C LYS C 12 -1.35 43.52 35.65
N LYS C 13 -1.74 42.75 36.65
CA LYS C 13 -0.88 41.80 37.34
C LYS C 13 -1.12 40.39 36.84
N PRO C 14 -0.17 39.47 37.04
CA PRO C 14 -0.39 38.09 36.60
C PRO C 14 -1.51 37.44 37.38
N GLY C 15 -2.45 36.84 36.65
CA GLY C 15 -3.61 36.21 37.26
C GLY C 15 -4.82 37.09 37.39
N ALA C 16 -4.71 38.38 37.05
CA ALA C 16 -5.83 39.30 37.15
C ALA C 16 -6.77 39.11 35.95
N SER C 17 -7.83 39.91 35.92
CA SER C 17 -8.79 39.93 34.82
C SER C 17 -8.69 41.26 34.10
N VAL C 18 -8.73 41.23 32.78
CA VAL C 18 -8.62 42.41 31.94
C VAL C 18 -9.87 42.55 31.11
N LYS C 19 -10.31 43.80 30.90
CA LYS C 19 -11.49 44.09 30.10
C LYS C 19 -11.17 45.21 29.14
N VAL C 20 -11.34 44.95 27.84
CA VAL C 20 -11.19 45.95 26.79
C VAL C 20 -12.55 46.15 26.14
N SER C 21 -12.97 47.40 26.00
CA SER C 21 -14.29 47.75 25.50
C SER C 21 -14.18 48.40 24.13
N CYS C 22 -15.13 48.10 23.26
CA CYS C 22 -15.22 48.70 21.93
C CYS C 22 -16.53 49.49 21.83
N LYS C 23 -16.41 50.81 21.74
CA LYS C 23 -17.56 51.69 21.63
C LYS C 23 -17.76 52.05 20.16
N ALA C 24 -18.95 51.78 19.64
CA ALA C 24 -19.28 52.02 18.24
C ALA C 24 -20.34 53.09 18.15
N SER C 25 -20.07 54.15 17.39
CA SER C 25 -21.00 55.25 17.20
C SER C 25 -20.93 55.71 15.76
N GLY C 26 -22.11 55.99 15.19
CA GLY C 26 -22.23 56.49 13.83
C GLY C 26 -22.78 55.49 12.84
N TYR C 27 -22.71 54.19 13.15
CA TYR C 27 -23.22 53.16 12.25
C TYR C 27 -24.16 52.23 13.01
N THR C 28 -24.94 51.48 12.26
CA THR C 28 -25.85 50.50 12.85
C THR C 28 -25.05 49.41 13.55
N PHE C 29 -25.26 49.28 14.86
CA PHE C 29 -24.44 48.37 15.66
C PHE C 29 -24.89 46.92 15.53
N THR C 30 -26.20 46.68 15.53
CA THR C 30 -26.70 45.31 15.64
C THR C 30 -26.44 44.50 14.36
N GLY C 31 -26.34 45.15 13.22
CA GLY C 31 -26.34 44.45 11.95
C GLY C 31 -25.01 43.89 11.50
N TYR C 32 -23.95 44.01 12.30
CA TYR C 32 -22.61 43.67 11.83
C TYR C 32 -21.80 43.06 12.97
N TYR C 33 -21.02 42.04 12.64
CA TYR C 33 -20.21 41.36 13.64
C TYR C 33 -19.20 42.32 14.26
N MET C 34 -18.68 41.93 15.43
CA MET C 34 -17.61 42.65 16.11
C MET C 34 -16.55 41.62 16.51
N ASN C 35 -15.38 41.70 15.89
CA ASN C 35 -14.31 40.75 16.11
C ASN C 35 -13.22 41.37 16.97
N TRP C 36 -12.57 40.55 17.78
CA TRP C 36 -11.50 40.97 18.67
C TRP C 36 -10.19 40.32 18.22
N VAL C 37 -9.16 41.14 18.01
CA VAL C 37 -7.86 40.69 17.57
C VAL C 37 -6.80 41.25 18.52
N ARG C 38 -5.77 40.46 18.80
CA ARG C 38 -4.66 40.88 19.63
C ARG C 38 -3.36 40.70 18.86
N GLN C 39 -2.44 41.65 19.02
CA GLN C 39 -1.13 41.60 18.37
C GLN C 39 -0.06 41.77 19.45
N ALA C 40 0.74 40.71 19.65
CA ALA C 40 1.84 40.79 20.60
C ALA C 40 2.84 41.85 20.13
N PRO C 41 3.67 42.36 21.05
CA PRO C 41 4.59 43.44 20.67
C PRO C 41 5.74 42.94 19.80
N GLY C 42 5.71 43.28 18.51
CA GLY C 42 6.75 42.87 17.60
C GLY C 42 6.55 41.51 16.97
N GLN C 43 5.33 40.98 16.98
CA GLN C 43 5.02 39.69 16.38
C GLN C 43 3.83 39.84 15.44
N GLY C 44 3.42 38.73 14.86
CA GLY C 44 2.30 38.72 13.93
C GLY C 44 0.97 38.86 14.64
N LEU C 45 -0.08 38.93 13.82
CA LEU C 45 -1.44 39.09 14.33
C LEU C 45 -2.01 37.75 14.76
N GLU C 46 -2.96 37.79 15.70
CA GLU C 46 -3.65 36.60 16.17
C GLU C 46 -5.09 36.94 16.45
N TRP C 47 -6.01 36.22 15.80
CA TRP C 47 -7.44 36.45 15.97
C TRP C 47 -7.93 35.71 17.20
N MET C 48 -8.70 36.42 18.04
CA MET C 48 -9.21 35.85 19.28
C MET C 48 -10.64 35.33 19.15
N GLY C 49 -11.59 36.23 18.85
CA GLY C 49 -12.97 35.82 18.75
C GLY C 49 -13.80 36.94 18.14
N TRP C 50 -15.11 36.67 18.04
CA TRP C 50 -16.06 37.68 17.59
C TRP C 50 -17.37 37.48 18.33
N ILE C 51 -18.27 38.45 18.17
CA ILE C 51 -19.57 38.46 18.82
C ILE C 51 -20.61 38.96 17.83
N ASN C 52 -21.78 38.32 17.85
CA ASN C 52 -22.91 38.76 17.04
C ASN C 52 -23.76 39.71 17.88
N PRO C 53 -23.73 41.02 17.62
CA PRO C 53 -24.44 41.95 18.53
C PRO C 53 -25.94 41.74 18.55
N ASN C 54 -26.54 41.39 17.41
CA ASN C 54 -28.00 41.27 17.35
C ASN C 54 -28.49 40.16 18.27
N SER C 55 -27.89 38.96 18.16
CA SER C 55 -28.32 37.82 18.95
C SER C 55 -27.46 37.57 20.18
N GLY C 56 -26.25 38.12 20.22
CA GLY C 56 -25.40 37.97 21.38
C GLY C 56 -24.58 36.70 21.44
N ASP C 57 -24.71 35.82 20.46
CA ASP C 57 -23.94 34.58 20.44
C ASP C 57 -22.51 34.88 20.01
N THR C 58 -21.55 34.31 20.73
CA THR C 58 -20.14 34.60 20.54
C THR C 58 -19.40 33.35 20.06
N ASN C 59 -18.16 33.56 19.65
CA ASN C 59 -17.29 32.47 19.19
C ASN C 59 -15.85 32.90 19.38
N TYR C 60 -15.11 32.15 20.21
CA TYR C 60 -13.73 32.47 20.53
C TYR C 60 -12.80 31.48 19.84
N ALA C 61 -11.50 31.75 19.94
CA ALA C 61 -10.49 30.84 19.43
C ALA C 61 -10.25 29.71 20.43
N GLN C 62 -9.65 28.63 19.94
CA GLN C 62 -9.44 27.46 20.78
C GLN C 62 -8.51 27.76 21.95
N LYS C 63 -7.45 28.53 21.70
CA LYS C 63 -6.46 28.79 22.74
C LYS C 63 -7.05 29.50 23.95
N PHE C 64 -8.16 30.21 23.78
CA PHE C 64 -8.75 31.02 24.84
C PHE C 64 -10.08 30.47 25.35
N GLN C 65 -10.55 29.35 24.82
CA GLN C 65 -11.83 28.79 25.25
C GLN C 65 -11.86 28.62 26.76
N GLY C 66 -12.96 29.07 27.37
CA GLY C 66 -13.10 29.02 28.81
C GLY C 66 -12.32 30.07 29.56
N ARG C 67 -11.50 30.86 28.87
CA ARG C 67 -10.68 31.89 29.50
C ARG C 67 -11.02 33.30 29.04
N VAL C 68 -11.76 33.46 27.95
CA VAL C 68 -12.19 34.76 27.46
C VAL C 68 -13.71 34.73 27.33
N THR C 69 -14.35 35.81 27.79
CA THR C 69 -15.80 35.96 27.71
C THR C 69 -16.12 37.31 27.09
N MET C 70 -16.92 37.31 26.04
CA MET C 70 -17.27 38.53 25.31
C MET C 70 -18.73 38.88 25.57
N THR C 71 -18.99 40.17 25.79
CA THR C 71 -20.33 40.67 26.06
C THR C 71 -20.56 41.92 25.23
N ARG C 72 -21.83 42.31 25.11
CA ARG C 72 -22.21 43.48 24.34
C ARG C 72 -23.27 44.27 25.09
N ASP C 73 -23.41 45.54 24.70
CA ASP C 73 -24.42 46.43 25.27
C ASP C 73 -25.02 47.24 24.13
N THR C 74 -26.16 46.79 23.62
CA THR C 74 -26.79 47.47 22.48
C THR C 74 -27.37 48.82 22.88
N SER C 75 -27.89 48.94 24.11
CA SER C 75 -28.48 50.20 24.53
C SER C 75 -27.45 51.32 24.51
N SER C 76 -26.23 51.03 24.97
CA SER C 76 -25.16 52.02 25.01
C SER C 76 -24.23 51.93 23.80
N SER C 77 -24.42 50.95 22.92
CA SER C 77 -23.60 50.77 21.73
C SER C 77 -22.13 50.57 22.12
N THR C 78 -21.88 49.45 22.80
CA THR C 78 -20.54 49.10 23.24
C THR C 78 -20.41 47.59 23.25
N ALA C 79 -19.17 47.12 23.07
CA ALA C 79 -18.85 45.70 23.05
C ALA C 79 -17.65 45.46 23.95
N TYR C 80 -17.84 44.66 24.99
CA TYR C 80 -16.79 44.36 25.96
C TYR C 80 -16.20 42.98 25.70
N MET C 81 -14.90 42.85 25.93
CA MET C 81 -14.21 41.56 25.88
C MET C 81 -13.38 41.42 27.13
N GLU C 82 -13.61 40.36 27.89
CA GLU C 82 -12.93 40.10 29.16
C GLU C 82 -12.09 38.84 29.03
N LEU C 83 -10.86 38.92 29.53
CA LEU C 83 -9.91 37.81 29.51
C LEU C 83 -9.45 37.55 30.94
N ASN C 84 -9.78 36.37 31.47
CA ASN C 84 -9.48 36.03 32.85
C ASN C 84 -8.12 35.33 32.96
N ARG C 85 -7.62 35.25 34.19
CA ARG C 85 -6.35 34.60 34.49
C ARG C 85 -5.26 35.06 33.51
N VAL C 86 -5.07 36.38 33.45
CA VAL C 86 -4.10 36.95 32.53
C VAL C 86 -2.70 36.47 32.88
N ARG C 87 -1.88 36.29 31.85
CA ARG C 87 -0.49 35.86 31.99
C ARG C 87 0.38 36.74 31.11
N SER C 88 1.69 36.70 31.37
CA SER C 88 2.61 37.58 30.65
C SER C 88 2.52 37.39 29.15
N ASP C 89 2.11 36.19 28.69
CA ASP C 89 2.01 35.94 27.27
C ASP C 89 0.99 36.84 26.59
N ASP C 90 0.05 37.41 27.36
CA ASP C 90 -1.02 38.22 26.79
C ASP C 90 -0.64 39.69 26.62
N THR C 91 0.52 40.11 27.14
CA THR C 91 1.01 41.47 26.90
C THR C 91 0.95 41.75 25.40
N ALA C 92 -0.01 42.58 24.97
CA ALA C 92 -0.24 42.79 23.56
C ALA C 92 -1.14 44.00 23.37
N VAL C 93 -1.26 44.43 22.11
CA VAL C 93 -2.15 45.50 21.71
C VAL C 93 -3.43 44.85 21.19
N TYR C 94 -4.56 45.21 21.79
CA TYR C 94 -5.84 44.58 21.48
C TYR C 94 -6.67 45.51 20.60
N TYR C 95 -6.94 45.06 19.37
CA TYR C 95 -7.87 45.73 18.47
C TYR C 95 -9.17 44.95 18.39
N CYS C 96 -10.20 45.62 17.89
CA CYS C 96 -11.43 44.96 17.47
C CYS C 96 -11.82 45.49 16.11
N ALA C 97 -12.64 44.71 15.40
CA ALA C 97 -13.05 45.04 14.05
C ALA C 97 -14.49 44.60 13.84
N ARG C 98 -15.04 44.98 12.69
CA ARG C 98 -16.38 44.58 12.27
C ARG C 98 -16.28 43.93 10.90
N TRP C 99 -17.28 43.12 10.59
CA TRP C 99 -17.36 42.44 9.31
C TRP C 99 -18.79 42.53 8.80
N ASP C 100 -18.95 42.96 7.55
CA ASP C 100 -20.24 43.37 7.01
C ASP C 100 -20.94 42.23 6.26
N TRP C 101 -21.06 41.08 6.92
CA TRP C 101 -21.83 39.95 6.40
C TRP C 101 -21.68 39.78 4.89
N GLY C 102 -20.47 39.91 4.38
CA GLY C 102 -20.18 39.61 2.99
C GLY C 102 -19.57 38.25 2.87
N GLN C 103 -19.78 37.61 1.71
CA GLN C 103 -19.06 36.36 1.44
C GLN C 103 -17.58 36.51 1.74
N TYR C 104 -17.02 37.65 1.37
CA TYR C 104 -15.60 37.92 1.57
C TYR C 104 -15.33 38.24 3.03
N TRP C 105 -14.24 37.67 3.55
CA TRP C 105 -13.85 37.90 4.93
C TRP C 105 -12.85 39.05 4.99
N PHE C 106 -13.14 40.05 5.82
CA PHE C 106 -12.32 41.24 5.89
C PHE C 106 -12.72 42.06 7.11
N PHE C 107 -11.93 43.10 7.39
CA PHE C 107 -12.14 44.01 8.51
C PHE C 107 -11.97 45.43 7.97
N ASP C 108 -13.07 46.04 7.51
CA ASP C 108 -12.99 47.38 6.96
C ASP C 108 -12.82 48.44 8.06
N LEU C 109 -13.36 48.18 9.24
CA LEU C 109 -13.26 49.11 10.37
C LEU C 109 -12.22 48.59 11.36
N TRP C 110 -11.19 49.41 11.61
CA TRP C 110 -10.16 49.10 12.58
C TRP C 110 -10.18 50.15 13.70
N GLY C 111 -10.19 49.69 14.92
CA GLY C 111 -10.06 50.59 16.07
C GLY C 111 -8.61 50.67 16.50
N ARG C 112 -8.10 51.91 16.60
CA ARG C 112 -6.69 52.10 16.95
C ARG C 112 -6.29 51.22 18.12
N GLY C 113 -7.15 51.12 19.13
CA GLY C 113 -7.09 50.04 20.09
C GLY C 113 -6.25 50.36 21.32
N THR C 114 -6.41 49.48 22.31
CA THR C 114 -5.77 49.62 23.62
C THR C 114 -4.48 48.82 23.67
N LEU C 115 -3.77 48.97 24.79
CA LEU C 115 -2.51 48.27 25.04
C LEU C 115 -2.54 47.72 26.45
N VAL C 116 -2.47 46.39 26.57
CA VAL C 116 -2.45 45.73 27.87
C VAL C 116 -1.03 45.27 28.14
N THR C 117 -0.47 45.72 29.27
CA THR C 117 0.85 45.31 29.72
C THR C 117 0.69 44.50 31.00
N VAL C 118 1.36 43.35 31.06
CA VAL C 118 1.21 42.40 32.16
C VAL C 118 2.60 42.05 32.68
N SER C 119 2.79 42.17 33.98
CA SER C 119 4.02 41.76 34.65
C SER C 119 3.78 41.83 36.15
N SER C 120 4.77 41.37 36.92
CA SER C 120 4.62 41.32 38.36
C SER C 120 4.98 42.66 39.02
N ALA C 121 5.99 43.34 38.50
CA ALA C 121 6.44 44.57 39.12
C ALA C 121 5.35 45.64 39.11
N SER C 122 5.56 46.69 39.89
CA SER C 122 4.62 47.79 40.00
C SER C 122 4.96 48.89 39.01
N THR C 123 4.08 49.89 38.92
CA THR C 123 4.30 51.01 38.04
C THR C 123 5.38 51.92 38.61
N LYS C 124 6.37 52.25 37.78
CA LYS C 124 7.50 53.08 38.21
C LYS C 124 7.85 54.05 37.09
N GLY C 125 8.37 55.21 37.48
CA GLY C 125 8.78 56.22 36.52
C GLY C 125 10.18 55.97 36.01
N PRO C 126 10.57 56.75 35.01
CA PRO C 126 11.88 56.55 34.39
C PRO C 126 12.99 57.28 35.14
N SER C 127 14.22 56.79 34.92
CA SER C 127 15.43 57.39 35.45
C SER C 127 16.33 57.76 34.28
N VAL C 128 16.50 59.05 34.02
CA VAL C 128 17.27 59.53 32.89
C VAL C 128 18.72 59.68 33.29
N PHE C 129 19.62 59.25 32.41
CA PHE C 129 21.06 59.34 32.64
C PHE C 129 21.71 59.91 31.38
N PRO C 130 22.58 60.91 31.50
CA PRO C 130 23.19 61.49 30.30
C PRO C 130 24.37 60.69 29.78
N LEU C 131 24.51 60.68 28.46
CA LEU C 131 25.63 60.05 27.77
C LEU C 131 26.35 61.15 27.00
N ALA C 132 27.34 61.77 27.64
CA ALA C 132 28.01 62.93 27.05
C ALA C 132 29.04 62.49 26.01
N PRO C 133 29.35 63.36 25.04
CA PRO C 133 30.34 63.04 24.01
C PRO C 133 31.78 63.28 24.48
N THR C 142 31.70 65.06 13.42
CA THR C 142 30.46 65.09 14.20
C THR C 142 30.42 63.93 15.19
N ALA C 143 30.23 64.27 16.47
CA ALA C 143 30.17 63.29 17.53
C ALA C 143 28.71 62.91 17.81
N ALA C 144 28.50 62.06 18.81
CA ALA C 144 27.18 61.60 19.19
C ALA C 144 27.00 61.72 20.70
N LEU C 145 25.78 62.09 21.09
CA LEU C 145 25.43 62.21 22.50
C LEU C 145 23.94 61.91 22.65
N GLY C 146 23.57 61.40 23.82
CA GLY C 146 22.19 61.03 24.04
C GLY C 146 21.88 60.87 25.52
N CYS C 147 20.72 60.27 25.78
CA CYS C 147 20.26 59.99 27.13
C CYS C 147 19.74 58.57 27.20
N LEU C 148 19.71 58.04 28.42
CA LEU C 148 19.26 56.67 28.68
C LEU C 148 18.09 56.71 29.66
N VAL C 149 16.90 56.41 29.18
CA VAL C 149 15.71 56.33 30.02
C VAL C 149 15.63 54.87 30.50
N LYS C 150 16.19 54.62 31.67
CA LYS C 150 16.34 53.27 32.20
C LYS C 150 15.37 53.03 33.34
N ASP C 151 14.94 51.78 33.48
CA ASP C 151 14.05 51.36 34.56
C ASP C 151 12.78 52.20 34.58
N TYR C 152 11.86 51.93 33.65
CA TYR C 152 10.55 52.58 33.65
C TYR C 152 9.49 51.56 33.27
N PHE C 153 8.29 51.77 33.81
CA PHE C 153 7.15 50.91 33.57
C PHE C 153 5.91 51.79 33.60
N PRO C 154 4.98 51.65 32.64
CA PRO C 154 4.95 50.69 31.52
C PRO C 154 5.73 51.18 30.29
N GLU C 155 5.46 50.57 29.14
CA GLU C 155 6.24 50.89 27.94
C GLU C 155 6.00 52.30 27.44
N PRO C 156 4.76 52.77 27.27
CA PRO C 156 4.54 54.09 26.64
C PRO C 156 5.36 55.21 27.25
N VAL C 157 6.26 55.79 26.45
CA VAL C 157 7.10 56.89 26.87
C VAL C 157 7.47 57.71 25.63
N THR C 158 7.60 59.02 25.82
CA THR C 158 7.91 59.94 24.73
C THR C 158 9.15 60.76 25.11
N VAL C 159 10.06 60.93 24.16
CA VAL C 159 11.31 61.63 24.38
C VAL C 159 11.43 62.73 23.32
N SER C 160 11.75 63.94 23.77
CA SER C 160 11.99 65.09 22.90
C SER C 160 13.37 65.66 23.18
N TRP C 161 13.82 66.52 22.28
CA TRP C 161 15.16 67.12 22.36
C TRP C 161 15.02 68.63 22.31
N ASN C 162 15.49 69.29 23.37
CA ASN C 162 15.52 70.75 23.44
C ASN C 162 14.13 71.36 23.24
N SER C 163 13.12 70.70 23.82
CA SER C 163 11.74 71.19 23.75
C SER C 163 11.27 71.33 22.30
N GLY C 164 11.59 70.32 21.49
CA GLY C 164 11.17 70.29 20.11
C GLY C 164 12.03 71.08 19.14
N ALA C 165 13.09 71.73 19.63
CA ALA C 165 13.95 72.50 18.73
C ALA C 165 14.82 71.57 17.88
N LEU C 166 15.42 70.56 18.51
CA LEU C 166 16.26 69.61 17.81
C LEU C 166 15.42 68.41 17.37
N THR C 167 15.50 68.09 16.07
CA THR C 167 14.73 66.99 15.52
C THR C 167 15.57 66.17 14.54
N SER C 168 16.29 66.85 13.66
CA SER C 168 17.11 66.15 12.68
C SER C 168 18.23 65.38 13.36
N GLY C 169 18.45 64.14 12.92
CA GLY C 169 19.50 63.31 13.46
C GLY C 169 19.15 62.60 14.74
N VAL C 170 17.94 62.78 15.27
CA VAL C 170 17.54 62.12 16.51
C VAL C 170 17.14 60.69 16.22
N HIS C 171 17.52 59.79 17.12
CA HIS C 171 17.22 58.36 16.98
C HIS C 171 16.77 57.82 18.33
N THR C 172 15.50 57.45 18.43
CA THR C 172 14.94 56.84 19.62
C THR C 172 14.84 55.33 19.38
N PHE C 173 15.62 54.56 20.13
CA PHE C 173 15.67 53.11 19.90
C PHE C 173 14.53 52.43 20.66
N PRO C 174 13.79 51.53 20.02
CA PRO C 174 12.78 50.76 20.77
C PRO C 174 13.43 49.97 21.91
N ALA C 175 12.86 50.10 23.09
CA ALA C 175 13.41 49.46 24.28
C ALA C 175 13.13 47.96 24.27
N VAL C 176 13.88 47.24 25.10
CA VAL C 176 13.71 45.81 25.31
C VAL C 176 13.46 45.57 26.78
N LEU C 177 12.37 44.87 27.09
CA LEU C 177 12.00 44.64 28.49
C LEU C 177 13.08 43.85 29.20
N GLN C 178 13.48 44.33 30.37
CA GLN C 178 14.49 43.65 31.17
C GLN C 178 13.86 42.53 31.99
N SER C 179 14.72 41.66 32.50
CA SER C 179 14.23 40.58 33.37
C SER C 179 13.65 41.12 34.66
N SER C 180 14.13 42.28 35.12
CA SER C 180 13.58 42.89 36.33
C SER C 180 12.16 43.38 36.14
N GLY C 181 11.73 43.59 34.89
CA GLY C 181 10.38 44.04 34.58
C GLY C 181 10.31 45.46 34.04
N LEU C 182 11.25 46.31 34.45
CA LEU C 182 11.27 47.70 34.01
C LEU C 182 11.98 47.81 32.67
N TYR C 183 11.39 48.57 31.75
CA TYR C 183 11.96 48.71 30.42
C TYR C 183 13.05 49.78 30.43
N SER C 184 13.93 49.72 29.43
CA SER C 184 15.05 50.64 29.32
C SER C 184 15.29 50.96 27.85
N LEU C 185 15.37 52.26 27.54
CA LEU C 185 15.58 52.73 26.18
C LEU C 185 16.72 53.73 26.16
N SER C 186 17.12 54.12 24.94
CA SER C 186 18.15 55.12 24.73
C SER C 186 17.76 56.01 23.57
N SER C 187 18.10 57.30 23.69
CA SER C 187 17.81 58.29 22.65
C SER C 187 19.10 59.05 22.36
N VAL C 188 19.63 58.87 21.16
CA VAL C 188 20.90 59.47 20.77
C VAL C 188 20.65 60.52 19.69
N VAL C 189 21.68 61.32 19.43
CA VAL C 189 21.60 62.37 18.41
C VAL C 189 23.03 62.73 18.01
N THR C 190 23.21 63.00 16.72
CA THR C 190 24.52 63.37 16.18
C THR C 190 24.60 64.89 16.06
N VAL C 191 25.70 65.46 16.54
CA VAL C 191 25.90 66.91 16.48
C VAL C 191 27.36 67.20 16.21
N PRO C 192 27.63 68.31 15.51
CA PRO C 192 29.02 68.69 15.24
C PRO C 192 29.75 69.09 16.52
N SER C 193 31.08 69.05 16.44
CA SER C 193 31.89 69.35 17.62
C SER C 193 31.77 70.81 18.03
N SER C 194 31.55 71.71 17.07
CA SER C 194 31.48 73.13 17.39
C SER C 194 30.27 73.46 18.27
N SER C 195 29.16 72.75 18.09
CA SER C 195 27.95 73.04 18.86
C SER C 195 28.01 72.53 20.29
N LEU C 196 28.92 71.60 20.59
CA LEU C 196 28.98 71.04 21.94
C LEU C 196 29.32 72.11 22.97
N GLY C 197 30.07 73.13 22.59
CA GLY C 197 30.50 74.15 23.53
C GLY C 197 29.55 75.32 23.64
N THR C 198 29.03 75.78 22.49
CA THR C 198 28.17 76.96 22.46
C THR C 198 26.68 76.63 22.49
N GLN C 199 26.28 75.45 22.03
CA GLN C 199 24.89 75.05 21.98
C GLN C 199 24.59 74.04 23.08
N THR C 200 23.52 74.28 23.82
CA THR C 200 23.11 73.41 24.90
C THR C 200 22.18 72.31 24.37
N TYR C 201 22.18 71.17 25.07
CA TYR C 201 21.36 70.03 24.71
C TYR C 201 20.61 69.55 25.94
N ILE C 202 19.35 69.15 25.75
CA ILE C 202 18.50 68.71 26.85
C ILE C 202 17.60 67.59 26.37
N CYS C 203 17.35 66.63 27.24
CA CYS C 203 16.45 65.50 26.98
C CYS C 203 15.16 65.72 27.74
N ASN C 204 14.03 65.72 27.04
CA ASN C 204 12.71 65.88 27.64
C ASN C 204 12.01 64.52 27.60
N VAL C 205 11.94 63.86 28.75
CA VAL C 205 11.34 62.54 28.88
C VAL C 205 9.98 62.70 29.54
N ASN C 206 8.92 62.30 28.85
CA ASN C 206 7.56 62.39 29.34
C ASN C 206 7.01 60.98 29.51
N HIS C 207 6.78 60.58 30.76
CA HIS C 207 6.22 59.27 31.10
C HIS C 207 4.78 59.51 31.58
N LYS C 208 3.84 59.43 30.63
CA LYS C 208 2.45 59.76 30.95
C LYS C 208 1.85 58.86 32.02
N PRO C 209 2.02 57.53 31.97
CA PRO C 209 1.38 56.69 33.00
C PRO C 209 1.67 57.12 34.43
N SER C 210 2.89 57.57 34.70
CA SER C 210 3.28 58.06 36.03
C SER C 210 3.16 59.58 36.14
N ASN C 211 2.79 60.27 35.06
CA ASN C 211 2.69 61.72 35.06
C ASN C 211 4.01 62.34 35.50
N THR C 212 5.10 61.86 34.91
CA THR C 212 6.46 62.27 35.28
C THR C 212 7.11 62.91 34.06
N LYS C 213 7.40 64.20 34.16
CA LYS C 213 8.10 64.94 33.12
C LYS C 213 9.48 65.30 33.64
N VAL C 214 10.52 64.91 32.90
CA VAL C 214 11.90 65.11 33.30
C VAL C 214 12.62 65.92 32.23
N ASP C 215 13.52 66.80 32.66
CA ASP C 215 14.33 67.61 31.77
C ASP C 215 15.78 67.48 32.21
N LYS C 216 16.54 66.63 31.52
CA LYS C 216 17.93 66.37 31.86
C LYS C 216 18.86 67.11 30.90
N ARG C 217 20.04 67.44 31.40
CA ARG C 217 21.06 68.14 30.62
C ARG C 217 22.21 67.19 30.29
N VAL C 218 22.80 67.40 29.12
CA VAL C 218 23.92 66.58 28.66
C VAL C 218 25.06 67.46 28.18
N GLN D 1 20.76 -60.08 -10.80
CA GLN D 1 20.96 -59.70 -12.20
C GLN D 1 20.23 -58.40 -12.52
N VAL D 2 19.89 -57.65 -11.46
CA VAL D 2 19.19 -56.38 -11.66
C VAL D 2 20.05 -55.46 -12.51
N GLN D 3 19.46 -54.91 -13.57
CA GLN D 3 20.18 -54.04 -14.49
C GLN D 3 19.17 -53.41 -15.44
N LEU D 4 19.45 -52.16 -15.82
CA LEU D 4 18.67 -51.44 -16.81
C LEU D 4 19.47 -51.38 -18.10
N VAL D 5 19.02 -52.10 -19.12
CA VAL D 5 19.69 -52.16 -20.42
C VAL D 5 18.88 -51.34 -21.41
N GLN D 6 19.51 -50.33 -22.01
CA GLN D 6 18.86 -49.45 -22.96
C GLN D 6 19.23 -49.86 -24.39
N SER D 7 18.76 -49.07 -25.35
CA SER D 7 19.01 -49.32 -26.76
C SER D 7 20.35 -48.71 -27.16
N GLY D 8 20.75 -48.95 -28.42
CA GLY D 8 22.00 -48.44 -28.92
C GLY D 8 21.92 -47.00 -29.37
N ALA D 9 23.08 -46.42 -29.62
CA ALA D 9 23.14 -45.03 -30.07
C ALA D 9 22.45 -44.88 -31.42
N GLU D 10 21.83 -43.72 -31.61
CA GLU D 10 21.10 -43.41 -32.83
C GLU D 10 21.57 -42.07 -33.40
N VAL D 11 21.64 -42.01 -34.72
CA VAL D 11 21.95 -40.77 -35.45
C VAL D 11 20.77 -40.47 -36.35
N LYS D 12 20.16 -39.31 -36.17
CA LYS D 12 18.95 -38.94 -36.89
C LYS D 12 19.11 -37.57 -37.53
N LYS D 13 18.21 -37.28 -38.47
CA LYS D 13 18.14 -36.00 -39.15
C LYS D 13 17.08 -35.13 -38.48
N PRO D 14 17.07 -33.83 -38.77
CA PRO D 14 16.11 -32.94 -38.11
C PRO D 14 14.69 -33.20 -38.60
N GLY D 15 13.76 -33.26 -37.64
CA GLY D 15 12.35 -33.43 -37.92
C GLY D 15 11.84 -34.85 -37.82
N ALA D 16 12.73 -35.84 -37.73
CA ALA D 16 12.31 -37.23 -37.63
C ALA D 16 11.73 -37.49 -36.24
N SER D 17 11.39 -38.76 -35.99
CA SER D 17 10.92 -39.21 -34.70
C SER D 17 11.93 -40.20 -34.12
N VAL D 18 12.16 -40.08 -32.81
CA VAL D 18 13.18 -40.86 -32.12
C VAL D 18 12.50 -41.78 -31.11
N LYS D 19 12.99 -43.00 -31.00
CA LYS D 19 12.53 -43.96 -30.00
C LYS D 19 13.74 -44.54 -29.30
N VAL D 20 13.79 -44.40 -27.97
CA VAL D 20 14.82 -44.99 -27.13
C VAL D 20 14.15 -45.99 -26.21
N SER D 21 14.56 -47.25 -26.30
CA SER D 21 13.94 -48.34 -25.55
C SER D 21 14.75 -48.61 -24.30
N CYS D 22 14.05 -48.70 -23.16
CA CYS D 22 14.66 -49.04 -21.87
C CYS D 22 14.06 -50.36 -21.40
N LYS D 23 14.85 -51.42 -21.43
CA LYS D 23 14.42 -52.74 -20.97
C LYS D 23 15.03 -53.03 -19.61
N ALA D 24 14.20 -53.43 -18.66
CA ALA D 24 14.63 -53.76 -17.30
C ALA D 24 14.39 -55.24 -17.04
N SER D 25 15.39 -55.90 -16.45
CA SER D 25 15.30 -57.31 -16.14
C SER D 25 15.92 -57.57 -14.78
N GLY D 26 15.28 -58.44 -14.01
CA GLY D 26 15.77 -58.83 -12.69
C GLY D 26 14.86 -58.42 -11.55
N TYR D 27 14.01 -57.41 -11.73
CA TYR D 27 13.11 -56.95 -10.69
C TYR D 27 11.69 -56.90 -11.24
N THR D 28 10.73 -56.87 -10.32
CA THR D 28 9.31 -56.79 -10.70
C THR D 28 9.07 -55.53 -11.52
N PHE D 29 8.65 -55.70 -12.77
CA PHE D 29 8.54 -54.56 -13.67
C PHE D 29 7.38 -53.65 -13.29
N THR D 30 6.24 -54.23 -12.90
CA THR D 30 5.03 -53.44 -12.69
C THR D 30 5.06 -52.63 -11.39
N GLY D 31 5.94 -52.98 -10.45
CA GLY D 31 5.90 -52.39 -9.14
C GLY D 31 6.71 -51.13 -8.93
N TYR D 32 7.46 -50.66 -9.93
CA TYR D 32 8.34 -49.52 -9.76
C TYR D 32 8.17 -48.55 -10.92
N TYR D 33 8.24 -47.26 -10.62
CA TYR D 33 8.15 -46.24 -11.65
C TYR D 33 9.36 -46.28 -12.57
N MET D 34 9.17 -45.74 -13.77
CA MET D 34 10.24 -45.64 -14.77
C MET D 34 10.33 -44.19 -15.21
N ASN D 35 11.52 -43.59 -15.05
CA ASN D 35 11.74 -42.19 -15.35
C ASN D 35 12.74 -42.05 -16.49
N TRP D 36 12.57 -40.98 -17.28
CA TRP D 36 13.46 -40.67 -18.39
C TRP D 36 14.12 -39.33 -18.12
N VAL D 37 15.46 -39.31 -18.20
CA VAL D 37 16.26 -38.12 -17.97
C VAL D 37 17.22 -37.95 -19.13
N ARG D 38 17.49 -36.70 -19.49
CA ARG D 38 18.41 -36.38 -20.57
C ARG D 38 19.47 -35.40 -20.08
N GLN D 39 20.66 -35.50 -20.67
CA GLN D 39 21.75 -34.57 -20.39
C GLN D 39 22.39 -34.18 -21.71
N ALA D 40 22.29 -32.90 -22.06
CA ALA D 40 22.96 -32.39 -23.24
C ALA D 40 24.48 -32.50 -23.05
N PRO D 41 25.24 -32.51 -24.14
CA PRO D 41 26.70 -32.70 -24.00
C PRO D 41 27.38 -31.51 -23.36
N GLY D 42 27.74 -31.64 -22.08
CA GLY D 42 28.38 -30.56 -21.36
C GLY D 42 27.45 -29.61 -20.67
N GLN D 43 26.23 -30.04 -20.37
CA GLN D 43 25.24 -29.21 -19.67
C GLN D 43 24.67 -29.99 -18.50
N GLY D 44 23.73 -29.36 -17.79
CA GLY D 44 23.11 -29.98 -16.64
C GLY D 44 22.06 -31.01 -17.02
N LEU D 45 21.53 -31.66 -15.99
CA LEU D 45 20.52 -32.69 -16.19
C LEU D 45 19.15 -32.05 -16.39
N GLU D 46 18.27 -32.78 -17.07
CA GLU D 46 16.91 -32.32 -17.32
C GLU D 46 15.98 -33.52 -17.32
N TRP D 47 14.92 -33.43 -16.51
CA TRP D 47 13.94 -34.52 -16.39
C TRP D 47 12.84 -34.32 -17.42
N MET D 48 12.49 -35.40 -18.12
CA MET D 48 11.48 -35.35 -19.19
C MET D 48 10.12 -35.86 -18.72
N GLY D 49 10.05 -37.13 -18.34
CA GLY D 49 8.77 -37.70 -17.94
C GLY D 49 8.99 -39.06 -17.29
N TRP D 50 7.89 -39.64 -16.83
CA TRP D 50 7.91 -41.00 -16.30
C TRP D 50 6.62 -41.72 -16.70
N ILE D 51 6.68 -43.05 -16.64
CA ILE D 51 5.57 -43.91 -16.98
C ILE D 51 5.31 -44.87 -15.82
N ASN D 52 4.04 -45.19 -15.59
CA ASN D 52 3.63 -46.13 -14.55
C ASN D 52 3.42 -47.49 -15.19
N PRO D 53 4.34 -48.45 -15.05
CA PRO D 53 4.23 -49.68 -15.84
C PRO D 53 3.03 -50.53 -15.49
N ASN D 54 2.61 -50.56 -14.23
CA ASN D 54 1.47 -51.39 -13.85
C ASN D 54 0.19 -50.90 -14.52
N SER D 55 -0.15 -49.63 -14.32
CA SER D 55 -1.42 -49.08 -14.78
C SER D 55 -1.30 -48.38 -16.13
N GLY D 56 -0.25 -47.59 -16.34
CA GLY D 56 0.06 -47.05 -17.65
C GLY D 56 -0.08 -45.55 -17.79
N ASP D 57 -0.59 -44.85 -16.78
CA ASP D 57 -0.75 -43.41 -16.90
C ASP D 57 0.62 -42.73 -16.95
N THR D 58 0.76 -41.77 -17.86
CA THR D 58 2.05 -41.14 -18.17
C THR D 58 2.07 -39.70 -17.68
N ASN D 59 3.29 -39.18 -17.53
CA ASN D 59 3.50 -37.78 -17.16
C ASN D 59 4.80 -37.30 -17.80
N TYR D 60 4.78 -36.05 -18.26
CA TYR D 60 5.96 -35.43 -18.86
C TYR D 60 5.87 -33.92 -18.66
N ALA D 61 7.04 -33.27 -18.69
CA ALA D 61 7.15 -31.88 -18.30
C ALA D 61 6.61 -30.95 -19.38
N GLN D 62 6.58 -29.65 -19.07
CA GLN D 62 6.05 -28.66 -20.00
C GLN D 62 6.81 -28.65 -21.31
N LYS D 63 8.14 -28.57 -21.26
CA LYS D 63 8.94 -28.38 -22.46
C LYS D 63 8.74 -29.47 -23.50
N PHE D 64 8.09 -30.59 -23.15
CA PHE D 64 7.89 -31.69 -24.08
C PHE D 64 6.43 -32.05 -24.29
N GLN D 65 5.50 -31.25 -23.76
CA GLN D 65 4.09 -31.60 -23.85
C GLN D 65 3.63 -31.60 -25.30
N GLY D 66 2.96 -32.68 -25.70
CA GLY D 66 2.33 -32.79 -27.00
C GLY D 66 3.14 -33.54 -28.04
N ARG D 67 4.47 -33.60 -27.89
CA ARG D 67 5.32 -34.22 -28.90
C ARG D 67 6.12 -35.41 -28.35
N VAL D 68 5.91 -35.79 -27.10
CA VAL D 68 6.56 -36.96 -26.52
C VAL D 68 5.47 -37.95 -26.10
N THR D 69 5.60 -39.20 -26.57
CA THR D 69 4.66 -40.25 -26.25
C THR D 69 5.44 -41.43 -25.67
N MET D 70 5.05 -41.88 -24.48
CA MET D 70 5.72 -42.96 -23.79
C MET D 70 4.81 -44.17 -23.71
N THR D 71 5.39 -45.35 -23.98
CA THR D 71 4.65 -46.60 -23.93
C THR D 71 5.52 -47.65 -23.26
N ARG D 72 4.87 -48.72 -22.79
CA ARG D 72 5.58 -49.83 -22.16
C ARG D 72 5.00 -51.15 -22.66
N ASP D 73 5.77 -52.21 -22.47
CA ASP D 73 5.38 -53.56 -22.89
C ASP D 73 5.65 -54.50 -21.71
N THR D 74 4.57 -54.90 -21.02
CA THR D 74 4.75 -55.76 -19.85
C THR D 74 5.20 -57.16 -20.24
N SER D 75 4.82 -57.64 -21.43
CA SER D 75 5.20 -58.98 -21.84
C SER D 75 6.72 -59.14 -21.85
N SER D 76 7.43 -58.15 -22.37
CA SER D 76 8.89 -58.17 -22.43
C SER D 76 9.54 -57.35 -21.33
N SER D 77 8.76 -56.76 -20.44
CA SER D 77 9.28 -55.92 -19.37
C SER D 77 10.17 -54.81 -19.93
N THR D 78 9.56 -53.96 -20.75
CA THR D 78 10.26 -52.91 -21.47
C THR D 78 9.46 -51.62 -21.40
N ALA D 79 10.16 -50.50 -21.47
CA ALA D 79 9.57 -49.17 -21.42
C ALA D 79 10.17 -48.32 -22.53
N TYR D 80 9.33 -47.91 -23.49
CA TYR D 80 9.77 -47.14 -24.63
C TYR D 80 9.41 -45.67 -24.46
N MET D 81 10.21 -44.81 -25.09
CA MET D 81 9.97 -43.37 -25.07
C MET D 81 10.16 -42.82 -26.48
N GLU D 82 9.16 -42.09 -26.96
CA GLU D 82 9.17 -41.54 -28.32
C GLU D 82 9.13 -40.03 -28.24
N LEU D 83 9.98 -39.37 -29.04
CA LEU D 83 10.04 -37.91 -29.10
C LEU D 83 9.85 -37.49 -30.55
N ASN D 84 8.72 -36.84 -30.83
CA ASN D 84 8.40 -36.37 -32.17
C ASN D 84 8.89 -34.94 -32.38
N ARG D 85 8.86 -34.51 -33.63
CA ARG D 85 9.27 -33.15 -34.01
C ARG D 85 10.64 -32.82 -33.42
N VAL D 86 11.60 -33.73 -33.64
CA VAL D 86 12.93 -33.55 -33.05
C VAL D 86 13.67 -32.43 -33.76
N ARG D 87 14.55 -31.77 -33.01
CA ARG D 87 15.41 -30.72 -33.56
C ARG D 87 16.81 -30.88 -32.97
N SER D 88 17.76 -30.12 -33.51
CA SER D 88 19.14 -30.24 -33.07
C SER D 88 19.30 -29.95 -31.58
N ASP D 89 18.46 -29.07 -31.04
CA ASP D 89 18.57 -28.74 -29.61
C ASP D 89 18.34 -29.97 -28.73
N ASP D 90 17.57 -30.95 -29.23
CA ASP D 90 17.29 -32.15 -28.45
C ASP D 90 18.47 -33.12 -28.40
N THR D 91 19.51 -32.89 -29.18
CA THR D 91 20.70 -33.73 -29.12
C THR D 91 21.24 -33.79 -27.70
N ALA D 92 21.21 -34.98 -27.12
CA ALA D 92 21.61 -35.15 -25.72
C ALA D 92 21.71 -36.65 -25.42
N VAL D 93 22.22 -36.95 -24.23
CA VAL D 93 22.32 -38.32 -23.75
C VAL D 93 21.07 -38.63 -22.93
N TYR D 94 20.27 -39.57 -23.40
CA TYR D 94 19.03 -39.93 -22.75
C TYR D 94 19.26 -41.12 -21.82
N TYR D 95 19.09 -40.89 -20.52
CA TYR D 95 19.25 -41.91 -19.51
C TYR D 95 17.91 -42.48 -19.09
N CYS D 96 17.94 -43.67 -18.49
CA CYS D 96 16.76 -44.36 -17.99
C CYS D 96 16.96 -44.60 -16.50
N ALA D 97 16.05 -44.05 -15.69
CA ALA D 97 16.15 -44.15 -14.24
C ALA D 97 14.90 -44.82 -13.67
N ARG D 98 15.03 -45.30 -12.44
CA ARG D 98 13.95 -45.99 -11.74
C ARG D 98 13.75 -45.36 -10.37
N TRP D 99 12.49 -45.17 -9.99
CA TRP D 99 12.15 -44.64 -8.67
C TRP D 99 11.25 -45.65 -7.96
N ASP D 100 11.74 -46.20 -6.85
CA ASP D 100 10.92 -47.05 -5.99
C ASP D 100 9.99 -46.16 -5.18
N TRP D 101 8.69 -46.37 -5.34
CA TRP D 101 7.72 -45.47 -4.75
C TRP D 101 7.90 -45.38 -3.24
N GLY D 102 7.74 -44.17 -2.71
CA GLY D 102 7.90 -43.94 -1.29
C GLY D 102 7.91 -42.45 -1.00
N GLN D 103 8.15 -42.14 0.28
CA GLN D 103 8.23 -40.74 0.69
C GLN D 103 9.26 -39.99 -0.13
N TYR D 104 10.53 -40.37 0.01
CA TYR D 104 11.63 -39.61 -0.56
C TYR D 104 11.75 -39.86 -2.05
N TRP D 105 12.13 -38.83 -2.78
CA TRP D 105 12.31 -38.90 -4.23
C TRP D 105 13.78 -39.16 -4.53
N PHE D 106 14.06 -40.27 -5.20
CA PHE D 106 15.43 -40.66 -5.49
C PHE D 106 15.45 -41.63 -6.66
N PHE D 107 16.50 -41.54 -7.47
CA PHE D 107 16.70 -42.43 -8.61
C PHE D 107 17.70 -43.50 -8.20
N ASP D 108 17.20 -44.69 -7.87
CA ASP D 108 18.06 -45.75 -7.37
C ASP D 108 18.89 -46.35 -8.50
N LEU D 109 18.24 -46.76 -9.59
CA LEU D 109 18.89 -47.41 -10.70
C LEU D 109 19.01 -46.45 -11.88
N TRP D 110 20.12 -46.55 -12.60
CA TRP D 110 20.38 -45.72 -13.77
C TRP D 110 20.81 -46.60 -14.94
N GLY D 111 20.26 -46.32 -16.12
CA GLY D 111 20.75 -46.96 -17.32
C GLY D 111 22.05 -46.37 -17.79
N ARG D 112 22.87 -47.20 -18.45
CA ARG D 112 24.18 -46.76 -18.87
C ARG D 112 24.10 -45.55 -19.80
N GLY D 113 22.98 -45.38 -20.49
CA GLY D 113 22.75 -44.17 -21.27
C GLY D 113 22.64 -44.40 -22.76
N THR D 114 21.76 -43.66 -23.41
CA THR D 114 21.59 -43.69 -24.86
C THR D 114 21.96 -42.33 -25.42
N LEU D 115 22.76 -42.32 -26.48
CA LEU D 115 23.25 -41.09 -27.09
C LEU D 115 22.53 -40.87 -28.42
N VAL D 116 21.63 -39.89 -28.46
CA VAL D 116 20.92 -39.52 -29.67
C VAL D 116 21.54 -38.23 -30.20
N THR D 117 21.90 -38.23 -31.48
CA THR D 117 22.51 -37.08 -32.14
C THR D 117 21.61 -36.62 -33.27
N VAL D 118 21.34 -35.32 -33.30
CA VAL D 118 20.48 -34.71 -34.30
C VAL D 118 21.27 -33.63 -35.03
N SER D 119 21.26 -33.69 -36.36
CA SER D 119 21.93 -32.69 -37.19
C SER D 119 21.58 -33.00 -38.65
N SER D 120 22.10 -32.18 -39.55
CA SER D 120 21.71 -32.26 -40.96
C SER D 120 22.53 -33.31 -41.70
N ALA D 121 23.86 -33.19 -41.68
CA ALA D 121 24.71 -34.04 -42.50
C ALA D 121 24.51 -35.51 -42.16
N SER D 122 24.95 -36.37 -43.07
CA SER D 122 24.87 -37.81 -42.90
C SER D 122 26.13 -38.34 -42.23
N THR D 123 26.19 -39.66 -42.04
CA THR D 123 27.34 -40.29 -41.41
C THR D 123 28.55 -40.21 -42.34
N LYS D 124 29.64 -39.64 -41.86
CA LYS D 124 30.86 -39.49 -42.64
C LYS D 124 32.06 -39.83 -41.76
N GLY D 125 33.10 -40.38 -42.39
CA GLY D 125 34.30 -40.76 -41.68
C GLY D 125 35.25 -39.59 -41.52
N PRO D 126 36.24 -39.77 -40.64
CA PRO D 126 37.20 -38.70 -40.36
C PRO D 126 38.36 -38.65 -41.34
N SER D 127 38.91 -37.45 -41.50
CA SER D 127 40.09 -37.20 -42.29
C SER D 127 41.18 -36.68 -41.38
N VAL D 128 42.29 -37.40 -41.30
CA VAL D 128 43.38 -37.10 -40.36
C VAL D 128 44.43 -36.25 -41.07
N PHE D 129 45.03 -35.33 -40.32
CA PHE D 129 46.11 -34.49 -40.82
C PHE D 129 47.24 -34.49 -39.80
N PRO D 130 48.49 -34.62 -40.24
CA PRO D 130 49.59 -34.72 -39.28
C PRO D 130 50.08 -33.36 -38.83
N LEU D 131 50.58 -33.32 -37.59
CA LEU D 131 51.23 -32.14 -37.05
C LEU D 131 52.67 -32.51 -36.69
N ALA D 132 53.62 -31.81 -37.30
CA ALA D 132 55.02 -32.14 -37.13
C ALA D 132 55.58 -31.52 -35.86
N PRO D 133 56.67 -32.08 -35.31
CA PRO D 133 57.34 -31.52 -34.14
C PRO D 133 57.65 -30.03 -34.29
N THR D 142 62.03 -30.59 -24.92
CA THR D 142 60.98 -31.50 -25.33
C THR D 142 59.93 -30.80 -26.18
N ALA D 143 59.68 -31.32 -27.37
CA ALA D 143 58.72 -30.75 -28.30
C ALA D 143 57.40 -31.50 -28.19
N ALA D 144 56.44 -31.10 -29.03
CA ALA D 144 55.11 -31.70 -29.04
C ALA D 144 54.68 -31.98 -30.48
N LEU D 145 53.90 -33.04 -30.65
CA LEU D 145 53.39 -33.42 -31.95
C LEU D 145 52.04 -34.11 -31.78
N GLY D 146 51.21 -34.04 -32.81
CA GLY D 146 49.89 -34.63 -32.72
C GLY D 146 49.27 -34.80 -34.10
N CYS D 147 47.99 -35.16 -34.08
CA CYS D 147 47.20 -35.31 -35.31
C CYS D 147 45.92 -34.51 -35.18
N LEU D 148 45.29 -34.26 -36.32
CA LEU D 148 44.07 -33.46 -36.41
C LEU D 148 42.99 -34.31 -37.09
N VAL D 149 42.05 -34.82 -36.29
CA VAL D 149 40.90 -35.55 -36.82
C VAL D 149 39.80 -34.52 -37.06
N LYS D 150 39.58 -34.18 -38.33
CA LYS D 150 38.72 -33.07 -38.70
C LYS D 150 37.69 -33.52 -39.73
N ASP D 151 36.50 -32.92 -39.64
CA ASP D 151 35.45 -33.13 -40.64
C ASP D 151 34.86 -34.54 -40.56
N TYR D 152 34.42 -34.92 -39.38
CA TYR D 152 33.70 -36.17 -39.16
C TYR D 152 32.43 -35.87 -38.39
N PHE D 153 31.30 -36.37 -38.87
CA PHE D 153 30.03 -36.02 -38.25
C PHE D 153 29.73 -36.85 -37.00
N PRO D 154 29.58 -38.17 -37.12
CA PRO D 154 29.18 -38.96 -35.95
C PRO D 154 30.19 -38.80 -34.81
N GLU D 155 29.67 -38.67 -33.59
CA GLU D 155 30.46 -38.23 -32.46
C GLU D 155 31.39 -39.32 -31.93
N PRO D 156 30.89 -40.52 -31.59
CA PRO D 156 31.76 -41.52 -30.95
C PRO D 156 33.05 -41.77 -31.70
N VAL D 157 34.18 -41.41 -31.08
CA VAL D 157 35.50 -41.57 -31.68
C VAL D 157 36.51 -41.79 -30.58
N THR D 158 37.52 -42.62 -30.88
CA THR D 158 38.63 -42.88 -29.97
C THR D 158 39.93 -42.77 -30.74
N VAL D 159 40.93 -42.17 -30.10
CA VAL D 159 42.25 -41.97 -30.69
C VAL D 159 43.30 -42.55 -29.76
N SER D 160 44.25 -43.30 -30.34
CA SER D 160 45.32 -43.92 -29.59
C SER D 160 46.66 -43.59 -30.24
N TRP D 161 47.74 -43.87 -29.51
CA TRP D 161 49.09 -43.59 -29.95
C TRP D 161 49.91 -44.87 -29.92
N ASN D 162 50.49 -45.24 -31.06
CA ASN D 162 51.40 -46.38 -31.15
C ASN D 162 50.79 -47.64 -30.55
N SER D 163 49.49 -47.84 -30.79
CA SER D 163 48.78 -49.03 -30.33
C SER D 163 48.84 -49.16 -28.81
N GLY D 164 48.71 -48.03 -28.12
CA GLY D 164 48.67 -48.04 -26.68
C GLY D 164 50.02 -48.09 -25.98
N ALA D 165 51.12 -48.01 -26.72
CA ALA D 165 52.43 -48.04 -26.08
C ALA D 165 52.71 -46.73 -25.36
N LEU D 166 52.48 -45.60 -26.02
CA LEU D 166 52.69 -44.29 -25.42
C LEU D 166 51.40 -43.83 -24.74
N THR D 167 51.52 -43.43 -23.48
CA THR D 167 50.36 -43.00 -22.70
C THR D 167 50.68 -41.76 -21.88
N SER D 168 51.82 -41.77 -21.19
CA SER D 168 52.20 -40.63 -20.35
C SER D 168 52.38 -39.38 -21.20
N GLY D 169 51.82 -38.27 -20.72
CA GLY D 169 51.93 -37.00 -21.40
C GLY D 169 50.98 -36.81 -22.56
N VAL D 170 50.15 -37.79 -22.87
CA VAL D 170 49.20 -37.68 -23.99
C VAL D 170 48.00 -36.87 -23.53
N HIS D 171 47.49 -36.02 -24.43
CA HIS D 171 46.34 -35.17 -24.14
C HIS D 171 45.45 -35.12 -25.39
N THR D 172 44.30 -35.78 -25.31
CA THR D 172 43.32 -35.76 -26.39
C THR D 172 42.23 -34.76 -26.02
N PHE D 173 42.07 -33.73 -26.84
CA PHE D 173 41.15 -32.66 -26.50
C PHE D 173 39.73 -33.02 -26.94
N PRO D 174 38.71 -32.61 -26.17
CA PRO D 174 37.33 -32.85 -26.61
C PRO D 174 37.07 -32.19 -27.96
N ALA D 175 36.26 -32.87 -28.78
CA ALA D 175 35.95 -32.36 -30.10
C ALA D 175 35.10 -31.10 -30.01
N VAL D 176 35.20 -30.27 -31.04
CA VAL D 176 34.44 -29.02 -31.14
C VAL D 176 33.63 -29.06 -32.42
N LEU D 177 32.34 -28.75 -32.32
CA LEU D 177 31.47 -28.76 -33.48
C LEU D 177 31.76 -27.57 -34.38
N GLN D 178 32.06 -27.84 -35.64
CA GLN D 178 32.39 -26.78 -36.59
C GLN D 178 31.11 -26.14 -37.14
N SER D 179 31.29 -25.01 -37.82
CA SER D 179 30.15 -24.31 -38.41
C SER D 179 29.47 -25.16 -39.49
N SER D 180 30.24 -25.99 -40.19
CA SER D 180 29.68 -26.84 -41.23
C SER D 180 28.89 -28.02 -40.67
N GLY D 181 28.97 -28.28 -39.37
CA GLY D 181 28.25 -29.36 -38.74
C GLY D 181 29.09 -30.58 -38.42
N LEU D 182 30.30 -30.67 -38.94
CA LEU D 182 31.18 -31.80 -38.67
C LEU D 182 32.12 -31.45 -37.53
N TYR D 183 32.25 -32.39 -36.58
CA TYR D 183 33.11 -32.16 -35.43
C TYR D 183 34.58 -32.22 -35.85
N SER D 184 35.45 -31.76 -34.95
CA SER D 184 36.89 -31.77 -35.19
C SER D 184 37.60 -31.70 -33.85
N LEU D 185 38.59 -32.59 -33.66
CA LEU D 185 39.37 -32.63 -32.43
C LEU D 185 40.84 -32.74 -32.78
N SER D 186 41.68 -32.68 -31.75
CA SER D 186 43.13 -32.77 -31.91
C SER D 186 43.70 -33.59 -30.75
N SER D 187 44.69 -34.42 -31.06
CA SER D 187 45.36 -35.26 -30.07
C SER D 187 46.85 -35.02 -30.18
N VAL D 188 47.44 -34.46 -29.12
CA VAL D 188 48.86 -34.13 -29.09
C VAL D 188 49.54 -34.94 -27.99
N VAL D 189 50.86 -34.95 -28.02
CA VAL D 189 51.66 -35.67 -27.04
C VAL D 189 53.03 -35.00 -26.96
N THR D 190 53.61 -35.02 -25.76
CA THR D 190 54.92 -34.43 -25.51
C THR D 190 55.97 -35.53 -25.51
N VAL D 191 57.03 -35.33 -26.29
CA VAL D 191 58.11 -36.31 -26.39
C VAL D 191 59.44 -35.58 -26.51
N PRO D 192 60.51 -36.07 -25.90
CA PRO D 192 61.81 -35.40 -26.02
C PRO D 192 62.34 -35.49 -27.45
N SER D 193 63.35 -34.66 -27.72
CA SER D 193 63.93 -34.61 -29.06
C SER D 193 64.61 -35.92 -29.42
N SER D 194 65.19 -36.61 -28.44
CA SER D 194 65.89 -37.86 -28.72
C SER D 194 64.94 -38.91 -29.28
N SER D 195 63.76 -39.04 -28.68
CA SER D 195 62.81 -40.05 -29.14
C SER D 195 62.25 -39.73 -30.52
N LEU D 196 62.12 -38.43 -30.84
CA LEU D 196 61.57 -38.05 -32.14
C LEU D 196 62.46 -38.51 -33.28
N GLY D 197 63.77 -38.63 -33.04
CA GLY D 197 64.70 -39.04 -34.07
C GLY D 197 64.85 -40.54 -34.19
N THR D 198 64.86 -41.24 -33.05
CA THR D 198 65.05 -42.68 -33.03
C THR D 198 63.76 -43.46 -32.86
N GLN D 199 62.72 -42.86 -32.29
CA GLN D 199 61.45 -43.53 -32.05
C GLN D 199 60.39 -42.96 -32.98
N THR D 200 59.64 -43.85 -33.63
CA THR D 200 58.58 -43.46 -34.54
C THR D 200 57.28 -43.22 -33.76
N TYR D 201 56.38 -42.46 -34.39
CA TYR D 201 55.11 -42.12 -33.80
C TYR D 201 54.01 -42.29 -34.84
N ILE D 202 52.86 -42.79 -34.41
CA ILE D 202 51.73 -43.05 -35.31
C ILE D 202 50.44 -42.79 -34.56
N CYS D 203 49.45 -42.26 -35.27
CA CYS D 203 48.14 -41.96 -34.70
C CYS D 203 47.17 -43.08 -35.08
N ASN D 204 46.55 -43.68 -34.06
CA ASN D 204 45.56 -44.73 -34.26
C ASN D 204 44.17 -44.11 -34.07
N VAL D 205 43.46 -43.92 -35.18
CA VAL D 205 42.15 -43.28 -35.17
C VAL D 205 41.12 -44.36 -35.45
N ASN D 206 40.45 -44.81 -34.40
CA ASN D 206 39.42 -45.85 -34.50
C ASN D 206 38.06 -45.20 -34.59
N HIS D 207 37.38 -45.39 -35.72
CA HIS D 207 36.05 -44.85 -35.96
C HIS D 207 35.05 -46.00 -35.97
N LYS D 208 34.21 -46.06 -34.95
CA LYS D 208 33.25 -47.16 -34.80
C LYS D 208 32.04 -46.96 -35.70
N PRO D 209 31.39 -45.78 -35.68
CA PRO D 209 30.17 -45.61 -36.49
C PRO D 209 30.33 -46.01 -37.94
N SER D 210 31.41 -45.60 -38.60
CA SER D 210 31.61 -45.89 -40.02
C SER D 210 32.58 -47.04 -40.26
N ASN D 211 33.09 -47.67 -39.21
CA ASN D 211 34.06 -48.76 -39.34
C ASN D 211 35.27 -48.30 -40.17
N THR D 212 35.84 -47.17 -39.76
CA THR D 212 36.97 -46.56 -40.47
C THR D 212 38.14 -46.43 -39.48
N LYS D 213 39.11 -47.32 -39.60
CA LYS D 213 40.31 -47.28 -38.78
C LYS D 213 41.47 -46.75 -39.63
N VAL D 214 42.18 -45.76 -39.10
CA VAL D 214 43.27 -45.10 -39.81
C VAL D 214 44.52 -45.15 -38.96
N ASP D 215 45.67 -45.34 -39.59
CA ASP D 215 46.97 -45.36 -38.93
C ASP D 215 47.91 -44.46 -39.72
N LYS D 216 48.09 -43.24 -39.25
CA LYS D 216 48.94 -42.25 -39.92
C LYS D 216 50.25 -42.08 -39.17
N ARG D 217 51.27 -41.64 -39.90
CA ARG D 217 52.59 -41.43 -39.33
C ARG D 217 52.90 -39.93 -39.25
N GLU E 1 -4.33 22.37 12.60
CA GLU E 1 -5.29 23.25 11.88
C GLU E 1 -4.56 23.98 10.76
N ILE E 2 -5.33 24.60 9.85
CA ILE E 2 -4.75 25.29 8.71
C ILE E 2 -3.70 26.29 9.18
N VAL E 3 -2.62 26.40 8.42
CA VAL E 3 -1.51 27.31 8.71
C VAL E 3 -1.18 28.05 7.43
N LEU E 4 -1.17 29.39 7.51
CA LEU E 4 -0.78 30.24 6.39
C LEU E 4 0.71 30.55 6.52
N THR E 5 1.49 30.25 5.48
CA THR E 5 2.92 30.48 5.46
C THR E 5 3.25 31.46 4.34
N GLN E 6 3.90 32.56 4.69
CA GLN E 6 4.28 33.58 3.72
C GLN E 6 5.77 33.47 3.39
N SER E 7 6.10 33.82 2.16
CA SER E 7 7.48 33.81 1.68
C SER E 7 7.67 34.99 0.73
N PRO E 8 8.88 35.58 0.70
CA PRO E 8 10.05 35.23 1.51
C PRO E 8 9.97 35.77 2.93
N GLY E 9 10.98 35.47 3.75
CA GLY E 9 11.00 36.00 5.10
C GLY E 9 11.31 37.48 5.14
N THR E 10 12.30 37.92 4.35
CA THR E 10 12.66 39.33 4.25
C THR E 10 12.90 39.66 2.78
N LEU E 11 12.08 40.54 2.23
CA LEU E 11 12.17 40.94 0.83
C LEU E 11 12.77 42.34 0.76
N SER E 12 13.77 42.50 -0.11
CA SER E 12 14.46 43.78 -0.30
C SER E 12 14.40 44.16 -1.77
N LEU E 13 13.84 45.34 -2.05
CA LEU E 13 13.72 45.82 -3.41
C LEU E 13 13.79 47.34 -3.41
N SER E 14 13.96 47.91 -4.60
CA SER E 14 14.03 49.34 -4.79
C SER E 14 12.76 49.88 -5.42
N PRO E 15 12.50 51.18 -5.32
CA PRO E 15 11.30 51.74 -5.95
C PRO E 15 11.24 51.43 -7.44
N GLY E 16 10.03 51.12 -7.92
CA GLY E 16 9.80 50.87 -9.32
C GLY E 16 9.86 49.41 -9.74
N GLU E 17 10.38 48.53 -8.89
CA GLU E 17 10.50 47.11 -9.23
C GLU E 17 9.27 46.35 -8.77
N ARG E 18 8.93 45.29 -9.51
CA ARG E 18 7.79 44.45 -9.18
C ARG E 18 8.14 43.55 -8.00
N ALA E 19 7.24 43.52 -7.01
CA ALA E 19 7.39 42.67 -5.84
C ALA E 19 6.28 41.62 -5.82
N THR E 20 6.66 40.37 -5.58
CA THR E 20 5.73 39.25 -5.60
C THR E 20 5.80 38.56 -4.23
N LEU E 21 4.73 38.69 -3.46
CA LEU E 21 4.61 38.05 -2.15
C LEU E 21 3.82 36.75 -2.30
N SER E 22 4.35 35.66 -1.76
CA SER E 22 3.72 34.35 -1.83
C SER E 22 3.10 34.00 -0.49
N CYS E 23 1.89 33.43 -0.53
CA CYS E 23 1.15 33.04 0.68
C CYS E 23 0.55 31.67 0.41
N ARG E 24 1.18 30.63 0.92
CA ARG E 24 0.73 29.25 0.71
C ARG E 24 0.02 28.74 1.96
N ALA E 25 -1.05 27.99 1.74
CA ALA E 25 -1.78 27.32 2.81
C ALA E 25 -1.59 25.82 2.69
N SER E 26 -1.47 25.14 3.84
CA SER E 26 -1.28 23.70 3.83
C SER E 26 -2.44 23.02 3.10
N GLN E 27 -3.68 23.35 3.47
CA GLN E 27 -4.87 22.83 2.81
C GLN E 27 -5.43 23.88 1.87
N SER E 28 -5.97 23.42 0.74
CA SER E 28 -6.58 24.32 -0.24
C SER E 28 -7.93 24.77 0.31
N VAL E 29 -7.96 25.96 0.90
CA VAL E 29 -9.19 26.51 1.46
C VAL E 29 -9.99 27.17 0.35
N ARG E 30 -11.25 27.50 0.62
CA ARG E 30 -12.08 28.14 -0.37
C ARG E 30 -11.46 29.47 -0.80
N SER E 31 -11.61 29.81 -2.07
CA SER E 31 -10.83 30.84 -2.72
C SER E 31 -11.37 32.25 -2.52
N SER E 32 -12.50 32.41 -1.83
CA SER E 32 -13.14 33.71 -1.69
C SER E 32 -13.10 34.26 -0.27
N TYR E 33 -12.23 33.70 0.58
CA TYR E 33 -12.14 34.14 1.97
C TYR E 33 -10.76 34.67 2.34
N LEU E 34 -9.88 34.89 1.36
CA LEU E 34 -8.52 35.32 1.63
C LEU E 34 -8.38 36.81 1.38
N ALA E 35 -7.63 37.48 2.25
CA ALA E 35 -7.40 38.92 2.15
C ALA E 35 -5.96 39.22 2.52
N TRP E 36 -5.52 40.42 2.12
CA TRP E 36 -4.16 40.90 2.40
C TRP E 36 -4.24 42.25 3.09
N TYR E 37 -3.44 42.42 4.13
CA TYR E 37 -3.34 43.67 4.86
C TYR E 37 -1.89 44.14 4.88
N GLN E 38 -1.71 45.46 4.97
CA GLN E 38 -0.40 46.07 5.18
C GLN E 38 -0.44 46.92 6.43
N GLN E 39 0.63 46.87 7.22
CA GLN E 39 0.72 47.61 8.47
C GLN E 39 2.01 48.42 8.46
N LYS E 40 1.89 49.73 8.32
CA LYS E 40 3.03 50.60 8.51
C LYS E 40 3.51 50.47 9.96
N PRO E 41 4.82 50.31 10.19
CA PRO E 41 5.30 50.22 11.58
C PRO E 41 4.78 51.35 12.45
N GLY E 42 3.90 51.02 13.40
CA GLY E 42 3.32 52.00 14.28
C GLY E 42 1.93 52.49 13.90
N GLN E 43 1.23 51.77 13.03
CA GLN E 43 -0.12 52.14 12.62
C GLN E 43 -0.99 50.90 12.62
N VAL E 44 -2.29 51.11 12.37
CA VAL E 44 -3.26 50.02 12.31
C VAL E 44 -3.15 49.35 10.95
N PRO E 45 -3.33 48.02 10.85
CA PRO E 45 -3.27 47.37 9.54
C PRO E 45 -4.31 47.96 8.59
N ARG E 46 -3.89 48.21 7.36
CA ARG E 46 -4.77 48.71 6.31
C ARG E 46 -5.18 47.55 5.41
N LEU E 47 -6.47 47.47 5.12
CA LEU E 47 -7.01 46.42 4.26
C LEU E 47 -6.58 46.68 2.82
N LEU E 48 -5.63 45.90 2.32
CA LEU E 48 -5.21 46.03 0.93
C LEU E 48 -6.18 45.34 -0.02
N ILE E 49 -6.25 44.02 0.07
CA ILE E 49 -7.02 43.21 -0.88
C ILE E 49 -7.93 42.28 -0.10
N TYR E 50 -9.13 42.06 -0.63
CA TYR E 50 -10.07 41.09 -0.09
C TYR E 50 -10.58 40.22 -1.22
N GLY E 51 -11.09 39.05 -0.86
CA GLY E 51 -11.60 38.13 -1.87
C GLY E 51 -10.55 37.64 -2.83
N ALA E 52 -9.35 37.32 -2.33
CA ALA E 52 -8.27 36.78 -3.14
C ALA E 52 -7.80 37.77 -4.20
N SER E 53 -8.66 38.07 -5.18
CA SER E 53 -8.30 38.93 -6.30
C SER E 53 -9.39 40.00 -6.47
N SER E 54 -9.46 40.93 -5.51
CA SER E 54 -10.41 42.04 -5.58
C SER E 54 -9.88 43.18 -4.74
N ARG E 55 -9.68 44.33 -5.35
CA ARG E 55 -9.16 45.49 -4.63
C ARG E 55 -10.23 46.06 -3.69
N ALA E 56 -9.81 46.42 -2.49
CA ALA E 56 -10.72 47.04 -1.54
C ALA E 56 -11.02 48.48 -1.95
N THR E 57 -11.92 49.12 -1.22
CA THR E 57 -12.31 50.48 -1.53
C THR E 57 -11.19 51.45 -1.19
N GLY E 58 -10.72 52.20 -2.18
CA GLY E 58 -9.69 53.20 -1.97
C GLY E 58 -8.27 52.72 -2.16
N ILE E 59 -8.07 51.55 -2.75
CA ILE E 59 -6.73 51.01 -2.96
C ILE E 59 -6.19 51.51 -4.29
N PRO E 60 -4.94 51.96 -4.36
CA PRO E 60 -4.41 52.41 -5.66
C PRO E 60 -4.36 51.27 -6.66
N ASP E 61 -4.13 51.64 -7.93
CA ASP E 61 -4.29 50.68 -9.01
C ASP E 61 -3.20 49.61 -9.02
N ARG E 62 -2.02 49.91 -8.47
CA ARG E 62 -0.89 49.00 -8.65
C ARG E 62 -1.08 47.70 -7.89
N PHE E 63 -1.72 47.75 -6.71
CA PHE E 63 -1.95 46.53 -5.95
C PHE E 63 -2.82 45.57 -6.75
N SER E 64 -2.47 44.29 -6.71
CA SER E 64 -3.22 43.27 -7.44
C SER E 64 -2.97 41.92 -6.79
N GLY E 65 -4.03 41.29 -6.30
CA GLY E 65 -3.96 39.95 -5.74
C GLY E 65 -4.52 38.93 -6.71
N SER E 66 -3.99 37.71 -6.64
CA SER E 66 -4.42 36.64 -7.55
C SER E 66 -4.04 35.31 -6.93
N GLY E 67 -4.47 34.25 -7.59
CA GLY E 67 -4.15 32.90 -7.17
C GLY E 67 -5.33 32.19 -6.53
N SER E 68 -5.35 30.87 -6.66
CA SER E 68 -6.37 30.03 -6.06
C SER E 68 -5.74 28.73 -5.60
N GLY E 69 -6.52 27.94 -4.87
CA GLY E 69 -6.03 26.65 -4.42
C GLY E 69 -5.13 26.79 -3.22
N THR E 70 -3.93 26.20 -3.28
CA THR E 70 -3.00 26.22 -2.16
C THR E 70 -2.07 27.43 -2.19
N ASP E 71 -1.83 28.01 -3.37
CA ASP E 71 -0.91 29.13 -3.53
C ASP E 71 -1.69 30.37 -3.92
N PHE E 72 -1.54 31.43 -3.13
CA PHE E 72 -2.08 32.75 -3.46
C PHE E 72 -0.92 33.74 -3.49
N THR E 73 -1.07 34.77 -4.33
CA THR E 73 0.01 35.71 -4.59
C THR E 73 -0.52 37.14 -4.54
N LEU E 74 0.28 38.02 -3.96
CA LEU E 74 0.02 39.46 -3.97
C LEU E 74 1.14 40.14 -4.73
N THR E 75 0.80 40.85 -5.80
CA THR E 75 1.76 41.47 -6.69
C THR E 75 1.61 42.99 -6.64
N ILE E 76 2.75 43.68 -6.54
CA ILE E 76 2.78 45.14 -6.53
C ILE E 76 3.75 45.59 -7.60
N SER E 77 3.25 46.35 -8.58
CA SER E 77 4.07 46.84 -9.68
C SER E 77 4.42 48.30 -9.45
N ARG E 78 5.62 48.69 -9.89
CA ARG E 78 6.10 50.05 -9.73
C ARG E 78 6.00 50.47 -8.27
N LEU E 79 6.96 50.05 -7.46
CA LEU E 79 6.95 50.38 -6.04
C LEU E 79 7.36 51.83 -5.82
N GLU E 80 6.59 52.54 -5.01
CA GLU E 80 6.93 53.86 -4.52
C GLU E 80 7.32 53.78 -3.05
N PRO E 81 8.13 54.72 -2.56
CA PRO E 81 8.70 54.57 -1.21
C PRO E 81 7.66 54.43 -0.10
N GLU E 82 6.38 54.66 -0.39
CA GLU E 82 5.37 54.58 0.66
C GLU E 82 5.05 53.15 1.06
N ASP E 83 4.79 52.28 0.07
CA ASP E 83 4.28 50.94 0.32
C ASP E 83 5.29 50.00 0.96
N PHE E 84 6.42 50.43 1.51
CA PHE E 84 7.36 49.51 2.15
C PHE E 84 6.96 49.35 3.60
N ALA E 85 6.26 48.26 3.90
CA ALA E 85 5.80 47.98 5.25
C ALA E 85 5.66 46.46 5.40
N VAL E 86 5.03 46.04 6.49
CA VAL E 86 4.82 44.62 6.76
C VAL E 86 3.47 44.22 6.17
N TYR E 87 3.47 43.17 5.35
CA TYR E 87 2.29 42.67 4.67
C TYR E 87 1.90 41.32 5.25
N TYR E 88 0.62 41.18 5.60
CA TYR E 88 0.08 39.93 6.13
C TYR E 88 -0.97 39.39 5.17
N CYS E 89 -1.01 38.07 5.03
CA CYS E 89 -2.06 37.39 4.29
C CYS E 89 -2.94 36.62 5.26
N GLN E 90 -4.25 36.85 5.18
CA GLN E 90 -5.21 36.33 6.15
C GLN E 90 -6.25 35.48 5.42
N HIS E 91 -6.69 34.42 6.09
CA HIS E 91 -7.78 33.57 5.61
C HIS E 91 -8.73 33.32 6.77
N MET E 92 -9.92 33.92 6.71
CA MET E 92 -10.93 33.75 7.76
C MET E 92 -10.37 34.09 9.13
N TYR E 93 -10.10 33.09 9.96
CA TYR E 93 -9.67 33.31 11.33
C TYR E 93 -8.16 33.23 11.51
N THR E 94 -7.42 32.77 10.51
CA THR E 94 -5.99 32.54 10.61
C THR E 94 -5.23 33.63 9.88
N PHE E 95 -4.30 34.29 10.58
CA PHE E 95 -3.44 35.31 10.00
C PHE E 95 -2.08 34.71 9.65
N GLY E 96 -1.45 35.27 8.62
CA GLY E 96 -0.10 34.88 8.28
C GLY E 96 0.93 35.63 9.10
N GLN E 97 2.10 35.00 9.26
CA GLN E 97 3.15 35.61 10.06
C GLN E 97 3.66 36.90 9.43
N GLY E 98 3.40 37.13 8.15
CA GLY E 98 3.74 38.38 7.51
C GLY E 98 5.09 38.32 6.80
N THR E 99 5.30 39.28 5.90
CA THR E 99 6.54 39.40 5.15
C THR E 99 6.96 40.86 5.13
N LYS E 100 8.11 41.16 5.72
CA LYS E 100 8.60 42.53 5.78
C LYS E 100 9.26 42.91 4.46
N LEU E 101 8.88 44.06 3.91
CA LEU E 101 9.44 44.57 2.67
C LEU E 101 10.42 45.70 2.99
N GLU E 102 11.61 45.62 2.39
CA GLU E 102 12.69 46.55 2.67
C GLU E 102 13.07 47.31 1.41
N ILE E 103 13.70 48.47 1.60
CA ILE E 103 14.12 49.32 0.50
C ILE E 103 15.53 48.95 0.10
N LYS E 104 15.81 49.03 -1.21
CA LYS E 104 17.15 48.79 -1.71
C LYS E 104 18.15 49.68 -0.98
N ARG E 105 19.37 49.19 -0.82
CA ARG E 105 20.40 49.90 -0.08
C ARG E 105 21.77 49.53 -0.62
N THR E 106 22.60 50.54 -0.85
CA THR E 106 24.01 50.31 -1.13
C THR E 106 24.77 50.11 0.18
N VAL E 107 25.67 49.14 0.20
CA VAL E 107 26.40 48.78 1.41
C VAL E 107 27.04 50.02 2.01
N ALA E 108 26.72 50.30 3.26
CA ALA E 108 27.26 51.45 3.97
C ALA E 108 27.98 50.99 5.24
N ALA E 109 28.99 51.75 5.64
CA ALA E 109 29.76 51.38 6.82
C ALA E 109 29.05 51.83 8.09
N PRO E 110 29.09 51.03 9.16
CA PRO E 110 28.44 51.43 10.41
C PRO E 110 29.31 52.39 11.21
N SER E 111 28.78 53.57 11.48
CA SER E 111 29.47 54.55 12.32
C SER E 111 29.40 54.09 13.77
N VAL E 112 30.49 53.51 14.26
CA VAL E 112 30.52 52.90 15.59
C VAL E 112 30.91 53.96 16.61
N PHE E 113 30.25 53.91 17.77
CA PHE E 113 30.55 54.80 18.87
C PHE E 113 30.33 54.07 20.18
N ILE E 114 31.07 54.46 21.20
CA ILE E 114 31.00 53.84 22.53
C ILE E 114 30.85 54.92 23.57
N PHE E 115 29.98 54.66 24.56
CA PHE E 115 29.73 55.60 25.64
C PHE E 115 29.88 54.86 26.96
N PRO E 116 30.71 55.36 27.89
CA PRO E 116 30.89 54.66 29.17
C PRO E 116 29.76 54.98 30.14
N PRO E 117 29.68 54.27 31.25
CA PRO E 117 28.64 54.58 32.24
C PRO E 117 28.90 55.92 32.91
N SER E 118 27.81 56.61 33.23
CA SER E 118 27.91 57.91 33.89
C SER E 118 28.16 57.73 35.38
N ASP E 119 28.81 58.73 35.98
CA ASP E 119 29.11 58.66 37.40
C ASP E 119 27.83 58.60 38.22
N GLU E 120 26.77 59.29 37.78
CA GLU E 120 25.50 59.25 38.50
C GLU E 120 24.92 57.84 38.50
N GLN E 121 25.10 57.11 37.40
CA GLN E 121 24.59 55.74 37.34
C GLN E 121 25.38 54.82 38.27
N LEU E 122 26.72 54.92 38.25
CA LEU E 122 27.53 54.09 39.12
C LEU E 122 27.21 54.34 40.59
N LYS E 123 26.79 55.56 40.94
CA LYS E 123 26.43 55.86 42.32
C LYS E 123 25.20 55.07 42.78
N SER E 124 24.37 54.61 41.84
CA SER E 124 23.19 53.84 42.22
C SER E 124 23.52 52.39 42.51
N GLY E 125 24.52 51.83 41.81
CA GLY E 125 24.92 50.45 42.04
C GLY E 125 25.05 49.65 40.76
N THR E 126 24.60 50.21 39.64
CA THR E 126 24.65 49.54 38.35
C THR E 126 25.49 50.35 37.37
N ALA E 127 25.92 49.67 36.30
CA ALA E 127 26.73 50.29 35.26
C ALA E 127 26.20 49.84 33.90
N SER E 128 26.05 50.80 32.99
CA SER E 128 25.54 50.53 31.65
C SER E 128 26.47 51.15 30.62
N VAL E 129 27.05 50.31 29.77
CA VAL E 129 27.89 50.75 28.66
C VAL E 129 27.10 50.67 27.38
N VAL E 130 27.22 51.70 26.54
CA VAL E 130 26.43 51.82 25.32
C VAL E 130 27.34 51.67 24.12
N CYS E 131 26.87 50.94 23.11
CA CYS E 131 27.57 50.78 21.84
C CYS E 131 26.55 51.04 20.73
N LEU E 132 26.64 52.20 20.10
CA LEU E 132 25.63 52.68 19.15
C LEU E 132 26.16 52.57 17.73
N LEU E 133 25.66 51.57 17.00
CA LEU E 133 25.96 51.42 15.58
C LEU E 133 24.83 52.08 14.79
N ASN E 134 25.16 53.16 14.09
CA ASN E 134 24.16 53.94 13.38
C ASN E 134 24.50 54.01 11.90
N ASN E 135 23.46 54.15 11.08
CA ASN E 135 23.60 54.28 9.62
C ASN E 135 24.40 53.10 9.06
N PHE E 136 23.72 51.95 9.01
CA PHE E 136 24.36 50.72 8.56
C PHE E 136 23.34 49.85 7.85
N TYR E 137 23.86 48.83 7.14
CA TYR E 137 23.05 47.88 6.41
C TYR E 137 23.90 46.66 6.12
N PRO E 138 23.33 45.43 6.15
CA PRO E 138 21.92 45.10 6.42
C PRO E 138 21.57 45.12 7.91
N ARG E 139 20.28 44.95 8.20
CA ARG E 139 19.84 44.86 9.59
C ARG E 139 20.62 43.81 10.38
N GLU E 140 21.19 42.83 9.67
CA GLU E 140 21.99 41.79 10.32
C GLU E 140 23.40 42.30 10.57
N ALA E 141 23.78 42.42 11.84
CA ALA E 141 25.10 42.86 12.22
C ALA E 141 25.47 42.23 13.56
N LYS E 142 26.72 41.83 13.70
CA LYS E 142 27.21 41.14 14.89
C LYS E 142 27.89 42.17 15.80
N VAL E 143 27.33 42.37 16.99
CA VAL E 143 27.87 43.28 17.99
C VAL E 143 28.33 42.43 19.17
N GLN E 144 29.65 42.34 19.36
CA GLN E 144 30.23 41.53 20.42
C GLN E 144 30.80 42.45 21.51
N TRP E 145 30.51 42.10 22.76
CA TRP E 145 31.03 42.81 23.92
C TRP E 145 32.05 41.92 24.63
N LYS E 146 33.21 42.50 24.94
CA LYS E 146 34.30 41.73 25.53
C LYS E 146 35.15 42.64 26.39
N VAL E 147 35.51 42.16 27.58
CA VAL E 147 36.35 42.92 28.51
C VAL E 147 37.79 42.51 28.23
N ASP E 148 38.44 43.25 27.33
CA ASP E 148 39.80 42.95 26.92
C ASP E 148 39.87 41.53 26.33
N ASN E 149 40.37 40.57 27.10
CA ASN E 149 40.43 39.19 26.64
C ASN E 149 39.10 38.48 26.86
N ALA E 150 38.44 38.76 27.98
CA ALA E 150 37.19 38.10 28.30
C ALA E 150 36.07 38.58 27.39
N LEU E 151 35.25 37.64 26.92
CA LEU E 151 34.11 37.93 26.06
C LEU E 151 32.83 37.75 26.86
N GLN E 152 31.94 38.74 26.80
CA GLN E 152 30.70 38.72 27.56
C GLN E 152 29.58 38.07 26.76
N SER E 153 28.54 37.65 27.48
CA SER E 153 27.38 37.01 26.88
C SER E 153 26.30 36.84 27.94
N GLY E 154 25.05 36.96 27.52
CA GLY E 154 23.93 36.80 28.42
C GLY E 154 23.54 38.03 29.19
N ASN E 155 24.13 39.20 28.89
CA ASN E 155 23.80 40.42 29.61
C ASN E 155 23.90 41.65 28.71
N SER E 156 23.73 41.48 27.41
CA SER E 156 23.81 42.57 26.44
C SER E 156 22.49 42.64 25.68
N GLN E 157 21.72 43.70 25.90
CA GLN E 157 20.45 43.91 25.23
C GLN E 157 20.67 44.79 24.01
N GLU E 158 20.13 44.36 22.87
CA GLU E 158 20.30 45.06 21.61
C GLU E 158 18.94 45.51 21.08
N SER E 159 18.93 46.68 20.44
CA SER E 159 17.72 47.23 19.84
C SER E 159 18.08 47.86 18.50
N VAL E 160 17.23 47.63 17.50
CA VAL E 160 17.46 48.12 16.15
C VAL E 160 16.28 49.01 15.76
N THR E 161 16.58 50.22 15.30
CA THR E 161 15.54 51.13 14.86
C THR E 161 15.03 50.75 13.48
N GLU E 162 13.86 51.28 13.13
CA GLU E 162 13.30 51.04 11.81
C GLU E 162 14.12 51.74 10.74
N GLN E 163 13.96 51.27 9.51
CA GLN E 163 14.67 51.87 8.38
C GLN E 163 14.32 53.35 8.28
N ASP E 164 15.35 54.20 8.32
CA ASP E 164 15.14 55.64 8.26
C ASP E 164 14.36 56.00 6.99
N SER E 165 13.40 56.90 7.14
CA SER E 165 12.57 57.29 6.01
C SER E 165 13.38 58.06 4.97
N LYS E 166 14.24 58.98 5.41
CA LYS E 166 14.99 59.81 4.48
C LYS E 166 16.21 59.07 3.91
N ASP E 167 16.93 58.34 4.77
CA ASP E 167 18.18 57.70 4.38
C ASP E 167 18.07 56.19 4.27
N SER E 168 16.87 55.62 4.42
CA SER E 168 16.65 54.19 4.25
C SER E 168 17.74 53.38 4.94
N THR E 169 18.04 53.75 6.18
CA THR E 169 19.17 53.19 6.90
C THR E 169 18.75 52.78 8.31
N TYR E 170 19.59 51.97 8.94
CA TYR E 170 19.32 51.39 10.25
C TYR E 170 20.27 51.95 11.30
N SER E 171 19.96 51.62 12.55
CA SER E 171 20.80 51.98 13.69
C SER E 171 20.59 50.96 14.79
N LEU E 172 21.68 50.51 15.39
CA LEU E 172 21.66 49.51 16.46
C LEU E 172 22.23 50.10 17.74
N SER E 173 21.65 49.71 18.87
CA SER E 173 22.08 50.18 20.18
C SER E 173 22.20 48.97 21.11
N SER E 174 23.42 48.66 21.53
CA SER E 174 23.69 47.55 22.43
C SER E 174 24.04 48.09 23.81
N THR E 175 23.36 47.59 24.83
CA THR E 175 23.56 48.03 26.21
C THR E 175 24.09 46.86 27.03
N LEU E 176 25.26 47.05 27.64
CA LEU E 176 25.89 46.05 28.48
C LEU E 176 25.74 46.48 29.94
N THR E 177 24.95 45.71 30.69
CA THR E 177 24.69 46.02 32.10
C THR E 177 25.55 45.14 32.99
N LEU E 178 26.12 45.75 34.04
CA LEU E 178 26.96 45.03 34.98
C LEU E 178 26.87 45.71 36.34
N SER E 179 27.32 45.00 37.36
CA SER E 179 27.31 45.53 38.72
C SER E 179 28.45 46.53 38.91
N LYS E 180 28.26 47.43 39.87
CA LYS E 180 29.29 48.44 40.15
C LYS E 180 30.60 47.78 40.58
N ALA E 181 30.51 46.83 41.51
CA ALA E 181 31.71 46.13 41.96
C ALA E 181 32.33 45.31 40.83
N ASP E 182 31.50 44.51 40.13
CA ASP E 182 32.00 43.73 39.01
C ASP E 182 32.54 44.63 37.91
N TYR E 183 31.97 45.83 37.76
CA TYR E 183 32.47 46.75 36.75
C TYR E 183 33.87 47.24 37.10
N GLU E 184 34.08 47.62 38.35
CA GLU E 184 35.40 48.07 38.79
C GLU E 184 36.42 46.93 38.80
N LYS E 185 35.96 45.68 38.86
CA LYS E 185 36.89 44.55 38.83
C LYS E 185 37.71 44.56 37.54
N HIS E 186 37.04 44.62 36.39
CA HIS E 186 37.73 44.72 35.12
C HIS E 186 38.14 46.17 34.87
N LYS E 187 38.73 46.41 33.70
CA LYS E 187 39.25 47.74 33.40
C LYS E 187 39.14 48.09 31.92
N VAL E 188 39.22 47.08 31.04
CA VAL E 188 39.26 47.29 29.61
C VAL E 188 38.01 46.65 29.01
N TYR E 189 37.03 47.47 28.63
CA TYR E 189 35.85 47.01 27.92
C TYR E 189 35.93 47.40 26.45
N ALA E 190 35.32 46.59 25.59
CA ALA E 190 35.40 46.81 24.16
C ALA E 190 34.13 46.31 23.49
N CYS E 191 33.76 46.97 22.40
CA CYS E 191 32.61 46.61 21.58
C CYS E 191 33.09 46.34 20.16
N GLU E 192 33.11 45.07 19.77
CA GLU E 192 33.49 44.68 18.41
C GLU E 192 32.25 44.57 17.55
N VAL E 193 32.37 45.02 16.30
CA VAL E 193 31.27 44.99 15.34
C VAL E 193 31.73 44.26 14.09
N THR E 194 30.84 43.46 13.51
CA THR E 194 31.11 42.74 12.27
C THR E 194 29.97 43.01 11.30
N HIS E 195 30.30 43.54 10.12
CA HIS E 195 29.29 43.87 9.12
C HIS E 195 29.88 43.63 7.74
N GLN E 196 28.99 43.51 6.76
CA GLN E 196 29.43 43.26 5.39
C GLN E 196 30.28 44.42 4.87
N GLY E 197 29.82 45.65 5.10
CA GLY E 197 30.56 46.82 4.64
C GLY E 197 31.90 47.02 5.30
N LEU E 198 32.17 46.34 6.41
CA LEU E 198 33.43 46.46 7.11
C LEU E 198 34.33 45.30 6.71
N SER E 199 35.51 45.63 6.18
CA SER E 199 36.45 44.59 5.76
C SER E 199 36.85 43.71 6.94
N SER E 200 37.17 44.33 8.08
CA SER E 200 37.52 43.60 9.29
C SER E 200 36.62 44.04 10.43
N PRO E 201 36.43 43.19 11.44
CA PRO E 201 35.56 43.57 12.56
C PRO E 201 36.11 44.73 13.36
N VAL E 202 35.55 45.92 13.15
CA VAL E 202 36.03 47.12 13.84
C VAL E 202 35.71 46.99 15.33
N THR E 203 36.68 47.36 16.16
CA THR E 203 36.55 47.27 17.61
C THR E 203 36.83 48.64 18.21
N LYS E 204 35.80 49.26 18.79
CA LYS E 204 35.92 50.52 19.52
C LYS E 204 35.81 50.21 21.01
N SER E 205 36.74 50.74 21.79
CA SER E 205 36.82 50.39 23.20
C SER E 205 37.41 51.54 24.01
N PHE E 206 37.20 51.46 25.32
CA PHE E 206 37.83 52.35 26.28
C PHE E 206 38.41 51.52 27.40
N ASN E 207 39.31 52.14 28.17
CA ASN E 207 39.99 51.42 29.25
C ASN E 207 40.23 52.42 30.40
N ARG E 208 39.23 52.55 31.27
CA ARG E 208 39.33 53.39 32.45
C ARG E 208 39.23 52.57 33.74
N GLY E 209 38.28 51.65 33.83
CA GLY E 209 38.13 50.82 35.00
C GLY E 209 37.81 51.63 36.25
N GLU F 1 8.14 -24.28 -13.03
CA GLU F 1 7.83 -23.24 -12.05
C GLU F 1 8.98 -23.06 -11.06
N ILE F 2 9.15 -24.06 -10.19
CA ILE F 2 10.21 -24.01 -9.19
C ILE F 2 11.56 -24.06 -9.88
N VAL F 3 12.50 -23.26 -9.38
CA VAL F 3 13.85 -23.19 -9.93
C VAL F 3 14.84 -23.27 -8.78
N LEU F 4 15.70 -24.28 -8.81
CA LEU F 4 16.76 -24.43 -7.82
C LEU F 4 18.05 -23.87 -8.39
N THR F 5 18.65 -22.92 -7.68
CA THR F 5 19.89 -22.27 -8.11
C THR F 5 21.00 -22.65 -7.14
N GLN F 6 22.07 -23.23 -7.66
CA GLN F 6 23.19 -23.70 -6.85
C GLN F 6 24.30 -22.66 -6.81
N SER F 7 25.05 -22.68 -5.71
CA SER F 7 26.20 -21.80 -5.53
C SER F 7 27.22 -22.54 -4.67
N PRO F 8 28.52 -22.30 -4.88
CA PRO F 8 29.12 -21.42 -5.91
C PRO F 8 29.03 -22.01 -7.31
N GLY F 9 29.47 -21.24 -8.30
CA GLY F 9 29.47 -21.72 -9.67
C GLY F 9 30.69 -22.57 -9.97
N THR F 10 31.86 -22.13 -9.50
CA THR F 10 33.11 -22.85 -9.67
C THR F 10 33.80 -22.93 -8.32
N LEU F 11 33.95 -24.14 -7.80
CA LEU F 11 34.58 -24.38 -6.51
C LEU F 11 35.92 -25.06 -6.71
N SER F 12 36.96 -24.52 -6.09
CA SER F 12 38.31 -25.05 -6.19
C SER F 12 38.86 -25.24 -4.78
N LEU F 13 39.26 -26.47 -4.47
CA LEU F 13 39.77 -26.80 -3.15
C LEU F 13 40.83 -27.89 -3.28
N SER F 14 41.55 -28.12 -2.20
CA SER F 14 42.60 -29.13 -2.13
C SER F 14 42.19 -30.27 -1.19
N PRO F 15 42.80 -31.44 -1.33
CA PRO F 15 42.46 -32.55 -0.44
C PRO F 15 42.63 -32.17 1.02
N GLY F 16 41.75 -32.73 1.86
CA GLY F 16 41.79 -32.47 3.29
C GLY F 16 40.96 -31.30 3.76
N GLU F 17 40.46 -30.47 2.85
CA GLU F 17 39.66 -29.31 3.21
C GLU F 17 38.17 -29.67 3.19
N ARG F 18 37.40 -28.99 4.02
CA ARG F 18 35.97 -29.21 4.12
C ARG F 18 35.26 -28.34 3.08
N ALA F 19 34.52 -28.98 2.18
CA ALA F 19 33.78 -28.30 1.13
C ALA F 19 32.30 -28.35 1.44
N THR F 20 31.63 -27.21 1.32
CA THR F 20 30.20 -27.09 1.59
C THR F 20 29.51 -26.51 0.37
N LEU F 21 28.74 -27.35 -0.32
CA LEU F 21 27.97 -26.91 -1.49
C LEU F 21 26.58 -26.48 -1.03
N SER F 22 26.13 -25.33 -1.53
CA SER F 22 24.84 -24.76 -1.16
C SER F 22 23.89 -24.78 -2.34
N CYS F 23 22.63 -25.12 -2.08
CA CYS F 23 21.60 -25.25 -3.12
C CYS F 23 20.37 -24.48 -2.65
N ARG F 24 20.24 -23.25 -3.11
CA ARG F 24 19.13 -22.39 -2.72
C ARG F 24 18.03 -22.43 -3.78
N ALA F 25 16.78 -22.40 -3.31
CA ALA F 25 15.61 -22.43 -4.18
C ALA F 25 14.83 -21.14 -4.04
N SER F 26 13.98 -20.87 -5.04
CA SER F 26 13.20 -19.64 -5.03
C SER F 26 12.07 -19.71 -4.01
N GLN F 27 11.42 -20.86 -3.89
CA GLN F 27 10.33 -21.07 -2.94
C GLN F 27 10.74 -22.07 -1.87
N SER F 28 9.98 -22.08 -0.78
CA SER F 28 10.20 -23.05 0.29
C SER F 28 9.89 -24.44 -0.22
N VAL F 29 10.91 -25.25 -0.40
CA VAL F 29 10.75 -26.59 -0.96
C VAL F 29 10.29 -27.54 0.15
N ARG F 30 9.51 -28.54 -0.24
CA ARG F 30 8.98 -29.49 0.72
C ARG F 30 10.12 -30.16 1.50
N SER F 31 9.73 -30.92 2.52
CA SER F 31 10.68 -31.42 3.51
C SER F 31 11.72 -32.36 2.90
N SER F 32 11.30 -33.57 2.51
CA SER F 32 12.25 -34.62 2.17
C SER F 32 12.10 -35.10 0.73
N TYR F 33 12.03 -34.16 -0.22
CA TYR F 33 12.02 -34.48 -1.65
C TYR F 33 13.27 -33.99 -2.35
N LEU F 34 14.29 -33.56 -1.60
CA LEU F 34 15.53 -33.05 -2.17
C LEU F 34 16.62 -34.11 -2.05
N ALA F 35 17.35 -34.33 -3.14
CA ALA F 35 18.43 -35.30 -3.17
C ALA F 35 19.62 -34.68 -3.88
N TRP F 36 20.79 -35.30 -3.68
CA TRP F 36 22.03 -34.86 -4.29
C TRP F 36 22.66 -36.01 -5.06
N TYR F 37 23.33 -35.67 -6.17
CA TYR F 37 24.03 -36.66 -6.98
C TYR F 37 25.46 -36.23 -7.20
N GLN F 38 26.30 -37.22 -7.49
CA GLN F 38 27.68 -37.01 -7.93
C GLN F 38 27.86 -37.70 -9.26
N GLN F 39 28.38 -36.97 -10.25
CA GLN F 39 28.59 -37.49 -11.60
C GLN F 39 30.06 -37.30 -11.95
N LYS F 40 30.84 -38.38 -11.89
CA LYS F 40 32.20 -38.34 -12.40
C LYS F 40 32.14 -38.30 -13.93
N PRO F 41 32.90 -37.41 -14.59
CA PRO F 41 32.82 -37.33 -16.06
C PRO F 41 32.94 -38.68 -16.74
N GLY F 42 31.92 -39.04 -17.52
CA GLY F 42 31.91 -40.31 -18.23
C GLY F 42 31.13 -41.42 -17.58
N GLN F 43 30.36 -41.13 -16.53
CA GLN F 43 29.57 -42.13 -15.83
C GLN F 43 28.16 -41.58 -15.60
N VAL F 44 27.28 -42.45 -15.12
CA VAL F 44 25.91 -42.06 -14.79
C VAL F 44 25.92 -41.38 -13.44
N PRO F 45 25.02 -40.42 -13.19
CA PRO F 45 25.00 -39.76 -11.87
C PRO F 45 24.81 -40.76 -10.75
N ARG F 46 25.63 -40.61 -9.70
CA ARG F 46 25.58 -41.47 -8.52
C ARG F 46 24.80 -40.75 -7.42
N LEU F 47 23.90 -41.47 -6.77
CA LEU F 47 23.07 -40.90 -5.72
C LEU F 47 23.87 -40.81 -4.42
N LEU F 48 24.19 -39.59 -4.00
CA LEU F 48 24.88 -39.37 -2.74
C LEU F 48 23.89 -39.26 -1.58
N ILE F 49 23.00 -38.28 -1.63
CA ILE F 49 22.08 -37.98 -0.54
C ILE F 49 20.67 -37.94 -1.09
N TYR F 50 19.73 -38.51 -0.34
CA TYR F 50 18.30 -38.35 -0.59
C TYR F 50 17.63 -37.88 0.68
N GLY F 51 16.43 -37.33 0.54
CA GLY F 51 15.70 -36.83 1.70
C GLY F 51 16.41 -35.72 2.43
N ALA F 52 17.01 -34.80 1.70
CA ALA F 52 17.66 -33.63 2.29
C ALA F 52 18.86 -34.04 3.14
N SER F 53 18.61 -34.72 4.26
CA SER F 53 19.64 -35.10 5.22
C SER F 53 19.53 -36.59 5.52
N SER F 54 19.88 -37.42 4.53
CA SER F 54 19.88 -38.87 4.72
C SER F 54 20.84 -39.47 3.71
N ARG F 55 21.91 -40.10 4.19
CA ARG F 55 22.88 -40.72 3.30
C ARG F 55 22.31 -41.98 2.69
N ALA F 56 22.54 -42.14 1.38
CA ALA F 56 22.03 -43.30 0.67
C ALA F 56 22.78 -44.56 1.09
N THR F 57 22.28 -45.71 0.63
CA THR F 57 22.87 -46.99 0.98
C THR F 57 24.21 -47.15 0.27
N GLY F 58 25.28 -47.30 1.05
CA GLY F 58 26.59 -47.53 0.51
C GLY F 58 27.44 -46.29 0.32
N ILE F 59 26.89 -45.11 0.56
CA ILE F 59 27.65 -43.86 0.42
C ILE F 59 28.55 -43.71 1.63
N PRO F 60 29.81 -43.29 1.46
CA PRO F 60 30.70 -43.14 2.62
C PRO F 60 30.18 -42.10 3.59
N ASP F 61 30.76 -42.11 4.79
CA ASP F 61 30.22 -41.32 5.89
C ASP F 61 30.53 -39.84 5.77
N ARG F 62 31.64 -39.47 5.11
CA ARG F 62 32.06 -38.07 5.12
C ARG F 62 31.01 -37.17 4.47
N PHE F 63 30.35 -37.66 3.42
CA PHE F 63 29.22 -36.91 2.86
C PHE F 63 28.17 -36.69 3.94
N SER F 64 27.60 -35.50 3.97
CA SER F 64 26.55 -35.20 4.94
C SER F 64 25.84 -33.90 4.58
N GLY F 65 24.60 -34.01 4.12
CA GLY F 65 23.80 -32.85 3.77
C GLY F 65 22.77 -32.53 4.84
N SER F 66 22.50 -31.24 5.00
CA SER F 66 21.51 -30.76 5.95
C SER F 66 20.68 -29.67 5.28
N GLY F 67 19.75 -29.10 6.04
CA GLY F 67 18.96 -27.98 5.56
C GLY F 67 17.47 -28.20 5.64
N SER F 68 16.74 -27.11 5.92
CA SER F 68 15.29 -27.12 5.93
C SER F 68 14.80 -25.80 5.35
N GLY F 69 13.49 -25.71 5.12
CA GLY F 69 12.90 -24.51 4.59
C GLY F 69 13.30 -24.23 3.17
N THR F 70 13.98 -23.12 2.93
CA THR F 70 14.33 -22.67 1.59
C THR F 70 15.78 -22.93 1.20
N ASP F 71 16.69 -22.99 2.17
CA ASP F 71 18.12 -23.16 1.91
C ASP F 71 18.55 -24.54 2.37
N PHE F 72 19.14 -25.30 1.45
CA PHE F 72 19.71 -26.61 1.74
C PHE F 72 21.19 -26.58 1.36
N THR F 73 22.02 -27.19 2.21
CA THR F 73 23.47 -27.17 2.03
C THR F 73 24.02 -28.58 2.17
N LEU F 74 24.91 -28.95 1.25
CA LEU F 74 25.62 -30.23 1.29
C LEU F 74 27.03 -29.99 1.82
N THR F 75 27.40 -30.72 2.86
CA THR F 75 28.71 -30.59 3.49
C THR F 75 29.49 -31.89 3.34
N ILE F 76 30.71 -31.78 2.86
CA ILE F 76 31.62 -32.91 2.70
C ILE F 76 32.96 -32.53 3.33
N SER F 77 33.37 -33.29 4.34
CA SER F 77 34.59 -33.00 5.07
C SER F 77 35.74 -33.86 4.56
N ARG F 78 36.95 -33.29 4.60
CA ARG F 78 38.14 -34.01 4.18
C ARG F 78 37.98 -34.58 2.77
N LEU F 79 38.16 -33.73 1.76
CA LEU F 79 38.01 -34.18 0.38
C LEU F 79 39.10 -35.18 0.03
N GLU F 80 38.70 -36.28 -0.59
CA GLU F 80 39.62 -37.25 -1.15
C GLU F 80 39.76 -37.04 -2.65
N PRO F 81 40.81 -37.57 -3.27
CA PRO F 81 40.99 -37.33 -4.71
C PRO F 81 39.84 -37.81 -5.57
N GLU F 82 39.04 -38.76 -5.07
CA GLU F 82 37.94 -39.31 -5.85
C GLU F 82 36.71 -38.42 -5.83
N ASP F 83 36.49 -37.69 -4.73
CA ASP F 83 35.28 -36.89 -4.55
C ASP F 83 35.25 -35.64 -5.43
N PHE F 84 36.15 -35.45 -6.38
CA PHE F 84 36.14 -34.26 -7.23
C PHE F 84 35.35 -34.57 -8.49
N ALA F 85 34.12 -34.07 -8.56
CA ALA F 85 33.23 -34.30 -9.70
C ALA F 85 32.17 -33.21 -9.70
N VAL F 86 31.18 -33.36 -10.58
CA VAL F 86 30.07 -32.42 -10.66
C VAL F 86 28.97 -32.87 -9.73
N TYR F 87 28.49 -31.95 -8.88
CA TYR F 87 27.48 -32.23 -7.88
C TYR F 87 26.21 -31.46 -8.20
N TYR F 88 25.09 -32.18 -8.29
CA TYR F 88 23.79 -31.60 -8.57
C TYR F 88 22.87 -31.77 -7.36
N CYS F 89 21.95 -30.83 -7.20
CA CYS F 89 20.88 -30.92 -6.21
C CYS F 89 19.55 -30.97 -6.96
N GLN F 90 18.79 -32.04 -6.74
CA GLN F 90 17.51 -32.23 -7.41
C GLN F 90 16.37 -31.97 -6.43
N HIS F 91 15.18 -31.76 -6.99
CA HIS F 91 13.94 -31.83 -6.23
C HIS F 91 12.86 -32.33 -7.17
N MET F 92 12.39 -33.56 -6.94
CA MET F 92 11.32 -34.13 -7.76
C MET F 92 11.69 -34.11 -9.23
N TYR F 93 11.26 -33.08 -9.95
CA TYR F 93 11.45 -33.00 -11.39
C TYR F 93 12.50 -32.00 -11.82
N THR F 94 12.96 -31.13 -10.92
CA THR F 94 13.85 -30.04 -11.26
C THR F 94 15.26 -30.34 -10.74
N PHE F 95 16.24 -30.23 -11.63
CA PHE F 95 17.64 -30.41 -11.28
C PHE F 95 18.35 -29.07 -11.21
N GLY F 96 19.45 -29.04 -10.45
CA GLY F 96 20.22 -27.83 -10.31
C GLY F 96 21.30 -27.69 -11.38
N GLN F 97 21.80 -26.47 -11.54
CA GLN F 97 22.82 -26.21 -12.55
C GLN F 97 24.09 -27.01 -12.28
N GLY F 98 24.40 -27.27 -11.01
CA GLY F 98 25.58 -28.02 -10.65
C GLY F 98 26.76 -27.12 -10.32
N THR F 99 27.71 -27.69 -9.59
CA THR F 99 28.92 -26.98 -9.16
C THR F 99 30.13 -27.84 -9.46
N LYS F 100 31.02 -27.33 -10.30
CA LYS F 100 32.24 -28.07 -10.62
C LYS F 100 33.21 -28.00 -9.45
N LEU F 101 33.70 -29.17 -9.03
CA LEU F 101 34.66 -29.27 -7.93
C LEU F 101 36.04 -29.55 -8.50
N GLU F 102 37.02 -28.73 -8.12
CA GLU F 102 38.35 -28.75 -8.70
C GLU F 102 39.40 -29.01 -7.63
N ILE F 103 40.48 -29.65 -8.03
CA ILE F 103 41.64 -29.86 -7.18
C ILE F 103 42.53 -28.63 -7.26
N LYS F 104 42.68 -27.93 -6.13
CA LYS F 104 43.43 -26.69 -6.10
C LYS F 104 44.92 -26.96 -6.05
N ARG F 105 45.68 -26.27 -6.88
CA ARG F 105 47.12 -26.44 -6.95
C ARG F 105 47.77 -25.11 -7.31
N THR F 106 49.05 -24.98 -6.96
CA THR F 106 49.77 -23.75 -7.23
C THR F 106 49.78 -23.45 -8.73
N VAL F 107 49.68 -22.16 -9.06
CA VAL F 107 49.66 -21.75 -10.46
C VAL F 107 50.95 -22.15 -11.13
N ALA F 108 50.83 -22.65 -12.37
CA ALA F 108 51.98 -23.00 -13.20
C ALA F 108 51.81 -22.36 -14.57
N ALA F 109 52.95 -22.11 -15.23
CA ALA F 109 52.93 -21.41 -16.50
C ALA F 109 52.56 -22.36 -17.64
N PRO F 110 51.83 -21.88 -18.65
CA PRO F 110 51.48 -22.73 -19.80
C PRO F 110 52.65 -22.84 -20.77
N SER F 111 53.11 -24.06 -21.03
CA SER F 111 54.13 -24.33 -22.04
C SER F 111 53.44 -24.34 -23.39
N VAL F 112 53.34 -23.18 -24.00
CA VAL F 112 52.56 -23.01 -25.23
C VAL F 112 53.37 -23.45 -26.43
N PHE F 113 52.68 -24.13 -27.36
CA PHE F 113 53.26 -24.52 -28.63
C PHE F 113 52.33 -24.06 -29.75
N ILE F 114 52.93 -23.68 -30.87
CA ILE F 114 52.19 -23.28 -32.07
C ILE F 114 52.60 -24.21 -33.21
N PHE F 115 51.68 -24.38 -34.16
CA PHE F 115 51.87 -25.38 -35.19
C PHE F 115 51.23 -24.94 -36.50
N PRO F 116 51.95 -25.01 -37.62
CA PRO F 116 51.38 -24.51 -38.89
C PRO F 116 50.53 -25.57 -39.57
N PRO F 117 49.76 -25.20 -40.58
CA PRO F 117 48.96 -26.19 -41.31
C PRO F 117 49.84 -27.12 -42.12
N SER F 118 49.38 -28.37 -42.26
CA SER F 118 50.11 -29.36 -43.03
C SER F 118 49.87 -29.15 -44.52
N ASP F 119 50.83 -29.61 -45.32
CA ASP F 119 50.71 -29.47 -46.78
C ASP F 119 49.54 -30.27 -47.31
N GLU F 120 49.29 -31.45 -46.73
CA GLU F 120 48.16 -32.27 -47.18
C GLU F 120 46.84 -31.54 -46.99
N GLN F 121 46.72 -30.78 -45.90
CA GLN F 121 45.50 -30.01 -45.67
C GLN F 121 45.38 -28.86 -46.66
N LEU F 122 46.47 -28.12 -46.86
CA LEU F 122 46.44 -27.00 -47.81
C LEU F 122 46.08 -27.49 -49.21
N LYS F 123 46.47 -28.71 -49.57
CA LYS F 123 46.12 -29.26 -50.87
C LYS F 123 44.63 -29.52 -51.00
N SER F 124 43.91 -29.61 -49.87
CA SER F 124 42.46 -29.84 -49.92
C SER F 124 41.69 -28.55 -50.19
N GLY F 125 42.19 -27.41 -49.71
CA GLY F 125 41.53 -26.14 -49.92
C GLY F 125 41.38 -25.33 -48.66
N THR F 126 41.59 -25.95 -47.50
CA THR F 126 41.46 -25.30 -46.21
C THR F 126 42.80 -25.31 -45.49
N ALA F 127 42.91 -24.46 -44.47
CA ALA F 127 44.12 -24.36 -43.67
C ALA F 127 43.73 -24.23 -42.20
N SER F 128 44.39 -25.00 -41.34
CA SER F 128 44.10 -24.99 -39.91
C SER F 128 45.41 -24.81 -39.15
N VAL F 129 45.48 -23.74 -38.35
CA VAL F 129 46.63 -23.47 -37.49
C VAL F 129 46.25 -23.82 -36.06
N VAL F 130 47.13 -24.52 -35.36
CA VAL F 130 46.87 -25.02 -34.02
C VAL F 130 47.85 -24.36 -33.05
N CYS F 131 47.33 -23.95 -31.89
CA CYS F 131 48.14 -23.40 -30.80
C CYS F 131 47.84 -24.20 -29.55
N LEU F 132 48.84 -24.91 -29.05
CA LEU F 132 48.68 -25.86 -27.95
C LEU F 132 49.30 -25.28 -26.69
N LEU F 133 48.47 -24.98 -25.69
CA LEU F 133 48.92 -24.55 -24.38
C LEU F 133 48.78 -25.74 -23.43
N ASN F 134 49.91 -26.18 -22.87
CA ASN F 134 49.99 -27.46 -22.17
C ASN F 134 50.36 -27.25 -20.71
N ASN F 135 49.76 -28.07 -19.84
CA ASN F 135 50.07 -28.09 -18.42
C ASN F 135 49.99 -26.67 -17.84
N PHE F 136 48.78 -26.22 -17.52
CA PHE F 136 48.60 -24.89 -16.95
C PHE F 136 47.41 -24.90 -15.99
N TYR F 137 47.50 -24.06 -14.97
CA TYR F 137 46.47 -23.89 -13.96
C TYR F 137 46.51 -22.43 -13.57
N PRO F 138 45.35 -21.77 -13.36
CA PRO F 138 43.98 -22.29 -13.42
C PRO F 138 43.47 -22.49 -14.84
N ARG F 139 42.21 -22.92 -14.97
CA ARG F 139 41.62 -23.17 -16.28
C ARG F 139 41.38 -21.88 -17.07
N GLU F 140 41.25 -20.75 -16.39
CA GLU F 140 40.99 -19.48 -17.07
C GLU F 140 42.24 -19.02 -17.80
N ALA F 141 42.12 -18.80 -19.10
CA ALA F 141 43.24 -18.33 -19.92
C ALA F 141 42.68 -17.69 -21.18
N LYS F 142 43.37 -16.67 -21.66
CA LYS F 142 42.96 -15.92 -22.84
C LYS F 142 43.96 -16.16 -23.97
N VAL F 143 43.48 -16.71 -25.08
CA VAL F 143 44.29 -16.96 -26.26
C VAL F 143 43.75 -16.10 -27.39
N GLN F 144 44.60 -15.22 -27.91
CA GLN F 144 44.23 -14.29 -28.98
C GLN F 144 45.04 -14.62 -30.23
N TRP F 145 44.36 -14.65 -31.37
CA TRP F 145 45.01 -14.93 -32.65
C TRP F 145 45.22 -13.63 -33.43
N VAL F 147 47.57 -11.92 -37.27
CA VAL F 147 48.80 -11.28 -37.72
C VAL F 147 49.11 -10.06 -36.85
N ASP F 148 50.35 -9.58 -36.93
CA ASP F 148 50.74 -8.44 -36.12
C ASP F 148 49.92 -7.20 -36.46
N ASN F 149 49.50 -7.04 -37.71
CA ASN F 149 48.80 -5.83 -38.13
C ASN F 149 47.32 -5.90 -37.78
N ALA F 150 46.68 -7.05 -38.00
CA ALA F 150 45.24 -7.20 -37.81
C ALA F 150 44.95 -8.24 -36.75
N LEU F 151 43.87 -8.02 -36.01
CA LEU F 151 43.42 -8.93 -34.95
C LEU F 151 42.24 -9.74 -35.49
N GLN F 152 42.47 -11.02 -35.75
CA GLN F 152 41.43 -11.88 -36.28
C GLN F 152 40.40 -12.22 -35.19
N SER F 153 39.19 -12.53 -35.62
CA SER F 153 38.12 -12.86 -34.68
C SER F 153 37.01 -13.58 -35.43
N GLY F 154 36.26 -14.41 -34.71
CA GLY F 154 35.09 -15.06 -35.26
C GLY F 154 35.36 -16.35 -36.01
N ASN F 155 36.55 -16.94 -35.87
CA ASN F 155 36.85 -18.19 -36.57
C ASN F 155 37.90 -19.01 -35.84
N SER F 156 37.94 -18.94 -34.51
CA SER F 156 38.90 -19.68 -33.70
C SER F 156 38.13 -20.46 -32.64
N GLN F 157 38.08 -21.77 -32.78
CA GLN F 157 37.42 -22.65 -31.83
C GLN F 157 38.46 -23.35 -30.96
N GLU F 158 38.19 -23.39 -29.66
CA GLU F 158 39.12 -23.98 -28.69
C GLU F 158 38.43 -25.11 -27.94
N SER F 159 39.25 -26.05 -27.45
CA SER F 159 38.77 -27.18 -26.67
C SER F 159 39.64 -27.33 -25.44
N VAL F 160 39.00 -27.61 -24.31
CA VAL F 160 39.68 -27.73 -23.02
C VAL F 160 39.47 -29.14 -22.49
N THR F 161 40.54 -29.75 -21.99
CA THR F 161 40.48 -31.07 -21.41
C THR F 161 40.09 -31.01 -19.94
N GLU F 162 39.64 -32.14 -19.41
CA GLU F 162 39.42 -32.26 -17.98
C GLU F 162 40.76 -32.15 -17.24
N GLN F 163 40.69 -31.69 -15.99
CA GLN F 163 41.92 -31.56 -15.21
C GLN F 163 42.61 -32.91 -15.09
N ASP F 164 43.89 -32.95 -15.47
CA ASP F 164 44.63 -34.20 -15.48
C ASP F 164 44.57 -34.86 -14.11
N SER F 165 44.45 -36.19 -14.09
CA SER F 165 44.34 -36.92 -12.83
C SER F 165 45.63 -36.77 -12.01
N LYS F 166 46.77 -37.07 -12.63
CA LYS F 166 48.05 -37.01 -11.92
C LYS F 166 48.67 -35.61 -11.98
N ASP F 167 48.80 -35.06 -13.19
CA ASP F 167 49.40 -33.73 -13.32
C ASP F 167 48.60 -32.68 -12.56
N SER F 168 47.26 -32.81 -12.56
CA SER F 168 46.38 -31.87 -11.86
C SER F 168 46.43 -30.49 -12.53
N THR F 169 46.38 -30.47 -13.86
CA THR F 169 46.45 -29.22 -14.60
C THR F 169 45.66 -29.36 -15.89
N TYR F 170 45.22 -28.21 -16.40
CA TYR F 170 44.41 -28.19 -17.61
C TYR F 170 45.29 -28.19 -18.85
N SER F 171 44.64 -28.35 -20.01
CA SER F 171 45.31 -28.29 -21.30
C SER F 171 44.34 -27.70 -22.31
N LEU F 172 44.82 -26.73 -23.10
CA LEU F 172 43.99 -26.01 -24.06
C LEU F 172 44.52 -26.21 -25.47
N SER F 173 43.62 -26.37 -26.43
CA SER F 173 43.97 -26.50 -27.84
C SER F 173 43.03 -25.60 -28.64
N SER F 174 43.57 -24.52 -29.20
CA SER F 174 42.81 -23.59 -30.01
C SER F 174 43.26 -23.68 -31.46
N THR F 175 42.30 -23.71 -32.38
CA THR F 175 42.56 -23.89 -33.80
C THR F 175 42.04 -22.70 -34.58
N LEU F 176 42.82 -22.26 -35.58
CA LEU F 176 42.45 -21.17 -36.46
C LEU F 176 42.17 -21.74 -37.85
N THR F 177 40.94 -21.56 -38.33
CA THR F 177 40.51 -22.07 -39.63
C THR F 177 40.54 -20.94 -40.65
N LEU F 178 41.13 -21.20 -41.81
CA LEU F 178 41.21 -20.21 -42.87
C LEU F 178 41.30 -20.93 -44.20
N SER F 179 40.95 -20.20 -45.27
CA SER F 179 40.98 -20.75 -46.61
C SER F 179 42.40 -20.72 -47.17
N LYS F 180 42.62 -21.52 -48.21
CA LYS F 180 43.95 -21.59 -48.82
C LYS F 180 44.36 -20.26 -49.41
N ALA F 181 43.45 -19.60 -50.13
CA ALA F 181 43.77 -18.30 -50.71
C ALA F 181 44.04 -17.28 -49.62
N ASP F 182 43.13 -17.18 -48.64
CA ASP F 182 43.36 -16.27 -47.52
C ASP F 182 44.57 -16.69 -46.70
N TYR F 183 44.90 -17.98 -46.69
CA TYR F 183 46.07 -18.44 -45.95
C TYR F 183 47.35 -17.87 -46.55
N GLU F 184 47.49 -17.97 -47.87
CA GLU F 184 48.68 -17.43 -48.54
C GLU F 184 48.63 -15.92 -48.69
N LYS F 185 47.46 -15.29 -48.52
CA LYS F 185 47.37 -13.85 -48.62
C LYS F 185 48.28 -13.17 -47.61
N HIS F 186 48.16 -13.52 -46.34
CA HIS F 186 49.02 -12.99 -45.30
C HIS F 186 50.24 -13.91 -45.10
N LYS F 187 51.17 -13.46 -44.27
CA LYS F 187 52.42 -14.18 -44.06
C LYS F 187 52.87 -14.27 -42.62
N VAL F 188 52.40 -13.40 -41.72
CA VAL F 188 52.84 -13.39 -40.33
C VAL F 188 51.66 -13.84 -39.47
N TYR F 189 51.79 -15.02 -38.88
CA TYR F 189 50.79 -15.57 -37.98
C TYR F 189 51.34 -15.60 -36.56
N ALA F 190 50.46 -15.41 -35.58
CA ALA F 190 50.88 -15.33 -34.19
C ALA F 190 49.79 -15.90 -33.30
N CYS F 191 50.19 -16.41 -32.14
CA CYS F 191 49.28 -16.93 -31.12
C CYS F 191 49.57 -16.20 -29.81
N GLU F 192 48.77 -15.18 -29.50
CA GLU F 192 48.91 -14.45 -28.25
C GLU F 192 48.19 -15.18 -27.13
N VAL F 193 48.81 -15.22 -25.96
CA VAL F 193 48.27 -15.92 -24.80
C VAL F 193 48.50 -15.07 -23.56
N THR F 194 47.51 -15.06 -22.66
CA THR F 194 47.59 -14.34 -21.41
C THR F 194 47.18 -15.29 -20.29
N HIS F 195 48.02 -15.38 -19.25
CA HIS F 195 47.75 -16.27 -18.13
C HIS F 195 48.29 -15.64 -16.85
N GLN F 196 47.76 -16.11 -15.72
CA GLN F 196 48.20 -15.58 -14.43
C GLN F 196 49.67 -15.85 -14.19
N GLY F 197 50.12 -17.09 -14.45
CA GLY F 197 51.50 -17.45 -14.24
C GLY F 197 52.47 -16.73 -15.15
N LEU F 198 51.97 -16.11 -16.22
CA LEU F 198 52.81 -15.39 -17.17
C LEU F 198 52.80 -13.91 -16.81
N SER F 199 53.98 -13.36 -16.48
CA SER F 199 54.07 -11.96 -16.12
C SER F 199 53.66 -11.06 -17.29
N SER F 200 54.13 -11.39 -18.49
CA SER F 200 53.84 -10.64 -19.69
C SER F 200 53.19 -11.55 -20.73
N PRO F 201 52.45 -10.99 -21.70
CA PRO F 201 51.80 -11.83 -22.71
C PRO F 201 52.80 -12.52 -23.61
N VAL F 202 53.03 -13.81 -23.40
CA VAL F 202 53.96 -14.56 -24.23
C VAL F 202 53.40 -14.68 -25.64
N THR F 203 54.25 -14.46 -26.63
CA THR F 203 53.86 -14.46 -28.04
C THR F 203 54.71 -15.47 -28.79
N LYS F 204 54.12 -16.61 -29.14
CA LYS F 204 54.74 -17.60 -30.01
C LYS F 204 54.16 -17.45 -31.41
N SER F 205 55.04 -17.37 -32.41
CA SER F 205 54.60 -17.02 -33.75
C SER F 205 55.52 -17.64 -34.79
N PHE F 206 55.00 -17.75 -36.01
CA PHE F 206 55.77 -18.15 -37.17
C PHE F 206 55.35 -17.28 -38.35
N ASN F 207 56.25 -17.14 -39.32
CA ASN F 207 56.02 -16.27 -40.48
C ASN F 207 56.54 -16.99 -41.73
N ARG F 208 55.68 -17.80 -42.34
CA ARG F 208 56.00 -18.50 -43.58
C ARG F 208 55.15 -18.01 -44.75
N GLY F 209 53.84 -17.91 -44.57
CA GLY F 209 52.95 -17.43 -45.62
C GLY F 209 52.84 -18.39 -46.77
N GLU G 4 -3.99 -44.32 19.12
CA GLU G 4 -2.77 -45.06 19.41
C GLU G 4 -1.55 -44.18 19.23
N ALA G 5 -1.24 -43.84 17.98
CA ALA G 5 -0.09 -43.01 17.64
C ALA G 5 -0.53 -41.93 16.67
N THR G 6 0.43 -41.11 16.23
CA THR G 6 0.16 -40.04 15.29
C THR G 6 1.45 -39.31 14.95
N THR G 7 1.58 -38.83 13.71
CA THR G 7 2.79 -38.14 13.27
C THR G 7 2.46 -37.36 12.01
N THR G 8 3.50 -36.85 11.35
CA THR G 8 3.33 -36.08 10.12
C THR G 8 3.24 -37.03 8.93
N LEU G 9 2.19 -36.87 8.14
CA LEU G 9 1.96 -37.69 6.96
C LEU G 9 2.08 -36.83 5.70
N PHE G 10 2.33 -37.51 4.58
CA PHE G 10 2.64 -36.84 3.33
C PHE G 10 1.54 -37.11 2.30
N CYS G 11 1.36 -36.15 1.40
CA CYS G 11 0.30 -36.20 0.40
C CYS G 11 0.75 -36.94 -0.85
N ALA G 12 -0.22 -37.37 -1.65
CA ALA G 12 0.05 -38.09 -2.88
C ALA G 12 -1.16 -37.93 -3.80
N SER G 13 -0.91 -37.53 -5.04
CA SER G 13 -1.98 -37.27 -5.99
C SER G 13 -1.53 -37.63 -7.39
N ASP G 14 -2.50 -37.90 -8.26
CA ASP G 14 -2.24 -38.22 -9.66
C ASP G 14 -2.24 -36.91 -10.47
N ALA G 15 -1.18 -36.14 -10.24
CA ALA G 15 -1.03 -34.83 -10.87
C ALA G 15 -0.28 -34.93 -12.18
N LYS G 16 -0.52 -33.94 -13.04
CA LYS G 16 0.13 -33.85 -14.35
C LYS G 16 1.04 -32.62 -14.37
N ALA G 17 2.31 -32.83 -14.73
CA ALA G 17 3.25 -31.72 -14.77
C ALA G 17 3.02 -30.83 -15.98
N TYR G 18 2.51 -31.39 -17.08
CA TYR G 18 2.26 -30.60 -18.27
C TYR G 18 0.99 -29.76 -18.15
N ASP G 19 -0.01 -30.25 -17.44
CA ASP G 19 -1.23 -29.47 -17.23
C ASP G 19 -0.91 -28.24 -16.38
N THR G 20 -1.45 -27.09 -16.80
CA THR G 20 -1.13 -25.82 -16.16
C THR G 20 -2.11 -25.43 -15.06
N GLU G 21 -3.19 -26.18 -14.87
CA GLU G 21 -4.12 -25.88 -13.79
C GLU G 21 -3.36 -25.88 -12.47
N CYS G 22 -3.65 -24.88 -11.62
CA CYS G 22 -2.76 -24.56 -10.52
C CYS G 22 -2.64 -25.72 -9.53
N HIS G 23 -3.76 -26.36 -9.18
CA HIS G 23 -3.68 -27.50 -8.26
C HIS G 23 -2.67 -28.53 -8.74
N ASN G 24 -2.60 -28.74 -10.06
CA ASN G 24 -1.61 -29.67 -10.60
C ASN G 24 -0.20 -29.17 -10.35
N VAL G 25 0.02 -27.86 -10.48
CA VAL G 25 1.36 -27.30 -10.26
C VAL G 25 1.81 -27.56 -8.83
N TRP G 26 0.99 -27.15 -7.85
CA TRP G 26 1.34 -27.38 -6.46
C TRP G 26 1.56 -28.86 -6.17
N ALA G 27 0.72 -29.73 -6.74
CA ALA G 27 0.88 -31.16 -6.55
C ALA G 27 2.20 -31.65 -7.14
N THR G 28 2.60 -31.09 -8.28
CA THR G 28 3.83 -31.52 -8.94
C THR G 28 5.06 -31.22 -8.09
N HIS G 29 4.99 -30.25 -7.18
CA HIS G 29 6.10 -29.88 -6.32
C HIS G 29 5.66 -29.83 -4.86
N ALA G 30 4.84 -30.79 -4.45
CA ALA G 30 4.42 -30.88 -3.06
C ALA G 30 3.97 -32.31 -2.71
N CYS G 31 3.40 -33.01 -3.69
CA CYS G 31 2.93 -34.37 -3.49
C CYS G 31 3.49 -35.27 -4.58
N VAL G 32 3.76 -36.53 -4.21
CA VAL G 32 4.31 -37.52 -5.13
C VAL G 32 3.17 -38.13 -5.93
N PRO G 33 3.46 -38.89 -7.00
CA PRO G 33 2.37 -39.54 -7.75
C PRO G 33 1.63 -40.56 -6.90
N THR G 34 0.60 -41.19 -7.47
CA THR G 34 -0.17 -42.17 -6.74
C THR G 34 0.61 -43.47 -6.60
N ASP G 35 0.35 -44.18 -5.50
CA ASP G 35 1.01 -45.46 -5.27
C ASP G 35 0.55 -46.47 -6.31
N PRO G 36 1.48 -47.12 -7.03
CA PRO G 36 1.05 -48.11 -8.03
C PRO G 36 0.15 -49.20 -7.47
N ASN G 37 0.58 -49.88 -6.41
CA ASN G 37 -0.18 -50.98 -5.83
C ASN G 37 -0.80 -50.55 -4.52
N PRO G 38 -2.13 -50.55 -4.39
CA PRO G 38 -2.77 -50.20 -3.10
C PRO G 38 -2.77 -51.40 -2.16
N GLN G 39 -2.02 -51.30 -1.07
CA GLN G 39 -1.90 -52.37 -0.09
C GLN G 39 -3.10 -52.32 0.84
N GLU G 40 -4.21 -52.92 0.39
CA GLU G 40 -5.45 -52.98 1.15
C GLU G 40 -5.51 -54.31 1.87
N VAL G 41 -5.47 -54.27 3.20
CA VAL G 41 -5.48 -55.46 4.04
C VAL G 41 -6.72 -55.41 4.92
N VAL G 42 -7.45 -56.53 4.97
CA VAL G 42 -8.66 -56.66 5.78
C VAL G 42 -8.30 -57.43 7.03
N LEU G 43 -8.38 -56.77 8.18
CA LEU G 43 -8.12 -57.42 9.46
C LEU G 43 -9.37 -58.18 9.92
N VAL G 44 -9.15 -59.33 10.56
CA VAL G 44 -10.22 -60.22 10.98
C VAL G 44 -10.37 -60.11 12.49
N ASN G 45 -11.62 -59.94 12.95
CA ASN G 45 -11.93 -59.89 14.37
C ASN G 45 -11.09 -58.82 15.09
N VAL G 46 -11.21 -57.60 14.60
CA VAL G 46 -10.51 -56.45 15.18
C VAL G 46 -11.49 -55.29 15.26
N THR G 47 -11.62 -54.70 16.45
CA THR G 47 -12.44 -53.51 16.67
C THR G 47 -11.54 -52.40 17.18
N GLU G 48 -11.53 -51.27 16.48
CA GLU G 48 -10.66 -50.15 16.79
C GLU G 48 -11.48 -48.92 17.08
N ASN G 49 -11.04 -48.11 18.05
CA ASN G 49 -11.71 -46.87 18.37
C ASN G 49 -11.27 -45.77 17.41
N PHE G 50 -12.18 -44.83 17.16
CA PHE G 50 -11.93 -43.72 16.26
C PHE G 50 -12.53 -42.44 16.83
N ASN G 51 -11.86 -41.32 16.54
CA ASN G 51 -12.34 -39.99 16.95
C ASN G 51 -12.10 -39.07 15.77
N MET G 52 -13.11 -38.88 14.94
CA MET G 52 -12.97 -38.04 13.74
C MET G 52 -12.69 -36.59 14.10
N TRP G 53 -13.15 -36.16 15.27
CA TRP G 53 -13.05 -34.74 15.62
C TRP G 53 -11.69 -34.38 16.20
N LYS G 54 -11.09 -35.29 16.97
CA LYS G 54 -9.76 -35.07 17.53
C LYS G 54 -8.72 -35.87 16.77
N ASN G 55 -8.64 -35.59 15.47
CA ASN G 55 -7.75 -36.31 14.56
C ASN G 55 -6.72 -35.33 14.00
N ASP G 56 -5.45 -35.73 14.03
CA ASP G 56 -4.37 -34.87 13.55
C ASP G 56 -4.34 -34.79 12.02
N MET G 57 -4.80 -35.84 11.33
CA MET G 57 -4.82 -35.82 9.88
C MET G 57 -5.58 -34.62 9.35
N VAL G 58 -6.66 -34.23 10.05
CA VAL G 58 -7.43 -33.06 9.64
C VAL G 58 -6.57 -31.81 9.73
N GLU G 59 -5.77 -31.68 10.79
CA GLU G 59 -4.94 -30.50 10.95
C GLU G 59 -3.87 -30.43 9.87
N GLN G 60 -3.27 -31.57 9.51
CA GLN G 60 -2.26 -31.58 8.46
C GLN G 60 -2.87 -31.21 7.11
N MET G 61 -4.03 -31.78 6.78
CA MET G 61 -4.70 -31.41 5.53
C MET G 61 -5.02 -29.92 5.51
N HIS G 62 -5.44 -29.37 6.66
CA HIS G 62 -5.72 -27.95 6.74
C HIS G 62 -4.47 -27.14 6.40
N GLU G 63 -3.33 -27.51 6.97
CA GLU G 63 -2.08 -26.79 6.71
C GLU G 63 -1.73 -26.84 5.23
N ASP G 64 -1.84 -28.02 4.62
CA ASP G 64 -1.46 -28.16 3.21
C ASP G 64 -2.32 -27.28 2.32
N ILE G 65 -3.64 -27.25 2.57
CA ILE G 65 -4.52 -26.47 1.72
C ILE G 65 -4.27 -24.97 1.91
N ILE G 66 -3.90 -24.56 3.12
CA ILE G 66 -3.54 -23.16 3.35
C ILE G 66 -2.33 -22.80 2.48
N SER G 67 -1.31 -23.66 2.48
CA SER G 67 -0.15 -23.41 1.63
C SER G 67 -0.52 -23.38 0.16
N LEU G 68 -1.46 -24.25 -0.25
CA LEU G 68 -1.91 -24.26 -1.63
C LEU G 68 -2.50 -22.90 -2.02
N TRP G 69 -3.49 -22.44 -1.24
CA TRP G 69 -4.13 -21.16 -1.55
C TRP G 69 -3.13 -20.01 -1.51
N ASP G 70 -2.07 -20.12 -0.70
CA ASP G 70 -1.05 -19.09 -0.68
C ASP G 70 -0.30 -19.03 -1.99
N GLN G 71 -0.08 -20.18 -2.63
CA GLN G 71 0.68 -20.21 -3.87
C GLN G 71 -0.21 -19.93 -5.08
N CYS G 72 -1.43 -20.46 -5.08
CA CYS G 72 -2.32 -20.31 -6.23
C CYS G 72 -3.07 -18.99 -6.20
N LEU G 73 -4.20 -18.96 -5.49
CA LEU G 73 -5.04 -17.76 -5.43
C LEU G 73 -4.31 -16.70 -4.61
N LYS G 74 -3.37 -16.03 -5.27
CA LYS G 74 -2.62 -14.97 -4.63
C LYS G 74 -3.50 -13.73 -4.52
N PRO G 75 -3.74 -13.20 -3.32
CA PRO G 75 -4.63 -12.04 -3.19
C PRO G 75 -3.95 -10.74 -3.62
N CYS G 76 -4.71 -9.88 -4.28
CA CYS G 76 -4.19 -8.59 -4.70
C CYS G 76 -3.69 -7.78 -3.49
N VAL G 77 -4.53 -7.68 -2.46
CA VAL G 77 -4.21 -6.89 -1.27
C VAL G 77 -4.79 -7.59 -0.06
N LYS G 78 -3.94 -8.05 0.85
CA LYS G 78 -4.37 -8.61 2.11
C LYS G 78 -4.51 -7.52 3.15
N LEU G 79 -5.49 -7.67 4.03
CA LEU G 79 -5.81 -6.67 5.05
C LEU G 79 -5.93 -7.33 6.41
N THR G 80 -4.93 -7.15 7.25
CA THR G 80 -4.98 -7.50 8.66
C THR G 80 -5.19 -6.24 9.49
N ASN G 81 -5.56 -6.45 10.76
CA ASN G 81 -5.82 -5.32 11.64
C ASN G 81 -4.54 -4.58 12.03
N THR G 82 -3.38 -5.23 11.93
CA THR G 82 -2.11 -4.62 12.32
C THR G 82 -1.20 -4.36 11.13
N SER G 83 -1.60 -4.70 9.91
CA SER G 83 -0.72 -4.54 8.76
C SER G 83 -1.54 -4.59 7.49
N VAL G 84 -0.91 -4.15 6.40
CA VAL G 84 -1.47 -4.19 5.06
C VAL G 84 -0.43 -4.78 4.12
N ILE G 85 -0.87 -5.64 3.20
CA ILE G 85 0.03 -6.32 2.28
C ILE G 85 -0.51 -6.15 0.86
N THR G 86 0.39 -5.83 -0.07
CA THR G 86 0.04 -5.71 -1.48
C THR G 86 0.98 -6.57 -2.30
N GLN G 87 0.45 -7.19 -3.34
CA GLN G 87 1.24 -8.09 -4.18
C GLN G 87 0.47 -8.32 -5.48
N ALA G 88 1.09 -9.06 -6.39
CA ALA G 88 0.49 -9.35 -7.69
C ALA G 88 -0.50 -10.48 -7.57
N CYS G 89 -1.63 -10.33 -8.25
CA CYS G 89 -2.72 -11.32 -8.23
C CYS G 89 -3.06 -11.69 -9.66
N PRO G 90 -2.35 -12.66 -10.25
CA PRO G 90 -2.63 -13.03 -11.65
C PRO G 90 -3.82 -13.98 -11.73
N LYS G 91 -4.70 -13.71 -12.67
CA LYS G 91 -5.87 -14.57 -12.89
C LYS G 91 -5.42 -15.89 -13.50
N VAL G 92 -5.82 -16.99 -12.87
CA VAL G 92 -5.41 -18.33 -13.28
C VAL G 92 -6.61 -19.27 -13.13
N SER G 93 -6.48 -20.46 -13.73
CA SER G 93 -7.52 -21.47 -13.63
C SER G 93 -7.47 -22.17 -12.28
N PHE G 94 -8.63 -22.69 -11.85
CA PHE G 94 -8.75 -23.27 -10.52
C PHE G 94 -9.81 -24.37 -10.59
N GLU G 95 -9.37 -25.62 -10.65
CA GLU G 95 -10.26 -26.78 -10.68
C GLU G 95 -9.73 -27.79 -9.67
N PRO G 96 -10.51 -28.20 -8.67
CA PRO G 96 -9.98 -29.09 -7.64
C PRO G 96 -9.75 -30.49 -8.17
N ILE G 97 -8.72 -31.14 -7.65
CA ILE G 97 -8.36 -32.50 -8.03
C ILE G 97 -8.23 -33.34 -6.75
N PRO G 98 -8.18 -34.66 -6.83
CA PRO G 98 -8.09 -35.47 -5.61
C PRO G 98 -6.68 -35.54 -5.06
N ILE G 99 -6.61 -35.78 -3.75
CA ILE G 99 -5.33 -35.85 -3.03
C ILE G 99 -5.41 -36.98 -2.03
N HIS G 100 -4.38 -37.82 -2.01
CA HIS G 100 -4.27 -38.92 -1.04
C HIS G 100 -3.19 -38.59 -0.01
N TYR G 101 -3.47 -38.91 1.25
CA TYR G 101 -2.54 -38.67 2.35
C TYR G 101 -2.05 -40.02 2.87
N CYS G 102 -0.99 -40.54 2.26
CA CYS G 102 -0.37 -41.75 2.75
C CYS G 102 0.24 -41.51 4.14
N ALA G 103 0.34 -42.59 4.91
CA ALA G 103 1.10 -42.54 6.15
C ALA G 103 2.59 -42.63 5.84
N PRO G 104 3.45 -42.21 6.76
CA PRO G 104 4.89 -42.18 6.48
C PRO G 104 5.51 -43.56 6.65
N ALA G 105 6.84 -43.59 6.50
CA ALA G 105 7.55 -44.87 6.51
C ALA G 105 7.34 -45.64 7.80
N GLY G 106 7.16 -44.93 8.92
CA GLY G 106 7.12 -45.58 10.22
C GLY G 106 5.73 -46.00 10.67
N PHE G 107 4.68 -45.49 10.03
CA PHE G 107 3.32 -45.69 10.48
C PHE G 107 2.43 -46.09 9.31
N ALA G 108 1.18 -46.43 9.63
CA ALA G 108 0.19 -46.81 8.63
C ALA G 108 -1.17 -46.30 9.07
N ILE G 109 -2.11 -46.27 8.13
CA ILE G 109 -3.46 -45.78 8.36
C ILE G 109 -4.40 -46.96 8.56
N LEU G 110 -5.32 -46.82 9.51
CA LEU G 110 -6.43 -47.74 9.66
C LEU G 110 -7.69 -47.12 9.07
N LYS G 111 -8.45 -47.92 8.32
CA LYS G 111 -9.67 -47.46 7.67
C LYS G 111 -10.84 -48.26 8.21
N CYS G 112 -11.79 -47.57 8.84
CA CYS G 112 -13.01 -48.19 9.36
C CYS G 112 -13.99 -48.38 8.20
N ASN G 113 -14.21 -49.63 7.79
CA ASN G 113 -15.09 -49.94 6.67
C ASN G 113 -16.53 -50.17 7.11
N ASN G 114 -16.93 -49.69 8.28
CA ASN G 114 -18.30 -49.84 8.73
C ASN G 114 -19.24 -49.09 7.79
N LYS G 115 -20.30 -49.77 7.35
CA LYS G 115 -21.21 -49.17 6.38
C LYS G 115 -21.81 -47.89 6.91
N THR G 116 -22.20 -47.86 8.18
CA THR G 116 -22.77 -46.67 8.84
C THR G 116 -22.04 -46.47 10.16
N PHE G 117 -20.97 -45.68 10.12
CA PHE G 117 -20.20 -45.34 11.31
C PHE G 117 -20.45 -43.87 11.65
N ASN G 118 -20.71 -43.60 12.93
CA ASN G 118 -21.08 -42.25 13.34
C ASN G 118 -19.88 -41.34 13.54
N GLY G 119 -18.68 -41.89 13.66
CA GLY G 119 -17.45 -41.11 13.76
C GLY G 119 -16.73 -41.25 15.09
N THR G 120 -17.41 -41.72 16.13
CA THR G 120 -16.81 -41.86 17.45
C THR G 120 -17.16 -43.22 18.02
N GLY G 121 -16.20 -43.83 18.72
CA GLY G 121 -16.41 -45.11 19.36
C GLY G 121 -15.86 -46.26 18.55
N PRO G 122 -15.91 -47.46 19.12
CA PRO G 122 -15.39 -48.64 18.41
C PRO G 122 -16.02 -48.81 17.04
N CYS G 123 -15.22 -49.32 16.11
CA CYS G 123 -15.67 -49.68 14.77
C CYS G 123 -15.46 -51.17 14.58
N THR G 124 -16.47 -51.85 14.02
CA THR G 124 -16.44 -53.31 13.94
C THR G 124 -15.42 -53.79 12.92
N ASN G 125 -15.65 -53.47 11.65
CA ASN G 125 -14.74 -53.85 10.57
C ASN G 125 -13.73 -52.74 10.35
N VAL G 126 -12.44 -53.10 10.38
CA VAL G 126 -11.35 -52.17 10.13
C VAL G 126 -10.38 -52.84 9.17
N SER G 127 -10.05 -52.14 8.08
CA SER G 127 -9.08 -52.59 7.11
C SER G 127 -7.98 -51.55 6.98
N THR G 128 -6.73 -52.00 6.88
CA THR G 128 -5.58 -51.11 6.90
C THR G 128 -5.11 -50.85 5.47
N VAL G 129 -5.00 -49.57 5.12
CA VAL G 129 -4.50 -49.13 3.82
C VAL G 129 -3.53 -48.00 4.07
N GLN G 130 -2.42 -47.98 3.32
CA GLN G 130 -1.40 -46.97 3.58
C GLN G 130 -1.79 -45.60 3.05
N CYS G 131 -2.62 -45.54 2.01
CA CYS G 131 -3.07 -44.29 1.42
C CYS G 131 -4.58 -44.19 1.46
N THR G 132 -5.08 -42.97 1.54
CA THR G 132 -6.52 -42.71 1.61
C THR G 132 -7.08 -42.53 0.22
N HIS G 133 -8.37 -42.85 0.06
CA HIS G 133 -9.05 -42.57 -1.20
C HIS G 133 -9.11 -41.08 -1.44
N GLY G 134 -8.97 -40.68 -2.71
CA GLY G 134 -8.82 -39.29 -3.07
C GLY G 134 -9.85 -38.36 -2.48
N ILE G 135 -9.44 -37.16 -2.11
CA ILE G 135 -10.31 -36.17 -1.47
C ILE G 135 -10.12 -34.85 -2.19
N ARG G 136 -11.13 -34.43 -2.94
CA ARG G 136 -11.08 -33.13 -3.60
C ARG G 136 -11.14 -32.03 -2.55
N PRO G 137 -10.13 -31.17 -2.43
CA PRO G 137 -10.17 -30.11 -1.39
C PRO G 137 -11.01 -28.91 -1.80
N VAL G 138 -12.33 -29.09 -1.74
CA VAL G 138 -13.27 -28.05 -2.15
C VAL G 138 -13.62 -27.20 -0.94
N VAL G 139 -13.52 -25.89 -1.09
CA VAL G 139 -13.87 -24.94 -0.05
C VAL G 139 -15.30 -24.46 -0.28
N SER G 140 -16.17 -24.71 0.69
CA SER G 140 -17.56 -24.29 0.61
C SER G 140 -18.02 -23.88 2.01
N THR G 141 -19.10 -23.09 2.04
CA THR G 141 -19.62 -22.54 3.29
C THR G 141 -20.79 -23.36 3.82
N GLN G 142 -21.85 -23.50 3.01
CA GLN G 142 -23.05 -24.22 3.43
C GLN G 142 -23.05 -25.66 2.94
N LEU G 143 -23.08 -25.85 1.62
CA LEU G 143 -23.17 -27.18 1.03
C LEU G 143 -21.77 -27.75 0.78
N LEU G 144 -21.67 -29.07 0.87
CA LEU G 144 -20.43 -29.78 0.60
C LEU G 144 -20.48 -30.30 -0.84
N LEU G 145 -19.62 -29.77 -1.70
CA LEU G 145 -19.60 -30.10 -3.11
C LEU G 145 -18.45 -31.06 -3.43
N ASN G 146 -18.56 -31.71 -4.60
CA ASN G 146 -17.58 -32.68 -5.09
C ASN G 146 -17.08 -33.56 -3.94
N GLY G 147 -17.98 -33.97 -3.05
CA GLY G 147 -17.65 -34.79 -1.92
C GLY G 147 -17.95 -36.26 -2.15
N SER G 148 -17.94 -37.02 -1.05
CA SER G 148 -18.23 -38.45 -1.07
C SER G 148 -19.56 -38.66 -0.35
N LEU G 149 -20.60 -39.00 -1.12
CA LEU G 149 -21.85 -39.41 -0.51
C LEU G 149 -21.61 -40.66 0.35
N ALA G 150 -22.06 -40.61 1.59
CA ALA G 150 -21.90 -41.77 2.47
C ALA G 150 -22.72 -42.92 1.93
N GLU G 151 -22.07 -44.05 1.65
CA GLU G 151 -22.76 -45.18 1.05
C GLU G 151 -23.78 -45.74 2.02
N GLU G 152 -24.88 -46.26 1.48
CA GLU G 152 -25.91 -46.93 2.26
C GLU G 152 -26.55 -45.98 3.28
N GLU G 153 -27.17 -44.92 2.74
CA GLU G 153 -28.08 -44.07 3.52
C GLU G 153 -27.35 -42.93 4.21
N VAL G 154 -28.08 -41.84 4.47
CA VAL G 154 -27.49 -40.66 5.08
C VAL G 154 -27.07 -40.96 6.51
N VAL G 155 -25.99 -40.32 6.96
CA VAL G 155 -25.48 -40.46 8.32
C VAL G 155 -25.29 -39.07 8.90
N ILE G 156 -25.66 -38.91 10.17
CA ILE G 156 -25.52 -37.65 10.89
C ILE G 156 -24.31 -37.75 11.81
N ARG G 157 -23.58 -36.64 11.94
CA ARG G 157 -22.33 -36.62 12.70
C ARG G 157 -22.20 -35.32 13.47
N SER G 158 -21.75 -35.41 14.71
CA SER G 158 -21.53 -34.25 15.57
C SER G 158 -20.81 -34.71 16.83
N VAL G 159 -20.04 -33.79 17.42
CA VAL G 159 -19.27 -34.13 18.61
C VAL G 159 -20.21 -34.43 19.77
N ASN G 160 -21.32 -33.71 19.85
CA ASN G 160 -22.27 -33.88 20.97
C ASN G 160 -23.61 -33.31 20.52
N PHE G 161 -24.57 -34.19 20.28
CA PHE G 161 -25.87 -33.74 19.78
C PHE G 161 -26.59 -32.86 20.80
N THR G 162 -26.31 -33.06 22.09
CA THR G 162 -26.97 -32.26 23.11
C THR G 162 -26.53 -30.80 23.07
N ASP G 163 -25.22 -30.57 22.89
CA ASP G 163 -24.70 -29.21 22.82
C ASP G 163 -25.15 -28.57 21.51
N ASN G 164 -25.89 -27.46 21.62
CA ASN G 164 -26.41 -26.82 20.42
C ASN G 164 -25.33 -26.09 19.62
N ALA G 165 -24.34 -25.54 20.31
CA ALA G 165 -23.32 -24.74 19.62
C ALA G 165 -22.51 -25.59 18.65
N LYS G 166 -22.21 -26.83 19.04
CA LYS G 166 -21.41 -27.70 18.19
C LYS G 166 -22.07 -27.86 16.82
N THR G 167 -21.24 -27.87 15.78
CA THR G 167 -21.76 -28.00 14.43
C THR G 167 -22.26 -29.41 14.16
N ILE G 168 -23.15 -29.52 13.17
CA ILE G 168 -23.70 -30.81 12.74
C ILE G 168 -23.31 -31.01 11.29
N ILE G 169 -22.76 -32.19 10.98
CA ILE G 169 -22.35 -32.55 9.63
C ILE G 169 -23.31 -33.60 9.09
N VAL G 170 -23.64 -33.48 7.81
CA VAL G 170 -24.54 -34.40 7.14
C VAL G 170 -23.87 -34.89 5.87
N GLN G 171 -23.98 -36.19 5.60
CA GLN G 171 -23.38 -36.81 4.41
C GLN G 171 -24.46 -37.58 3.67
N LEU G 172 -24.88 -37.06 2.52
CA LEU G 172 -26.05 -37.56 1.82
C LEU G 172 -25.72 -38.84 1.05
N ASN G 173 -26.78 -39.58 0.72
CA ASN G 173 -26.65 -40.83 -0.02
C ASN G 173 -26.67 -40.62 -1.53
N THR G 174 -27.58 -39.78 -2.03
CA THR G 174 -27.69 -39.50 -3.45
C THR G 174 -27.15 -38.11 -3.73
N SER G 175 -26.31 -37.99 -4.76
CA SER G 175 -25.72 -36.71 -5.11
C SER G 175 -26.74 -35.83 -5.82
N VAL G 176 -26.77 -34.55 -5.45
CA VAL G 176 -27.66 -33.57 -6.05
C VAL G 176 -26.81 -32.65 -6.92
N GLU G 177 -26.99 -32.73 -8.23
CA GLU G 177 -26.24 -31.88 -9.14
C GLU G 177 -26.73 -30.44 -9.03
N ILE G 178 -25.82 -29.51 -9.28
CA ILE G 178 -26.10 -28.08 -9.18
C ILE G 178 -25.35 -27.38 -10.30
N ASN G 179 -26.08 -26.81 -11.25
CA ASN G 179 -25.48 -26.01 -12.31
C ASN G 179 -25.43 -24.55 -11.88
N CYS G 180 -24.23 -24.00 -11.80
CA CYS G 180 -24.03 -22.58 -11.51
C CYS G 180 -23.11 -22.01 -12.58
N THR G 181 -23.43 -20.81 -13.06
CA THR G 181 -22.62 -20.21 -14.11
C THR G 181 -22.86 -18.71 -14.15
N ARG G 182 -21.80 -17.97 -14.47
CA ARG G 182 -21.89 -16.54 -14.72
C ARG G 182 -22.07 -16.34 -16.22
N PRO G 183 -23.22 -15.85 -16.70
CA PRO G 183 -23.43 -15.76 -18.15
C PRO G 183 -22.56 -14.68 -18.79
N ASN G 184 -22.85 -14.34 -20.04
CA ASN G 184 -22.07 -13.33 -20.75
C ASN G 184 -22.93 -12.73 -21.85
N ASN G 185 -22.74 -11.44 -22.09
CA ASN G 185 -23.49 -10.72 -23.11
C ASN G 185 -23.14 -11.22 -24.50
N ASN G 193 -24.40 -6.87 -16.06
CA ASN G 193 -23.51 -6.70 -14.93
C ASN G 193 -22.69 -7.98 -14.71
N MET G 194 -21.36 -7.84 -14.76
CA MET G 194 -20.49 -9.00 -14.69
C MET G 194 -20.58 -9.71 -13.34
N ARG G 195 -20.86 -8.96 -12.27
CA ARG G 195 -20.91 -9.58 -10.94
C ARG G 195 -22.10 -10.52 -10.80
N GLN G 196 -23.17 -10.28 -11.52
CA GLN G 196 -24.38 -11.07 -11.36
C GLN G 196 -24.20 -12.46 -11.95
N ALA G 197 -24.66 -13.47 -11.20
CA ALA G 197 -24.67 -14.86 -11.65
C ALA G 197 -25.87 -15.54 -11.03
N HIS G 198 -25.92 -16.87 -11.13
CA HIS G 198 -27.03 -17.62 -10.56
C HIS G 198 -26.74 -19.12 -10.67
N CYS G 199 -27.45 -19.89 -9.86
CA CYS G 199 -27.38 -21.33 -9.85
C CYS G 199 -28.71 -21.93 -10.34
N ASN G 200 -28.66 -23.21 -10.65
CA ASN G 200 -29.85 -23.96 -11.08
C ASN G 200 -29.77 -25.36 -10.49
N ILE G 201 -30.76 -25.71 -9.66
CA ILE G 201 -30.80 -27.01 -9.00
C ILE G 201 -32.25 -27.51 -9.03
N SER G 202 -32.41 -28.81 -9.20
CA SER G 202 -33.74 -29.40 -9.28
C SER G 202 -34.51 -29.14 -7.99
N ARG G 203 -35.79 -28.76 -8.14
CA ARG G 203 -36.63 -28.50 -6.98
C ARG G 203 -37.12 -29.79 -6.34
N ALA G 204 -37.76 -30.66 -7.14
CA ALA G 204 -38.32 -31.89 -6.60
C ALA G 204 -37.25 -32.75 -5.95
N LYS G 205 -36.10 -32.90 -6.63
CA LYS G 205 -35.03 -33.73 -6.09
C LYS G 205 -34.54 -33.18 -4.76
N TRP G 206 -34.30 -31.87 -4.70
CA TRP G 206 -33.79 -31.29 -3.46
C TRP G 206 -34.78 -31.45 -2.32
N ASN G 207 -36.07 -31.21 -2.58
CA ASN G 207 -37.06 -31.41 -1.54
C ASN G 207 -37.06 -32.84 -1.04
N ASN G 208 -36.87 -33.81 -1.94
CA ASN G 208 -36.77 -35.20 -1.52
C ASN G 208 -35.62 -35.39 -0.56
N THR G 209 -34.44 -34.84 -0.90
CA THR G 209 -33.29 -34.95 0.00
C THR G 209 -33.58 -34.27 1.33
N LEU G 210 -34.25 -33.12 1.30
CA LEU G 210 -34.62 -32.45 2.54
C LEU G 210 -35.52 -33.33 3.39
N LYS G 211 -36.44 -34.06 2.75
CA LYS G 211 -37.31 -34.97 3.49
C LYS G 211 -36.49 -36.10 4.12
N GLN G 212 -35.48 -36.59 3.40
CA GLN G 212 -34.63 -37.64 3.96
C GLN G 212 -33.86 -37.14 5.17
N ILE G 213 -33.26 -35.96 5.07
CA ILE G 213 -32.55 -35.38 6.20
C ILE G 213 -33.51 -35.17 7.37
N ALA G 214 -34.71 -34.66 7.09
CA ALA G 214 -35.69 -34.47 8.15
C ALA G 214 -36.00 -35.79 8.85
N SER G 215 -36.03 -36.89 8.10
CA SER G 215 -36.25 -38.20 8.70
C SER G 215 -35.07 -38.59 9.58
N LYS G 216 -33.85 -38.45 9.06
CA LYS G 216 -32.66 -38.75 9.85
C LYS G 216 -32.59 -37.86 11.09
N LEU G 217 -32.81 -36.56 10.91
CA LEU G 217 -32.82 -35.64 12.05
C LEU G 217 -33.95 -36.00 13.01
N ARG G 218 -35.09 -36.46 12.49
CA ARG G 218 -36.21 -36.79 13.36
C ARG G 218 -35.89 -37.97 14.27
N GLU G 219 -35.19 -38.98 13.75
CA GLU G 219 -34.87 -40.16 14.56
C GLU G 219 -33.99 -39.80 15.75
N GLN G 220 -33.11 -38.81 15.60
CA GLN G 220 -32.20 -38.46 16.69
C GLN G 220 -32.92 -37.71 17.80
N PHE G 221 -33.83 -36.81 17.45
CA PHE G 221 -34.45 -35.90 18.41
C PHE G 221 -35.93 -36.21 18.54
N GLY G 222 -36.39 -36.44 19.78
CA GLY G 222 -37.79 -36.46 20.14
C GLY G 222 -38.77 -37.06 19.14
N ASN G 223 -38.35 -38.09 18.43
CA ASN G 223 -39.26 -38.88 17.59
C ASN G 223 -40.04 -38.01 16.61
N ASN G 224 -39.30 -37.40 15.69
CA ASN G 224 -39.89 -36.65 14.58
C ASN G 224 -40.88 -35.60 15.08
N LYS G 225 -40.39 -34.74 15.99
CA LYS G 225 -41.21 -33.72 16.62
C LYS G 225 -40.59 -32.35 16.37
N THR G 226 -41.37 -31.45 15.76
CA THR G 226 -40.98 -30.05 15.58
C THR G 226 -39.66 -29.93 14.81
N ILE G 227 -39.66 -30.50 13.61
CA ILE G 227 -38.50 -30.48 12.73
C ILE G 227 -38.80 -29.57 11.56
N ILE G 228 -38.06 -28.46 11.46
CA ILE G 228 -38.23 -27.50 10.37
C ILE G 228 -36.92 -26.75 10.20
N PHE G 229 -36.69 -26.23 9.00
CA PHE G 229 -35.47 -25.52 8.67
C PHE G 229 -35.74 -24.02 8.52
N LYS G 230 -34.66 -23.25 8.47
CA LYS G 230 -34.75 -21.81 8.28
C LYS G 230 -33.39 -21.31 7.83
N GLN G 231 -33.39 -20.08 7.28
CA GLN G 231 -32.16 -19.50 6.78
C GLN G 231 -31.20 -19.20 7.93
N SER G 232 -29.94 -18.98 7.57
CA SER G 232 -28.92 -18.68 8.57
C SER G 232 -29.27 -17.39 9.30
N SER G 233 -29.11 -17.42 10.63
CA SER G 233 -29.49 -16.27 11.45
C SER G 233 -28.69 -15.04 11.07
N GLY G 234 -27.37 -15.09 11.27
CA GLY G 234 -26.53 -13.94 10.99
C GLY G 234 -25.08 -14.31 10.99
N GLY G 235 -24.24 -13.29 10.80
CA GLY G 235 -22.81 -13.44 10.70
C GLY G 235 -22.27 -12.75 9.48
N ASP G 236 -20.96 -12.89 9.27
CA ASP G 236 -20.33 -12.32 8.10
C ASP G 236 -20.97 -12.90 6.84
N PRO G 237 -20.93 -12.15 5.72
CA PRO G 237 -21.54 -12.67 4.48
C PRO G 237 -20.99 -14.02 4.06
N GLU G 238 -19.84 -14.40 4.64
CA GLU G 238 -19.24 -15.69 4.33
C GLU G 238 -20.21 -16.82 4.66
N ILE G 239 -20.65 -16.90 5.92
CA ILE G 239 -21.44 -18.04 6.36
C ILE G 239 -22.92 -17.85 5.99
N VAL G 240 -23.38 -16.61 5.88
CA VAL G 240 -24.80 -16.37 5.63
C VAL G 240 -25.23 -16.98 4.30
N THR G 241 -24.39 -16.84 3.27
CA THR G 241 -24.72 -17.27 1.92
C THR G 241 -23.82 -18.42 1.49
N HIS G 242 -24.42 -19.39 0.80
CA HIS G 242 -23.66 -20.50 0.22
C HIS G 242 -22.66 -19.95 -0.81
N SER G 243 -21.38 -19.96 -0.46
CA SER G 243 -20.34 -19.41 -1.31
C SER G 243 -19.28 -20.47 -1.57
N PHE G 244 -18.57 -20.29 -2.68
CA PHE G 244 -17.53 -21.24 -3.11
C PHE G 244 -16.77 -20.58 -4.26
N ASN G 245 -15.66 -21.22 -4.64
CA ASN G 245 -14.86 -20.76 -5.77
C ASN G 245 -15.28 -21.53 -7.02
N CYS G 246 -15.58 -20.78 -8.08
CA CYS G 246 -15.98 -21.36 -9.37
C CYS G 246 -15.09 -20.76 -10.45
N GLY G 247 -14.24 -21.60 -11.04
CA GLY G 247 -13.36 -21.14 -12.10
C GLY G 247 -12.45 -20.01 -11.70
N GLY G 248 -12.08 -19.94 -10.42
CA GLY G 248 -11.21 -18.90 -9.92
C GLY G 248 -11.91 -17.67 -9.39
N GLU G 249 -13.21 -17.52 -9.63
CA GLU G 249 -13.99 -16.40 -9.15
C GLU G 249 -14.95 -16.86 -8.06
N PHE G 250 -14.98 -16.13 -6.95
CA PHE G 250 -15.77 -16.53 -5.79
C PHE G 250 -17.22 -16.15 -6.00
N PHE G 251 -18.11 -17.14 -5.88
CA PHE G 251 -19.54 -16.92 -5.96
C PHE G 251 -20.13 -16.91 -4.56
N TYR G 252 -21.08 -16.01 -4.32
CA TYR G 252 -21.82 -15.93 -3.06
C TYR G 252 -23.29 -16.10 -3.40
N CYS G 253 -23.78 -17.33 -3.29
CA CYS G 253 -25.13 -17.68 -3.73
C CYS G 253 -26.13 -17.53 -2.60
N ASN G 254 -27.30 -16.97 -2.93
CA ASN G 254 -28.39 -16.83 -1.98
C ASN G 254 -29.10 -18.18 -1.84
N SER G 255 -28.87 -18.87 -0.72
CA SER G 255 -29.44 -20.18 -0.48
C SER G 255 -30.64 -20.13 0.47
N THR G 256 -31.31 -18.99 0.55
CA THR G 256 -32.48 -18.88 1.41
C THR G 256 -33.65 -19.71 0.86
N GLN G 257 -33.80 -19.74 -0.46
CA GLN G 257 -34.89 -20.50 -1.05
C GLN G 257 -34.76 -22.00 -0.76
N LEU G 258 -33.53 -22.51 -0.75
CA LEU G 258 -33.32 -23.93 -0.53
C LEU G 258 -33.78 -24.35 0.87
N PHE G 259 -33.49 -23.53 1.87
CA PHE G 259 -33.80 -23.84 3.26
C PHE G 259 -35.02 -23.04 3.69
N ASN G 260 -36.19 -23.68 3.65
CA ASN G 260 -37.43 -23.04 4.09
C ASN G 260 -38.53 -24.09 4.25
N ASP G 280 -40.55 -28.34 -11.21
CA ASP G 280 -39.96 -27.04 -11.51
C ASP G 280 -38.50 -27.03 -11.06
N THR G 281 -37.73 -26.06 -11.56
CA THR G 281 -36.31 -25.96 -11.29
C THR G 281 -36.04 -24.75 -10.42
N ILE G 282 -35.39 -24.96 -9.27
CA ILE G 282 -35.01 -23.86 -8.39
C ILE G 282 -33.90 -23.05 -9.06
N THR G 283 -33.86 -21.75 -8.74
CA THR G 283 -32.84 -20.86 -9.26
C THR G 283 -32.40 -19.92 -8.14
N LEU G 284 -31.09 -19.89 -7.86
CA LEU G 284 -30.54 -19.05 -6.81
C LEU G 284 -29.80 -17.89 -7.44
N PRO G 285 -29.98 -16.65 -6.93
CA PRO G 285 -29.19 -15.53 -7.47
C PRO G 285 -27.85 -15.39 -6.79
N CYS G 286 -26.78 -15.71 -7.51
CA CYS G 286 -25.41 -15.58 -7.02
C CYS G 286 -24.79 -14.31 -7.59
N ARG G 287 -23.91 -13.69 -6.81
CA ARG G 287 -23.22 -12.47 -7.22
C ARG G 287 -21.76 -12.58 -6.83
N ILE G 288 -20.87 -12.54 -7.83
CA ILE G 288 -19.45 -12.55 -7.55
C ILE G 288 -19.10 -11.33 -6.70
N LYS G 289 -18.27 -11.54 -5.69
CA LYS G 289 -17.70 -10.44 -4.92
C LYS G 289 -16.20 -10.63 -4.78
N GLN G 290 -15.47 -9.52 -4.81
CA GLN G 290 -14.02 -9.55 -4.89
C GLN G 290 -13.34 -9.28 -3.55
N ILE G 291 -14.07 -8.79 -2.56
CA ILE G 291 -13.55 -8.58 -1.21
C ILE G 291 -14.22 -9.59 -0.29
N ILE G 292 -13.41 -10.38 0.42
CA ILE G 292 -13.90 -11.50 1.20
C ILE G 292 -13.10 -11.61 2.50
N ASN G 293 -13.71 -12.28 3.48
CA ASN G 293 -13.00 -12.62 4.71
C ASN G 293 -12.23 -13.92 4.48
N MET G 294 -10.92 -13.87 4.72
CA MET G 294 -10.10 -15.05 4.56
C MET G 294 -10.48 -16.10 5.59
N TRP G 295 -10.45 -17.37 5.18
CA TRP G 295 -10.67 -18.48 6.09
C TRP G 295 -9.38 -19.04 6.67
N GLN G 296 -8.23 -18.63 6.14
CA GLN G 296 -6.95 -19.07 6.69
C GLN G 296 -6.74 -18.51 8.10
N LYS G 297 -6.80 -17.18 8.23
CA LYS G 297 -6.60 -16.51 9.51
C LYS G 297 -7.56 -15.33 9.59
N VAL G 298 -7.53 -14.64 10.72
CA VAL G 298 -8.39 -13.47 10.94
C VAL G 298 -7.92 -12.36 10.01
N GLY G 299 -8.77 -11.99 9.06
CA GLY G 299 -8.42 -10.94 8.12
C GLY G 299 -9.31 -10.99 6.90
N LYS G 300 -9.00 -10.11 5.95
CA LYS G 300 -9.75 -10.02 4.71
C LYS G 300 -8.77 -9.85 3.55
N ALA G 301 -9.24 -10.17 2.35
CA ALA G 301 -8.44 -10.07 1.15
C ALA G 301 -9.31 -9.57 0.00
N MET G 302 -8.65 -8.96 -0.99
CA MET G 302 -9.31 -8.39 -2.15
C MET G 302 -8.66 -8.93 -3.41
N TYR G 303 -9.47 -9.32 -4.38
CA TYR G 303 -8.99 -9.84 -5.65
C TYR G 303 -9.32 -8.88 -6.78
N ALA G 304 -8.65 -9.08 -7.92
CA ALA G 304 -8.82 -8.24 -9.07
C ALA G 304 -10.24 -8.38 -9.63
N PRO G 305 -10.64 -7.50 -10.54
CA PRO G 305 -11.98 -7.61 -11.13
C PRO G 305 -12.19 -8.97 -11.79
N PRO G 306 -13.43 -9.35 -12.04
CA PRO G 306 -13.69 -10.69 -12.60
C PRO G 306 -13.37 -10.77 -14.08
N ILE G 307 -13.03 -11.97 -14.52
CA ILE G 307 -12.72 -12.20 -15.93
C ILE G 307 -14.01 -12.27 -16.73
N SER G 308 -13.89 -12.03 -18.03
CA SER G 308 -15.02 -12.03 -18.95
C SER G 308 -15.14 -13.37 -19.65
N GLY G 309 -16.38 -13.79 -19.89
CA GLY G 309 -16.67 -15.01 -20.61
C GLY G 309 -17.71 -15.85 -19.92
N GLN G 310 -17.96 -17.02 -20.49
CA GLN G 310 -18.91 -17.99 -19.95
C GLN G 310 -18.19 -18.84 -18.90
N ILE G 311 -18.52 -18.63 -17.64
CA ILE G 311 -18.01 -19.43 -16.55
C ILE G 311 -19.13 -20.38 -16.11
N ARG G 312 -18.88 -21.68 -16.20
CA ARG G 312 -19.82 -22.69 -15.76
C ARG G 312 -19.14 -23.60 -14.75
N CYS G 313 -19.86 -23.95 -13.69
CA CYS G 313 -19.37 -24.89 -12.68
C CYS G 313 -20.53 -25.76 -12.24
N SER G 314 -20.44 -27.06 -12.51
CA SER G 314 -21.43 -28.04 -12.11
C SER G 314 -20.78 -29.01 -11.14
N SER G 315 -21.34 -29.11 -9.93
CA SER G 315 -20.77 -29.93 -8.87
C SER G 315 -21.82 -30.91 -8.36
N ASN G 316 -21.35 -31.93 -7.66
CA ASN G 316 -22.20 -32.94 -7.05
C ASN G 316 -22.29 -32.67 -5.55
N ILE G 317 -23.48 -32.32 -5.08
CA ILE G 317 -23.69 -32.07 -3.65
C ILE G 317 -23.74 -33.41 -2.93
N THR G 318 -22.96 -33.55 -1.85
CA THR G 318 -22.90 -34.81 -1.12
C THR G 318 -22.90 -34.61 0.39
N GLY G 319 -23.30 -33.43 0.88
CA GLY G 319 -23.33 -33.19 2.30
C GLY G 319 -23.62 -31.74 2.67
N LEU G 320 -24.14 -31.53 3.87
CA LEU G 320 -24.50 -30.20 4.35
C LEU G 320 -23.95 -29.99 5.75
N LEU G 321 -23.72 -28.73 6.10
CA LEU G 321 -23.24 -28.35 7.43
C LEU G 321 -24.32 -27.49 8.09
N LEU G 322 -25.06 -28.09 9.02
CA LEU G 322 -26.16 -27.43 9.70
C LEU G 322 -25.83 -27.23 11.17
N THR G 323 -26.57 -26.31 11.80
CA THR G 323 -26.44 -26.03 13.22
C THR G 323 -27.82 -25.83 13.82
N ARG G 324 -27.95 -26.14 15.10
CA ARG G 324 -29.23 -26.09 15.81
C ARG G 324 -29.25 -24.89 16.75
N ASP G 325 -30.30 -24.08 16.65
CA ASP G 325 -30.51 -22.99 17.59
C ASP G 325 -31.15 -23.54 18.86
N GLY G 326 -30.61 -23.14 20.01
CA GLY G 326 -31.06 -23.70 21.26
C GLY G 326 -32.46 -23.26 21.64
N GLY G 327 -33.07 -24.05 22.53
CA GLY G 327 -34.38 -23.74 23.05
C GLY G 327 -35.34 -24.90 22.91
N ASN G 328 -36.29 -24.98 23.84
CA ASN G 328 -37.33 -26.00 23.79
C ASN G 328 -38.39 -25.62 22.77
N SER G 329 -39.21 -26.60 22.41
CA SER G 329 -40.29 -26.39 21.45
C SER G 329 -41.65 -26.50 22.12
N GLU G 334 -37.65 -28.57 16.92
CA GLU G 334 -36.26 -28.17 16.84
C GLU G 334 -36.00 -27.34 15.58
N ILE G 335 -35.17 -26.31 15.72
CA ILE G 335 -34.85 -25.39 14.64
C ILE G 335 -33.46 -25.73 14.10
N PHE G 336 -33.30 -25.64 12.79
CA PHE G 336 -32.03 -25.93 12.14
C PHE G 336 -31.73 -24.88 11.09
N ARG G 337 -30.51 -24.38 11.08
CA ARG G 337 -30.04 -23.42 10.09
C ARG G 337 -28.68 -23.85 9.57
N PRO G 338 -28.36 -23.55 8.32
CA PRO G 338 -27.09 -24.02 7.76
C PRO G 338 -25.91 -23.26 8.35
N GLY G 339 -24.84 -24.01 8.64
CA GLY G 339 -23.66 -23.44 9.25
C GLY G 339 -22.43 -23.54 8.37
N GLY G 340 -21.25 -23.55 8.99
CA GLY G 340 -20.00 -23.59 8.25
C GLY G 340 -19.08 -22.46 8.62
N GLY G 341 -18.06 -22.22 7.79
CA GLY G 341 -17.12 -21.16 8.03
C GLY G 341 -15.75 -21.68 8.41
N ASP G 342 -15.71 -22.71 9.25
CA ASP G 342 -14.47 -23.36 9.66
C ASP G 342 -14.26 -24.58 8.78
N MET G 343 -13.25 -24.52 7.91
CA MET G 343 -13.04 -25.60 6.94
C MET G 343 -12.43 -26.84 7.57
N ARG G 344 -12.07 -26.81 8.85
CA ARG G 344 -11.66 -28.03 9.52
C ARG G 344 -12.76 -29.09 9.45
N ASP G 345 -14.01 -28.68 9.58
CA ASP G 345 -15.12 -29.63 9.56
C ASP G 345 -15.26 -30.29 8.20
N ASN G 346 -14.99 -29.57 7.11
CA ASN G 346 -15.05 -30.16 5.78
C ASN G 346 -14.05 -31.31 5.66
N TRP G 347 -12.82 -31.10 6.14
CA TRP G 347 -11.84 -32.17 6.09
C TRP G 347 -12.22 -33.32 7.00
N ARG G 348 -12.88 -33.03 8.13
CA ARG G 348 -13.37 -34.09 9.00
C ARG G 348 -14.40 -34.96 8.27
N SER G 349 -15.35 -34.31 7.58
CA SER G 349 -16.37 -35.07 6.85
C SER G 349 -15.75 -36.03 5.85
N GLU G 350 -14.57 -35.70 5.32
CA GLU G 350 -13.88 -36.56 4.37
C GLU G 350 -12.96 -37.56 5.06
N LEU G 351 -12.48 -37.25 6.27
CA LEU G 351 -11.53 -38.09 6.99
C LEU G 351 -12.13 -38.69 8.26
N TYR G 352 -13.43 -38.98 8.24
CA TYR G 352 -14.11 -39.51 9.43
C TYR G 352 -13.81 -40.98 9.66
N LYS G 353 -13.24 -41.69 8.68
CA LYS G 353 -13.01 -43.12 8.77
C LYS G 353 -11.52 -43.46 8.76
N TYR G 354 -10.67 -42.53 9.21
CA TYR G 354 -9.23 -42.70 9.13
C TYR G 354 -8.58 -42.49 10.49
N LYS G 355 -7.44 -43.16 10.67
CA LYS G 355 -6.69 -43.08 11.91
C LYS G 355 -5.26 -43.55 11.63
N VAL G 356 -4.30 -42.87 12.24
CA VAL G 356 -2.88 -43.17 12.05
C VAL G 356 -2.41 -43.97 13.26
N VAL G 357 -1.86 -45.15 13.00
CA VAL G 357 -1.35 -46.03 14.06
C VAL G 357 0.06 -46.45 13.71
N LYS G 358 0.85 -46.72 14.75
CA LYS G 358 2.17 -47.29 14.58
C LYS G 358 2.04 -48.80 14.34
N ILE G 359 2.58 -49.29 13.23
CA ILE G 359 2.50 -50.72 12.94
C ILE G 359 3.10 -51.50 14.09
N GLU G 360 2.38 -52.52 14.55
CA GLU G 360 2.84 -53.44 15.57
C GLU G 360 2.34 -54.82 15.19
N PRO G 361 3.19 -55.86 15.34
CA PRO G 361 3.00 -57.21 14.80
C PRO G 361 1.57 -57.54 14.36
N GLU H 4 -34.35 31.96 -13.95
CA GLU H 4 -33.71 30.82 -13.29
C GLU H 4 -32.28 30.66 -13.79
N ALA H 5 -31.32 30.87 -12.89
CA ALA H 5 -29.91 30.75 -13.24
C ALA H 5 -29.17 29.88 -12.23
N THR H 6 -27.84 29.80 -12.35
CA THR H 6 -27.03 28.99 -11.44
C THR H 6 -25.67 29.65 -11.31
N THR H 7 -25.09 29.58 -10.11
CA THR H 7 -23.81 30.22 -9.84
C THR H 7 -23.24 29.63 -8.54
N THR H 8 -22.12 30.19 -8.07
CA THR H 8 -21.44 29.67 -6.90
C THR H 8 -22.06 30.22 -5.63
N LEU H 9 -22.38 29.32 -4.70
CA LEU H 9 -23.00 29.67 -3.43
C LEU H 9 -21.95 29.52 -2.33
N PHE H 10 -22.19 30.19 -1.20
CA PHE H 10 -21.30 30.11 -0.05
C PHE H 10 -22.10 29.46 1.07
N CYS H 11 -21.53 28.45 1.71
CA CYS H 11 -22.30 27.73 2.71
C CYS H 11 -22.40 28.65 3.95
N ALA H 12 -23.20 28.30 4.94
CA ALA H 12 -23.42 29.24 6.04
C ALA H 12 -23.83 28.46 7.28
N SER H 13 -23.03 28.56 8.34
CA SER H 13 -23.35 27.83 9.55
C SER H 13 -22.85 28.59 10.77
N ASP H 14 -23.51 28.35 11.90
CA ASP H 14 -23.12 28.95 13.18
C ASP H 14 -22.35 27.88 13.97
N ALA H 15 -21.07 27.74 13.64
CA ALA H 15 -20.21 26.74 14.24
C ALA H 15 -19.24 27.37 15.23
N LYS H 16 -18.85 26.60 16.23
CA LYS H 16 -17.86 27.05 17.20
C LYS H 16 -16.46 26.80 16.67
N ALA H 17 -15.58 27.80 16.79
CA ALA H 17 -14.21 27.66 16.32
C ALA H 17 -13.35 26.84 17.27
N TYR H 18 -13.72 26.76 18.54
CA TYR H 18 -12.92 26.03 19.52
C TYR H 18 -13.38 24.58 19.70
N ASP H 19 -14.59 24.24 19.29
CA ASP H 19 -15.08 22.88 19.45
C ASP H 19 -14.24 21.93 18.60
N THR H 20 -13.99 20.74 19.14
CA THR H 20 -13.14 19.76 18.47
C THR H 20 -13.91 18.85 17.53
N GLU H 21 -15.23 18.79 17.63
CA GLU H 21 -16.04 18.03 16.68
C GLU H 21 -15.70 18.48 15.26
N CYS H 22 -15.57 17.51 14.35
CA CYS H 22 -14.94 17.81 13.06
C CYS H 22 -15.86 18.65 12.17
N HIS H 23 -17.16 18.37 12.17
CA HIS H 23 -18.08 19.18 11.38
C HIS H 23 -17.87 20.67 11.65
N ASN H 24 -17.68 21.03 12.92
CA ASN H 24 -17.34 22.41 13.25
C ASN H 24 -16.08 22.83 12.51
N VAL H 25 -14.96 22.15 12.77
CA VAL H 25 -13.67 22.53 12.18
C VAL H 25 -13.83 22.81 10.69
N TRP H 26 -14.33 21.84 9.94
CA TRP H 26 -14.56 22.04 8.51
C TRP H 26 -15.38 23.31 8.27
N ALA H 27 -16.39 23.55 9.09
CA ALA H 27 -17.24 24.72 8.92
C ALA H 27 -16.48 26.02 9.18
N THR H 28 -15.42 25.98 10.00
CA THR H 28 -14.73 27.21 10.39
C THR H 28 -13.67 27.66 9.38
N HIS H 29 -13.47 26.92 8.28
CA HIS H 29 -12.71 27.44 7.16
C HIS H 29 -13.35 27.09 5.83
N ALA H 30 -14.48 26.39 5.87
CA ALA H 30 -15.33 26.30 4.70
C ALA H 30 -16.55 27.17 4.79
N CYS H 31 -17.03 27.54 5.96
CA CYS H 31 -18.15 28.43 5.87
C CYS H 31 -18.21 29.52 6.89
N VAL H 32 -18.95 30.52 6.43
CA VAL H 32 -19.15 31.83 6.99
C VAL H 32 -20.22 31.78 8.07
N PRO H 33 -20.04 32.56 9.12
CA PRO H 33 -21.00 32.56 10.23
C PRO H 33 -22.45 32.58 9.79
N THR H 34 -23.33 32.08 10.65
CA THR H 34 -24.76 32.21 10.42
C THR H 34 -25.17 33.68 10.36
N ASP H 35 -26.00 34.02 9.37
CA ASP H 35 -26.31 35.43 9.09
C ASP H 35 -26.88 36.12 10.33
N PRO H 36 -26.46 37.35 10.61
CA PRO H 36 -27.12 38.09 11.71
C PRO H 36 -28.60 38.32 11.50
N ASN H 37 -28.99 38.82 10.33
CA ASN H 37 -30.36 39.25 10.09
C ASN H 37 -31.02 38.36 9.03
N PRO H 38 -32.25 37.89 9.27
CA PRO H 38 -32.97 37.15 8.21
C PRO H 38 -33.73 38.07 7.29
N GLN H 39 -33.30 38.15 6.03
CA GLN H 39 -33.89 39.08 5.07
C GLN H 39 -34.96 38.36 4.25
N GLU H 40 -36.03 37.97 4.96
CA GLU H 40 -37.12 37.20 4.38
C GLU H 40 -38.17 38.17 3.83
N VAL H 41 -38.46 38.05 2.53
CA VAL H 41 -39.46 38.86 1.86
C VAL H 41 -40.54 37.94 1.32
N VAL H 42 -41.80 38.32 1.52
CA VAL H 42 -42.95 37.56 1.04
C VAL H 42 -43.49 38.28 -0.19
N LEU H 43 -43.36 37.64 -1.35
CA LEU H 43 -43.88 38.20 -2.58
C LEU H 43 -45.38 37.97 -2.67
N VAL H 44 -46.07 38.91 -3.32
CA VAL H 44 -47.52 38.90 -3.41
C VAL H 44 -47.91 38.47 -4.81
N ASN H 45 -48.72 37.42 -4.91
CA ASN H 45 -49.25 36.94 -6.18
C ASN H 45 -48.13 36.67 -7.18
N VAL H 46 -47.23 35.77 -6.79
CA VAL H 46 -46.09 35.37 -7.61
C VAL H 46 -46.09 33.84 -7.70
N THR H 47 -46.08 33.33 -8.92
CA THR H 47 -46.08 31.89 -9.17
C THR H 47 -44.92 31.55 -10.08
N GLU H 48 -44.02 30.68 -9.61
CA GLU H 48 -42.86 30.26 -10.37
C GLU H 48 -42.74 28.74 -10.32
N ASN H 49 -42.27 28.15 -11.41
CA ASN H 49 -42.13 26.70 -11.51
C ASN H 49 -40.88 26.25 -10.79
N PHE H 50 -40.98 25.09 -10.12
CA PHE H 50 -39.87 24.48 -9.41
C PHE H 50 -39.65 23.07 -9.91
N ASN H 51 -38.39 22.65 -9.97
CA ASN H 51 -38.02 21.29 -10.32
C ASN H 51 -36.95 20.85 -9.32
N MET H 52 -37.37 20.11 -8.29
CA MET H 52 -36.43 19.67 -7.26
C MET H 52 -35.40 18.70 -7.79
N TRP H 53 -35.70 17.99 -8.87
CA TRP H 53 -34.80 16.97 -9.40
C TRP H 53 -33.74 17.55 -10.34
N LYS H 54 -34.08 18.62 -11.06
CA LYS H 54 -33.11 19.28 -11.92
C LYS H 54 -32.69 20.62 -11.31
N ASN H 55 -32.38 20.61 -10.02
CA ASN H 55 -31.95 21.80 -9.29
C ASN H 55 -30.47 21.69 -8.97
N ASP H 56 -29.71 22.75 -9.31
CA ASP H 56 -28.27 22.71 -9.15
C ASP H 56 -27.83 22.73 -7.70
N MET H 57 -28.66 23.28 -6.80
CA MET H 57 -28.29 23.31 -5.38
C MET H 57 -27.98 21.92 -4.85
N VAL H 58 -28.67 20.90 -5.35
CA VAL H 58 -28.44 19.54 -4.88
C VAL H 58 -27.00 19.11 -5.15
N GLU H 59 -26.53 19.31 -6.38
CA GLU H 59 -25.18 18.91 -6.74
C GLU H 59 -24.15 19.69 -5.94
N GLN H 60 -24.41 20.97 -5.68
CA GLN H 60 -23.46 21.78 -4.93
C GLN H 60 -23.33 21.27 -3.50
N MET H 61 -24.46 20.98 -2.84
CA MET H 61 -24.39 20.43 -1.49
C MET H 61 -23.70 19.07 -1.49
N HIS H 62 -23.92 18.28 -2.54
CA HIS H 62 -23.25 16.99 -2.65
C HIS H 62 -21.74 17.16 -2.68
N GLU H 63 -21.25 18.10 -3.49
CA GLU H 63 -19.82 18.33 -3.57
C GLU H 63 -19.25 18.82 -2.24
N ASP H 64 -19.96 19.72 -1.56
CA ASP H 64 -19.48 20.23 -0.29
C ASP H 64 -19.39 19.13 0.76
N ILE H 65 -20.40 18.27 0.82
CA ILE H 65 -20.38 17.17 1.79
C ILE H 65 -19.28 16.17 1.44
N ILE H 66 -18.98 16.00 0.14
CA ILE H 66 -17.86 15.16 -0.25
C ILE H 66 -16.56 15.71 0.33
N SER H 67 -16.34 17.01 0.16
CA SER H 67 -15.16 17.64 0.75
C SER H 67 -15.14 17.49 2.26
N LEU H 68 -16.31 17.60 2.89
CA LEU H 68 -16.41 17.44 4.34
C LEU H 68 -15.93 16.05 4.77
N TRP H 69 -16.56 15.01 4.21
CA TRP H 69 -16.18 13.64 4.58
C TRP H 69 -14.72 13.38 4.27
N ASP H 70 -14.21 13.93 3.15
CA ASP H 70 -12.81 13.72 2.81
C ASP H 70 -11.88 14.38 3.81
N GLN H 71 -12.30 15.49 4.41
CA GLN H 71 -11.46 16.18 5.38
C GLN H 71 -11.53 15.53 6.74
N CYS H 72 -12.71 15.04 7.14
CA CYS H 72 -12.90 14.45 8.47
C CYS H 72 -12.59 12.96 8.45
N LEU H 73 -13.48 12.17 7.84
CA LEU H 73 -13.37 10.71 7.87
C LEU H 73 -12.41 10.24 6.78
N LYS H 74 -11.15 10.58 6.96
CA LYS H 74 -10.10 10.02 6.11
C LYS H 74 -10.11 8.51 6.26
N PRO H 75 -10.32 7.74 5.18
CA PRO H 75 -10.31 6.27 5.32
C PRO H 75 -8.88 5.76 5.35
N CYS H 76 -8.53 5.02 6.41
CA CYS H 76 -7.18 4.50 6.54
C CYS H 76 -6.74 3.76 5.28
N VAL H 77 -7.67 3.10 4.60
CA VAL H 77 -7.37 2.38 3.36
C VAL H 77 -8.52 2.61 2.39
N LYS H 78 -8.21 3.12 1.20
CA LYS H 78 -9.18 3.31 0.14
C LYS H 78 -8.73 2.54 -1.09
N LEU H 79 -9.69 1.93 -1.79
CA LEU H 79 -9.38 1.01 -2.88
C LEU H 79 -10.07 1.44 -4.16
N THR H 80 -9.42 1.12 -5.28
CA THR H 80 -9.98 1.35 -6.61
C THR H 80 -9.26 0.43 -7.58
N ASN H 81 -9.90 0.13 -8.70
CA ASN H 81 -9.31 -0.77 -9.69
C ASN H 81 -8.14 -0.13 -10.42
N THR H 82 -7.87 1.15 -10.19
CA THR H 82 -6.71 1.82 -10.74
C THR H 82 -5.81 2.42 -9.67
N SER H 83 -6.29 2.56 -8.43
CA SER H 83 -5.52 3.18 -7.37
C SER H 83 -5.78 2.47 -6.06
N VAL H 84 -4.74 2.38 -5.23
CA VAL H 84 -4.83 1.79 -3.90
C VAL H 84 -4.07 2.69 -2.93
N ILE H 85 -4.79 3.51 -2.18
CA ILE H 85 -4.21 4.55 -1.34
C ILE H 85 -4.31 4.13 0.12
N THR H 86 -3.18 4.19 0.81
CA THR H 86 -3.12 3.98 2.25
C THR H 86 -2.75 5.30 2.94
N GLN H 87 -3.37 5.56 4.07
CA GLN H 87 -3.15 6.82 4.79
C GLN H 87 -3.60 6.63 6.24
N ALA H 88 -3.56 7.71 7.01
CA ALA H 88 -3.91 7.69 8.42
C ALA H 88 -5.35 8.15 8.61
N CYS H 89 -6.07 7.48 9.50
CA CYS H 89 -7.45 7.82 9.85
C CYS H 89 -7.53 8.02 11.36
N PRO H 90 -7.37 9.25 11.85
CA PRO H 90 -7.48 9.49 13.29
C PRO H 90 -8.95 9.49 13.72
N LYS H 91 -9.26 8.69 14.73
CA LYS H 91 -10.63 8.61 15.22
C LYS H 91 -11.05 9.94 15.81
N VAL H 92 -12.22 10.44 15.39
CA VAL H 92 -12.72 11.73 15.81
C VAL H 92 -14.22 11.62 16.07
N SER H 93 -14.74 12.60 16.79
CA SER H 93 -16.18 12.70 17.00
C SER H 93 -16.87 13.23 15.75
N PHE H 94 -18.09 12.77 15.52
CA PHE H 94 -18.82 13.08 14.30
C PHE H 94 -20.28 13.34 14.67
N GLU H 95 -20.62 14.61 14.84
CA GLU H 95 -21.98 15.03 15.20
C GLU H 95 -22.49 16.02 14.18
N PRO H 96 -23.50 15.67 13.37
CA PRO H 96 -23.97 16.61 12.34
C PRO H 96 -24.43 17.94 12.93
N ILE H 97 -24.21 19.00 12.17
CA ILE H 97 -24.63 20.35 12.56
C ILE H 97 -25.39 20.97 11.39
N PRO H 98 -26.15 22.03 11.65
CA PRO H 98 -26.92 22.65 10.57
C PRO H 98 -26.05 23.51 9.67
N ILE H 99 -26.40 23.52 8.39
CA ILE H 99 -25.70 24.29 7.37
C ILE H 99 -26.72 24.98 6.49
N HIS H 100 -26.54 26.28 6.28
CA HIS H 100 -27.38 27.06 5.39
C HIS H 100 -26.62 27.38 4.11
N TYR H 101 -27.30 27.25 2.98
CA TYR H 101 -26.72 27.50 1.66
C TYR H 101 -27.32 28.80 1.12
N CYS H 102 -26.66 29.91 1.43
CA CYS H 102 -27.12 31.21 0.97
C CYS H 102 -26.66 31.47 -0.47
N ALA H 103 -27.43 32.28 -1.17
CA ALA H 103 -27.04 32.69 -2.51
C ALA H 103 -26.04 33.85 -2.45
N PRO H 104 -25.21 34.01 -3.47
CA PRO H 104 -24.20 35.06 -3.44
C PRO H 104 -24.80 36.42 -3.77
N ALA H 105 -23.96 37.45 -3.70
CA ALA H 105 -24.37 38.78 -4.10
C ALA H 105 -24.69 38.80 -5.59
N GLY H 106 -25.83 39.38 -5.94
CA GLY H 106 -26.31 39.37 -7.30
C GLY H 106 -27.31 38.27 -7.61
N PHE H 107 -27.53 37.35 -6.68
CA PHE H 107 -28.52 36.29 -6.83
C PHE H 107 -29.29 36.16 -5.53
N ALA H 108 -30.45 35.52 -5.61
CA ALA H 108 -31.29 35.30 -4.44
C ALA H 108 -31.99 33.96 -4.56
N ILE H 109 -32.46 33.46 -3.43
CA ILE H 109 -33.10 32.15 -3.33
C ILE H 109 -34.60 32.36 -3.14
N LEU H 110 -35.41 31.67 -3.94
CA LEU H 110 -36.85 31.67 -3.79
C LEU H 110 -37.27 30.48 -2.93
N LYS H 111 -38.13 30.74 -1.95
CA LYS H 111 -38.63 29.70 -1.05
C LYS H 111 -40.13 29.60 -1.20
N CYS H 112 -40.60 28.41 -1.59
CA CYS H 112 -42.02 28.15 -1.73
C CYS H 112 -42.62 27.85 -0.35
N ASN H 113 -43.64 28.61 0.03
CA ASN H 113 -44.28 28.47 1.33
C ASN H 113 -45.57 27.65 1.26
N ASN H 114 -45.76 26.87 0.20
CA ASN H 114 -46.94 26.02 0.10
C ASN H 114 -46.79 24.82 1.02
N LYS H 115 -47.85 24.50 1.76
CA LYS H 115 -47.77 23.44 2.76
C LYS H 115 -47.48 22.09 2.11
N THR H 116 -48.19 21.76 1.04
CA THR H 116 -48.08 20.46 0.38
C THR H 116 -47.68 20.68 -1.07
N PHE H 117 -46.40 20.94 -1.29
CA PHE H 117 -45.83 21.05 -2.63
C PHE H 117 -45.19 19.71 -2.99
N ASN H 118 -45.46 19.23 -4.20
CA ASN H 118 -45.03 17.90 -4.61
C ASN H 118 -43.65 17.86 -5.23
N GLY H 119 -43.03 19.01 -5.48
CA GLY H 119 -41.67 19.08 -5.99
C GLY H 119 -41.56 19.49 -7.43
N THR H 120 -42.67 19.50 -8.19
CA THR H 120 -42.65 19.86 -9.60
C THR H 120 -43.84 20.75 -9.91
N GLY H 121 -43.61 21.79 -10.69
CA GLY H 121 -44.66 22.67 -11.12
C GLY H 121 -44.63 24.02 -10.43
N PRO H 122 -45.62 24.86 -10.72
CA PRO H 122 -45.65 26.20 -10.11
C PRO H 122 -46.13 26.16 -8.67
N CYS H 123 -45.55 27.07 -7.87
CA CYS H 123 -45.91 27.24 -6.48
C CYS H 123 -46.62 28.58 -6.31
N THR H 124 -47.80 28.54 -5.69
CA THR H 124 -48.62 29.75 -5.57
C THR H 124 -48.05 30.70 -4.52
N ASN H 125 -47.54 30.14 -3.43
CA ASN H 125 -47.09 30.91 -2.27
C ASN H 125 -45.57 30.91 -2.25
N VAL H 126 -44.98 32.03 -2.66
CA VAL H 126 -43.53 32.14 -2.80
C VAL H 126 -43.02 33.25 -1.88
N SER H 127 -41.88 32.99 -1.23
CA SER H 127 -41.23 33.97 -0.38
C SER H 127 -39.73 33.91 -0.65
N THR H 128 -39.11 35.06 -0.90
CA THR H 128 -37.68 35.11 -1.19
C THR H 128 -36.90 35.26 0.10
N VAL H 129 -35.94 34.36 0.31
CA VAL H 129 -35.05 34.39 1.46
C VAL H 129 -33.61 34.40 0.96
N GLN H 130 -32.76 35.16 1.64
CA GLN H 130 -31.36 35.27 1.25
C GLN H 130 -30.53 34.09 1.73
N CYS H 131 -31.00 33.38 2.77
CA CYS H 131 -30.33 32.20 3.28
C CYS H 131 -31.36 31.12 3.54
N THR H 132 -30.94 29.87 3.39
CA THR H 132 -31.81 28.73 3.61
C THR H 132 -31.83 28.34 5.10
N HIS H 133 -32.82 27.55 5.47
CA HIS H 133 -32.90 27.08 6.84
C HIS H 133 -31.89 25.97 7.08
N GLY H 134 -31.65 25.68 8.36
CA GLY H 134 -30.65 24.70 8.74
C GLY H 134 -30.92 23.32 8.18
N ILE H 135 -29.89 22.72 7.57
CA ILE H 135 -29.98 21.37 7.01
C ILE H 135 -28.80 20.58 7.55
N ARG H 136 -29.08 19.59 8.39
CA ARG H 136 -28.03 18.73 8.93
C ARG H 136 -27.53 17.79 7.83
N PRO H 137 -26.26 17.86 7.44
CA PRO H 137 -25.77 16.99 6.34
C PRO H 137 -25.50 15.55 6.80
N VAL H 138 -26.59 14.80 6.99
CA VAL H 138 -26.51 13.44 7.47
C VAL H 138 -26.51 12.49 6.27
N VAL H 139 -25.56 11.57 6.26
CA VAL H 139 -25.46 10.55 5.22
C VAL H 139 -26.14 9.29 5.74
N SER H 140 -27.14 8.81 5.01
CA SER H 140 -27.91 7.66 5.45
C SER H 140 -28.60 7.02 4.26
N THR H 141 -28.87 5.72 4.37
CA THR H 141 -29.61 4.97 3.37
C THR H 141 -30.92 4.48 3.95
N GLN H 142 -31.85 4.12 3.07
CA GLN H 142 -33.19 3.71 3.48
C GLN H 142 -33.85 4.79 4.32
N LEU H 143 -33.84 4.62 5.64
CA LEU H 143 -34.49 5.59 6.52
C LEU H 143 -33.66 6.86 6.63
N LEU H 144 -34.28 8.00 6.34
CA LEU H 144 -33.61 9.28 6.50
C LEU H 144 -33.72 9.74 7.95
N LEU H 145 -32.64 10.36 8.44
CA LEU H 145 -32.52 10.70 9.85
C LEU H 145 -32.07 12.15 9.98
N ASN H 146 -32.64 12.84 10.97
CA ASN H 146 -32.36 14.26 11.21
C ASN H 146 -32.75 15.10 10.00
N GLY H 147 -33.93 14.82 9.46
CA GLY H 147 -34.50 15.62 8.39
C GLY H 147 -35.53 16.61 8.91
N SER H 148 -36.09 17.37 7.98
CA SER H 148 -37.10 18.37 8.28
C SER H 148 -38.48 17.78 8.01
N LEU H 149 -39.35 17.84 9.02
CA LEU H 149 -40.65 17.18 8.92
C LEU H 149 -41.65 18.08 8.20
N ALA H 150 -42.55 17.43 7.46
CA ALA H 150 -43.63 18.16 6.79
C ALA H 150 -44.51 18.86 7.81
N GLU H 151 -44.78 20.14 7.58
CA GLU H 151 -45.55 20.93 8.54
C GLU H 151 -46.99 20.47 8.59
N GLU H 152 -47.67 20.41 7.44
CA GLU H 152 -49.07 20.05 7.40
C GLU H 152 -49.24 18.52 7.43
N GLU H 153 -49.06 17.87 6.29
CA GLU H 153 -49.31 16.45 6.17
C GLU H 153 -48.19 15.79 5.36
N VAL H 154 -48.13 14.47 5.43
CA VAL H 154 -47.13 13.72 4.70
C VAL H 154 -47.39 13.84 3.20
N VAL H 155 -46.33 14.09 2.43
CA VAL H 155 -46.43 14.22 0.99
C VAL H 155 -45.40 13.30 0.35
N ILE H 156 -45.74 12.77 -0.82
CA ILE H 156 -44.88 11.83 -1.55
C ILE H 156 -44.27 12.56 -2.74
N ARG H 157 -43.03 12.22 -3.06
CA ARG H 157 -42.28 12.92 -4.10
C ARG H 157 -41.43 11.91 -4.87
N SER H 158 -41.37 12.11 -6.18
CA SER H 158 -40.57 11.26 -7.07
C SER H 158 -40.61 11.83 -8.47
N VAL H 159 -39.59 11.52 -9.25
CA VAL H 159 -39.51 12.03 -10.63
C VAL H 159 -40.68 11.51 -11.44
N ASN H 160 -40.83 10.19 -11.50
CA ASN H 160 -41.85 9.54 -12.30
C ASN H 160 -42.41 8.39 -11.47
N PHE H 161 -43.67 8.50 -11.05
CA PHE H 161 -44.28 7.43 -10.28
C PHE H 161 -44.82 6.33 -11.20
N THR H 162 -45.22 6.67 -12.43
CA THR H 162 -45.59 5.65 -13.40
C THR H 162 -44.39 4.77 -13.72
N ASP H 163 -43.21 5.36 -13.85
CA ASP H 163 -41.97 4.59 -14.01
C ASP H 163 -41.47 4.17 -12.64
N ASN H 164 -41.39 2.85 -12.42
CA ASN H 164 -41.04 2.35 -11.11
C ASN H 164 -39.57 2.55 -10.79
N ALA H 165 -38.71 2.64 -11.83
CA ALA H 165 -37.27 2.70 -11.59
C ALA H 165 -36.90 3.92 -10.74
N LYS H 166 -37.41 5.09 -11.10
CA LYS H 166 -37.07 6.30 -10.35
C LYS H 166 -37.54 6.17 -8.91
N THR H 167 -36.71 6.67 -7.99
CA THR H 167 -36.97 6.50 -6.57
C THR H 167 -38.20 7.30 -6.13
N ILE H 168 -38.72 6.96 -4.96
CA ILE H 168 -39.85 7.65 -4.34
C ILE H 168 -39.39 8.19 -3.00
N ILE H 169 -39.69 9.46 -2.75
CA ILE H 169 -39.28 10.15 -1.52
C ILE H 169 -40.51 10.37 -0.66
N VAL H 170 -40.33 10.22 0.64
CA VAL H 170 -41.40 10.42 1.62
C VAL H 170 -40.85 11.25 2.78
N GLN H 171 -41.69 12.13 3.33
CA GLN H 171 -41.31 12.98 4.45
C GLN H 171 -42.42 12.94 5.48
N LEU H 172 -42.12 12.42 6.67
CA LEU H 172 -43.12 12.27 7.71
C LEU H 172 -43.44 13.61 8.34
N ASN H 173 -44.66 13.72 8.90
CA ASN H 173 -45.05 14.91 9.64
C ASN H 173 -44.80 14.79 11.13
N THR H 174 -44.69 13.58 11.65
CA THR H 174 -44.39 13.33 13.06
C THR H 174 -43.06 12.60 13.16
N SER H 175 -42.19 13.04 14.07
CA SER H 175 -40.89 12.42 14.22
C SER H 175 -41.04 11.06 14.89
N VAL H 176 -40.43 10.03 14.29
CA VAL H 176 -40.36 8.70 14.86
C VAL H 176 -38.92 8.51 15.33
N GLU H 177 -38.72 8.54 16.64
CA GLU H 177 -37.37 8.52 17.20
C GLU H 177 -36.83 7.09 17.25
N ILE H 178 -35.50 6.99 17.18
CA ILE H 178 -34.79 5.72 17.15
C ILE H 178 -33.54 5.86 18.01
N ASN H 179 -33.23 4.81 18.78
CA ASN H 179 -32.17 4.87 19.78
C ASN H 179 -31.26 3.64 19.66
N CYS H 180 -30.06 3.86 19.10
CA CYS H 180 -29.02 2.86 19.04
C CYS H 180 -28.02 3.06 20.18
N THR H 181 -27.41 1.97 20.62
CA THR H 181 -26.27 2.05 21.52
C THR H 181 -25.36 0.84 21.29
N ARG H 182 -24.05 1.09 21.21
CA ARG H 182 -23.06 0.02 21.26
C ARG H 182 -22.60 -0.12 22.70
N PRO H 183 -23.11 -1.10 23.44
CA PRO H 183 -22.77 -1.19 24.86
C PRO H 183 -21.43 -1.85 25.10
N ASN H 184 -20.82 -1.49 26.23
CA ASN H 184 -19.57 -2.09 26.68
C ASN H 184 -19.80 -2.77 28.02
N ASN H 185 -19.13 -3.90 28.23
CA ASN H 185 -19.31 -4.69 29.44
C ASN H 185 -18.97 -3.86 30.68
N ASN H 193 -20.02 -9.73 21.58
CA ASN H 193 -19.20 -9.31 20.45
C ASN H 193 -19.24 -7.79 20.31
N MET H 194 -18.06 -7.17 20.32
CA MET H 194 -17.98 -5.72 20.28
C MET H 194 -18.64 -5.14 19.03
N ARG H 195 -18.59 -5.86 17.92
CA ARG H 195 -19.21 -5.36 16.69
C ARG H 195 -20.72 -5.34 16.77
N GLN H 196 -21.32 -6.17 17.63
CA GLN H 196 -22.77 -6.24 17.70
C GLN H 196 -23.34 -5.00 18.36
N ALA H 197 -24.51 -4.57 17.89
CA ALA H 197 -25.23 -3.43 18.46
C ALA H 197 -26.66 -3.52 17.95
N HIS H 198 -27.47 -2.51 18.30
CA HIS H 198 -28.88 -2.57 17.92
C HIS H 198 -29.54 -1.22 18.19
N CYS H 199 -30.40 -0.82 17.26
CA CYS H 199 -31.36 0.26 17.47
C CYS H 199 -32.67 -0.32 18.01
N ASN H 200 -33.45 0.54 18.66
CA ASN H 200 -34.76 0.14 19.19
C ASN H 200 -35.76 1.24 18.87
N ILE H 201 -36.66 0.98 17.93
CA ILE H 201 -37.73 1.91 17.56
C ILE H 201 -39.00 1.48 18.28
N SER H 202 -39.76 2.46 18.76
CA SER H 202 -41.05 2.17 19.38
C SER H 202 -41.99 1.57 18.34
N ARG H 203 -42.40 0.33 18.56
CA ARG H 203 -43.19 -0.38 17.56
C ARG H 203 -44.54 0.27 17.34
N ALA H 204 -45.21 0.68 18.42
CA ALA H 204 -46.57 1.22 18.30
C ALA H 204 -46.61 2.38 17.30
N LYS H 205 -45.64 3.28 17.38
CA LYS H 205 -45.59 4.39 16.43
C LYS H 205 -45.38 3.89 15.01
N TRP H 206 -44.58 2.82 14.85
CA TRP H 206 -44.15 2.43 13.51
C TRP H 206 -45.30 1.83 12.71
N ASN H 207 -46.05 0.89 13.29
CA ASN H 207 -47.17 0.29 12.56
C ASN H 207 -48.14 1.36 12.07
N ASN H 208 -48.42 2.36 12.92
CA ASN H 208 -49.35 3.41 12.52
C ASN H 208 -48.78 4.25 11.37
N THR H 209 -47.56 4.76 11.54
CA THR H 209 -46.94 5.58 10.50
C THR H 209 -46.89 4.82 9.18
N LEU H 210 -46.36 3.59 9.20
CA LEU H 210 -46.34 2.77 8.00
C LEU H 210 -47.73 2.61 7.42
N LYS H 211 -48.77 2.66 8.26
CA LYS H 211 -50.13 2.54 7.76
C LYS H 211 -50.56 3.80 7.03
N GLN H 212 -50.25 4.98 7.59
CA GLN H 212 -50.67 6.23 6.96
C GLN H 212 -49.78 6.61 5.78
N ILE H 213 -48.50 6.24 5.81
CA ILE H 213 -47.67 6.39 4.63
C ILE H 213 -48.31 5.67 3.46
N ALA H 214 -48.98 4.53 3.72
CA ALA H 214 -49.68 3.81 2.67
C ALA H 214 -50.92 4.57 2.20
N SER H 215 -51.52 5.38 3.08
CA SER H 215 -52.71 6.13 2.71
C SER H 215 -52.46 6.97 1.46
N LYS H 216 -51.48 7.88 1.53
CA LYS H 216 -51.12 8.67 0.37
C LYS H 216 -50.72 7.78 -0.81
N LEU H 217 -50.16 6.60 -0.52
CA LEU H 217 -49.78 5.69 -1.58
C LEU H 217 -50.99 5.17 -2.34
N ARG H 218 -51.98 4.63 -1.62
CA ARG H 218 -53.20 4.18 -2.26
C ARG H 218 -53.89 5.32 -2.99
N GLU H 219 -53.89 6.52 -2.39
CA GLU H 219 -54.53 7.66 -3.03
C GLU H 219 -53.91 7.98 -4.37
N GLN H 220 -52.58 7.82 -4.49
CA GLN H 220 -51.91 8.13 -5.75
C GLN H 220 -52.33 7.15 -6.84
N PHE H 221 -52.48 5.87 -6.50
CA PHE H 221 -52.88 4.86 -7.46
C PHE H 221 -53.36 3.58 -6.77
N ASN H 223 -57.32 3.32 -3.62
CA ASN H 223 -58.76 3.08 -3.76
C ASN H 223 -59.02 1.66 -4.27
N ASN H 224 -58.36 1.31 -5.37
CA ASN H 224 -58.50 -0.01 -5.97
C ASN H 224 -57.54 -1.04 -5.39
N LYS H 225 -56.90 -0.75 -4.26
CA LYS H 225 -55.97 -1.70 -3.67
C LYS H 225 -55.48 -1.18 -2.34
N THR H 226 -55.10 -2.13 -1.47
CA THR H 226 -54.43 -1.84 -0.21
C THR H 226 -53.11 -2.61 -0.20
N ILE H 227 -52.00 -1.90 0.00
CA ILE H 227 -50.69 -2.43 -0.30
C ILE H 227 -49.87 -2.61 0.98
N ILE H 228 -48.88 -3.50 0.88
CA ILE H 228 -47.88 -3.69 1.93
C ILE H 228 -46.57 -4.06 1.25
N PHE H 229 -45.46 -3.63 1.85
CA PHE H 229 -44.15 -3.77 1.25
C PHE H 229 -43.29 -4.78 2.02
N LYS H 230 -42.10 -5.04 1.50
CA LYS H 230 -41.18 -5.99 2.08
C LYS H 230 -39.76 -5.44 1.97
N GLN H 231 -38.77 -6.28 2.27
CA GLN H 231 -37.38 -5.86 2.28
C GLN H 231 -36.85 -5.67 0.86
N SER H 232 -35.80 -4.85 0.76
CA SER H 232 -35.10 -4.68 -0.51
C SER H 232 -34.71 -6.04 -1.08
N SER H 233 -34.68 -6.12 -2.41
CA SER H 233 -34.39 -7.37 -3.09
C SER H 233 -32.94 -7.80 -2.86
N GLY H 234 -32.00 -7.04 -3.39
CA GLY H 234 -30.60 -7.41 -3.24
C GLY H 234 -29.70 -6.24 -3.60
N GLY H 235 -28.40 -6.51 -3.56
CA GLY H 235 -27.36 -5.54 -3.84
C GLY H 235 -26.32 -5.53 -2.76
N ASP H 236 -25.45 -4.52 -2.81
CA ASP H 236 -24.41 -4.39 -1.81
C ASP H 236 -25.04 -4.12 -0.44
N PRO H 237 -24.36 -4.48 0.65
CA PRO H 237 -24.89 -4.15 1.99
C PRO H 237 -25.18 -2.67 2.18
N GLU H 238 -24.67 -1.81 1.31
CA GLU H 238 -24.97 -0.38 1.40
C GLU H 238 -26.47 -0.12 1.47
N ILE H 239 -27.24 -0.79 0.59
CA ILE H 239 -28.66 -0.50 0.45
C ILE H 239 -29.49 -1.54 1.20
N VAL H 240 -28.98 -2.77 1.30
CA VAL H 240 -29.77 -3.86 1.88
C VAL H 240 -30.13 -3.53 3.33
N THR H 241 -29.20 -2.93 4.07
CA THR H 241 -29.39 -2.65 5.48
C THR H 241 -29.45 -1.14 5.71
N HIS H 242 -30.37 -0.72 6.58
CA HIS H 242 -30.46 0.67 6.99
C HIS H 242 -29.17 1.11 7.67
N SER H 243 -28.37 1.91 6.98
CA SER H 243 -27.04 2.27 7.44
C SER H 243 -26.97 3.75 7.81
N PHE H 244 -25.99 4.08 8.66
CA PHE H 244 -25.77 5.45 9.09
C PHE H 244 -24.53 5.52 9.99
N ASN H 245 -23.87 6.67 10.02
CA ASN H 245 -22.66 6.85 10.82
C ASN H 245 -23.02 7.60 12.10
N CYS H 246 -22.71 7.01 13.25
CA CYS H 246 -22.94 7.62 14.54
C CYS H 246 -21.64 7.58 15.34
N GLY H 247 -21.25 8.74 15.88
CA GLY H 247 -20.05 8.80 16.70
C GLY H 247 -18.78 8.43 15.99
N GLY H 248 -18.76 8.53 14.65
CA GLY H 248 -17.58 8.21 13.88
C GLY H 248 -17.50 6.76 13.41
N GLU H 249 -18.35 5.88 13.93
CA GLU H 249 -18.35 4.47 13.56
C GLU H 249 -19.61 4.17 12.75
N PHE H 250 -19.44 3.37 11.70
CA PHE H 250 -20.54 3.04 10.81
C PHE H 250 -21.33 1.85 11.34
N PHE H 251 -22.66 1.92 11.22
CA PHE H 251 -23.55 0.88 11.70
C PHE H 251 -24.48 0.47 10.56
N TYR H 252 -24.60 -0.84 10.34
CA TYR H 252 -25.47 -1.40 9.31
C TYR H 252 -26.56 -2.20 10.02
N CYS H 253 -27.72 -1.57 10.22
CA CYS H 253 -28.82 -2.19 10.95
C CYS H 253 -29.77 -2.89 9.99
N ASN H 254 -30.24 -4.07 10.40
CA ASN H 254 -31.19 -4.84 9.61
C ASN H 254 -32.59 -4.30 9.86
N SER H 255 -33.28 -3.91 8.78
CA SER H 255 -34.60 -3.30 8.86
C SER H 255 -35.66 -4.14 8.16
N THR H 256 -35.49 -5.46 8.17
CA THR H 256 -36.49 -6.34 7.57
C THR H 256 -37.79 -6.31 8.36
N GLN H 257 -37.70 -6.52 9.68
CA GLN H 257 -38.92 -6.54 10.50
C GLN H 257 -39.63 -5.20 10.49
N LEU H 258 -38.89 -4.10 10.35
CA LEU H 258 -39.53 -2.79 10.31
C LEU H 258 -40.44 -2.65 9.09
N PHE H 259 -39.98 -3.12 7.94
CA PHE H 259 -40.75 -3.04 6.69
C PHE H 259 -41.48 -4.37 6.50
N ASN H 260 -42.70 -4.45 7.03
CA ASN H 260 -43.53 -5.64 6.88
C ASN H 260 -44.93 -5.31 7.35
N SER H 261 -45.90 -6.05 6.81
CA SER H 261 -47.30 -5.84 7.16
C SER H 261 -47.62 -6.38 8.54
N ASP H 280 -44.51 -1.79 20.73
CA ASP H 280 -44.05 -2.76 21.72
C ASP H 280 -42.52 -2.79 21.75
N THR H 281 -41.89 -1.70 21.28
CA THR H 281 -40.45 -1.57 21.33
C THR H 281 -39.76 -2.61 20.43
N ILE H 282 -39.78 -2.39 19.13
CA ILE H 282 -39.04 -3.25 18.22
C ILE H 282 -37.55 -2.98 18.35
N THR H 283 -36.74 -4.02 18.16
CA THR H 283 -35.30 -3.93 18.25
C THR H 283 -34.67 -4.59 17.03
N LEU H 284 -33.82 -3.85 16.32
CA LEU H 284 -33.15 -4.35 15.13
C LEU H 284 -31.67 -4.59 15.40
N PRO H 285 -31.12 -5.73 14.96
CA PRO H 285 -29.69 -6.00 15.22
C PRO H 285 -28.80 -5.27 14.24
N CYS H 286 -27.83 -4.52 14.76
CA CYS H 286 -26.88 -3.77 13.97
C CYS H 286 -25.50 -4.39 14.08
N ARG H 287 -24.63 -4.05 13.13
CA ARG H 287 -23.26 -4.53 13.12
C ARG H 287 -22.35 -3.44 12.58
N ILE H 288 -21.26 -3.16 13.30
CA ILE H 288 -20.29 -2.17 12.85
C ILE H 288 -19.49 -2.79 11.70
N LYS H 289 -19.66 -2.25 10.50
CA LYS H 289 -19.00 -2.75 9.31
C LYS H 289 -17.79 -1.87 9.00
N GLN H 290 -16.60 -2.46 9.03
CA GLN H 290 -15.39 -1.71 8.67
C GLN H 290 -15.36 -1.41 7.18
N ILE H 291 -15.71 -2.40 6.35
CA ILE H 291 -15.73 -2.22 4.91
C ILE H 291 -17.07 -1.63 4.49
N ILE H 292 -17.03 -0.66 3.59
CA ILE H 292 -18.22 0.05 3.14
C ILE H 292 -17.99 0.51 1.70
N ASN H 293 -19.04 0.43 0.89
CA ASN H 293 -18.99 0.92 -0.48
C ASN H 293 -19.19 2.44 -0.46
N MET H 294 -18.16 3.18 -0.85
CA MET H 294 -18.21 4.63 -0.77
C MET H 294 -19.36 5.18 -1.61
N TRP H 295 -19.95 6.28 -1.13
CA TRP H 295 -20.98 6.98 -1.86
C TRP H 295 -20.42 8.10 -2.73
N GLN H 296 -19.21 8.57 -2.45
CA GLN H 296 -18.59 9.60 -3.27
C GLN H 296 -18.32 9.08 -4.68
N LYS H 297 -17.55 7.99 -4.77
CA LYS H 297 -17.21 7.38 -6.05
C LYS H 297 -17.33 5.88 -5.91
N VAL H 298 -16.89 5.14 -6.94
CA VAL H 298 -16.95 3.69 -6.95
C VAL H 298 -15.69 3.16 -6.28
N GLY H 299 -15.87 2.47 -5.16
CA GLY H 299 -14.73 1.91 -4.45
C GLY H 299 -15.12 1.46 -3.06
N LYS H 300 -14.11 0.98 -2.34
CA LYS H 300 -14.28 0.46 -0.99
C LYS H 300 -13.29 1.16 -0.06
N ALA H 301 -13.59 1.10 1.24
CA ALA H 301 -12.76 1.76 2.23
C ALA H 301 -12.93 1.06 3.57
N MET H 302 -11.90 1.20 4.41
CA MET H 302 -11.91 0.63 5.75
C MET H 302 -11.49 1.68 6.76
N TYR H 303 -12.06 1.59 7.96
CA TYR H 303 -11.67 2.42 9.09
C TYR H 303 -11.17 1.53 10.22
N ALA H 304 -10.43 2.14 11.15
CA ALA H 304 -9.87 1.39 12.26
C ALA H 304 -10.98 0.77 13.09
N PRO H 305 -10.66 -0.23 13.91
CA PRO H 305 -11.67 -0.86 14.76
C PRO H 305 -12.41 0.17 15.59
N PRO H 306 -13.58 -0.18 16.14
CA PRO H 306 -14.36 0.81 16.87
C PRO H 306 -13.75 1.13 18.22
N ILE H 307 -13.94 2.40 18.64
CA ILE H 307 -13.45 2.82 19.95
C ILE H 307 -14.21 2.08 21.04
N SER H 308 -13.61 2.06 22.23
CA SER H 308 -14.19 1.37 23.38
C SER H 308 -15.06 2.32 24.18
N GLY H 309 -16.17 1.80 24.70
CA GLY H 309 -17.08 2.55 25.54
C GLY H 309 -18.48 2.60 24.96
N GLN H 310 -19.37 3.19 25.76
CA GLN H 310 -20.77 3.34 25.36
C GLN H 310 -20.87 4.37 24.24
N ILE H 311 -21.38 3.94 23.09
CA ILE H 311 -21.69 4.81 21.97
C ILE H 311 -23.21 4.94 21.89
N ARG H 312 -23.72 6.15 22.07
CA ARG H 312 -25.15 6.40 22.10
C ARG H 312 -25.57 7.17 20.86
N CYS H 313 -26.77 6.86 20.36
CA CYS H 313 -27.29 7.50 19.15
C CYS H 313 -28.79 7.64 19.29
N SER H 314 -29.28 8.88 19.34
CA SER H 314 -30.70 9.18 19.36
C SER H 314 -31.03 10.02 18.13
N SER H 315 -32.01 9.58 17.36
CA SER H 315 -32.28 10.15 16.04
C SER H 315 -33.76 10.40 15.85
N ASN H 316 -34.07 11.16 14.80
CA ASN H 316 -35.44 11.40 14.35
C ASN H 316 -35.59 10.82 12.95
N ILE H 317 -36.50 9.87 12.78
CA ILE H 317 -36.88 9.40 11.45
C ILE H 317 -37.93 10.37 10.90
N THR H 318 -37.60 11.04 9.80
CA THR H 318 -38.47 12.07 9.23
C THR H 318 -38.75 11.84 7.76
N GLY H 319 -38.42 10.68 7.20
CA GLY H 319 -38.63 10.41 5.80
C GLY H 319 -37.93 9.16 5.33
N LEU H 320 -38.53 8.46 4.37
CA LEU H 320 -37.99 7.20 3.87
C LEU H 320 -37.86 7.27 2.36
N LEU H 321 -37.00 6.38 1.83
CA LEU H 321 -36.78 6.26 0.39
C LEU H 321 -37.22 4.87 -0.03
N LEU H 322 -38.32 4.79 -0.78
CA LEU H 322 -38.89 3.53 -1.21
C LEU H 322 -38.94 3.45 -2.73
N THR H 323 -38.99 2.23 -3.25
CA THR H 323 -39.06 1.98 -4.68
C THR H 323 -40.15 0.95 -4.95
N ARG H 324 -40.70 1.00 -6.16
CA ARG H 324 -41.76 0.09 -6.57
C ARG H 324 -41.20 -1.02 -7.44
N ASP H 325 -41.63 -2.25 -7.18
CA ASP H 325 -41.27 -3.38 -8.02
C ASP H 325 -42.20 -3.42 -9.23
N GLY H 326 -41.63 -3.62 -10.40
CA GLY H 326 -42.42 -3.57 -11.62
C GLY H 326 -43.27 -4.81 -11.82
N GLY H 327 -44.31 -4.65 -12.62
CA GLY H 327 -45.19 -5.75 -12.97
C GLY H 327 -46.38 -5.86 -12.04
N ASN H 328 -47.27 -6.78 -12.39
CA ASN H 328 -48.48 -7.04 -11.62
C ASN H 328 -48.17 -7.91 -10.41
N ASN H 331 -52.09 -9.82 -7.38
CA ASN H 331 -53.37 -9.49 -6.77
C ASN H 331 -53.72 -8.03 -6.99
N GLU H 332 -53.26 -7.48 -8.12
CA GLU H 332 -53.51 -6.08 -8.46
C GLU H 332 -52.97 -5.15 -7.38
N SER H 333 -51.76 -5.42 -6.92
CA SER H 333 -51.11 -4.66 -5.86
C SER H 333 -49.71 -4.28 -6.31
N GLU H 334 -49.27 -3.09 -5.89
CA GLU H 334 -47.96 -2.55 -6.25
C GLU H 334 -47.07 -2.60 -5.01
N ILE H 335 -46.21 -3.62 -4.95
CA ILE H 335 -45.34 -3.80 -3.79
C ILE H 335 -44.20 -2.78 -3.83
N PHE H 336 -43.80 -2.32 -2.65
CA PHE H 336 -42.69 -1.38 -2.50
C PHE H 336 -41.56 -2.03 -1.71
N ARG H 337 -40.42 -1.35 -1.68
CA ARG H 337 -39.25 -1.81 -0.94
C ARG H 337 -38.40 -0.60 -0.60
N PRO H 338 -37.61 -0.66 0.47
CA PRO H 338 -36.76 0.48 0.82
C PRO H 338 -35.60 0.64 -0.16
N GLY H 339 -35.33 1.88 -0.53
CA GLY H 339 -34.26 2.20 -1.45
C GLY H 339 -33.16 3.02 -0.82
N GLY H 340 -32.42 3.78 -1.62
CA GLY H 340 -31.35 4.63 -1.16
C GLY H 340 -30.07 4.32 -1.90
N GLY H 341 -28.96 4.82 -1.35
CA GLY H 341 -27.64 4.63 -1.92
C GLY H 341 -27.07 5.89 -2.56
N ASP H 342 -27.92 6.71 -3.17
CA ASP H 342 -27.51 7.96 -3.80
C ASP H 342 -27.88 9.10 -2.87
N MET H 343 -26.87 9.78 -2.33
CA MET H 343 -27.11 10.85 -1.36
C MET H 343 -27.69 12.10 -2.01
N ARG H 344 -27.63 12.23 -3.33
CA ARG H 344 -28.31 13.33 -3.99
C ARG H 344 -29.77 13.38 -3.60
N ASP H 345 -30.43 12.22 -3.57
CA ASP H 345 -31.85 12.17 -3.19
C ASP H 345 -32.04 12.60 -1.74
N ASN H 346 -31.11 12.22 -0.86
CA ASN H 346 -31.21 12.64 0.53
C ASN H 346 -31.17 14.15 0.65
N TRP H 347 -30.34 14.81 -0.16
CA TRP H 347 -30.29 16.27 -0.13
C TRP H 347 -31.52 16.88 -0.80
N ARG H 348 -32.05 16.21 -1.84
CA ARG H 348 -33.29 16.68 -2.46
C ARG H 348 -34.43 16.71 -1.45
N SER H 349 -34.43 15.79 -0.49
CA SER H 349 -35.50 15.74 0.50
C SER H 349 -35.63 17.05 1.26
N GLU H 350 -34.53 17.81 1.37
CA GLU H 350 -34.52 19.06 2.11
C GLU H 350 -34.49 20.29 1.23
N LEU H 351 -33.96 20.20 0.00
CA LEU H 351 -33.82 21.34 -0.90
C LEU H 351 -34.83 21.30 -2.04
N TYR H 352 -36.04 20.78 -1.77
CA TYR H 352 -37.07 20.72 -2.80
C TYR H 352 -37.83 22.03 -2.94
N LYS H 353 -37.85 22.86 -1.90
CA LYS H 353 -38.64 24.08 -1.89
C LYS H 353 -37.83 25.32 -2.25
N TYR H 354 -36.58 25.16 -2.66
CA TYR H 354 -35.67 26.27 -2.90
C TYR H 354 -35.25 26.33 -4.36
N LYS H 355 -35.25 27.53 -4.92
CA LYS H 355 -34.71 27.80 -6.25
C LYS H 355 -33.85 29.06 -6.18
N VAL H 356 -32.75 29.06 -6.92
CA VAL H 356 -31.87 30.22 -7.02
C VAL H 356 -32.19 30.93 -8.33
N VAL H 357 -32.39 32.26 -8.26
CA VAL H 357 -32.76 33.05 -9.41
C VAL H 357 -31.98 34.37 -9.36
N LYS H 358 -32.04 35.11 -10.48
CA LYS H 358 -31.41 36.41 -10.55
C LYS H 358 -32.19 37.43 -9.73
N ILE H 359 -31.62 38.64 -9.61
CA ILE H 359 -32.26 39.68 -8.82
C ILE H 359 -33.63 40.03 -9.41
N GLU H 360 -33.68 40.31 -10.70
CA GLU H 360 -34.93 40.72 -11.34
C GLU H 360 -34.89 40.42 -12.83
N GLN I 1 -16.44 21.30 -58.18
CA GLN I 1 -16.93 22.47 -57.47
C GLN I 1 -16.84 22.27 -55.97
N VAL I 2 -15.63 21.99 -55.49
CA VAL I 2 -15.38 21.72 -54.08
C VAL I 2 -16.08 20.42 -53.70
N GLN I 3 -15.68 19.32 -54.36
CA GLN I 3 -16.28 18.03 -54.13
C GLN I 3 -15.21 17.00 -53.80
N LEU I 4 -15.57 16.03 -52.96
CA LEU I 4 -14.75 14.86 -52.69
C LEU I 4 -15.41 13.68 -53.42
N VAL I 5 -14.90 13.37 -54.62
CA VAL I 5 -15.47 12.34 -55.47
C VAL I 5 -14.68 11.06 -55.25
N GLN I 6 -15.37 10.00 -54.82
CA GLN I 6 -14.76 8.70 -54.60
C GLN I 6 -15.05 7.79 -55.79
N SER I 7 -14.40 6.63 -55.79
CA SER I 7 -14.55 5.68 -56.88
C SER I 7 -15.85 4.90 -56.73
N GLY I 8 -16.12 4.02 -57.70
CA GLY I 8 -17.33 3.22 -57.67
C GLY I 8 -17.17 1.99 -56.79
N ALA I 9 -18.31 1.36 -56.52
CA ALA I 9 -18.31 0.15 -55.68
C ALA I 9 -17.47 -0.94 -56.33
N GLU I 10 -16.85 -1.76 -55.49
CA GLU I 10 -15.97 -2.83 -55.93
C GLU I 10 -16.35 -4.14 -55.25
N VAL I 11 -16.19 -5.23 -55.98
CA VAL I 11 -16.42 -6.58 -55.48
C VAL I 11 -15.09 -7.31 -55.52
N LYS I 12 -14.67 -7.86 -54.38
CA LYS I 12 -13.40 -8.55 -54.26
C LYS I 12 -13.60 -9.91 -53.62
N LYS I 13 -12.62 -10.78 -53.82
CA LYS I 13 -12.59 -12.11 -53.24
C LYS I 13 -11.64 -12.15 -52.05
N PRO I 14 -11.76 -13.14 -51.18
CA PRO I 14 -10.86 -13.23 -50.02
C PRO I 14 -9.40 -13.28 -50.45
N GLY I 15 -8.58 -12.42 -49.83
CA GLY I 15 -7.16 -12.41 -50.06
C GLY I 15 -6.67 -11.44 -51.12
N ALA I 16 -7.57 -10.81 -51.87
CA ALA I 16 -7.17 -9.88 -52.91
C ALA I 16 -6.73 -8.56 -52.28
N SER I 17 -6.45 -7.56 -53.13
CA SER I 17 -6.08 -6.23 -52.69
C SER I 17 -7.08 -5.23 -53.27
N VAL I 18 -7.55 -4.31 -52.43
CA VAL I 18 -8.55 -3.32 -52.82
C VAL I 18 -7.91 -1.94 -52.80
N LYS I 19 -8.28 -1.11 -53.78
CA LYS I 19 -7.75 0.24 -53.90
C LYS I 19 -8.90 1.17 -54.26
N VAL I 20 -9.23 2.09 -53.36
CA VAL I 20 -10.26 3.10 -53.58
C VAL I 20 -9.59 4.46 -53.65
N SER I 21 -10.04 5.29 -54.59
CA SER I 21 -9.44 6.59 -54.85
C SER I 21 -10.41 7.70 -54.48
N CYS I 22 -9.87 8.72 -53.82
CA CYS I 22 -10.64 9.90 -53.41
C CYS I 22 -10.02 11.12 -54.07
N LYS I 23 -10.71 11.67 -55.07
CA LYS I 23 -10.26 12.86 -55.77
C LYS I 23 -10.97 14.08 -55.23
N ALA I 24 -10.20 15.12 -54.90
CA ALA I 24 -10.73 16.38 -54.41
C ALA I 24 -10.48 17.46 -55.45
N SER I 25 -11.55 18.16 -55.82
CA SER I 25 -11.48 19.22 -56.82
C SER I 25 -12.22 20.45 -56.29
N GLY I 26 -11.57 21.62 -56.38
CA GLY I 26 -12.16 22.88 -55.98
C GLY I 26 -11.35 23.62 -54.92
N TYR I 27 -10.65 22.88 -54.06
CA TYR I 27 -9.86 23.48 -53.01
C TYR I 27 -8.40 23.04 -53.13
N THR I 28 -7.52 23.79 -52.45
CA THR I 28 -6.10 23.50 -52.50
C THR I 28 -5.83 22.12 -51.89
N PHE I 29 -5.29 21.22 -52.72
CA PHE I 29 -5.13 19.83 -52.30
C PHE I 29 -4.04 19.69 -51.25
N THR I 30 -2.87 20.30 -51.49
CA THR I 30 -1.70 20.05 -50.65
C THR I 30 -1.86 20.58 -49.24
N GLY I 31 -2.71 21.59 -49.03
CA GLY I 31 -2.76 22.27 -47.76
C GLY I 31 -3.56 21.61 -46.66
N TYR I 32 -4.23 20.50 -46.94
CA TYR I 32 -5.15 19.88 -45.98
C TYR I 32 -4.91 18.39 -45.90
N TYR I 33 -4.97 17.85 -44.68
CA TYR I 33 -4.85 16.41 -44.48
C TYR I 33 -6.03 15.68 -45.09
N MET I 34 -5.76 14.48 -45.59
CA MET I 34 -6.79 13.61 -46.16
C MET I 34 -6.92 12.37 -45.29
N ASN I 35 -8.09 12.20 -44.68
CA ASN I 35 -8.35 11.08 -43.77
C ASN I 35 -9.25 10.06 -44.45
N TRP I 36 -9.05 8.79 -44.07
CA TRP I 36 -9.82 7.67 -44.60
C TRP I 36 -10.59 7.02 -43.45
N VAL I 37 -11.90 6.93 -43.60
CA VAL I 37 -12.77 6.32 -42.61
C VAL I 37 -13.64 5.27 -43.29
N ARG I 38 -13.94 4.19 -42.58
CA ARG I 38 -14.81 3.14 -43.09
C ARG I 38 -15.90 2.85 -42.06
N GLN I 39 -17.07 2.47 -42.56
CA GLN I 39 -18.21 2.10 -41.74
C GLN I 39 -18.78 0.79 -42.24
N ALA I 40 -18.73 -0.24 -41.39
CA ALA I 40 -19.35 -1.50 -41.73
C ALA I 40 -20.87 -1.33 -41.82
N PRO I 41 -21.57 -2.25 -42.49
CA PRO I 41 -23.01 -2.07 -42.68
C PRO I 41 -23.80 -2.26 -41.39
N GLY I 42 -24.32 -1.17 -40.85
CA GLY I 42 -25.08 -1.23 -39.62
C GLY I 42 -24.25 -1.14 -38.36
N GLN I 43 -23.01 -0.68 -38.45
CA GLN I 43 -22.12 -0.54 -37.31
C GLN I 43 -21.64 0.90 -37.22
N GLY I 44 -20.77 1.16 -36.23
CA GLY I 44 -20.24 2.49 -36.03
C GLY I 44 -19.08 2.80 -36.96
N LEU I 45 -18.64 4.06 -36.90
CA LEU I 45 -17.54 4.52 -37.73
C LEU I 45 -16.20 4.03 -37.17
N GLU I 46 -15.20 3.99 -38.04
CA GLU I 46 -13.86 3.58 -37.64
C GLU I 46 -12.84 4.29 -38.51
N TRP I 47 -11.98 5.10 -37.89
CA TRP I 47 -10.92 5.78 -38.61
C TRP I 47 -9.81 4.79 -38.93
N MET I 48 -9.37 4.79 -40.19
CA MET I 48 -8.34 3.86 -40.66
C MET I 48 -6.98 4.52 -40.81
N GLY I 49 -6.91 5.72 -41.37
CA GLY I 49 -5.64 6.38 -41.56
C GLY I 49 -5.85 7.75 -42.20
N TRP I 50 -4.75 8.49 -42.28
CA TRP I 50 -4.73 9.77 -42.98
C TRP I 50 -3.39 9.94 -43.67
N ILE I 51 -3.33 10.88 -44.60
CA ILE I 51 -2.14 11.14 -45.39
C ILE I 51 -1.95 12.65 -45.51
N ASN I 52 -0.71 13.10 -45.40
CA ASN I 52 -0.37 14.51 -45.62
C ASN I 52 -0.05 14.69 -47.09
N PRO I 53 -0.93 15.31 -47.89
CA PRO I 53 -0.66 15.38 -49.33
C PRO I 53 0.54 16.22 -49.70
N ASN I 54 0.87 17.23 -48.89
CA ASN I 54 2.00 18.10 -49.22
C ASN I 54 3.32 17.33 -49.12
N SER I 55 3.55 16.66 -47.99
CA SER I 55 4.81 15.96 -47.76
C SER I 55 4.71 14.46 -48.01
N GLY I 56 3.52 13.87 -47.88
CA GLY I 56 3.33 12.47 -48.19
C GLY I 56 3.47 11.52 -47.02
N ASP I 57 3.68 12.02 -45.81
CA ASP I 57 3.78 11.16 -44.65
C ASP I 57 2.40 10.70 -44.23
N THR I 58 2.26 9.40 -43.96
CA THR I 58 0.97 8.78 -43.66
C THR I 58 0.94 8.28 -42.23
N ASN I 59 -0.27 7.94 -41.78
CA ASN I 59 -0.49 7.39 -40.45
C ASN I 59 -1.66 6.43 -40.50
N TYR I 60 -1.47 5.24 -39.97
CA TYR I 60 -2.53 4.23 -39.90
C TYR I 60 -2.66 3.73 -38.47
N ALA I 61 -3.77 3.05 -38.20
CA ALA I 61 -4.01 2.50 -36.88
C ALA I 61 -3.31 1.14 -36.73
N GLN I 62 -3.20 0.69 -35.49
CA GLN I 62 -2.55 -0.60 -35.23
C GLN I 62 -3.25 -1.74 -35.95
N LYS I 63 -4.59 -1.73 -35.95
CA LYS I 63 -5.34 -2.82 -36.56
C LYS I 63 -5.01 -3.00 -38.03
N PHE I 64 -4.57 -1.93 -38.70
CA PHE I 64 -4.29 -1.96 -40.13
C PHE I 64 -2.82 -2.00 -40.48
N GLN I 65 -1.93 -1.65 -39.54
CA GLN I 65 -0.50 -1.53 -39.84
C GLN I 65 0.01 -2.77 -40.56
N GLY I 66 0.66 -2.55 -41.69
CA GLY I 66 1.30 -3.63 -42.42
C GLY I 66 0.66 -3.95 -43.75
N ARG I 67 -0.68 -3.94 -43.80
CA ARG I 67 -1.41 -4.35 -44.98
C ARG I 67 -2.16 -3.21 -45.65
N VAL I 68 -2.12 -2.00 -45.11
CA VAL I 68 -2.72 -0.82 -45.72
C VAL I 68 -1.59 0.12 -46.13
N THR I 69 -1.63 0.57 -47.38
CA THR I 69 -0.63 1.49 -47.92
C THR I 69 -1.36 2.63 -48.62
N MET I 70 -1.09 3.85 -48.18
CA MET I 70 -1.75 5.04 -48.69
C MET I 70 -0.79 5.84 -49.56
N THR I 71 -1.29 6.30 -50.71
CA THR I 71 -0.51 7.11 -51.63
C THR I 71 -1.33 8.30 -52.08
N ARG I 72 -0.65 9.30 -52.63
CA ARG I 72 -1.30 10.50 -53.13
C ARG I 72 -0.65 10.91 -54.45
N ASP I 73 -1.43 11.59 -55.29
CA ASP I 73 -0.97 12.08 -56.59
C ASP I 73 -1.25 13.58 -56.65
N THR I 74 -0.17 14.38 -56.58
CA THR I 74 -0.35 15.82 -56.59
C THR I 74 -0.75 16.33 -57.97
N SER I 75 -0.29 15.68 -59.04
CA SER I 75 -0.58 16.16 -60.38
C SER I 75 -2.08 16.19 -60.64
N SER I 76 -2.76 15.08 -60.41
CA SER I 76 -4.19 14.96 -60.66
C SER I 76 -5.04 15.33 -59.46
N SER I 77 -4.43 15.70 -58.33
CA SER I 77 -5.15 16.08 -57.13
C SER I 77 -6.06 14.95 -56.66
N THR I 78 -5.42 13.83 -56.31
CA THR I 78 -6.14 12.64 -55.86
C THR I 78 -5.34 11.97 -54.75
N ALA I 79 -6.00 11.08 -54.03
CA ALA I 79 -5.39 10.32 -52.95
C ALA I 79 -5.90 8.89 -53.00
N TYR I 80 -5.00 7.94 -53.18
CA TYR I 80 -5.34 6.52 -53.24
C TYR I 80 -4.98 5.83 -51.94
N MET I 81 -5.81 4.86 -51.55
CA MET I 81 -5.53 4.01 -50.40
C MET I 81 -5.68 2.56 -50.85
N GLU I 82 -4.75 1.72 -50.42
CA GLU I 82 -4.73 0.31 -50.78
C GLU I 82 -4.73 -0.54 -49.52
N LEU I 83 -5.52 -1.62 -49.55
CA LEU I 83 -5.66 -2.52 -48.42
C LEU I 83 -5.46 -3.96 -48.91
N ASN I 84 -4.44 -4.63 -48.39
CA ASN I 84 -4.12 -5.98 -48.80
C ASN I 84 -4.74 -7.00 -47.85
N ARG I 85 -4.67 -8.27 -48.25
CA ARG I 85 -5.24 -9.37 -47.47
C ARG I 85 -6.67 -9.06 -47.04
N VAL I 86 -7.49 -8.67 -48.03
CA VAL I 86 -8.87 -8.33 -47.73
C VAL I 86 -9.59 -9.54 -47.14
N ARG I 87 -10.56 -9.27 -46.28
CA ARG I 87 -11.32 -10.31 -45.59
C ARG I 87 -12.77 -9.84 -45.48
N SER I 88 -13.65 -10.78 -45.15
CA SER I 88 -15.07 -10.45 -45.02
C SER I 88 -15.28 -9.32 -44.02
N ASP I 89 -14.39 -9.19 -43.04
CA ASP I 89 -14.51 -8.10 -42.06
C ASP I 89 -14.29 -6.73 -42.69
N ASP I 90 -13.60 -6.66 -43.83
CA ASP I 90 -13.31 -5.39 -44.47
C ASP I 90 -14.47 -4.87 -45.30
N THR I 91 -15.48 -5.69 -45.58
CA THR I 91 -16.66 -5.23 -46.31
C THR I 91 -17.28 -4.05 -45.57
N ALA I 92 -17.27 -2.88 -46.20
CA ALA I 92 -17.76 -1.67 -45.57
C ALA I 92 -17.79 -0.56 -46.61
N VAL I 93 -18.33 0.59 -46.19
CA VAL I 93 -18.38 1.80 -47.02
C VAL I 93 -17.25 2.71 -46.58
N TYR I 94 -16.34 3.00 -47.50
CA TYR I 94 -15.16 3.82 -47.21
C TYR I 94 -15.46 5.26 -47.61
N TYR I 95 -15.33 6.17 -46.65
CA TYR I 95 -15.44 7.60 -46.89
C TYR I 95 -14.08 8.26 -46.75
N CYS I 96 -13.93 9.42 -47.38
CA CYS I 96 -12.74 10.25 -47.26
C CYS I 96 -13.13 11.65 -46.82
N ALA I 97 -12.37 12.20 -45.88
CA ALA I 97 -12.64 13.51 -45.31
C ALA I 97 -11.42 14.40 -45.44
N ARG I 98 -11.64 15.69 -45.21
CA ARG I 98 -10.59 16.70 -45.35
C ARG I 98 -10.55 17.52 -44.07
N TRP I 99 -9.37 17.56 -43.44
CA TRP I 99 -9.15 18.34 -42.23
C TRP I 99 -8.03 19.33 -42.48
N ASP I 100 -8.31 20.62 -42.27
CA ASP I 100 -7.29 21.65 -42.33
C ASP I 100 -6.66 21.81 -40.95
N TRP I 101 -5.33 21.75 -40.91
CA TRP I 101 -4.61 21.80 -39.64
C TRP I 101 -5.06 22.99 -38.81
N GLY I 102 -5.38 22.72 -37.55
CA GLY I 102 -5.83 23.78 -36.65
C GLY I 102 -5.88 23.29 -35.23
N GLN I 103 -6.42 24.14 -34.36
CA GLN I 103 -6.54 23.79 -32.95
C GLN I 103 -7.45 22.58 -32.77
N TYR I 104 -8.63 22.62 -33.40
CA TYR I 104 -9.66 21.62 -33.21
C TYR I 104 -9.61 20.57 -34.32
N TRP I 105 -10.03 19.35 -33.97
CA TRP I 105 -10.06 18.23 -34.90
C TRP I 105 -11.49 17.99 -35.33
N PHE I 106 -11.74 17.99 -36.64
CA PHE I 106 -13.08 17.86 -37.17
C PHE I 106 -13.01 17.51 -38.65
N PHE I 107 -14.02 16.77 -39.11
CA PHE I 107 -14.12 16.38 -40.51
C PHE I 107 -15.12 17.32 -41.18
N ASP I 108 -14.62 18.27 -41.97
CA ASP I 108 -15.49 19.27 -42.59
C ASP I 108 -16.17 18.72 -43.84
N LEU I 109 -15.40 18.07 -44.71
CA LEU I 109 -15.91 17.52 -45.95
C LEU I 109 -15.99 16.00 -45.86
N TRP I 110 -17.00 15.44 -46.53
CA TRP I 110 -17.21 14.00 -46.59
C TRP I 110 -17.46 13.58 -48.03
N GLY I 111 -16.83 12.48 -48.43
CA GLY I 111 -17.10 11.93 -49.75
C GLY I 111 -18.40 11.16 -49.80
N ARG I 112 -18.94 11.03 -51.02
CA ARG I 112 -20.21 10.32 -51.19
C ARG I 112 -20.13 8.91 -50.62
N GLY I 113 -18.98 8.28 -50.74
CA GLY I 113 -18.77 6.95 -50.18
C GLY I 113 -18.58 5.90 -51.26
N THR I 114 -17.73 4.93 -50.96
CA THR I 114 -17.46 3.81 -51.86
C THR I 114 -17.76 2.50 -51.13
N LEU I 115 -18.51 1.63 -51.79
CA LEU I 115 -18.95 0.36 -51.21
C LEU I 115 -18.02 -0.75 -51.68
N VAL I 116 -17.30 -1.37 -50.73
CA VAL I 116 -16.45 -2.51 -50.99
C VAL I 116 -17.10 -3.74 -50.36
N THR I 117 -17.31 -4.78 -51.17
CA THR I 117 -17.93 -6.02 -50.73
C THR I 117 -16.96 -7.16 -50.94
N VAL I 118 -16.71 -7.93 -49.88
CA VAL I 118 -15.78 -9.05 -49.90
C VAL I 118 -16.53 -10.30 -49.47
N SER I 119 -16.51 -11.32 -50.31
CA SER I 119 -17.15 -12.61 -50.01
C SER I 119 -16.64 -13.62 -51.03
N SER I 120 -16.97 -14.89 -50.77
CA SER I 120 -16.48 -15.96 -51.64
C SER I 120 -17.30 -16.08 -52.92
N ALA I 121 -18.62 -15.99 -52.81
CA ALA I 121 -19.48 -16.18 -53.97
C ALA I 121 -19.16 -15.15 -55.05
N SER I 122 -19.59 -15.47 -56.27
CA SER I 122 -19.40 -14.60 -57.43
C SER I 122 -20.64 -13.73 -57.64
N THR I 123 -20.50 -12.76 -58.54
CA THR I 123 -21.61 -11.89 -58.88
C THR I 123 -22.73 -12.69 -59.52
N LYS I 124 -23.92 -12.61 -58.93
CA LYS I 124 -25.08 -13.35 -59.41
C LYS I 124 -26.30 -12.46 -59.39
N GLY I 125 -27.18 -12.64 -60.38
CA GLY I 125 -28.39 -11.87 -60.48
C GLY I 125 -29.48 -12.37 -59.55
N PRO I 126 -30.49 -11.55 -59.31
CA PRO I 126 -31.56 -11.94 -58.39
C PRO I 126 -32.60 -12.83 -59.04
N SER I 127 -33.30 -13.58 -58.19
CA SER I 127 -34.42 -14.43 -58.59
C SER I 127 -35.67 -13.91 -57.90
N VAL I 128 -36.63 -13.44 -58.70
CA VAL I 128 -37.83 -12.80 -58.16
C VAL I 128 -38.93 -13.85 -58.04
N PHE I 129 -39.59 -13.87 -56.88
CA PHE I 129 -40.70 -14.77 -56.62
C PHE I 129 -41.88 -13.98 -56.08
N PRO I 130 -43.11 -14.28 -56.53
CA PRO I 130 -44.26 -13.51 -56.06
C PRO I 130 -44.79 -14.04 -54.74
N LEU I 131 -45.28 -13.12 -53.90
CA LEU I 131 -45.94 -13.44 -52.64
C LEU I 131 -47.40 -13.03 -52.82
N ALA I 132 -48.23 -13.98 -53.25
CA ALA I 132 -49.60 -13.67 -53.62
C ALA I 132 -50.51 -13.67 -52.40
N PRO I 133 -51.58 -12.85 -52.42
CA PRO I 133 -52.53 -12.78 -51.30
C PRO I 133 -53.46 -13.98 -51.24
N THR I 142 -58.24 -5.11 -45.63
CA THR I 142 -57.17 -4.84 -46.59
C THR I 142 -56.08 -5.90 -46.48
N ALA I 143 -55.77 -6.54 -47.60
CA ALA I 143 -54.73 -7.55 -47.66
C ALA I 143 -53.41 -6.94 -48.12
N ALA I 144 -52.41 -7.78 -48.28
CA ALA I 144 -51.07 -7.35 -48.70
C ALA I 144 -50.62 -8.22 -49.88
N LEU I 145 -49.49 -7.81 -50.48
CA LEU I 145 -48.89 -8.53 -51.58
C LEU I 145 -47.48 -8.01 -51.78
N GLY I 146 -46.55 -8.92 -52.07
CA GLY I 146 -45.16 -8.55 -52.21
C GLY I 146 -44.37 -9.45 -53.13
N CYS I 147 -43.05 -9.24 -53.19
CA CYS I 147 -42.16 -10.05 -54.00
C CYS I 147 -40.93 -10.39 -53.17
N LEU I 148 -40.28 -11.50 -53.52
CA LEU I 148 -39.11 -12.01 -52.81
C LEU I 148 -37.94 -12.00 -53.77
N VAL I 149 -36.97 -11.12 -53.52
CA VAL I 149 -35.73 -11.07 -54.29
C VAL I 149 -34.73 -11.98 -53.58
N LYS I 150 -34.59 -13.19 -54.10
CA LYS I 150 -33.81 -14.24 -53.45
C LYS I 150 -32.54 -14.54 -54.24
N ASP I 151 -31.48 -14.90 -53.51
CA ASP I 151 -30.22 -15.30 -54.12
C ASP I 151 -29.71 -14.23 -55.09
N TYR I 152 -29.09 -13.18 -54.56
CA TYR I 152 -28.49 -12.15 -55.40
C TYR I 152 -27.22 -11.64 -54.74
N PHE I 153 -26.31 -11.13 -55.58
CA PHE I 153 -25.03 -10.62 -55.12
C PHE I 153 -24.55 -9.60 -56.14
N PRO I 154 -24.00 -8.45 -55.73
CA PRO I 154 -23.80 -7.98 -54.36
C PRO I 154 -25.04 -7.40 -53.70
N GLU I 155 -24.85 -6.48 -52.75
CA GLU I 155 -25.98 -5.97 -51.97
C GLU I 155 -26.86 -5.03 -52.77
N PRO I 156 -26.33 -4.02 -53.50
CA PRO I 156 -27.19 -3.00 -54.12
C PRO I 156 -28.34 -3.57 -54.94
N VAL I 157 -29.57 -3.34 -54.49
CA VAL I 157 -30.76 -3.74 -55.22
C VAL I 157 -31.84 -2.69 -54.95
N THR I 158 -32.61 -2.38 -55.98
CA THR I 158 -33.69 -1.40 -55.90
C THR I 158 -34.99 -2.02 -56.40
N VAL I 159 -36.07 -1.79 -55.68
CA VAL I 159 -37.38 -2.36 -56.00
C VAL I 159 -38.38 -1.23 -56.13
N SER I 160 -39.11 -1.21 -57.24
CA SER I 160 -40.19 -0.28 -57.46
C SER I 160 -41.45 -1.06 -57.85
N TRP I 161 -42.59 -0.39 -57.75
CA TRP I 161 -43.89 -1.01 -57.96
C TRP I 161 -44.61 -0.30 -59.10
N ASN I 162 -44.98 -1.05 -60.13
CA ASN I 162 -45.72 -0.53 -61.27
C ASN I 162 -44.97 0.66 -61.90
N SER I 163 -43.65 0.51 -62.03
CA SER I 163 -42.81 1.51 -62.68
C SER I 163 -42.94 2.87 -61.99
N GLY I 164 -42.86 2.86 -60.66
CA GLY I 164 -42.91 4.07 -59.89
C GLY I 164 -44.30 4.65 -59.69
N ALA I 165 -45.34 3.99 -60.20
CA ALA I 165 -46.70 4.50 -60.02
C ALA I 165 -47.19 4.29 -58.59
N LEU I 166 -46.89 3.13 -58.01
CA LEU I 166 -47.32 2.80 -56.66
C LEU I 166 -46.22 3.20 -55.68
N THR I 167 -46.59 3.96 -54.65
CA THR I 167 -45.62 4.45 -53.66
C THR I 167 -46.15 4.32 -52.25
N SER I 168 -47.40 4.74 -52.02
CA SER I 168 -47.96 4.71 -50.67
C SER I 168 -48.08 3.28 -50.17
N GLY I 169 -47.68 3.07 -48.91
CA GLY I 169 -47.79 1.78 -48.28
C GLY I 169 -46.71 0.78 -48.66
N VAL I 170 -45.71 1.18 -49.43
CA VAL I 170 -44.65 0.28 -49.84
C VAL I 170 -43.60 0.21 -48.74
N HIS I 171 -43.08 -1.00 -48.51
CA HIS I 171 -42.05 -1.22 -47.50
C HIS I 171 -41.01 -2.17 -48.08
N THR I 172 -39.81 -1.65 -48.33
CA THR I 172 -38.68 -2.45 -48.80
C THR I 172 -37.77 -2.73 -47.62
N PHE I 173 -37.59 -4.02 -47.30
CA PHE I 173 -36.86 -4.39 -46.10
C PHE I 173 -35.36 -4.51 -46.38
N PRO I 174 -34.52 -4.19 -45.39
CA PRO I 174 -33.08 -4.37 -45.58
C PRO I 174 -32.75 -5.82 -45.92
N ALA I 175 -31.78 -5.99 -46.81
CA ALA I 175 -31.39 -7.33 -47.24
C ALA I 175 -30.73 -8.09 -46.09
N VAL I 176 -30.81 -9.41 -46.19
CA VAL I 176 -30.17 -10.31 -45.23
C VAL I 176 -29.35 -11.33 -46.00
N LEU I 177 -28.12 -11.57 -45.54
CA LEU I 177 -27.23 -12.51 -46.21
C LEU I 177 -27.58 -13.94 -45.81
N GLN I 178 -27.73 -14.81 -46.81
CA GLN I 178 -28.07 -16.20 -46.58
C GLN I 178 -26.81 -17.02 -46.29
N SER I 179 -27.01 -18.25 -45.83
CA SER I 179 -25.89 -19.13 -45.53
C SER I 179 -25.03 -19.39 -46.76
N SER I 180 -25.65 -19.43 -47.94
CA SER I 180 -24.91 -19.66 -49.18
C SER I 180 -24.09 -18.45 -49.60
N GLY I 181 -24.21 -17.33 -48.90
CA GLY I 181 -23.49 -16.12 -49.26
C GLY I 181 -24.26 -15.16 -50.13
N LEU I 182 -25.41 -15.58 -50.67
CA LEU I 182 -26.22 -14.72 -51.53
C LEU I 182 -27.28 -14.00 -50.70
N TYR I 183 -27.45 -12.71 -50.96
CA TYR I 183 -28.39 -11.91 -50.20
C TYR I 183 -29.82 -12.19 -50.63
N SER I 184 -30.76 -11.77 -49.79
CA SER I 184 -32.18 -11.96 -50.06
C SER I 184 -32.97 -10.90 -49.30
N LEU I 185 -33.94 -10.30 -49.98
CA LEU I 185 -34.80 -9.30 -49.38
C LEU I 185 -36.24 -9.52 -49.85
N SER I 186 -37.16 -8.74 -49.27
CA SER I 186 -38.57 -8.82 -49.63
C SER I 186 -39.16 -7.43 -49.63
N SER I 187 -40.04 -7.17 -50.60
CA SER I 187 -40.74 -5.90 -50.73
C SER I 187 -42.23 -6.18 -50.78
N VAL I 188 -42.98 -5.59 -49.84
CA VAL I 188 -44.40 -5.85 -49.69
C VAL I 188 -45.16 -4.53 -49.73
N VAL I 189 -46.46 -4.65 -50.01
CA VAL I 189 -47.35 -3.49 -50.09
C VAL I 189 -48.72 -3.90 -49.57
N THR I 190 -49.44 -2.93 -49.02
CA THR I 190 -50.81 -3.13 -48.55
C THR I 190 -51.78 -2.56 -49.58
N VAL I 191 -52.75 -3.36 -49.98
CA VAL I 191 -53.71 -2.95 -51.01
C VAL I 191 -55.11 -3.44 -50.64
N PRO I 192 -56.12 -2.57 -50.67
CA PRO I 192 -57.49 -3.05 -50.43
C PRO I 192 -57.90 -4.09 -51.46
N SER I 193 -59.07 -4.69 -51.21
CA SER I 193 -59.53 -5.77 -52.09
C SER I 193 -59.99 -5.23 -53.44
N SER I 194 -60.64 -4.06 -53.45
CA SER I 194 -61.14 -3.51 -54.70
C SER I 194 -60.01 -3.28 -55.70
N SER I 195 -58.94 -2.63 -55.25
CA SER I 195 -57.81 -2.37 -56.14
C SER I 195 -57.09 -3.66 -56.52
N LEU I 196 -57.02 -4.63 -55.59
CA LEU I 196 -56.34 -5.88 -55.90
C LEU I 196 -57.08 -6.68 -56.97
N GLY I 197 -58.39 -6.49 -57.08
CA GLY I 197 -59.18 -7.22 -58.06
C GLY I 197 -59.27 -6.51 -59.40
N THR I 198 -59.39 -5.19 -59.37
CA THR I 198 -59.55 -4.41 -60.59
C THR I 198 -58.23 -3.91 -61.15
N GLN I 199 -57.22 -3.73 -60.31
CA GLN I 199 -55.92 -3.19 -60.71
C GLN I 199 -54.86 -4.28 -60.60
N THR I 200 -54.05 -4.43 -61.65
CA THR I 200 -52.96 -5.38 -61.64
C THR I 200 -51.74 -4.78 -60.96
N TYR I 201 -50.91 -5.65 -60.38
CA TYR I 201 -49.71 -5.25 -59.66
C TYR I 201 -48.51 -6.00 -60.21
N ILE I 202 -47.36 -5.33 -60.25
CA ILE I 202 -46.14 -5.91 -60.77
C ILE I 202 -44.96 -5.35 -60.00
N CYS I 203 -43.93 -6.18 -59.84
CA CYS I 203 -42.69 -5.79 -59.16
C CYS I 203 -41.61 -5.51 -60.21
N ASN I 204 -40.93 -4.38 -60.04
CA ASN I 204 -39.82 -3.99 -60.90
C ASN I 204 -38.54 -4.06 -60.07
N VAL I 205 -37.69 -5.04 -60.36
CA VAL I 205 -36.47 -5.30 -59.60
C VAL I 205 -35.29 -4.93 -60.47
N ASN I 206 -34.47 -3.99 -59.99
CA ASN I 206 -33.26 -3.54 -60.67
C ASN I 206 -32.04 -3.95 -59.87
N HIS I 207 -31.18 -4.77 -60.49
CA HIS I 207 -29.89 -5.16 -59.91
C HIS I 207 -28.82 -4.67 -60.88
N LYS I 208 -28.38 -3.43 -60.70
CA LYS I 208 -27.42 -2.84 -61.64
C LYS I 208 -26.11 -3.59 -61.72
N PRO I 209 -25.53 -4.09 -60.62
CA PRO I 209 -24.25 -4.81 -60.74
C PRO I 209 -24.27 -5.92 -61.78
N SER I 210 -25.42 -6.58 -61.98
CA SER I 210 -25.56 -7.63 -62.98
C SER I 210 -26.34 -7.17 -64.20
N ASN I 211 -26.72 -5.90 -64.27
CA ASN I 211 -27.53 -5.38 -65.37
C ASN I 211 -28.78 -6.25 -65.57
N THR I 212 -29.54 -6.42 -64.50
CA THR I 212 -30.69 -7.31 -64.48
C THR I 212 -31.94 -6.50 -64.15
N LYS I 213 -32.82 -6.35 -65.15
CA LYS I 213 -34.13 -5.74 -64.96
C LYS I 213 -35.19 -6.86 -65.02
N VAL I 214 -36.02 -6.93 -63.99
CA VAL I 214 -37.05 -7.95 -63.88
C VAL I 214 -38.40 -7.28 -63.66
N ASP I 215 -39.42 -7.74 -64.38
CA ASP I 215 -40.78 -7.24 -64.25
C ASP I 215 -41.70 -8.45 -64.02
N LYS I 216 -42.03 -8.71 -62.77
CA LYS I 216 -42.87 -9.84 -62.40
C LYS I 216 -44.29 -9.36 -62.11
N ARG I 217 -45.25 -10.27 -62.28
CA ARG I 217 -46.65 -9.98 -62.04
C ARG I 217 -47.13 -10.71 -60.79
N VAL I 218 -48.07 -10.10 -60.07
CA VAL I 218 -48.63 -10.65 -58.85
C VAL I 218 -50.15 -10.65 -58.99
N GLU I 219 -50.76 -11.81 -58.78
CA GLU I 219 -52.20 -11.97 -58.91
C GLU I 219 -52.67 -12.97 -57.87
N PRO I 220 -53.96 -12.94 -57.49
CA PRO I 220 -54.47 -13.89 -56.50
C PRO I 220 -54.53 -15.32 -57.03
N GLU J 1 -5.29 2.25 -25.97
CA GLU J 1 -6.37 1.47 -25.39
C GLU J 1 -7.46 2.38 -24.84
N ILE J 2 -7.78 3.42 -25.60
CA ILE J 2 -8.79 4.41 -25.22
C ILE J 2 -10.08 4.11 -25.98
N VAL J 3 -11.20 4.16 -25.27
CA VAL J 3 -12.51 3.87 -25.84
C VAL J 3 -13.52 4.88 -25.32
N LEU J 4 -14.28 5.48 -26.22
CA LEU J 4 -15.34 6.40 -25.85
C LEU J 4 -16.67 5.65 -25.85
N THR J 5 -17.31 5.59 -24.68
CA THR J 5 -18.57 4.87 -24.52
C THR J 5 -19.71 5.87 -24.50
N GLN J 6 -20.60 5.78 -25.48
CA GLN J 6 -21.74 6.68 -25.59
C GLN J 6 -22.94 6.08 -24.87
N SER J 7 -23.62 6.89 -24.07
CA SER J 7 -24.83 6.49 -23.37
C SER J 7 -25.88 7.58 -23.50
N PRO J 8 -27.17 7.22 -23.52
CA PRO J 8 -27.70 5.85 -23.44
C PRO J 8 -27.54 5.07 -24.74
N GLY J 9 -27.71 3.75 -24.67
CA GLY J 9 -27.58 2.93 -25.87
C GLY J 9 -28.62 3.27 -26.92
N THR J 10 -29.89 3.37 -26.50
CA THR J 10 -30.98 3.74 -27.39
C THR J 10 -31.92 4.66 -26.64
N LEU J 11 -32.05 5.89 -27.11
CA LEU J 11 -32.89 6.90 -26.50
C LEU J 11 -34.20 7.04 -27.27
N SER J 12 -35.29 7.20 -26.53
CA SER J 12 -36.62 7.36 -27.12
C SER J 12 -37.25 8.62 -26.55
N LEU J 13 -37.61 9.55 -27.44
CA LEU J 13 -38.19 10.82 -27.01
C LEU J 13 -39.15 11.31 -28.09
N SER J 14 -40.04 12.21 -27.69
CA SER J 14 -41.04 12.78 -28.58
C SER J 14 -40.67 14.20 -28.96
N PRO J 15 -41.25 14.73 -30.03
CA PRO J 15 -40.95 16.12 -30.43
C PRO J 15 -41.28 17.10 -29.32
N GLY J 16 -40.42 18.11 -29.17
CA GLY J 16 -40.65 19.21 -28.27
C GLY J 16 -39.91 19.10 -26.94
N GLU J 17 -39.45 17.91 -26.57
CA GLU J 17 -38.78 17.69 -25.30
C GLU J 17 -37.27 17.68 -25.49
N ARG J 18 -36.56 18.35 -24.59
CA ARG J 18 -35.11 18.42 -24.67
C ARG J 18 -34.48 17.08 -24.31
N ALA J 19 -33.58 16.60 -25.15
CA ALA J 19 -32.88 15.34 -24.93
C ALA J 19 -31.39 15.61 -24.79
N THR J 20 -30.73 14.84 -23.92
CA THR J 20 -29.32 15.01 -23.62
C THR J 20 -28.62 13.67 -23.78
N LEU J 21 -27.66 13.62 -24.71
CA LEU J 21 -26.84 12.42 -24.91
C LEU J 21 -25.49 12.63 -24.25
N SER J 22 -25.03 11.62 -23.52
CA SER J 22 -23.78 11.68 -22.77
C SER J 22 -22.74 10.77 -23.41
N CYS J 23 -21.50 11.26 -23.45
CA CYS J 23 -20.37 10.51 -24.01
C CYS J 23 -19.24 10.53 -22.99
N ARG J 24 -18.94 9.38 -22.42
CA ARG J 24 -17.92 9.23 -21.40
C ARG J 24 -16.67 8.59 -21.98
N ALA J 25 -15.50 9.13 -21.63
CA ALA J 25 -14.22 8.62 -22.07
C ALA J 25 -13.48 7.99 -20.90
N SER J 26 -12.71 6.93 -21.19
CA SER J 26 -11.95 6.25 -20.15
C SER J 26 -10.91 7.18 -19.55
N GLN J 27 -10.00 7.69 -20.37
CA GLN J 27 -8.97 8.61 -19.93
C GLN J 27 -9.45 10.05 -20.04
N SER J 28 -8.95 10.91 -19.15
CA SER J 28 -9.23 12.33 -19.23
C SER J 28 -8.74 12.88 -20.56
N VAL J 29 -9.66 13.20 -21.45
CA VAL J 29 -9.31 13.60 -22.81
C VAL J 29 -9.11 15.10 -22.86
N ARG J 30 -8.34 15.55 -23.85
CA ARG J 30 -8.14 16.97 -24.07
C ARG J 30 -9.49 17.67 -24.24
N SER J 31 -9.49 18.98 -23.98
CA SER J 31 -10.74 19.73 -23.93
C SER J 31 -11.25 20.13 -25.32
N SER J 32 -10.35 20.33 -26.28
CA SER J 32 -10.72 20.93 -27.56
C SER J 32 -10.64 19.97 -28.74
N TYR J 33 -10.33 18.69 -28.51
CA TYR J 33 -10.22 17.71 -29.59
C TYR J 33 -11.46 16.83 -29.71
N LEU J 34 -12.61 17.31 -29.25
CA LEU J 34 -13.84 16.52 -29.25
C LEU J 34 -14.83 17.09 -30.25
N ALA J 35 -15.55 16.19 -30.93
CA ALA J 35 -16.56 16.58 -31.91
C ALA J 35 -17.73 15.61 -31.85
N TRP J 36 -18.86 16.06 -32.38
CA TRP J 36 -20.08 15.26 -32.45
C TRP J 36 -20.62 15.31 -33.86
N TYR J 37 -20.97 14.15 -34.40
CA TYR J 37 -21.54 14.05 -35.74
C TYR J 37 -22.93 13.43 -35.68
N GLN J 38 -23.77 13.79 -36.64
CA GLN J 38 -25.09 13.20 -36.83
C GLN J 38 -25.13 12.52 -38.18
N GLN J 39 -25.61 11.28 -38.21
CA GLN J 39 -25.76 10.51 -39.45
C GLN J 39 -27.22 10.12 -39.60
N LYS J 40 -27.90 10.71 -40.58
CA LYS J 40 -29.25 10.30 -40.88
C LYS J 40 -29.24 9.02 -41.71
N PRO J 41 -30.23 8.14 -41.52
CA PRO J 41 -30.21 6.84 -42.20
C PRO J 41 -29.93 6.94 -43.70
N GLY J 42 -28.79 6.41 -44.12
CA GLY J 42 -28.46 6.37 -45.54
C GLY J 42 -27.81 7.64 -46.06
N GLN J 43 -27.12 8.38 -45.21
CA GLN J 43 -26.45 9.61 -45.64
C GLN J 43 -25.08 9.68 -44.98
N VAL J 44 -24.27 10.62 -45.45
CA VAL J 44 -22.93 10.81 -44.87
C VAL J 44 -23.07 11.45 -43.50
N PRO J 45 -22.23 11.08 -42.52
CA PRO J 45 -22.31 11.74 -41.21
C PRO J 45 -22.11 13.24 -41.33
N ARG J 46 -22.99 13.99 -40.68
CA ARG J 46 -22.95 15.45 -40.68
C ARG J 46 -22.25 15.94 -39.41
N LEU J 47 -21.42 16.97 -39.56
CA LEU J 47 -20.67 17.53 -38.44
C LEU J 47 -21.57 18.49 -37.67
N LEU J 48 -21.92 18.12 -36.44
CA LEU J 48 -22.75 18.98 -35.59
C LEU J 48 -21.88 19.90 -34.72
N ILE J 49 -21.06 19.32 -33.86
CA ILE J 49 -20.28 20.07 -32.89
C ILE J 49 -18.82 19.69 -33.02
N TYR J 50 -17.94 20.67 -32.84
CA TYR J 50 -16.51 20.44 -32.77
C TYR J 50 -15.93 21.28 -31.64
N GLY J 51 -14.81 20.82 -31.09
CA GLY J 51 -14.23 21.51 -29.95
C GLY J 51 -15.05 21.37 -28.69
N ALA J 52 -15.66 20.21 -28.47
CA ALA J 52 -16.44 19.94 -27.26
C ALA J 52 -17.70 20.77 -27.18
N SER J 53 -17.55 22.11 -27.14
CA SER J 53 -18.68 23.03 -26.95
C SER J 53 -18.56 24.18 -27.95
N SER J 54 -18.90 23.89 -29.21
CA SER J 54 -18.88 24.92 -30.24
C SER J 54 -19.64 24.45 -31.48
N ARG J 55 -20.67 25.19 -31.88
CA ARG J 55 -21.43 24.85 -33.07
C ARG J 55 -20.59 25.14 -34.31
N ALA J 56 -20.53 24.17 -35.22
CA ALA J 56 -19.79 24.34 -36.46
C ALA J 56 -20.45 25.41 -37.32
N THR J 57 -19.82 25.71 -38.46
CA THR J 57 -20.31 26.76 -39.34
C THR J 57 -21.68 26.39 -39.91
N GLY J 58 -22.71 27.11 -39.49
CA GLY J 58 -24.05 26.93 -40.02
C GLY J 58 -24.96 26.04 -39.20
N ILE J 59 -24.44 25.36 -38.20
CA ILE J 59 -25.27 24.43 -37.41
C ILE J 59 -26.32 25.22 -36.64
N PRO J 60 -27.59 24.78 -36.63
CA PRO J 60 -28.62 25.57 -35.93
C PRO J 60 -28.26 25.89 -34.49
N ASP J 61 -28.98 26.85 -33.91
CA ASP J 61 -28.65 27.34 -32.58
C ASP J 61 -29.10 26.38 -31.48
N ARG J 62 -30.19 25.63 -31.69
CA ARG J 62 -30.72 24.79 -30.63
C ARG J 62 -29.72 23.74 -30.17
N PHE J 63 -28.87 23.25 -31.08
CA PHE J 63 -27.82 22.34 -30.67
C PHE J 63 -26.83 23.05 -29.76
N SER J 64 -26.33 22.32 -28.76
CA SER J 64 -25.36 22.88 -27.82
C SER J 64 -24.62 21.75 -27.14
N GLY J 65 -23.32 21.64 -27.40
CA GLY J 65 -22.48 20.69 -26.71
C GLY J 65 -21.74 21.36 -25.55
N SER J 66 -21.46 20.56 -24.52
CA SER J 66 -20.81 21.10 -23.33
C SER J 66 -20.18 19.93 -22.56
N GLY J 67 -19.44 20.29 -21.53
CA GLY J 67 -18.79 19.31 -20.68
C GLY J 67 -17.30 19.21 -20.96
N SER J 68 -16.54 18.90 -19.91
CA SER J 68 -15.10 18.72 -20.02
C SER J 68 -14.70 17.50 -19.20
N GLY J 69 -13.43 17.13 -19.30
CA GLY J 69 -12.91 15.99 -18.55
C GLY J 69 -13.26 14.67 -19.20
N THR J 70 -13.70 13.71 -18.38
CA THR J 70 -14.06 12.39 -18.88
C THR J 70 -15.51 12.30 -19.31
N ASP J 71 -16.37 13.21 -18.87
CA ASP J 71 -17.79 13.20 -19.20
C ASP J 71 -18.12 14.39 -20.09
N PHE J 72 -18.80 14.12 -21.20
CA PHE J 72 -19.24 15.16 -22.12
C PHE J 72 -20.73 14.97 -22.40
N THR J 73 -21.37 16.05 -22.86
CA THR J 73 -22.81 16.06 -23.06
C THR J 73 -23.14 16.80 -24.34
N LEU J 74 -24.07 16.23 -25.11
CA LEU J 74 -24.63 16.87 -26.30
C LEU J 74 -26.11 17.11 -26.05
N THR J 75 -26.51 18.38 -26.05
CA THR J 75 -27.87 18.78 -25.68
C THR J 75 -28.62 19.25 -26.91
N ILE J 76 -29.86 18.79 -27.05
CA ILE J 76 -30.75 19.20 -28.13
C ILE J 76 -32.08 19.59 -27.50
N SER J 77 -32.41 20.88 -27.54
CA SER J 77 -33.67 21.38 -27.03
C SER J 77 -34.65 21.55 -28.18
N ARG J 78 -35.93 21.29 -27.92
CA ARG J 78 -36.99 21.46 -28.91
C ARG J 78 -36.76 20.53 -30.11
N LEU J 79 -36.91 19.24 -29.84
CA LEU J 79 -36.68 18.24 -30.87
C LEU J 79 -37.67 18.40 -32.02
N GLU J 80 -37.14 18.47 -33.23
CA GLU J 80 -37.92 18.53 -34.46
C GLU J 80 -37.83 17.21 -35.20
N PRO J 81 -38.82 16.90 -36.05
CA PRO J 81 -38.85 15.56 -36.67
C PRO J 81 -37.61 15.22 -37.47
N GLU J 82 -36.78 16.21 -37.83
CA GLU J 82 -35.58 15.95 -38.62
C GLU J 82 -34.37 15.57 -37.77
N ASP J 83 -34.35 15.95 -36.49
CA ASP J 83 -33.21 15.68 -35.64
C ASP J 83 -33.12 14.24 -35.16
N PHE J 84 -34.15 13.43 -35.40
CA PHE J 84 -34.17 12.05 -34.92
C PHE J 84 -33.35 11.20 -35.88
N ALA J 85 -32.11 10.92 -35.50
CA ALA J 85 -31.18 10.14 -36.31
C ALA J 85 -30.12 9.55 -35.38
N VAL J 86 -29.06 9.02 -35.97
CA VAL J 86 -27.95 8.45 -35.21
C VAL J 86 -26.97 9.55 -34.87
N TYR J 87 -26.40 9.48 -33.68
CA TYR J 87 -25.42 10.45 -33.20
C TYR J 87 -24.17 9.71 -32.75
N TYR J 88 -23.01 10.21 -33.16
CA TYR J 88 -21.73 9.60 -32.84
C TYR J 88 -20.82 10.60 -32.13
N CYS J 89 -20.01 10.08 -31.21
CA CYS J 89 -19.09 10.87 -30.41
C CYS J 89 -17.67 10.48 -30.79
N GLN J 90 -16.90 11.46 -31.25
CA GLN J 90 -15.57 11.22 -31.80
C GLN J 90 -14.54 12.10 -31.10
N HIS J 91 -13.45 11.49 -30.65
CA HIS J 91 -12.30 12.19 -30.09
C HIS J 91 -11.09 11.85 -30.96
N MET J 92 -10.69 12.79 -31.82
CA MET J 92 -9.58 12.58 -32.74
C MET J 92 -9.80 11.34 -33.60
N TYR J 93 -9.19 10.22 -33.20
CA TYR J 93 -9.20 9.01 -34.02
C TYR J 93 -10.23 7.98 -33.60
N THR J 94 -10.74 8.06 -32.37
CA THR J 94 -11.60 7.03 -31.81
C THR J 94 -13.05 7.49 -31.82
N PHE J 95 -13.90 6.73 -32.49
CA PHE J 95 -15.34 6.99 -32.53
C PHE J 95 -16.05 6.17 -31.46
N GLY J 96 -17.21 6.67 -31.06
CA GLY J 96 -18.02 5.96 -30.09
C GLY J 96 -18.92 4.92 -30.73
N GLN J 97 -19.45 4.03 -29.89
CA GLN J 97 -20.31 2.95 -30.39
C GLN J 97 -21.54 3.49 -31.11
N GLY J 98 -21.93 4.72 -30.83
CA GLY J 98 -23.10 5.30 -31.48
C GLY J 98 -24.31 5.30 -30.56
N THR J 99 -25.21 6.26 -30.80
CA THR J 99 -26.43 6.40 -30.01
C THR J 99 -27.61 6.54 -30.97
N LYS J 100 -28.49 5.54 -30.94
CA LYS J 100 -29.67 5.54 -31.80
C LYS J 100 -30.81 6.26 -31.10
N LEU J 101 -31.43 7.21 -31.80
CA LEU J 101 -32.52 8.01 -31.27
C LEU J 101 -33.81 7.70 -32.03
N GLU J 102 -34.92 7.66 -31.29
CA GLU J 102 -36.20 7.26 -31.83
C GLU J 102 -37.27 8.27 -31.44
N ILE J 103 -38.24 8.44 -32.34
CA ILE J 103 -39.37 9.33 -32.08
C ILE J 103 -40.41 8.58 -31.26
N LYS J 104 -40.79 9.15 -30.12
CA LYS J 104 -41.76 8.51 -29.26
C LYS J 104 -43.14 8.50 -29.91
N ARG J 105 -43.85 7.39 -29.77
CA ARG J 105 -45.17 7.24 -30.39
C ARG J 105 -45.98 6.25 -29.57
N THR J 106 -47.30 6.32 -29.75
CA THR J 106 -48.20 5.41 -29.06
C THR J 106 -48.05 4.00 -29.62
N VAL J 107 -48.15 3.00 -28.74
CA VAL J 107 -48.01 1.62 -29.17
C VAL J 107 -49.07 1.29 -30.19
N ALA J 108 -48.67 0.62 -31.27
CA ALA J 108 -49.56 0.23 -32.35
C ALA J 108 -49.56 -1.28 -32.50
N ALA J 109 -50.67 -1.81 -33.03
CA ALA J 109 -50.83 -3.26 -33.14
C ALA J 109 -50.14 -3.77 -34.40
N PRO J 110 -49.52 -4.96 -34.33
CA PRO J 110 -48.82 -5.51 -35.51
C PRO J 110 -49.78 -6.20 -36.45
N SER J 111 -49.90 -5.68 -37.66
CA SER J 111 -50.71 -6.29 -38.71
C SER J 111 -49.99 -7.54 -39.19
N VAL J 112 -50.36 -8.70 -38.65
CA VAL J 112 -49.67 -9.95 -38.94
C VAL J 112 -50.25 -10.58 -40.20
N PHE J 113 -49.38 -10.97 -41.12
CA PHE J 113 -49.77 -11.68 -42.32
C PHE J 113 -48.77 -12.80 -42.59
N ILE J 114 -49.25 -13.85 -43.26
CA ILE J 114 -48.44 -15.00 -43.64
C ILE J 114 -48.71 -15.29 -45.10
N PHE J 115 -47.64 -15.48 -45.88
CA PHE J 115 -47.74 -15.71 -47.30
C PHE J 115 -47.11 -17.05 -47.67
N PRO J 116 -47.77 -17.86 -48.49
CA PRO J 116 -47.19 -19.16 -48.85
C PRO J 116 -46.11 -19.01 -49.89
N PRO J 117 -45.35 -20.06 -50.16
CA PRO J 117 -44.33 -19.99 -51.21
C PRO J 117 -44.94 -20.23 -52.59
N SER J 118 -44.52 -19.42 -53.56
CA SER J 118 -45.03 -19.56 -54.92
C SER J 118 -44.69 -20.95 -55.44
N ASP J 119 -45.60 -21.51 -56.24
CA ASP J 119 -45.35 -22.82 -56.84
C ASP J 119 -44.05 -22.84 -57.62
N GLU J 120 -43.73 -21.72 -58.28
CA GLU J 120 -42.48 -21.66 -59.06
C GLU J 120 -41.27 -21.84 -58.15
N GLN J 121 -41.33 -21.33 -56.93
CA GLN J 121 -40.21 -21.48 -56.01
C GLN J 121 -39.99 -22.94 -55.64
N LEU J 122 -41.08 -23.64 -55.32
CA LEU J 122 -40.96 -25.06 -54.96
C LEU J 122 -40.34 -25.87 -56.10
N LYS J 123 -40.49 -25.42 -57.34
CA LYS J 123 -39.91 -26.14 -58.47
C LYS J 123 -38.39 -26.02 -58.50
N SER J 124 -37.81 -25.05 -57.78
CA SER J 124 -36.36 -24.88 -57.80
C SER J 124 -35.67 -25.82 -56.83
N GLY J 125 -36.36 -26.27 -55.78
CA GLY J 125 -35.80 -27.15 -54.77
C GLY J 125 -35.88 -26.60 -53.36
N THR J 126 -36.14 -25.31 -53.20
CA THR J 126 -36.27 -24.68 -51.90
C THR J 126 -37.67 -24.13 -51.73
N ALA J 127 -38.00 -23.74 -50.50
CA ALA J 127 -39.30 -23.20 -50.16
C ALA J 127 -39.13 -22.09 -49.14
N SER J 128 -39.74 -20.93 -49.42
CA SER J 128 -39.63 -19.76 -48.55
C SER J 128 -41.04 -19.21 -48.30
N VAL J 129 -41.53 -19.38 -47.08
CA VAL J 129 -42.79 -18.78 -46.65
C VAL J 129 -42.46 -17.55 -45.81
N VAL J 130 -43.20 -16.48 -46.01
CA VAL J 130 -42.93 -15.19 -45.39
C VAL J 130 -44.03 -14.89 -44.37
N CYS J 131 -43.63 -14.36 -43.22
CA CYS J 131 -44.55 -13.89 -42.19
C CYS J 131 -44.20 -12.43 -41.90
N LEU J 132 -45.16 -11.54 -42.13
CA LEU J 132 -44.93 -10.11 -42.10
C LEU J 132 -45.72 -9.46 -40.98
N LEU J 133 -45.02 -8.71 -40.12
CA LEU J 133 -45.64 -7.88 -39.10
C LEU J 133 -45.45 -6.43 -39.53
N ASN J 134 -46.56 -5.76 -39.85
CA ASN J 134 -46.52 -4.42 -40.43
C ASN J 134 -47.13 -3.41 -39.47
N ASN J 135 -46.44 -2.27 -39.32
CA ASN J 135 -46.95 -1.16 -38.53
C ASN J 135 -47.14 -1.54 -37.07
N PHE J 136 -46.08 -1.42 -36.28
CA PHE J 136 -46.12 -1.64 -34.85
C PHE J 136 -44.92 -0.94 -34.23
N TYR J 137 -45.15 -0.22 -33.14
CA TYR J 137 -44.16 0.75 -32.69
C TYR J 137 -43.05 0.18 -31.79
N PRO J 138 -43.34 -0.71 -30.84
CA PRO J 138 -42.35 -0.95 -29.77
C PRO J 138 -41.00 -1.42 -30.28
N ARG J 139 -40.94 -2.18 -31.36
CA ARG J 139 -39.73 -2.69 -32.01
C ARG J 139 -39.25 -3.99 -31.38
N GLU J 140 -39.93 -4.50 -30.36
CA GLU J 140 -39.46 -5.68 -29.62
C GLU J 140 -40.37 -6.88 -29.80
N ALA J 141 -41.21 -6.88 -30.83
CA ALA J 141 -42.09 -8.02 -31.06
C ALA J 141 -41.27 -9.23 -31.52
N LYS J 142 -41.76 -10.42 -31.15
CA LYS J 142 -41.09 -11.67 -31.45
C LYS J 142 -41.99 -12.51 -32.36
N VAL J 143 -41.42 -13.04 -33.42
CA VAL J 143 -42.13 -13.89 -34.38
C VAL J 143 -41.57 -15.30 -34.27
N GLN J 144 -42.41 -16.24 -33.84
CA GLN J 144 -42.02 -17.63 -33.67
C GLN J 144 -42.64 -18.47 -34.78
N TRP J 145 -41.83 -19.34 -35.38
CA TRP J 145 -42.29 -20.24 -36.43
C TRP J 145 -42.42 -21.64 -35.85
N LYS J 146 -43.60 -22.24 -36.01
CA LYS J 146 -43.88 -23.56 -35.45
C LYS J 146 -44.73 -24.35 -36.43
N VAL J 147 -44.23 -25.51 -36.84
CA VAL J 147 -44.99 -26.45 -37.67
C VAL J 147 -46.01 -27.13 -36.78
N ASP J 148 -47.15 -26.47 -36.55
CA ASP J 148 -48.13 -26.96 -35.58
C ASP J 148 -47.53 -26.91 -34.18
N ASN J 149 -47.55 -28.03 -33.46
CA ASN J 149 -46.95 -28.09 -32.13
C ASN J 149 -45.43 -28.07 -32.23
N LEU J 151 -41.75 -26.80 -33.06
CA LEU J 151 -41.14 -25.48 -33.12
C LEU J 151 -39.88 -25.49 -33.96
N GLN J 152 -39.65 -24.41 -34.70
CA GLN J 152 -38.49 -24.27 -35.56
C GLN J 152 -37.45 -23.38 -34.90
N SER J 153 -36.20 -23.49 -35.38
CA SER J 153 -35.10 -22.71 -34.84
C SER J 153 -33.88 -22.90 -35.72
N GLY J 154 -33.11 -21.83 -35.92
CA GLY J 154 -31.88 -21.90 -36.65
C GLY J 154 -31.99 -21.73 -38.15
N ASN J 155 -33.16 -21.32 -38.66
CA ASN J 155 -33.33 -21.15 -40.10
C ASN J 155 -34.40 -20.11 -40.39
N SER J 156 -34.47 -19.06 -39.57
CA SER J 156 -35.43 -17.99 -39.74
C SER J 156 -34.67 -16.66 -39.73
N GLN J 157 -34.61 -16.00 -40.89
CA GLN J 157 -33.94 -14.72 -41.02
C GLN J 157 -34.99 -13.61 -40.98
N GLU J 158 -34.72 -12.59 -40.16
CA GLU J 158 -35.64 -11.48 -39.95
C GLU J 158 -34.95 -10.16 -40.30
N SER J 159 -35.75 -9.21 -40.79
CA SER J 159 -35.27 -7.89 -41.15
C SER J 159 -36.29 -6.85 -40.68
N VAL J 160 -35.77 -5.70 -40.23
CA VAL J 160 -36.60 -4.62 -39.72
C VAL J 160 -36.35 -3.37 -40.56
N THR J 161 -37.42 -2.68 -40.91
CA THR J 161 -37.31 -1.44 -41.66
C THR J 161 -37.01 -0.27 -40.70
N GLU J 162 -36.51 0.81 -41.26
CA GLU J 162 -36.25 2.00 -40.48
C GLU J 162 -37.57 2.62 -40.01
N GLN J 163 -37.47 3.60 -39.13
CA GLN J 163 -38.65 4.28 -38.62
C GLN J 163 -39.41 4.92 -39.78
N ASP J 164 -40.64 4.44 -39.99
CA ASP J 164 -41.45 4.97 -41.09
C ASP J 164 -41.59 6.48 -40.96
N SER J 165 -41.26 7.18 -42.04
CA SER J 165 -41.23 8.64 -41.99
C SER J 165 -42.63 9.23 -41.81
N LYS J 166 -43.66 8.56 -42.32
CA LYS J 166 -45.00 9.14 -42.32
C LYS J 166 -45.67 9.02 -40.96
N ASP J 167 -45.81 7.79 -40.46
CA ASP J 167 -46.60 7.52 -39.26
C ASP J 167 -45.75 7.08 -38.07
N SER J 168 -44.43 7.12 -38.19
CA SER J 168 -43.53 6.81 -37.08
C SER J 168 -43.83 5.42 -36.50
N THR J 169 -43.78 4.42 -37.36
CA THR J 169 -44.03 3.04 -36.97
C THR J 169 -43.03 2.13 -37.67
N TYR J 170 -42.82 0.96 -37.09
CA TYR J 170 -41.86 -0.01 -37.60
C TYR J 170 -42.57 -1.15 -38.32
N SER J 171 -41.81 -1.88 -39.12
CA SER J 171 -42.30 -3.04 -39.86
C SER J 171 -41.23 -4.11 -39.88
N LEU J 172 -41.64 -5.36 -39.69
CA LEU J 172 -40.73 -6.48 -39.59
C LEU J 172 -41.19 -7.60 -40.51
N SER J 173 -40.24 -8.22 -41.20
CA SER J 173 -40.51 -9.36 -42.07
C SER J 173 -39.55 -10.50 -41.71
N SER J 174 -40.10 -11.66 -41.41
CA SER J 174 -39.33 -12.84 -41.05
C SER J 174 -39.56 -13.92 -42.09
N THR J 175 -38.48 -14.51 -42.60
CA THR J 175 -38.55 -15.54 -43.62
C THR J 175 -37.79 -16.77 -43.15
N LEU J 176 -38.43 -17.94 -43.25
CA LEU J 176 -37.82 -19.21 -42.89
C LEU J 176 -37.80 -20.10 -44.13
N THR J 177 -36.61 -20.39 -44.63
CA THR J 177 -36.44 -21.18 -45.84
C THR J 177 -36.07 -22.62 -45.46
N LEU J 178 -36.66 -23.57 -46.17
CA LEU J 178 -36.42 -24.99 -45.93
C LEU J 178 -36.50 -25.74 -47.24
N SER J 179 -36.02 -26.98 -47.22
CA SER J 179 -36.03 -27.81 -48.41
C SER J 179 -37.46 -28.11 -48.85
N LYS J 180 -37.59 -28.57 -50.09
CA LYS J 180 -38.91 -28.87 -50.64
C LYS J 180 -39.42 -30.22 -50.14
N ALA J 181 -38.54 -31.22 -50.02
CA ALA J 181 -38.96 -32.53 -49.55
C ALA J 181 -39.55 -32.45 -48.14
N ASP J 182 -38.82 -31.82 -47.22
CA ASP J 182 -39.34 -31.66 -45.87
C ASP J 182 -40.59 -30.80 -45.84
N TYR J 183 -40.75 -29.91 -46.83
CA TYR J 183 -41.97 -29.10 -46.89
C TYR J 183 -43.18 -29.98 -47.19
N GLU J 184 -43.07 -30.86 -48.19
CA GLU J 184 -44.17 -31.75 -48.51
C GLU J 184 -44.40 -32.78 -47.39
N LYS J 185 -43.36 -33.10 -46.63
CA LYS J 185 -43.51 -34.06 -45.55
C LYS J 185 -44.49 -33.55 -44.49
N HIS J 186 -44.31 -32.30 -44.05
CA HIS J 186 -45.18 -31.70 -43.07
C HIS J 186 -46.39 -31.07 -43.77
N LYS J 187 -47.33 -30.58 -42.96
CA LYS J 187 -48.59 -30.04 -43.49
C LYS J 187 -49.14 -28.84 -42.76
N VAL J 188 -48.86 -28.65 -41.48
CA VAL J 188 -49.43 -27.56 -40.69
C VAL J 188 -48.31 -26.60 -40.34
N TYR J 189 -48.26 -25.47 -41.03
CA TYR J 189 -47.29 -24.41 -40.78
C TYR J 189 -47.99 -23.22 -40.15
N ALA J 190 -47.37 -22.63 -39.15
CA ALA J 190 -47.97 -21.53 -38.40
C ALA J 190 -46.92 -20.51 -38.02
N CYS J 191 -47.35 -19.26 -37.90
CA CYS J 191 -46.50 -18.14 -37.51
C CYS J 191 -47.14 -17.46 -36.30
N GLU J 192 -46.51 -17.60 -35.14
CA GLU J 192 -46.98 -16.97 -33.93
C GLU J 192 -46.27 -15.63 -33.73
N VAL J 193 -47.01 -14.64 -33.24
CA VAL J 193 -46.49 -13.29 -33.03
C VAL J 193 -46.80 -12.87 -31.61
N THR J 194 -45.80 -12.33 -30.91
CA THR J 194 -45.96 -11.82 -29.56
C THR J 194 -45.64 -10.33 -29.57
N HIS J 195 -46.47 -9.55 -28.87
CA HIS J 195 -46.39 -8.10 -28.94
C HIS J 195 -47.19 -7.51 -27.79
N GLN J 196 -46.64 -6.47 -27.15
CA GLN J 196 -47.30 -5.86 -26.00
C GLN J 196 -48.73 -5.46 -26.35
N GLY J 197 -48.89 -4.67 -27.41
CA GLY J 197 -50.22 -4.25 -27.84
C GLY J 197 -51.17 -5.40 -28.10
N LEU J 198 -50.65 -6.61 -28.31
CA LEU J 198 -51.47 -7.79 -28.54
C LEU J 198 -51.77 -8.44 -27.19
N SER J 199 -53.06 -8.54 -26.85
CA SER J 199 -53.44 -9.15 -25.58
C SER J 199 -52.94 -10.57 -25.47
N SER J 200 -53.04 -11.34 -26.56
CA SER J 200 -52.60 -12.72 -26.62
C SER J 200 -51.71 -12.91 -27.84
N PRO J 201 -50.86 -13.93 -27.83
CA PRO J 201 -49.99 -14.17 -29.00
C PRO J 201 -50.78 -14.58 -30.23
N VAL J 202 -50.93 -13.67 -31.18
CA VAL J 202 -51.70 -13.95 -32.38
C VAL J 202 -50.96 -14.97 -33.24
N THR J 203 -51.67 -16.01 -33.67
CA THR J 203 -51.10 -17.08 -34.48
C THR J 203 -51.87 -17.16 -35.79
N LYS J 204 -51.18 -16.85 -36.89
CA LYS J 204 -51.72 -16.97 -38.24
C LYS J 204 -51.03 -18.13 -38.93
N SER J 205 -51.81 -19.02 -39.53
CA SER J 205 -51.27 -20.23 -40.12
C SER J 205 -52.11 -20.62 -41.33
N PHE J 206 -51.59 -21.58 -42.10
CA PHE J 206 -52.31 -22.14 -43.24
C PHE J 206 -52.19 -23.66 -43.25
N PCA K 1 12.78 -23.22 58.99
CA PCA K 1 14.00 -23.25 58.18
CB PCA K 1 14.86 -24.43 58.60
CG PCA K 1 14.01 -25.28 59.55
CD PCA K 1 12.79 -24.42 59.80
OE PCA K 1 11.91 -24.75 60.61
C PCA K 1 13.61 -23.34 56.73
O PCA K 1 12.61 -23.98 56.41
N VAL K 2 14.39 -22.70 55.86
CA VAL K 2 14.04 -22.65 54.45
C VAL K 2 12.74 -21.86 54.33
N GLN K 3 12.65 -20.80 55.13
CA GLN K 3 11.47 -19.94 55.18
C GLN K 3 11.81 -18.56 54.64
N LEU K 4 10.84 -17.97 53.95
CA LEU K 4 10.92 -16.57 53.51
C LEU K 4 9.82 -15.83 54.25
N VAL K 5 10.18 -15.20 55.37
CA VAL K 5 9.23 -14.64 56.32
C VAL K 5 8.99 -13.17 55.99
N GLN K 6 7.73 -12.76 56.03
CA GLN K 6 7.34 -11.39 55.75
C GLN K 6 6.99 -10.67 57.05
N SER K 7 6.64 -9.39 56.92
CA SER K 7 6.21 -8.62 58.07
C SER K 7 4.72 -8.83 58.32
N GLY K 8 4.20 -8.20 59.37
CA GLY K 8 2.80 -8.32 59.71
C GLY K 8 1.93 -7.37 58.91
N ALA K 9 0.62 -7.62 58.97
CA ALA K 9 -0.33 -6.76 58.28
C ALA K 9 -0.23 -5.33 58.80
N GLU K 10 -0.49 -4.38 57.92
CA GLU K 10 -0.38 -2.96 58.26
C GLU K 10 -1.63 -2.22 57.80
N VAL K 11 -2.06 -1.27 58.61
CA VAL K 11 -3.19 -0.40 58.30
C VAL K 11 -2.66 1.02 58.17
N LYS K 12 -2.85 1.63 57.00
CA LYS K 12 -2.30 2.92 56.68
C LYS K 12 -3.39 3.86 56.19
N LYS K 13 -3.06 5.15 56.15
CA LYS K 13 -3.92 6.19 55.64
C LYS K 13 -3.35 6.76 54.35
N PRO K 14 -4.15 7.51 53.58
CA PRO K 14 -3.65 8.02 52.29
C PRO K 14 -2.46 8.95 52.49
N GLY K 15 -1.47 8.80 51.62
CA GLY K 15 -0.30 9.65 51.62
C GLY K 15 0.83 9.20 52.52
N ALA K 16 0.67 8.09 53.23
CA ALA K 16 1.71 7.60 54.12
C ALA K 16 2.73 6.78 53.34
N SER K 17 3.65 6.14 54.06
CA SER K 17 4.65 5.27 53.46
C SER K 17 4.60 3.92 54.16
N VAL K 18 4.56 2.85 53.38
CA VAL K 18 4.48 1.49 53.90
C VAL K 18 5.77 0.75 53.55
N LYS K 19 6.29 0.02 54.53
CA LYS K 19 7.49 -0.80 54.34
C LYS K 19 7.17 -2.23 54.73
N VAL K 20 7.43 -3.16 53.81
CA VAL K 20 7.27 -4.59 54.04
C VAL K 20 8.65 -5.24 53.99
N SER K 21 8.95 -6.03 55.00
CA SER K 21 10.26 -6.69 55.13
C SER K 21 10.09 -8.18 54.85
N CYS K 22 10.97 -8.72 54.01
CA CYS K 22 10.99 -10.15 53.71
C CYS K 22 12.38 -10.68 54.04
N LYS K 23 12.46 -11.51 55.07
CA LYS K 23 13.72 -12.10 55.52
C LYS K 23 13.78 -13.56 55.09
N ALA K 24 14.91 -13.94 54.49
CA ALA K 24 15.12 -15.31 54.04
C ALA K 24 16.02 -16.04 55.03
N SER K 25 15.63 -17.26 55.39
CA SER K 25 16.38 -18.08 56.34
C SER K 25 16.48 -19.49 55.80
N GLY K 26 17.71 -20.03 55.78
CA GLY K 26 17.97 -21.39 55.35
C GLY K 26 18.82 -21.50 54.10
N TYR K 27 18.97 -20.42 53.33
CA TYR K 27 19.77 -20.44 52.12
C TYR K 27 20.53 -19.12 52.00
N THR K 28 21.51 -19.10 51.10
CA THR K 28 22.35 -17.92 50.93
C THR K 28 21.52 -16.74 50.44
N PHE K 29 21.68 -15.60 51.13
CA PHE K 29 20.86 -14.44 50.84
C PHE K 29 21.32 -13.72 49.58
N THR K 30 22.62 -13.54 49.41
CA THR K 30 23.13 -12.70 48.33
C THR K 30 23.00 -13.37 46.96
N GLY K 31 22.86 -14.68 46.90
CA GLY K 31 22.93 -15.37 45.62
C GLY K 31 21.70 -15.19 44.76
N TYR K 32 20.53 -15.08 45.38
CA TYR K 32 19.27 -15.12 44.66
C TYR K 32 18.65 -13.73 44.57
N TYR K 33 17.86 -13.52 43.51
CA TYR K 33 17.10 -12.29 43.37
C TYR K 33 15.87 -12.33 44.25
N MET K 34 15.55 -11.17 44.85
CA MET K 34 14.37 -11.01 45.69
C MET K 34 13.34 -10.20 44.94
N ASN K 35 12.17 -10.79 44.69
CA ASN K 35 11.12 -10.18 43.90
C ASN K 35 9.92 -9.87 44.79
N TRP K 36 9.18 -8.82 44.42
CA TRP K 36 8.02 -8.35 45.19
C TRP K 36 6.79 -8.40 44.30
N VAL K 37 5.79 -9.19 44.72
CA VAL K 37 4.52 -9.32 44.01
C VAL K 37 3.40 -8.93 44.96
N ARG K 38 2.34 -8.36 44.41
CA ARG K 38 1.17 -7.97 45.18
C ARG K 38 -0.09 -8.51 44.51
N GLN K 39 -1.05 -8.92 45.32
CA GLN K 39 -2.34 -9.42 44.84
C GLN K 39 -3.45 -8.62 45.52
N ALA K 40 -4.18 -7.84 44.73
CA ALA K 40 -5.34 -7.13 45.26
C ALA K 40 -6.38 -8.15 45.72
N PRO K 41 -7.29 -7.74 46.61
CA PRO K 41 -8.26 -8.72 47.15
C PRO K 41 -9.27 -9.16 46.11
N GLY K 42 -9.11 -10.39 45.61
CA GLY K 42 -10.01 -10.91 44.61
C GLY K 42 -9.65 -10.58 43.18
N GLN K 43 -8.38 -10.30 42.90
CA GLN K 43 -7.92 -9.95 41.56
C GLN K 43 -6.68 -10.79 41.23
N GLY K 44 -6.14 -10.55 40.04
CA GLY K 44 -4.98 -11.30 39.58
C GLY K 44 -3.68 -10.79 40.19
N LEU K 45 -2.62 -11.54 39.94
CA LEU K 45 -1.30 -11.19 40.45
C LEU K 45 -0.72 -10.01 39.67
N GLU K 46 0.19 -9.29 40.33
CA GLU K 46 0.88 -8.18 39.69
C GLU K 46 2.28 -8.08 40.27
N TRP K 47 3.28 -8.21 39.40
CA TRP K 47 4.67 -8.12 39.81
C TRP K 47 5.09 -6.65 39.93
N MET K 48 5.61 -6.27 41.10
CA MET K 48 6.01 -4.90 41.35
C MET K 48 7.46 -4.66 40.91
N GLY K 49 8.40 -5.34 41.55
CA GLY K 49 9.79 -5.17 41.23
C GLY K 49 10.64 -6.25 41.85
N TRP K 50 11.96 -6.03 41.82
CA TRP K 50 12.88 -6.95 42.48
C TRP K 50 14.18 -6.20 42.77
N ILE K 51 15.03 -6.85 43.56
CA ILE K 51 16.32 -6.29 43.97
C ILE K 51 17.36 -7.39 43.94
N ASN K 52 18.58 -7.05 43.54
CA ASN K 52 19.70 -7.98 43.58
C ASN K 52 20.43 -7.80 44.91
N PRO K 53 20.33 -8.75 45.84
CA PRO K 53 20.93 -8.52 47.17
C PRO K 53 22.45 -8.44 47.14
N ASN K 54 23.10 -9.12 46.18
CA ASN K 54 24.55 -9.09 46.14
C ASN K 54 25.07 -7.70 45.79
N SER K 55 24.51 -7.07 44.76
CA SER K 55 24.97 -5.77 44.29
C SER K 55 24.01 -4.64 44.63
N GLY K 56 22.77 -4.93 45.02
CA GLY K 56 21.83 -3.90 45.40
C GLY K 56 21.11 -3.23 44.25
N ASP K 57 21.28 -3.71 43.02
CA ASP K 57 20.58 -3.12 41.90
C ASP K 57 19.10 -3.48 41.95
N THR K 58 18.24 -2.52 41.62
CA THR K 58 16.81 -2.67 41.72
C THR K 58 16.14 -2.47 40.36
N ASN K 59 14.91 -2.98 40.26
CA ASN K 59 14.12 -2.85 39.04
C ASN K 59 12.65 -2.84 39.43
N TYR K 60 11.91 -1.83 38.95
CA TYR K 60 10.51 -1.67 39.27
C TYR K 60 9.69 -1.63 37.98
N ALA K 61 8.38 -1.80 38.12
CA ALA K 61 7.48 -1.72 36.99
C ALA K 61 7.19 -0.27 36.64
N GLN K 62 6.60 -0.05 35.46
CA GLN K 62 6.30 1.30 35.01
C GLN K 62 5.35 2.00 35.96
N LYS K 63 4.31 1.30 36.43
CA LYS K 63 3.26 1.95 37.21
C LYS K 63 3.81 2.56 38.50
N PHE K 64 4.80 1.93 39.12
CA PHE K 64 5.24 2.31 40.44
C PHE K 64 6.49 3.18 40.44
N GLN K 65 7.16 3.36 39.30
CA GLN K 65 8.41 4.10 39.27
C GLN K 65 8.25 5.46 39.93
N GLY K 66 9.16 5.76 40.87
CA GLY K 66 9.20 7.04 41.55
C GLY K 66 8.74 6.96 43.00
N ARG K 67 7.77 6.11 43.31
CA ARG K 67 7.20 6.02 44.65
C ARG K 67 7.50 4.69 45.34
N VAL K 68 8.16 3.75 44.66
CA VAL K 68 8.56 2.49 45.27
C VAL K 68 10.09 2.42 45.26
N THR K 69 10.68 2.18 46.43
CA THR K 69 12.12 2.05 46.57
C THR K 69 12.42 0.79 47.36
N MET K 70 13.32 -0.04 46.85
CA MET K 70 13.68 -1.31 47.45
C MET K 70 15.10 -1.25 47.98
N THR K 71 15.29 -1.75 49.20
CA THR K 71 16.58 -1.77 49.87
C THR K 71 16.82 -3.17 50.44
N ARG K 72 18.07 -3.43 50.81
CA ARG K 72 18.47 -4.72 51.35
C ARG K 72 19.44 -4.51 52.50
N ASP K 73 19.51 -5.53 53.37
CA ASP K 73 20.44 -5.53 54.50
C ASP K 73 21.06 -6.91 54.58
N THR K 74 22.32 -7.03 54.15
CA THR K 74 22.96 -8.34 54.07
C THR K 74 23.28 -8.89 55.46
N SER K 75 23.63 -8.04 56.42
CA SER K 75 24.01 -8.51 57.74
C SER K 75 22.89 -9.34 58.37
N SER K 76 21.66 -8.81 58.36
CA SER K 76 20.51 -9.50 58.92
C SER K 76 19.76 -10.33 57.90
N SER K 77 20.18 -10.33 56.64
CA SER K 77 19.53 -11.11 55.59
C SER K 77 18.06 -10.72 55.44
N THR K 78 17.84 -9.47 55.05
CA THR K 78 16.50 -8.95 54.89
C THR K 78 16.46 -8.05 53.66
N ALA K 79 15.27 -7.96 53.05
CA ALA K 79 15.04 -7.13 51.88
C ALA K 79 13.77 -6.32 52.11
N TYR K 80 13.91 -5.00 52.24
CA TYR K 80 12.79 -4.12 52.51
C TYR K 80 12.29 -3.49 51.22
N MET K 81 10.96 -3.36 51.11
CA MET K 81 10.31 -2.69 49.99
C MET K 81 9.43 -1.59 50.56
N GLU K 82 9.63 -0.36 50.11
CA GLU K 82 8.90 0.80 50.60
C GLU K 82 8.04 1.37 49.47
N LEU K 83 6.80 1.73 49.80
CA LEU K 83 5.86 2.31 48.85
C LEU K 83 5.25 3.55 49.50
N ASN K 84 5.68 4.73 49.07
CA ASN K 84 5.15 5.99 49.60
C ASN K 84 4.07 6.53 48.67
N ARG K 85 3.42 7.61 49.13
CA ARG K 85 2.27 8.17 48.44
C ARG K 85 1.18 7.12 48.27
N VAL K 86 0.92 6.39 49.35
CA VAL K 86 -0.05 5.30 49.29
C VAL K 86 -1.44 5.84 48.94
N ARG K 87 -2.20 5.05 48.21
CA ARG K 87 -3.56 5.39 47.82
C ARG K 87 -4.48 4.20 48.11
N SER K 88 -5.79 4.48 48.11
CA SER K 88 -6.75 3.43 48.42
C SER K 88 -6.64 2.26 47.46
N ASP K 89 -6.27 2.52 46.20
CA ASP K 89 -6.14 1.45 45.23
C ASP K 89 -4.94 0.55 45.48
N ASP K 90 -4.00 0.95 46.34
CA ASP K 90 -2.84 0.14 46.63
C ASP K 90 -3.13 -0.97 47.65
N THR K 91 -4.31 -0.97 48.25
CA THR K 91 -4.67 -2.04 49.19
C THR K 91 -4.53 -3.40 48.50
N ALA K 92 -3.71 -4.27 49.08
CA ALA K 92 -3.45 -5.58 48.49
C ALA K 92 -2.62 -6.41 49.47
N VAL K 93 -2.52 -7.69 49.17
CA VAL K 93 -1.69 -8.63 49.91
C VAL K 93 -0.35 -8.74 49.18
N TYR K 94 0.72 -8.32 49.85
CA TYR K 94 2.04 -8.26 49.24
C TYR K 94 2.80 -9.54 49.51
N TYR K 95 3.20 -10.23 48.45
CA TYR K 95 4.07 -11.40 48.55
C TYR K 95 5.45 -11.05 48.03
N CYS K 96 6.43 -11.89 48.38
CA CYS K 96 7.80 -11.73 47.92
C CYS K 96 8.34 -13.11 47.55
N ALA K 97 9.02 -13.18 46.41
CA ALA K 97 9.41 -14.44 45.80
C ALA K 97 10.93 -14.58 45.79
N ARG K 98 11.37 -15.70 45.21
CA ARG K 98 12.76 -16.11 45.25
C ARG K 98 13.11 -16.69 43.88
N TRP K 99 14.16 -16.16 43.26
CA TRP K 99 14.58 -16.59 41.94
C TRP K 99 16.07 -16.89 41.94
N ASP K 100 16.42 -18.10 41.52
CA ASP K 100 17.80 -18.57 41.56
C ASP K 100 18.40 -18.65 40.17
N TRP K 101 18.48 -17.52 39.48
CA TRP K 101 19.03 -17.45 38.14
C TRP K 101 18.26 -18.44 37.27
N GLY K 102 18.92 -19.30 36.49
CA GLY K 102 18.23 -20.23 35.62
C GLY K 102 17.85 -19.63 34.28
N GLN K 103 18.06 -20.39 33.21
CA GLN K 103 17.53 -19.98 31.91
C GLN K 103 16.04 -19.70 32.03
N TYR K 104 15.30 -20.65 32.59
CA TYR K 104 13.87 -20.52 32.77
C TYR K 104 13.55 -19.57 33.93
N TRP K 105 12.44 -18.86 33.79
CA TRP K 105 11.99 -17.89 34.79
C TRP K 105 10.89 -18.51 35.64
N PHE K 106 10.95 -18.27 36.94
CA PHE K 106 9.99 -18.87 37.86
C PHE K 106 10.19 -18.29 39.26
N PHE K 107 9.11 -18.35 40.05
CA PHE K 107 9.14 -18.02 41.47
C PHE K 107 8.90 -19.33 42.22
N ASP K 108 9.98 -19.99 42.64
CA ASP K 108 9.85 -21.31 43.26
C ASP K 108 9.38 -21.21 44.70
N LEU K 109 9.91 -20.26 45.47
CA LEU K 109 9.60 -20.14 46.89
C LEU K 109 8.80 -18.86 47.13
N TRP K 110 7.72 -18.98 47.90
CA TRP K 110 6.86 -17.86 48.24
C TRP K 110 6.78 -17.71 49.76
N GLY K 111 6.62 -16.46 50.20
CA GLY K 111 6.23 -16.20 51.58
C GLY K 111 4.72 -16.16 51.72
N ARG K 112 4.25 -16.45 52.94
CA ARG K 112 2.81 -16.63 53.13
C ARG K 112 2.02 -15.35 52.86
N GLY K 113 2.64 -14.19 52.98
CA GLY K 113 1.99 -12.95 52.59
C GLY K 113 1.73 -11.98 53.73
N THR K 114 1.85 -10.68 53.44
CA THR K 114 1.52 -9.62 54.37
C THR K 114 0.48 -8.72 53.74
N LEU K 115 -0.59 -8.42 54.48
CA LEU K 115 -1.74 -7.69 53.95
C LEU K 115 -1.66 -6.24 54.39
N VAL K 116 -1.81 -5.33 53.43
CA VAL K 116 -1.83 -3.89 53.68
C VAL K 116 -3.19 -3.35 53.29
N THR K 117 -3.85 -2.68 54.24
CA THR K 117 -5.12 -2.02 54.01
C THR K 117 -4.94 -0.51 54.12
N VAL K 118 -5.60 0.24 53.25
CA VAL K 118 -5.39 1.67 53.12
C VAL K 118 -6.72 2.40 53.24
N SER K 119 -6.65 3.62 53.79
CA SER K 119 -7.77 4.56 53.77
C SER K 119 -8.76 4.30 54.90
N SER K 120 -9.73 5.21 55.05
CA SER K 120 -10.80 5.09 56.03
C SER K 120 -10.32 5.45 57.43
N ALA K 121 -11.22 5.38 58.41
CA ALA K 121 -10.93 5.82 59.76
C ALA K 121 -10.24 4.71 60.55
N SER K 122 -9.93 5.01 61.81
CA SER K 122 -9.32 4.02 62.68
C SER K 122 -10.25 2.83 62.88
N THR K 123 -9.66 1.69 63.27
CA THR K 123 -10.43 0.47 63.40
C THR K 123 -11.48 0.60 64.51
N LYS K 124 -12.68 0.11 64.22
CA LYS K 124 -13.79 0.13 65.16
C LYS K 124 -14.44 -1.25 65.22
N GLY K 125 -15.07 -1.54 66.35
CA GLY K 125 -15.71 -2.82 66.54
C GLY K 125 -16.94 -2.98 65.68
N PRO K 126 -17.42 -4.21 65.51
CA PRO K 126 -18.58 -4.46 64.66
C PRO K 126 -19.89 -4.40 65.43
N SER K 127 -20.96 -4.12 64.68
CA SER K 127 -22.31 -4.05 65.22
C SER K 127 -23.07 -5.28 64.72
N VAL K 128 -23.35 -6.22 65.63
CA VAL K 128 -24.04 -7.46 65.28
C VAL K 128 -25.55 -7.21 65.39
N PHE K 129 -26.28 -7.61 64.35
CA PHE K 129 -27.73 -7.48 64.31
C PHE K 129 -28.33 -8.82 63.93
N PRO K 130 -29.35 -9.30 64.64
CA PRO K 130 -29.93 -10.61 64.32
C PRO K 130 -30.84 -10.55 63.11
N LEU K 131 -30.78 -11.59 62.28
CA LEU K 131 -31.62 -11.73 61.10
C LEU K 131 -32.50 -12.96 61.33
N ALA K 132 -33.66 -12.75 61.95
CA ALA K 132 -34.57 -13.84 62.27
C ALA K 132 -35.37 -14.27 61.04
N ALA K 143 -36.17 -23.33 57.41
CA ALA K 143 -35.96 -21.89 57.29
C ALA K 143 -34.48 -21.54 57.44
N ALA K 144 -34.17 -20.26 57.37
CA ALA K 144 -32.80 -19.77 57.48
C ALA K 144 -32.76 -18.58 58.44
N LEU K 145 -31.67 -18.50 59.21
CA LEU K 145 -31.47 -17.40 60.14
C LEU K 145 -29.98 -17.11 60.23
N GLY K 146 -29.65 -15.86 60.45
CA GLY K 146 -28.27 -15.44 60.50
C GLY K 146 -28.08 -14.15 61.26
N CYS K 147 -26.90 -13.55 61.08
CA CYS K 147 -26.55 -12.30 61.72
C CYS K 147 -25.82 -11.41 60.72
N LEU K 148 -25.81 -10.11 61.01
CA LEU K 148 -25.17 -9.12 60.16
C LEU K 148 -24.16 -8.34 61.00
N VAL K 149 -22.88 -8.50 60.67
CA VAL K 149 -21.80 -7.77 61.32
C VAL K 149 -21.42 -6.60 60.41
N LYS K 150 -21.71 -5.39 60.85
CA LYS K 150 -21.53 -4.20 60.03
C LYS K 150 -20.67 -3.18 60.76
N ASP K 151 -19.85 -2.45 59.99
CA ASP K 151 -19.05 -1.35 60.50
C ASP K 151 -17.85 -1.85 61.30
N TYR K 152 -17.09 -2.77 60.71
CA TYR K 152 -15.83 -3.24 61.28
C TYR K 152 -14.74 -3.06 60.22
N PHE K 153 -13.70 -2.32 60.56
CA PHE K 153 -12.71 -1.93 59.57
C PHE K 153 -11.62 -2.97 59.32
N PRO K 154 -11.12 -3.69 60.33
CA PRO K 154 -9.97 -4.57 60.08
C PRO K 154 -10.32 -5.65 59.06
N GLU K 155 -9.59 -5.64 57.95
CA GLU K 155 -9.85 -6.58 56.87
C GLU K 155 -10.04 -8.01 57.36
N PRO K 156 -9.16 -8.58 58.18
CA PRO K 156 -9.41 -9.91 58.71
C PRO K 156 -10.52 -9.92 59.74
N VAL K 157 -11.23 -11.05 59.82
CA VAL K 157 -12.32 -11.22 60.76
C VAL K 157 -12.78 -12.66 60.70
N THR K 158 -13.53 -13.09 61.72
CA THR K 158 -14.05 -14.45 61.76
C THR K 158 -15.42 -14.43 62.42
N VAL K 159 -16.21 -15.47 62.13
CA VAL K 159 -17.56 -15.60 62.69
C VAL K 159 -17.85 -17.08 62.86
N SER K 160 -18.51 -17.41 63.97
CA SER K 160 -18.88 -18.78 64.28
C SER K 160 -20.31 -18.82 64.77
N TRP K 161 -20.84 -20.03 64.94
CA TRP K 161 -22.21 -20.25 65.37
C TRP K 161 -22.22 -21.21 66.55
N ASN K 162 -22.79 -20.78 67.67
CA ASN K 162 -22.91 -21.60 68.87
C ASN K 162 -21.54 -22.13 69.32
N SER K 163 -20.53 -21.27 69.25
CA SER K 163 -19.17 -21.63 69.67
C SER K 163 -18.63 -22.78 68.85
N GLY K 164 -18.87 -22.74 67.54
CA GLY K 164 -18.38 -23.76 66.64
C GLY K 164 -19.19 -25.03 66.58
N ALA K 165 -20.33 -25.09 67.27
CA ALA K 165 -21.15 -26.30 67.23
C ALA K 165 -21.87 -26.44 65.90
N LEU K 166 -22.44 -25.35 65.40
CA LEU K 166 -23.16 -25.35 64.13
C LEU K 166 -22.19 -25.11 62.99
N THR K 167 -22.19 -26.00 62.01
CA THR K 167 -21.30 -25.87 60.85
C THR K 167 -22.05 -26.18 59.56
N SER K 168 -22.82 -27.27 59.57
CA SER K 168 -23.59 -27.65 58.38
C SER K 168 -24.61 -26.56 58.04
N GLY K 169 -24.64 -26.17 56.77
CA GLY K 169 -25.53 -25.13 56.32
C GLY K 169 -25.09 -23.72 56.63
N VAL K 170 -24.00 -23.55 57.37
CA VAL K 170 -23.50 -22.21 57.69
C VAL K 170 -22.74 -21.65 56.49
N HIS K 171 -22.90 -20.35 56.25
CA HIS K 171 -22.25 -19.69 55.12
C HIS K 171 -21.83 -18.30 55.56
N THR K 172 -20.52 -18.12 55.76
CA THR K 172 -19.96 -16.82 56.09
C THR K 172 -19.49 -16.14 54.80
N PHE K 173 -20.12 -15.01 54.48
CA PHE K 173 -19.84 -14.36 53.20
C PHE K 173 -18.68 -13.38 53.32
N PRO K 174 -17.87 -13.23 52.26
CA PRO K 174 -16.77 -12.26 52.32
C PRO K 174 -17.29 -10.85 52.60
N ALA K 175 -16.51 -10.11 53.37
CA ALA K 175 -16.88 -8.74 53.71
C ALA K 175 -16.89 -7.87 52.47
N VAL K 176 -17.74 -6.84 52.48
CA VAL K 176 -17.88 -5.90 51.38
C VAL K 176 -17.63 -4.50 51.91
N LEU K 177 -16.76 -3.75 51.22
CA LEU K 177 -16.44 -2.40 51.63
C LEU K 177 -17.56 -1.45 51.23
N GLN K 178 -18.12 -0.74 52.21
CA GLN K 178 -19.21 0.20 51.96
C GLN K 178 -18.65 1.55 51.52
N SER K 179 -19.53 2.37 50.95
CA SER K 179 -19.14 3.71 50.52
C SER K 179 -18.59 4.53 51.68
N SER K 180 -19.10 4.30 52.89
CA SER K 180 -18.59 5.03 54.05
C SER K 180 -17.20 4.58 54.46
N GLY K 181 -16.74 3.42 53.96
CA GLY K 181 -15.43 2.91 54.27
C GLY K 181 -15.41 1.76 55.25
N LEU K 182 -16.54 1.46 55.89
CA LEU K 182 -16.62 0.38 56.87
C LEU K 182 -17.16 -0.87 56.20
N TYR K 183 -16.56 -2.02 56.53
CA TYR K 183 -16.95 -3.29 55.95
C TYR K 183 -18.18 -3.84 56.65
N SER K 184 -18.93 -4.68 55.93
CA SER K 184 -20.13 -5.32 56.46
C SER K 184 -20.30 -6.67 55.80
N LEU K 185 -20.56 -7.69 56.60
CA LEU K 185 -20.76 -9.05 56.10
C LEU K 185 -21.98 -9.65 56.79
N SER K 186 -22.34 -10.87 56.36
CA SER K 186 -23.46 -11.60 56.95
C SER K 186 -23.07 -13.07 57.06
N SER K 187 -23.62 -13.72 58.09
CA SER K 187 -23.39 -15.14 58.33
C SER K 187 -24.74 -15.80 58.59
N VAL K 188 -25.16 -16.66 57.69
CA VAL K 188 -26.47 -17.30 57.76
C VAL K 188 -26.27 -18.80 58.00
N VAL K 189 -27.37 -19.46 58.37
CA VAL K 189 -27.36 -20.90 58.61
C VAL K 189 -28.77 -21.42 58.42
N THR K 190 -28.88 -22.61 57.83
CA THR K 190 -30.16 -23.23 57.54
C THR K 190 -30.52 -24.20 58.67
N VAL K 191 -31.75 -24.11 59.16
CA VAL K 191 -32.22 -25.00 60.22
C VAL K 191 -33.67 -25.33 59.99
N PRO K 192 -34.10 -26.53 60.38
CA PRO K 192 -35.50 -26.92 60.20
C PRO K 192 -36.43 -26.06 61.03
N SER K 193 -37.70 -26.01 60.60
CA SER K 193 -38.68 -25.18 61.28
C SER K 193 -38.99 -25.69 62.68
N SER K 194 -38.94 -27.01 62.88
CA SER K 194 -39.28 -27.56 64.20
C SER K 194 -38.25 -27.18 65.25
N SER K 195 -36.98 -27.08 64.86
CA SER K 195 -35.92 -26.77 65.82
C SER K 195 -35.89 -25.31 66.23
N LEU K 196 -36.60 -24.43 65.51
CA LEU K 196 -36.58 -23.01 65.86
C LEU K 196 -37.17 -22.76 67.24
N GLY K 197 -38.07 -23.63 67.70
CA GLY K 197 -38.72 -23.45 68.98
C GLY K 197 -37.97 -24.06 70.15
N THR K 198 -37.35 -25.22 69.91
CA THR K 198 -36.67 -25.95 70.97
C THR K 198 -35.17 -25.73 70.99
N GLN K 199 -34.56 -25.34 69.88
CA GLN K 199 -33.12 -25.15 69.78
C GLN K 199 -32.81 -23.66 69.65
N THR K 200 -31.90 -23.18 70.49
CA THR K 200 -31.47 -21.79 70.45
C THR K 200 -30.28 -21.63 69.52
N TYR K 201 -30.11 -20.42 68.99
CA TYR K 201 -29.03 -20.10 68.07
C TYR K 201 -28.32 -18.84 68.57
N ILE K 202 -27.01 -18.80 68.34
CA ILE K 202 -26.18 -17.67 68.77
C ILE K 202 -25.08 -17.45 67.75
N CYS K 203 -24.76 -16.19 67.51
CA CYS K 203 -23.69 -15.81 66.60
C CYS K 203 -22.49 -15.34 67.41
N ASN K 204 -21.32 -15.90 67.12
CA ASN K 204 -20.07 -15.54 67.78
C ASN K 204 -19.20 -14.81 66.76
N VAL K 205 -19.12 -13.49 66.89
CA VAL K 205 -18.36 -12.65 65.98
C VAL K 205 -17.06 -12.26 66.68
N ASN K 206 -15.95 -12.75 66.15
CA ASN K 206 -14.62 -12.43 66.68
C ASN K 206 -13.99 -11.34 65.83
N HIS K 207 -13.45 -10.33 66.50
CA HIS K 207 -12.95 -9.11 65.86
C HIS K 207 -11.58 -8.81 66.47
N LYS K 208 -10.60 -9.63 66.09
CA LYS K 208 -9.34 -9.68 66.83
C LYS K 208 -8.64 -8.33 66.94
N PRO K 209 -8.39 -7.60 65.84
CA PRO K 209 -7.60 -6.37 65.96
C PRO K 209 -8.15 -5.37 66.97
N SER K 210 -9.46 -5.32 67.16
CA SER K 210 -10.06 -4.48 68.20
C SER K 210 -10.37 -5.26 69.47
N ASN K 211 -10.06 -6.56 69.50
CA ASN K 211 -10.34 -7.41 70.66
C ASN K 211 -11.81 -7.29 71.07
N THR K 212 -12.70 -7.47 70.10
CA THR K 212 -14.14 -7.36 70.30
C THR K 212 -14.78 -8.70 69.97
N LYS K 213 -15.24 -9.40 70.99
CA LYS K 213 -15.97 -10.66 70.84
C LYS K 213 -17.42 -10.41 71.19
N VAL K 214 -18.32 -10.68 70.23
CA VAL K 214 -19.74 -10.39 70.36
C VAL K 214 -20.51 -11.70 70.32
N ASP K 215 -21.54 -11.80 71.16
CA ASP K 215 -22.42 -12.97 71.22
C ASP K 215 -23.86 -12.49 71.05
N LYS K 216 -24.39 -12.62 69.84
CA LYS K 216 -25.75 -12.18 69.53
C LYS K 216 -26.70 -13.37 69.49
N ARG K 217 -27.97 -13.10 69.75
CA ARG K 217 -29.02 -14.10 69.77
C ARG K 217 -29.98 -13.87 68.61
N VAL K 218 -30.42 -14.96 67.99
CA VAL K 218 -31.35 -14.89 66.87
C VAL K 218 -32.58 -15.74 67.18
N GLU L 1 2.56 -2.61 24.74
CA GLU L 1 3.38 -3.56 25.48
C GLU L 1 2.74 -4.94 25.48
N ILE L 2 3.55 -5.97 25.74
CA ILE L 2 3.04 -7.34 25.78
C ILE L 2 1.98 -7.45 26.88
N VAL L 3 0.89 -8.13 26.56
CA VAL L 3 -0.20 -8.38 27.49
C VAL L 3 -0.61 -9.84 27.37
N LEU L 4 -0.53 -10.58 28.47
CA LEU L 4 -0.86 -12.01 28.47
C LEU L 4 -2.33 -12.18 28.82
N THR L 5 -3.06 -12.88 27.95
CA THR L 5 -4.50 -13.08 28.12
C THR L 5 -4.78 -14.57 28.27
N GLN L 6 -5.55 -14.92 29.30
CA GLN L 6 -5.92 -16.31 29.57
C GLN L 6 -7.36 -16.56 29.16
N SER L 7 -7.61 -17.77 28.66
CA SER L 7 -8.95 -18.20 28.29
C SER L 7 -9.08 -19.69 28.60
N PRO L 8 -10.29 -20.17 28.92
CA PRO L 8 -11.53 -19.39 29.01
C PRO L 8 -11.63 -18.59 30.30
N GLY L 9 -12.66 -17.75 30.42
CA GLY L 9 -12.85 -16.98 31.64
C GLY L 9 -13.25 -17.84 32.81
N THR L 10 -14.19 -18.77 32.59
CA THR L 10 -14.65 -19.68 33.63
C THR L 10 -14.81 -21.06 32.99
N LEU L 11 -13.95 -22.00 33.41
CA LEU L 11 -13.98 -23.36 32.90
C LEU L 11 -14.69 -24.26 33.91
N SER L 12 -15.72 -24.97 33.46
CA SER L 12 -16.50 -25.87 34.31
C SER L 12 -16.40 -27.27 33.73
N LEU L 13 -15.97 -28.22 34.56
CA LEU L 13 -15.83 -29.60 34.13
C LEU L 13 -16.04 -30.52 35.33
N SER L 14 -16.20 -31.82 35.04
CA SER L 14 -16.42 -32.81 36.09
C SER L 14 -15.13 -33.58 36.38
N PRO L 15 -14.97 -34.09 37.60
CA PRO L 15 -13.77 -34.88 37.91
C PRO L 15 -13.60 -36.05 36.94
N GLY L 16 -12.36 -36.27 36.51
CA GLY L 16 -12.02 -37.35 35.62
C GLY L 16 -11.94 -36.96 34.16
N GLU L 17 -12.30 -35.73 33.81
CA GLU L 17 -12.26 -35.27 32.43
C GLU L 17 -10.95 -34.56 32.14
N ARG L 18 -10.60 -34.50 30.86
CA ARG L 18 -9.37 -33.84 30.41
C ARG L 18 -9.66 -32.37 30.14
N ALA L 19 -8.90 -31.49 30.77
CA ALA L 19 -9.08 -30.05 30.65
C ALA L 19 -7.94 -29.43 29.87
N THR L 20 -8.25 -28.37 29.13
CA THR L 20 -7.29 -27.67 28.29
C THR L 20 -7.40 -26.18 28.58
N LEU L 21 -6.32 -25.58 29.08
CA LEU L 21 -6.26 -24.16 29.37
C LEU L 21 -5.47 -23.44 28.29
N SER L 22 -5.96 -22.28 27.88
CA SER L 22 -5.33 -21.48 26.82
C SER L 22 -4.69 -20.24 27.43
N CYS L 23 -3.47 -19.96 27.01
CA CYS L 23 -2.71 -18.79 27.47
C CYS L 23 -2.12 -18.11 26.24
N ARG L 24 -2.78 -17.03 25.80
CA ARG L 24 -2.40 -16.34 24.58
C ARG L 24 -1.55 -15.11 24.90
N ALA L 25 -0.60 -14.82 24.01
CA ALA L 25 0.26 -13.65 24.12
C ALA L 25 0.13 -12.84 22.84
N SER L 26 -0.05 -11.52 22.98
CA SER L 26 -0.16 -10.66 21.82
C SER L 26 1.08 -10.78 20.94
N GLN L 27 2.25 -10.57 21.53
CA GLN L 27 3.52 -10.70 20.83
C GLN L 27 4.08 -12.10 21.00
N SER L 28 4.89 -12.53 20.02
CA SER L 28 5.59 -13.80 20.12
C SER L 28 6.59 -13.73 21.26
N VAL L 29 6.34 -14.51 22.31
CA VAL L 29 7.17 -14.49 23.50
C VAL L 29 8.26 -15.56 23.37
N ARG L 30 9.35 -15.35 24.08
CA ARG L 30 10.42 -16.35 24.08
C ARG L 30 9.88 -17.69 24.56
N SER L 31 10.53 -18.76 24.12
CA SER L 31 9.99 -20.10 24.31
C SER L 31 10.14 -20.60 25.74
N SER L 32 11.16 -20.14 26.46
CA SER L 32 11.58 -20.75 27.71
C SER L 32 11.44 -19.82 28.91
N TYR L 33 10.53 -18.85 28.84
CA TYR L 33 10.31 -17.91 29.94
C TYR L 33 8.88 -17.93 30.46
N LEU L 34 8.08 -18.92 30.07
CA LEU L 34 6.69 -19.01 30.49
C LEU L 34 6.53 -20.11 31.54
N ALA L 35 5.72 -19.82 32.56
CA ALA L 35 5.46 -20.75 33.64
C ALA L 35 4.00 -20.70 34.02
N TRP L 36 3.54 -21.76 34.71
CA TRP L 36 2.17 -21.88 35.17
C TRP L 36 2.17 -22.10 36.68
N TYR L 37 1.32 -21.37 37.38
CA TYR L 37 1.11 -21.55 38.81
C TYR L 37 -0.37 -21.81 39.07
N GLN L 38 -0.65 -22.58 40.12
CA GLN L 38 -2.01 -22.77 40.61
C GLN L 38 -2.10 -22.18 42.02
N GLN L 39 -3.21 -21.50 42.29
CA GLN L 39 -3.45 -20.88 43.58
C GLN L 39 -4.78 -21.41 44.12
N LYS L 40 -4.71 -22.24 45.15
CA LYS L 40 -5.92 -22.63 45.86
C LYS L 40 -6.46 -21.43 46.62
N PRO L 41 -7.75 -21.09 46.47
CA PRO L 41 -8.29 -19.90 47.15
C PRO L 41 -7.88 -19.82 48.61
N GLY L 42 -7.12 -18.79 48.97
CA GLY L 42 -6.65 -18.62 50.33
C GLY L 42 -5.27 -19.16 50.60
N GLN L 43 -4.47 -19.41 49.56
CA GLN L 43 -3.12 -19.93 49.72
C GLN L 43 -2.20 -19.23 48.75
N VAL L 44 -0.90 -19.42 48.93
CA VAL L 44 0.12 -18.80 48.08
C VAL L 44 0.14 -19.53 46.74
N PRO L 45 0.44 -18.84 45.64
CA PRO L 45 0.53 -19.54 44.34
C PRO L 45 1.54 -20.67 44.39
N ARG L 46 1.15 -21.81 43.83
CA ARG L 46 1.98 -23.01 43.78
C ARG L 46 2.50 -23.21 42.37
N LEU L 47 3.81 -23.38 42.24
CA LEU L 47 4.44 -23.52 40.94
C LEU L 47 4.14 -24.90 40.36
N LEU L 48 3.38 -24.93 39.26
CA LEU L 48 3.10 -26.18 38.56
C LEU L 48 4.14 -26.45 37.48
N ILE L 49 4.27 -25.54 36.52
CA ILE L 49 5.13 -25.73 35.35
C ILE L 49 6.10 -24.56 35.27
N TYR L 50 7.34 -24.86 34.91
CA TYR L 50 8.36 -23.86 34.62
C TYR L 50 8.98 -24.15 33.27
N GLY L 51 9.42 -23.10 32.59
CA GLY L 51 10.02 -23.28 31.27
C GLY L 51 9.04 -23.80 30.24
N ALA L 52 7.78 -23.36 30.30
CA ALA L 52 6.77 -23.73 29.32
C ALA L 52 6.40 -25.20 29.41
N SER L 53 7.37 -26.09 29.14
CA SER L 53 7.12 -27.54 29.07
C SER L 53 8.12 -28.26 29.97
N SER L 54 7.93 -28.14 31.29
CA SER L 54 8.75 -28.86 32.25
C SER L 54 8.01 -28.90 33.58
N ARG L 55 7.68 -30.10 34.04
CA ARG L 55 6.99 -30.25 35.32
C ARG L 55 7.95 -29.94 36.47
N ALA L 56 7.50 -29.14 37.42
CA ALA L 56 8.33 -28.77 38.55
C ALA L 56 8.53 -29.96 39.48
N THR L 57 9.39 -29.78 40.47
CA THR L 57 9.71 -30.85 41.40
C THR L 57 8.52 -31.14 42.31
N GLY L 58 8.11 -32.40 42.36
CA GLY L 58 7.02 -32.81 43.21
C GLY L 58 5.64 -32.57 42.65
N ILE L 59 5.52 -32.25 41.36
CA ILE L 59 4.23 -32.00 40.73
C ILE L 59 3.67 -33.32 40.21
N PRO L 60 2.38 -33.61 40.40
CA PRO L 60 1.81 -34.82 39.83
C PRO L 60 2.05 -34.92 38.32
N ASP L 61 1.98 -36.14 37.77
CA ASP L 61 2.30 -36.34 36.37
C ASP L 61 1.19 -35.89 35.43
N ARG L 62 -0.05 -35.78 35.92
CA ARG L 62 -1.17 -35.46 35.04
C ARG L 62 -0.99 -34.09 34.40
N PHE L 63 -0.41 -33.13 35.13
CA PHE L 63 -0.20 -31.80 34.58
C PHE L 63 0.73 -31.87 33.37
N SER L 64 0.35 -31.20 32.29
CA SER L 64 1.09 -31.24 31.03
C SER L 64 1.06 -29.85 30.39
N GLY L 65 2.01 -29.01 30.78
CA GLY L 65 2.21 -27.74 30.10
C GLY L 65 3.03 -27.93 28.84
N SER L 66 2.61 -27.26 27.77
CA SER L 66 3.24 -27.44 26.47
C SER L 66 2.89 -26.24 25.59
N GLY L 67 3.42 -26.25 24.37
CA GLY L 67 3.14 -25.20 23.41
C GLY L 67 4.39 -24.47 22.95
N SER L 68 4.31 -23.81 21.80
CA SER L 68 5.42 -23.04 21.27
C SER L 68 4.86 -21.80 20.59
N GLY L 69 5.76 -20.87 20.26
CA GLY L 69 5.36 -19.65 19.58
C GLY L 69 4.69 -18.70 20.55
N THR L 70 3.50 -18.22 20.18
CA THR L 70 2.77 -17.25 20.98
C THR L 70 1.63 -17.86 21.77
N ASP L 71 1.17 -19.05 21.40
CA ASP L 71 0.07 -19.73 22.07
C ASP L 71 0.61 -20.89 22.90
N PHE L 72 0.24 -20.91 24.18
CA PHE L 72 0.69 -21.95 25.10
C PHE L 72 -0.54 -22.59 25.74
N THR L 73 -0.38 -23.85 26.16
CA THR L 73 -1.49 -24.64 26.65
C THR L 73 -1.07 -25.44 27.88
N LEU L 74 -1.95 -25.48 28.87
CA LEU L 74 -1.78 -26.31 30.07
C LEU L 74 -2.89 -27.35 30.08
N THR L 75 -2.51 -28.61 29.96
CA THR L 75 -3.46 -29.72 29.90
C THR L 75 -3.35 -30.57 31.16
N ILE L 76 -4.50 -30.93 31.71
CA ILE L 76 -4.58 -31.79 32.88
C ILE L 76 -5.47 -32.99 32.50
N SER L 77 -4.85 -34.15 32.31
CA SER L 77 -5.62 -35.36 32.02
C SER L 77 -6.09 -35.99 33.32
N ARG L 78 -7.32 -36.50 33.31
CA ARG L 78 -7.92 -37.07 34.50
C ARG L 78 -7.88 -36.07 35.65
N LEU L 79 -8.82 -35.14 35.67
CA LEU L 79 -8.91 -34.18 36.77
C LEU L 79 -9.32 -34.90 38.04
N GLU L 80 -8.46 -34.86 39.05
CA GLU L 80 -8.81 -35.36 40.36
C GLU L 80 -9.44 -34.23 41.19
N PRO L 81 -10.11 -34.56 42.29
CA PRO L 81 -10.88 -33.53 43.00
C PRO L 81 -10.02 -32.39 43.53
N GLU L 82 -8.74 -32.64 43.78
CA GLU L 82 -7.88 -31.61 44.37
C GLU L 82 -7.45 -30.56 43.37
N ASP L 83 -7.31 -30.92 42.10
CA ASP L 83 -6.73 -30.02 41.10
C ASP L 83 -7.57 -28.77 40.84
N PHE L 84 -8.81 -28.72 41.33
CA PHE L 84 -9.69 -27.60 41.02
C PHE L 84 -9.28 -26.36 41.82
N ALA L 85 -9.01 -25.27 41.11
CA ALA L 85 -8.49 -24.05 41.72
C ALA L 85 -8.37 -22.96 40.66
N VAL L 86 -7.77 -21.83 41.02
CA VAL L 86 -7.51 -20.75 40.07
C VAL L 86 -6.10 -20.94 39.51
N TYR L 87 -5.98 -20.90 38.19
CA TYR L 87 -4.71 -21.14 37.50
C TYR L 87 -4.28 -19.89 36.76
N TYR L 88 -3.02 -19.49 36.94
CA TYR L 88 -2.44 -18.33 36.28
C TYR L 88 -1.27 -18.76 35.42
N CYS L 89 -1.20 -18.24 34.20
CA CYS L 89 -0.03 -18.39 33.35
C CYS L 89 0.75 -17.09 33.35
N GLN L 90 2.06 -17.18 33.52
CA GLN L 90 2.91 -16.02 33.70
C GLN L 90 4.09 -16.11 32.75
N HIS L 91 4.51 -14.95 32.23
CA HIS L 91 5.70 -14.83 31.39
C HIS L 91 6.56 -13.70 31.94
N MET L 92 7.69 -14.08 32.56
CA MET L 92 8.62 -13.10 33.11
C MET L 92 7.93 -12.17 34.12
N TYR L 93 7.63 -10.94 33.69
CA TYR L 93 7.10 -9.93 34.60
C TYR L 93 5.58 -9.82 34.56
N THR L 94 4.93 -10.31 33.50
CA THR L 94 3.51 -10.11 33.30
C THR L 94 2.76 -11.39 33.64
N PHE L 95 1.73 -11.28 34.48
CA PHE L 95 0.87 -12.39 34.86
C PHE L 95 -0.44 -12.32 34.09
N GLY L 96 -1.10 -13.47 33.98
CA GLY L 96 -2.41 -13.52 33.37
C GLY L 96 -3.52 -13.34 34.39
N GLN L 97 -4.70 -12.95 33.88
CA GLN L 97 -5.83 -12.72 34.77
C GLN L 97 -6.31 -13.98 35.46
N GLY L 98 -5.94 -15.15 34.96
CA GLY L 98 -6.25 -16.40 35.61
C GLY L 98 -7.48 -17.08 35.00
N THR L 99 -7.60 -18.37 35.29
CA THR L 99 -8.71 -19.18 34.83
C THR L 99 -9.23 -20.01 35.99
N LYS L 100 -10.47 -19.78 36.39
CA LYS L 100 -11.07 -20.49 37.52
C LYS L 100 -11.64 -21.82 37.06
N LEU L 101 -11.21 -22.90 37.71
CA LEU L 101 -11.65 -24.25 37.39
C LEU L 101 -12.76 -24.63 38.38
N GLU L 102 -13.91 -25.00 37.85
CA GLU L 102 -15.13 -25.17 38.64
C GLU L 102 -15.77 -26.52 38.34
N ILE L 103 -16.26 -27.17 39.40
CA ILE L 103 -16.91 -28.47 39.24
C ILE L 103 -18.35 -28.27 38.81
N LYS L 104 -18.74 -28.91 37.71
CA LYS L 104 -20.13 -28.94 37.29
C LYS L 104 -20.89 -29.97 38.11
N ARG L 105 -22.04 -29.59 38.63
CA ARG L 105 -22.82 -30.44 39.52
C ARG L 105 -24.29 -30.36 39.14
N THR L 106 -25.07 -31.28 39.69
CA THR L 106 -26.51 -31.30 39.45
C THR L 106 -27.12 -29.97 39.87
N VAL L 107 -27.96 -29.41 39.00
CA VAL L 107 -28.58 -28.12 39.28
C VAL L 107 -29.42 -28.22 40.53
N ALA L 108 -29.22 -27.29 41.46
CA ALA L 108 -29.97 -27.22 42.70
C ALA L 108 -30.65 -25.86 42.81
N ALA L 109 -31.80 -25.84 43.47
CA ALA L 109 -32.58 -24.60 43.56
C ALA L 109 -32.07 -23.76 44.73
N PRO L 110 -32.09 -22.43 44.60
CA PRO L 110 -31.66 -21.56 45.71
C PRO L 110 -32.77 -21.39 46.74
N SER L 111 -32.51 -21.84 47.97
CA SER L 111 -33.44 -21.63 49.07
C SER L 111 -33.37 -20.15 49.47
N VAL L 112 -34.36 -19.38 49.04
CA VAL L 112 -34.36 -17.93 49.22
C VAL L 112 -34.91 -17.59 50.60
N PHE L 113 -34.30 -16.59 51.23
CA PHE L 113 -34.75 -16.11 52.54
C PHE L 113 -34.49 -14.61 52.60
N ILE L 114 -35.34 -13.92 53.37
CA ILE L 114 -35.25 -12.47 53.53
C ILE L 114 -35.25 -12.14 55.02
N PHE L 115 -34.41 -11.19 55.40
CA PHE L 115 -34.28 -10.77 56.80
C PHE L 115 -34.47 -9.25 56.86
N PRO L 116 -35.38 -8.76 57.70
CA PRO L 116 -35.59 -7.32 57.80
C PRO L 116 -34.57 -6.67 58.70
N PRO L 117 -34.49 -5.34 58.69
CA PRO L 117 -33.55 -4.66 59.60
C PRO L 117 -33.99 -4.80 61.06
N SER L 118 -33.00 -4.90 61.94
CA SER L 118 -33.27 -5.02 63.36
C SER L 118 -33.62 -3.66 63.95
N ASP L 119 -34.42 -3.68 65.02
CA ASP L 119 -34.82 -2.44 65.67
C ASP L 119 -33.62 -1.70 66.24
N GLU L 120 -32.61 -2.44 66.73
CA GLU L 120 -31.42 -1.78 67.24
C GLU L 120 -30.71 -0.96 66.17
N GLN L 121 -30.75 -1.42 64.92
CA GLN L 121 -30.12 -0.67 63.84
C GLN L 121 -30.89 0.61 63.56
N LEU L 122 -32.22 0.54 63.54
CA LEU L 122 -33.02 1.74 63.30
C LEU L 122 -32.78 2.78 64.39
N LYS L 123 -32.49 2.35 65.62
CA LYS L 123 -32.17 3.30 66.68
C LYS L 123 -30.91 4.11 66.35
N SER L 124 -30.06 3.61 65.46
CA SER L 124 -28.87 4.35 65.07
C SER L 124 -29.16 5.35 63.96
N GLY L 125 -30.07 5.02 63.05
CA GLY L 125 -30.45 5.92 61.99
C GLY L 125 -30.41 5.29 60.61
N THR L 126 -29.98 4.05 60.52
CA THR L 126 -29.85 3.33 59.25
C THR L 126 -30.69 2.06 59.29
N ALA L 127 -30.89 1.48 58.11
CA ALA L 127 -31.65 0.25 57.96
C ALA L 127 -30.99 -0.60 56.88
N SER L 128 -30.83 -1.90 57.17
CA SER L 128 -30.19 -2.84 56.27
C SER L 128 -31.07 -4.07 56.11
N VAL L 129 -31.46 -4.36 54.87
CA VAL L 129 -32.24 -5.55 54.54
C VAL L 129 -31.32 -6.57 53.90
N VAL L 130 -31.52 -7.85 54.25
CA VAL L 130 -30.67 -8.93 53.81
C VAL L 130 -31.49 -9.92 52.99
N CYS L 131 -30.86 -10.49 51.96
CA CYS L 131 -31.48 -11.53 51.13
C CYS L 131 -30.42 -12.60 50.88
N LEU L 132 -30.63 -13.79 51.42
CA LEU L 132 -29.64 -14.86 51.41
C LEU L 132 -30.16 -16.01 50.56
N LEU L 133 -29.40 -16.38 49.53
CA LEU L 133 -29.71 -17.54 48.70
C LEU L 133 -28.77 -18.67 49.10
N ASN L 134 -29.35 -19.83 49.41
CA ASN L 134 -28.59 -20.94 49.96
C ASN L 134 -28.41 -22.06 48.94
N PHE L 136 -26.92 -23.09 45.82
CA PHE L 136 -27.43 -23.04 44.46
C PHE L 136 -26.29 -23.10 43.45
N TYR L 137 -26.55 -23.73 42.29
CA TYR L 137 -25.56 -23.86 41.24
C TYR L 137 -26.24 -23.68 39.90
N PRO L 138 -25.60 -23.00 38.94
CA PRO L 138 -24.24 -22.45 38.99
C PRO L 138 -24.14 -21.15 39.79
N ARG L 139 -22.96 -20.55 39.81
CA ARG L 139 -22.75 -19.33 40.57
C ARG L 139 -23.52 -18.14 40.02
N GLU L 140 -23.96 -18.21 38.76
CA GLU L 140 -24.66 -17.10 38.14
C GLU L 140 -26.11 -17.07 38.59
N ALA L 141 -26.55 -15.91 39.10
CA ALA L 141 -27.93 -15.72 39.50
C ALA L 141 -28.24 -14.23 39.47
N LYS L 142 -29.54 -13.92 39.33
CA LYS L 142 -30.03 -12.55 39.29
C LYS L 142 -30.82 -12.30 40.57
N VAL L 143 -30.31 -11.40 41.41
CA VAL L 143 -30.95 -11.03 42.66
C VAL L 143 -31.41 -9.59 42.51
N GLN L 144 -32.73 -9.38 42.45
CA GLN L 144 -33.33 -8.07 42.25
C GLN L 144 -34.04 -7.64 43.52
N TRP L 145 -33.79 -6.40 43.94
CA TRP L 145 -34.45 -5.84 45.12
C TRP L 145 -35.46 -4.78 44.71
N GLY L 154 -28.00 0.54 42.48
CA GLY L 154 -26.91 1.45 42.79
C GLY L 154 -26.61 1.54 44.27
N ASN L 155 -27.28 0.69 45.06
CA ASN L 155 -27.06 0.71 46.51
C ASN L 155 -27.26 -0.66 47.15
N SER L 156 -27.16 -1.75 46.39
CA SER L 156 -27.31 -3.11 46.91
C SER L 156 -26.02 -3.87 46.63
N GLN L 157 -25.33 -4.25 47.70
CA GLN L 157 -24.07 -4.98 47.60
C GLN L 157 -24.31 -6.47 47.79
N GLU L 158 -23.76 -7.29 46.90
CA GLU L 158 -23.91 -8.73 46.95
C GLU L 158 -22.55 -9.38 47.09
N SER L 159 -22.53 -10.50 47.83
CA SER L 159 -21.30 -11.27 48.04
C SER L 159 -21.62 -12.75 47.90
N VAL L 160 -20.70 -13.48 47.28
CA VAL L 160 -20.85 -14.91 47.03
C VAL L 160 -19.69 -15.65 47.66
N THR L 161 -19.99 -16.76 48.33
CA THR L 161 -18.97 -17.56 48.97
C THR L 161 -18.27 -18.46 47.95
N GLU L 162 -17.09 -18.94 48.32
CA GLU L 162 -16.39 -19.91 47.49
C GLU L 162 -17.19 -21.21 47.42
N GLN L 163 -16.95 -21.97 46.37
CA GLN L 163 -17.68 -23.22 46.16
C GLN L 163 -17.40 -24.18 47.32
N ASP L 164 -18.46 -24.55 48.03
CA ASP L 164 -18.31 -25.43 49.19
C ASP L 164 -17.64 -26.73 48.78
N SER L 165 -16.78 -27.25 49.66
CA SER L 165 -16.06 -28.48 49.37
C SER L 165 -16.91 -29.72 49.62
N LYS L 166 -17.92 -29.61 50.48
CA LYS L 166 -18.74 -30.78 50.82
C LYS L 166 -19.82 -31.00 49.77
N ASP L 167 -20.69 -30.02 49.55
CA ASP L 167 -21.85 -30.16 48.67
C ASP L 167 -21.67 -29.47 47.34
N SER L 168 -20.54 -28.80 47.10
CA SER L 168 -20.23 -28.21 45.80
C SER L 168 -21.34 -27.24 45.36
N THR L 169 -21.57 -26.24 46.19
CA THR L 169 -22.68 -25.32 45.98
C THR L 169 -22.30 -23.93 46.45
N TYR L 170 -22.88 -22.92 45.81
CA TYR L 170 -22.63 -21.52 46.13
C TYR L 170 -23.77 -20.96 46.98
N SER L 171 -23.49 -19.81 47.60
CA SER L 171 -24.49 -19.06 48.35
C SER L 171 -24.23 -17.58 48.17
N LEU L 172 -25.30 -16.79 48.09
CA LEU L 172 -25.21 -15.37 47.83
C LEU L 172 -25.96 -14.59 48.89
N SER L 173 -25.41 -13.45 49.28
CA SER L 173 -26.01 -12.57 50.28
C SER L 173 -26.02 -11.15 49.75
N SER L 174 -27.22 -10.58 49.59
CA SER L 174 -27.40 -9.22 49.10
C SER L 174 -27.84 -8.33 50.25
N THR L 175 -27.20 -7.18 50.40
CA THR L 175 -27.50 -6.23 51.46
C THR L 175 -27.93 -4.91 50.86
N LEU L 176 -29.09 -4.42 51.27
CA LEU L 176 -29.64 -3.15 50.80
C LEU L 176 -29.63 -2.17 51.96
N THR L 177 -28.81 -1.13 51.87
CA THR L 177 -28.67 -0.13 52.92
C THR L 177 -29.45 1.12 52.55
N LEU L 178 -30.14 1.70 53.54
CA LEU L 178 -30.92 2.91 53.32
C LEU L 178 -31.03 3.66 54.64
N SER L 179 -31.41 4.93 54.53
CA SER L 179 -31.56 5.76 55.71
C SER L 179 -32.83 5.39 56.47
N LYS L 180 -32.85 5.74 57.77
CA LYS L 180 -34.02 5.45 58.59
C LYS L 180 -35.26 6.13 58.03
N ALA L 181 -35.14 7.40 57.63
CA ALA L 181 -36.29 8.10 57.06
C ALA L 181 -36.73 7.44 55.76
N ASP L 182 -35.79 7.26 54.82
CA ASP L 182 -36.14 6.63 53.55
C ASP L 182 -36.67 5.21 53.76
N TYR L 183 -36.25 4.55 54.84
CA TYR L 183 -36.73 3.21 55.11
C TYR L 183 -38.19 3.21 55.57
N GLU L 184 -38.55 4.14 56.44
CA GLU L 184 -39.92 4.22 56.96
C GLU L 184 -40.90 4.78 55.95
N LYS L 185 -40.42 5.49 54.93
CA LYS L 185 -41.33 6.05 53.92
C LYS L 185 -42.14 4.95 53.26
N HIS L 186 -41.47 3.96 52.68
CA HIS L 186 -42.14 2.83 52.06
C HIS L 186 -42.39 1.74 53.09
N LYS L 187 -43.07 0.68 52.67
CA LYS L 187 -43.47 -0.39 53.60
C LYS L 187 -43.34 -1.80 53.04
N VAL L 188 -43.34 -2.00 51.72
CA VAL L 188 -43.33 -3.34 51.14
C VAL L 188 -41.96 -3.54 50.48
N TYR L 189 -41.14 -4.40 51.07
CA TYR L 189 -39.85 -4.78 50.52
C TYR L 189 -39.92 -6.21 50.00
N ALA L 190 -39.17 -6.48 48.95
CA ALA L 190 -39.20 -7.80 48.32
C ALA L 190 -37.85 -8.07 47.66
N CYS L 191 -37.48 -9.35 47.62
CA CYS L 191 -36.24 -9.81 46.99
C CYS L 191 -36.59 -10.87 45.96
N GLU L 192 -36.50 -10.53 44.69
CA GLU L 192 -36.74 -11.47 43.60
C GLU L 192 -35.44 -12.16 43.21
N VAL L 193 -35.52 -13.45 42.92
CA VAL L 193 -34.37 -14.26 42.57
C VAL L 193 -34.68 -15.06 41.32
N THR L 194 -33.83 -14.94 40.30
CA THR L 194 -33.95 -15.68 39.06
C THR L 194 -32.75 -16.60 38.92
N HIS L 195 -33.01 -17.89 38.71
CA HIS L 195 -31.95 -18.88 38.62
C HIS L 195 -32.40 -20.03 37.74
N GLN L 196 -31.41 -20.76 37.20
CA GLN L 196 -31.71 -21.90 36.34
C GLN L 196 -32.54 -22.94 37.08
N GLY L 197 -32.09 -23.36 38.26
CA GLY L 197 -32.82 -24.34 39.03
C GLY L 197 -34.22 -23.92 39.40
N LEU L 198 -34.51 -22.62 39.35
CA LEU L 198 -35.84 -22.09 39.66
C LEU L 198 -36.63 -21.95 38.37
N SER L 199 -37.77 -22.64 38.29
CA SER L 199 -38.59 -22.56 37.09
C SER L 199 -39.07 -21.13 36.84
N SER L 200 -39.47 -20.43 37.89
CA SER L 200 -39.93 -19.05 37.82
C SER L 200 -39.17 -18.22 38.84
N PRO L 201 -39.07 -16.91 38.62
CA PRO L 201 -38.34 -16.07 39.58
C PRO L 201 -39.02 -15.99 40.92
N VAL L 202 -38.49 -16.72 41.91
CA VAL L 202 -39.09 -16.73 43.24
C VAL L 202 -38.86 -15.40 43.91
N THR L 203 -39.91 -14.86 44.54
CA THR L 203 -39.86 -13.56 45.20
C THR L 203 -40.32 -13.75 46.65
N LYS L 204 -39.38 -13.61 47.57
CA LYS L 204 -39.66 -13.62 49.00
C LYS L 204 -39.63 -12.19 49.52
N SER L 205 -40.68 -11.80 50.24
CA SER L 205 -40.84 -10.40 50.62
C SER L 205 -41.49 -10.30 51.99
N PHE L 206 -41.37 -9.11 52.58
CA PHE L 206 -42.05 -8.76 53.82
C PHE L 206 -42.60 -7.35 53.68
N ASN L 207 -43.57 -7.02 54.53
CA ASN L 207 -44.22 -5.71 54.46
C ASN L 207 -44.56 -5.27 55.88
N ARG L 208 -43.55 -4.72 56.57
CA ARG L 208 -43.71 -4.18 57.91
C ARG L 208 -43.68 -2.65 57.92
N GLY L 209 -42.73 -2.05 57.21
CA GLY L 209 -42.63 -0.61 57.15
C GLY L 209 -42.30 0.03 58.48
C1 NAG M . 17.72 10.51 -27.99
C2 NAG M . 17.40 9.77 -26.72
C3 NAG M . 18.04 8.45 -26.91
C4 NAG M . 17.63 7.79 -28.22
C5 NAG M . 18.08 8.60 -29.49
C6 NAG M . 17.25 8.20 -30.70
C7 NAG M . 17.35 9.97 -24.19
C8 NAG M . 17.79 10.56 -22.84
N2 NAG M . 17.91 10.43 -25.47
O3 NAG M . 17.66 7.58 -25.82
O4 NAG M . 18.11 6.41 -28.26
O5 NAG M . 17.96 10.07 -29.41
O6 NAG M . 17.53 9.12 -31.76
O7 NAG M . 16.54 9.12 -24.20
C1 NAG M . 18.34 5.09 -27.89
C2 NAG M . 18.92 4.15 -28.92
C3 NAG M . 17.72 3.32 -29.29
C4 NAG M . 16.96 2.65 -28.15
C5 NAG M . 16.38 3.80 -27.25
C6 NAG M . 15.89 3.31 -25.88
C7 NAG M . 20.19 3.93 -31.09
C8 NAG M . 20.87 4.37 -32.38
N2 NAG M . 19.53 4.82 -30.13
O3 NAG M . 18.04 2.35 -30.32
O4 NAG M . 15.74 2.24 -28.75
O5 NAG M . 17.17 5.03 -26.99
O6 NAG M . 15.54 4.51 -25.19
O7 NAG M . 20.19 2.78 -30.83
C1 BMA M . 15.67 0.85 -28.55
C2 BMA M . 14.23 0.41 -28.42
C3 BMA M . 14.16 -1.11 -28.20
C4 BMA M . 14.74 -1.66 -29.45
C5 BMA M . 16.19 -1.23 -29.40
C6 BMA M . 17.01 -1.98 -30.43
O2 BMA M . 13.66 0.83 -29.63
O3 BMA M . 12.92 -1.75 -27.85
O4 BMA M . 14.65 -3.06 -29.42
O5 BMA M . 16.27 0.17 -29.61
O6 BMA M . 16.26 -2.14 -31.63
C1 NAG N . 26.54 4.85 22.71
C2 NAG N . 25.78 5.43 21.52
C3 NAG N . 25.54 6.85 21.89
C4 NAG N . 24.93 6.97 23.27
C5 NAG N . 25.97 6.53 24.35
C6 NAG N . 25.31 6.59 25.72
C7 NAG N . 25.79 5.72 18.99
C8 NAG N . 26.46 5.65 17.63
N2 NAG N . 26.51 5.32 20.21
O3 NAG N . 24.65 7.46 20.93
O4 NAG N . 24.36 8.31 23.49
O5 NAG N . 26.52 5.18 24.17
O6 NAG N . 24.18 5.72 25.71
O7 NAG N . 24.68 6.11 19.08
C1 NAG N . 23.54 9.41 23.53
C2 NAG N . 23.60 10.56 24.53
C3 NAG N . 22.20 10.73 25.06
C4 NAG N . 21.14 10.82 24.00
C5 NAG N . 21.16 9.46 23.21
C6 NAG N . 20.32 9.68 21.94
C7 NAG N . 24.43 10.39 27.04
C8 NAG N . 25.61 10.18 28.00
N2 NAG N . 24.68 10.39 25.58
O3 NAG N . 22.11 11.82 25.99
O4 NAG N . 19.86 10.58 24.60
O5 NAG N . 22.43 8.68 22.93
O6 NAG N . 20.48 8.54 21.09
O7 NAG N . 23.35 10.53 27.50
C1 BMA N . 19.14 11.77 24.64
C2 BMA N . 18.39 12.15 25.89
C3 BMA N . 16.91 12.15 25.56
C4 BMA N . 16.46 12.65 24.19
C5 BMA N . 17.38 12.17 23.02
C6 BMA N . 17.07 12.89 21.74
O2 BMA N . 18.78 13.49 26.25
O3 BMA N . 16.10 12.80 26.58
O4 BMA N . 15.52 11.67 23.85
O5 BMA N . 18.85 11.93 23.20
O6 BMA N . 16.39 11.98 20.90
C1 NAG O . -16.30 -30.47 -9.24
C2 NAG O . -15.95 -28.99 -9.18
C3 NAG O . -16.52 -28.47 -10.44
C4 NAG O . -15.93 -29.24 -11.60
C5 NAG O . -16.50 -30.69 -11.65
C6 NAG O . -15.70 -31.56 -12.61
C7 NAG O . -15.94 -26.93 -7.69
C8 NAG O . -16.37 -26.12 -6.48
N2 NAG O . -16.47 -28.27 -7.96
O3 NAG O . -16.23 -27.06 -10.60
O4 NAG O . -16.06 -28.51 -12.87
O5 NAG O . -16.51 -31.43 -10.37
O6 NAG O . -15.93 -32.93 -12.28
O7 NAG O . -15.15 -26.48 -8.43
C1 NAG O . -15.59 -27.58 -13.80
C2 NAG O . -16.66 -27.39 -14.84
C3 NAG O . -16.16 -26.41 -15.90
C4 NAG O . -14.75 -25.80 -15.79
C5 NAG O . -14.06 -25.98 -14.40
C6 NAG O . -14.63 -25.09 -13.31
C7 NAG O . -18.15 -29.23 -16.02
C8 NAG O . -18.13 -30.72 -16.32
N2 NAG O . -16.95 -28.76 -15.33
O3 NAG O . -17.15 -25.34 -15.96
O4 NAG O . -13.90 -26.62 -16.58
O5 NAG O . -14.13 -27.34 -13.83
O6 NAG O . -14.45 -25.75 -12.05
O7 NAG O . -19.06 -28.53 -16.32
C1 BMA O . -13.63 -25.73 -17.66
C2 BMA O . -12.65 -24.65 -17.36
C3 BMA O . -12.70 -23.59 -18.45
C4 BMA O . -13.31 -24.07 -19.74
C5 BMA O . -13.29 -25.57 -20.04
C6 BMA O . -12.23 -25.94 -21.10
O2 BMA O . -11.35 -25.19 -17.29
O3 BMA O . -11.47 -22.87 -18.67
O4 BMA O . -14.69 -23.82 -19.60
O5 BMA O . -13.20 -26.35 -18.85
O6 BMA O . -12.65 -26.88 -22.10
C1 NAG P . -29.17 13.63 14.79
C2 NAG P . -28.40 12.36 14.54
C3 NAG P . -27.81 11.95 15.83
C4 NAG P . -27.22 13.11 16.60
C5 NAG P . -28.27 14.22 16.96
C6 NAG P . -27.52 15.51 17.34
C7 NAG P . -28.51 10.08 13.46
C8 NAG P . -29.21 8.84 12.94
N2 NAG P . -29.24 11.21 14.06
O3 NAG P . -26.75 11.00 15.57
O4 NAG P . -26.52 12.59 17.79
O5 NAG P . -29.22 14.62 15.91
O6 NAG P . -26.55 15.25 18.35
O7 NAG P . -27.34 10.15 13.39
C1 NAG P . -25.89 11.68 18.61
C2 NAG P . -26.30 11.82 20.05
C3 NAG P . -25.03 12.32 20.69
C4 NAG P . -23.72 11.62 20.38
C5 NAG P . -23.47 11.83 18.86
C6 NAG P . -22.28 11.09 18.26
C7 NAG P . -27.91 12.88 21.70
C8 NAG P . -29.06 13.78 22.17
N2 NAG P . -27.46 12.75 20.31
O3 NAG P . -25.17 12.48 22.12
O4 NAG P . -22.78 12.58 20.86
O5 NAG P . -24.59 11.60 17.91
O6 NAG P . -22.41 11.29 16.85
O7 NAG P . -27.33 12.24 22.50
C1 BMA P . -22.21 11.88 21.91
C2 BMA P . -20.75 12.08 21.78
C3 BMA P . -20.04 11.49 22.94
C4 BMA P . -20.63 12.12 24.15
C5 BMA P . -22.11 11.90 24.20
C6 BMA P . -22.69 12.64 25.38
O2 BMA P . -20.53 13.45 21.82
O3 BMA P . -18.66 11.82 22.84
O4 BMA P . -20.13 11.42 25.27
O5 BMA P . -22.69 12.45 23.06
O6 BMA P . -21.88 12.52 26.55
C1 NAG Q . 9.30 13.24 3.06
C2 NAG Q . 9.50 13.69 1.62
C3 NAG Q . 10.58 14.69 1.43
C4 NAG Q . 10.47 15.79 2.42
C5 NAG Q . 10.70 15.26 3.83
C6 NAG Q . 10.26 16.33 4.82
C7 NAG Q . 10.91 11.58 0.99
C8 NAG Q . 11.97 11.77 2.07
N2 NAG Q . 9.76 12.48 0.78
O3 NAG Q . 10.47 15.25 0.10
O4 NAG Q . 11.43 16.79 2.12
O5 NAG Q . 9.99 14.01 4.17
O6 NAG Q . 8.89 16.13 5.16
O7 NAG Q . 11.03 10.64 0.28
C1 NAG R . 22.87 40.23 -22.30
C2 NAG R . 22.85 41.29 -21.21
C3 NAG R . 24.19 41.91 -21.05
C4 NAG R . 25.26 40.88 -20.83
C5 NAG R . 25.21 39.74 -21.85
C6 NAG R . 26.18 38.65 -21.43
C7 NAG R . 20.49 42.26 -20.95
C8 NAG R . 19.44 43.32 -21.28
N2 NAG R . 21.84 42.34 -21.53
O3 NAG R . 24.16 42.80 -19.92
O4 NAG R . 26.53 41.53 -20.93
O5 NAG R . 23.86 39.17 -21.95
O6 NAG R . 26.24 37.66 -22.46
O7 NAG R . 20.21 41.38 -20.21
C1 NAG S . 20.64 41.14 -10.23
C2 NAG S . 19.63 41.32 -9.12
C3 NAG S . 19.32 42.75 -8.94
C4 NAG S . 20.56 43.53 -8.66
C5 NAG S . 21.73 43.21 -9.60
C6 NAG S . 23.00 43.79 -8.97
C7 NAG S . 18.34 39.09 -9.05
C8 NAG S . 17.12 38.24 -9.38
N2 NAG S . 18.40 40.51 -9.46
O3 NAG S . 18.39 42.90 -7.85
O4 NAG S . 20.26 44.92 -8.77
O5 NAG S . 21.94 41.78 -9.85
O6 NAG S . 24.09 43.64 -9.87
O7 NAG S . 19.24 38.61 -8.44
C1 NAG T . 32.73 26.75 -31.41
C2 NAG T . 34.07 26.05 -31.57
C3 NAG T . 35.08 27.09 -31.88
C4 NAG T . 34.71 27.82 -33.13
C5 NAG T . 33.22 28.20 -33.27
C6 NAG T . 32.94 28.42 -34.76
C7 NAG T . 33.96 23.87 -30.22
C8 NAG T . 34.23 23.07 -28.95
N2 NAG T . 34.36 25.29 -30.32
O3 NAG T . 36.37 26.46 -32.04
O4 NAG T . 35.47 29.03 -33.16
O5 NAG T . 32.25 27.20 -32.75
O6 NAG T . 31.62 28.91 -34.94
O7 NAG T . 33.42 23.35 -31.14
C1 NAG U . 28.70 4.23 -29.26
C2 NAG U . 28.30 3.98 -30.70
C3 NAG U . 29.11 4.82 -31.62
C4 NAG U . 30.59 4.72 -31.41
C5 NAG U . 31.06 4.66 -29.94
C6 NAG U . 31.25 6.09 -29.44
C7 NAG U . 27.47 1.97 -32.07
C8 NAG U . 27.57 0.52 -32.51
N2 NAG U . 28.44 2.54 -31.10
O3 NAG U . 28.72 6.20 -31.45
O4 NAG U . 31.07 3.54 -32.06
O5 NAG U . 30.15 3.94 -29.04
O6 NAG U . 31.45 6.09 -28.03
O7 NAG U . 26.62 2.66 -32.50
C1 NAG V . 31.33 8.61 -8.11
C2 NAG V . 30.86 8.32 -6.69
C3 NAG V . 31.77 8.94 -5.70
C4 NAG V . 33.17 8.47 -5.88
C5 NAG V . 33.69 8.70 -7.30
C6 NAG V . 35.01 7.96 -7.47
C7 NAG V . 28.32 7.99 -6.79
C8 NAG V . 26.91 8.53 -6.61
N2 NAG V . 29.48 8.85 -6.50
O3 NAG V . 31.32 8.59 -4.36
O4 NAG V . 34.01 9.20 -4.98
O5 NAG V . 32.76 8.20 -8.33
O6 NAG V . 34.77 6.72 -8.13
O7 NAG V . 28.49 6.89 -7.20
C1 NAG W . 40.14 13.77 -10.64
C2 NAG W . 40.77 12.39 -10.66
C3 NAG W . 41.24 12.04 -9.30
C4 NAG W . 42.17 13.08 -8.72
C5 NAG W . 41.62 14.50 -8.85
C6 NAG W . 42.71 15.51 -8.49
C7 NAG W . 39.97 10.67 -12.41
C8 NAG W . 38.95 9.64 -12.89
N2 NAG W . 39.77 11.37 -11.13
O3 NAG W . 41.93 10.78 -9.35
O4 NAG W . 42.37 12.78 -7.34
O5 NAG W . 41.15 14.80 -10.20
O6 NAG W . 42.19 16.82 -8.66
O7 NAG W . 40.92 10.91 -13.08
N NH4 X . 12.13 20.43 -36.63
N NH4 Y . 15.48 10.73 -13.25
C1 EDO Z . 1.55 16.94 2.72
O1 EDO Z . 2.74 17.49 2.13
C2 EDO Z . 0.62 16.44 1.62
O2 EDO Z . 0.29 17.51 0.73
C1 EDO AA . 4.29 7.36 6.15
O1 EDO AA . 4.81 7.25 4.82
C2 EDO AA . 2.77 7.47 6.10
O2 EDO AA . 2.22 6.28 5.49
S SO4 BA . 18.26 0.62 -5.31
O1 SO4 BA . 18.12 1.18 -6.66
O2 SO4 BA . 16.94 0.31 -4.78
O3 SO4 BA . 18.91 1.60 -4.44
O4 SO4 BA . 19.07 -0.60 -5.38
C1 NAG CA . 14.79 -6.03 -4.11
C2 NAG CA . 15.86 -6.11 -5.18
C3 NAG CA . 17.00 -5.28 -4.74
C4 NAG CA . 16.61 -3.84 -4.60
C5 NAG CA . 15.28 -3.59 -3.87
C6 NAG CA . 14.65 -2.30 -4.37
C7 NAG CA . 16.29 -8.10 -6.77
C8 NAG CA . 16.73 -9.53 -7.01
N2 NAG CA . 16.31 -7.53 -5.40
O3 NAG CA . 18.07 -5.39 -5.71
O4 NAG CA . 17.63 -3.17 -3.86
O5 NAG CA . 14.26 -4.64 -4.05
O6 NAG CA . 13.38 -2.58 -4.94
O7 NAG CA . 15.92 -7.43 -7.68
C1 NAG DA . 43.40 -17.83 1.73
C2 NAG DA . 44.00 -18.40 0.44
C3 NAG DA . 43.96 -19.88 0.36
C4 NAG DA . 44.33 -20.47 1.67
C5 NAG DA . 43.24 -20.20 2.69
C6 NAG DA . 43.78 -20.53 4.08
C7 NAG DA . 43.90 -16.80 -1.57
C8 NAG DA . 43.18 -16.23 -2.78
N2 NAG DA . 43.26 -17.84 -0.75
O3 NAG DA . 44.90 -20.31 -0.65
O4 NAG DA . 44.49 -21.88 1.52
O5 NAG DA . 42.74 -18.81 2.68
O6 NAG DA . 42.82 -20.19 5.07
O7 NAG DA . 44.97 -16.39 -1.28
C1 NAG EA . 31.76 17.12 21.84
C2 NAG EA . 30.72 17.30 22.93
C3 NAG EA . 31.32 18.12 24.00
C4 NAG EA . 32.53 17.44 24.56
C5 NAG EA . 33.50 16.86 23.52
C6 NAG EA . 34.41 15.85 24.20
C7 NAG EA . 28.36 17.11 21.95
C8 NAG EA . 27.10 17.73 21.36
N2 NAG EA . 29.49 17.95 22.36
O3 NAG EA . 30.35 18.35 25.03
O4 NAG EA . 33.24 18.39 25.35
O5 NAG EA . 32.85 16.23 22.36
O6 NAG EA . 34.98 14.99 23.23
O7 NAG EA . 28.42 15.92 22.08
C1 NAG FA . 31.12 13.45 -0.42
C2 NAG FA . 31.97 14.70 -0.48
C3 NAG FA . 33.02 14.68 -1.53
C4 NAG FA . 32.76 13.75 -2.66
C5 NAG FA . 32.28 12.34 -2.27
C6 NAG FA . 33.40 11.35 -2.57
C7 NAG FA . 30.97 16.96 0.27
C8 NAG FA . 30.03 18.14 0.03
N2 NAG FA . 31.05 15.87 -0.71
O3 NAG FA . 34.27 14.31 -0.88
O4 NAG FA . 31.78 14.35 -3.52
O5 NAG FA . 31.89 12.24 -0.86
O6 NAG FA . 33.09 10.09 -1.97
O7 NAG FA . 31.64 16.92 1.25
C1 NAG GA . 34.03 6.08 24.98
C2 NAG GA . 34.01 6.30 26.49
C3 NAG GA . 34.57 5.12 27.21
C4 NAG GA . 33.82 3.88 26.85
C5 NAG GA . 33.74 3.67 25.33
C6 NAG GA . 32.83 2.49 25.04
C7 NAG GA . 34.64 8.22 28.10
C8 NAG GA . 35.44 9.49 28.38
N2 NAG GA . 34.79 7.55 26.80
O3 NAG GA . 34.48 5.35 28.63
O4 NAG GA . 34.47 2.76 27.44
O5 NAG GA . 33.23 4.86 24.62
O6 NAG GA . 31.49 2.81 25.39
O7 NAG GA . 33.92 7.76 28.93
N NH4 HA . 8.88 -3.80 -6.07
C1 EDO IA . 49.12 6.72 4.72
O1 EDO IA . 48.92 7.56 5.87
C2 EDO IA . 48.61 7.41 3.47
O2 EDO IA . 48.82 6.56 2.33
S SO4 JA . 15.60 10.52 1.70
O1 SO4 JA . 14.70 9.54 1.09
O2 SO4 JA . 15.60 10.32 3.15
O3 SO4 JA . 15.13 11.87 1.40
O4 SO4 JA . 16.95 10.34 1.18
C1 EDO KA . 13.39 -56.43 -6.31
O1 EDO KA . 13.80 -57.61 -5.59
C2 EDO KA . 12.10 -56.71 -7.07
O2 EDO KA . 11.08 -57.15 -6.15
C1 EDO LA . 11.00 -54.58 -28.73
O1 EDO LA . 11.26 -53.35 -29.41
C2 EDO LA . 11.55 -55.74 -29.54
O2 EDO LA . 12.97 -55.58 -29.72
N NH4 MA . -15.09 47.09 0.94
C1 NAG NA . -10.03 -7.15 13.05
C2 NAG NA . -11.22 -6.89 13.96
C3 NAG NA . -12.33 -7.80 13.59
C4 NAG NA . -12.72 -7.65 12.15
C5 NAG NA . -11.52 -7.74 11.20
C6 NAG NA . -11.94 -7.30 9.80
C7 NAG NA . -10.35 -8.23 16.08
C8 NAG NA . -10.10 -9.56 15.36
N2 NAG NA . -10.86 -7.02 15.42
O3 NAG NA . -13.48 -7.51 14.42
O4 NAG NA . -13.65 -8.68 11.82
O5 NAG NA . -10.41 -6.90 11.63
O6 NAG NA . -11.29 -6.06 9.49
O7 NAG NA . -10.11 -8.18 17.24
C1 NAG OA . -15.86 -56.30 7.29
C2 NAG OA . -17.29 -55.78 7.18
C3 NAG OA . -18.01 -56.38 6.04
C4 NAG OA . -17.21 -56.33 4.79
C5 NAG OA . -15.92 -57.14 4.93
C6 NAG OA . -14.80 -56.36 4.24
C7 NAG OA . -18.79 -55.11 9.18
C8 NAG OA . -19.51 -55.49 10.46
N2 NAG OA . -18.01 -56.14 8.44
O3 NAG OA . -19.24 -55.64 5.84
O4 NAG OA . -17.98 -56.86 3.72
O5 NAG OA . -15.57 -57.42 6.33
O6 NAG OA . -13.64 -57.19 4.13
O7 NAG OA . -18.82 -54.00 8.77
C1 NAG PA . -30.05 -43.42 0.06
C2 NAG PA . -31.33 -44.20 0.33
C3 NAG PA . -31.16 -45.66 0.12
C4 NAG PA . -30.55 -45.98 -1.21
C5 NAG PA . -29.28 -45.19 -1.47
C6 NAG PA . -28.81 -45.41 -2.90
C7 NAG PA . -33.08 -43.39 2.06
C8 NAG PA . -33.49 -43.18 3.52
N2 NAG PA . -31.75 -43.97 1.76
O3 NAG PA . -32.45 -46.30 0.22
O4 NAG PA . -30.25 -47.38 -1.23
O5 NAG PA . -29.49 -43.75 -1.29
O6 NAG PA . -27.72 -44.53 -3.19
O7 NAG PA . -33.82 -43.10 1.19
C1 NAG QA . -28.23 -28.96 -15.27
C2 NAG QA . -27.46 -29.81 -16.27
C3 NAG QA . -28.43 -30.71 -16.94
C4 NAG QA . -29.21 -31.55 -15.96
C5 NAG QA . -29.73 -30.77 -14.74
C6 NAG QA . -30.15 -31.76 -13.65
C7 NAG QA . -25.52 -29.50 -17.92
C8 NAG QA . -24.79 -28.70 -19.00
N2 NAG QA . -26.77 -28.99 -17.32
O3 NAG QA . -27.73 -31.59 -17.84
O4 NAG QA . -30.34 -32.10 -16.64
O5 NAG QA . -28.74 -29.85 -14.18
O6 NAG QA . -30.01 -31.15 -12.37
O7 NAG QA . -25.06 -30.53 -17.57
C1 NAG RA . -41.87 -31.58 -0.58
C2 NAG RA . -43.20 -30.92 -0.93
C3 NAG RA . -44.30 -31.38 -0.04
C4 NAG RA . -44.40 -32.87 0.04
C5 NAG RA . -43.07 -33.51 0.43
C6 NAG RA . -43.18 -35.02 0.31
C7 NAG RA . -43.05 -28.57 -1.97
C8 NAG RA . -42.93 -27.05 -1.80
N2 NAG RA . -43.08 -29.44 -0.79
O3 NAG RA . -45.55 -30.85 -0.54
O4 NAG RA . -45.38 -33.21 1.01
O5 NAG RA . -41.97 -33.06 -0.43
O6 NAG RA . -41.88 -35.60 0.47
O7 NAG RA . -43.14 -29.03 -3.06
C1 NAG SA . -30.55 -12.59 -0.75
C2 NAG SA . -31.82 -12.93 0.03
C3 NAG SA . -32.22 -11.76 0.87
C4 NAG SA . -31.13 -11.34 1.79
C5 NAG SA . -29.77 -11.14 1.08
C6 NAG SA . -28.69 -11.03 2.15
C7 NAG SA . -34.17 -13.85 -0.40
C8 NAG SA . -35.30 -14.23 -1.35
N2 NAG SA . -32.92 -13.28 -0.92
O3 NAG SA . -33.37 -12.13 1.66
O4 NAG SA . -31.51 -10.08 2.38
O5 NAG SA . -29.42 -12.24 0.18
O6 NAG SA . -28.58 -12.27 2.85
O7 NAG SA . -34.31 -14.02 0.77
S SO4 TA . -16.71 -6.61 8.65
O1 SO4 TA . -17.40 -7.38 9.67
O2 SO4 TA . -17.37 -5.32 8.46
O3 SO4 TA . -15.32 -6.38 9.05
O4 SO4 TA . -16.72 -7.35 7.38
C1 NAG UA . -13.90 -0.77 -9.42
C2 NAG UA . -14.80 -1.84 -10.03
C3 NAG UA . -16.06 -1.88 -9.29
C4 NAG UA . -15.81 -2.37 -7.90
C5 NAG UA . -14.75 -1.54 -7.14
C6 NAG UA . -14.12 -2.44 -6.09
C7 NAG UA . -15.55 -0.35 -12.09
C8 NAG UA . -15.87 0.91 -11.29
N2 NAG UA . -15.06 -1.61 -11.50
O3 NAG UA . -17.00 -2.78 -9.94
O4 NAG UA . -17.02 -2.33 -7.15
O5 NAG UA . -13.65 -1.01 -7.95
O6 NAG UA . -13.21 -3.34 -6.73
O7 NAG UA . -15.72 -0.32 -13.26
C1 NAG VA . -50.35 24.47 -3.01
C2 NAG VA . -50.24 23.03 -3.49
C3 NAG VA . -51.57 22.40 -3.67
C4 NAG VA . -52.36 22.45 -2.40
C5 NAG VA . -52.52 23.88 -1.87
C6 NAG VA . -53.07 23.80 -0.45
C7 NAG VA . -48.85 21.77 -5.25
C8 NAG VA . -48.10 21.73 -6.58
N2 NAG VA . -49.51 23.00 -4.80
O3 NAG VA . -51.41 21.03 -4.07
O4 NAG VA . -53.65 21.89 -2.63
O5 NAG VA . -51.26 24.63 -1.83
O6 NAG VA . -51.98 23.75 0.47
O7 NAG VA . -48.92 20.78 -4.59
C1 NAG WA . -47.01 18.17 -9.12
C2 NAG WA . -47.51 17.25 -10.23
C3 NAG WA . -48.46 17.92 -11.12
C4 NAG WA . -49.63 18.42 -10.35
C5 NAG WA . -49.21 19.45 -9.29
C6 NAG WA . -49.98 19.20 -7.99
C7 NAG WA . -46.12 15.33 -11.27
C8 NAG WA . -44.94 14.86 -12.10
N2 NAG WA . -46.34 16.77 -11.05
O3 NAG WA . -48.91 16.98 -12.13
O4 NAG WA . -50.55 19.03 -11.26
O5 NAG WA . -47.77 19.47 -9.00
O6 NAG WA . -49.06 18.98 -6.92
O7 NAG WA . -46.87 14.53 -10.81
C1 NAG XA . -48.64 31.75 2.37
C2 NAG XA . -49.39 30.84 3.33
C3 NAG XA . -49.79 31.59 4.54
C4 NAG XA . -48.59 32.16 5.23
C5 NAG XA . -47.65 32.92 4.28
C6 NAG XA . -46.33 33.14 5.02
C7 NAG XA . -50.40 29.00 1.86
C8 NAG XA . -51.57 28.38 1.10
N2 NAG XA . -50.57 30.26 2.61
O3 NAG XA . -50.48 30.69 5.44
O4 NAG XA . -49.04 33.06 6.24
O5 NAG XA . -47.37 32.23 3.02
O6 NAG XA . -45.40 33.81 4.16
O7 NAG XA . -49.34 28.47 1.83
C1 NAG YA . -42.17 9.39 -17.28
C2 NAG YA . -43.11 8.34 -17.85
C3 NAG YA . -43.29 8.61 -19.30
C4 NAG YA . -43.78 10.01 -19.56
C5 NAG YA . -43.03 11.09 -18.77
C6 NAG YA . -43.83 12.38 -18.83
C7 NAG YA . -43.52 5.82 -17.59
C8 NAG YA . -43.00 4.39 -17.41
N2 NAG YA . -42.58 6.95 -17.67
O3 NAG YA . -44.25 7.67 -19.84
O4 NAG YA . -43.62 10.28 -20.96
O5 NAG YA . -42.81 10.75 -17.37
O6 NAG YA . -43.35 13.29 -17.84
O7 NAG YA . -44.68 6.02 -17.66
C1 NAG ZA . -49.73 13.18 9.32
C2 NAG ZA . -50.96 13.66 10.07
C3 NAG ZA . -52.24 13.10 9.60
C4 NAG ZA . -52.35 13.21 8.12
C5 NAG ZA . -51.29 12.34 7.46
C6 NAG ZA . -51.34 12.62 5.96
C7 NAG ZA . -50.39 14.31 12.51
C8 NAG ZA . -50.25 13.92 13.98
N2 NAG ZA . -50.82 13.30 11.53
O3 NAG ZA . -53.33 13.84 10.21
O4 NAG ZA . -53.65 12.77 7.71
O5 NAG ZA . -49.92 12.60 7.94
O6 NAG ZA . -50.38 11.81 5.29
O7 NAG ZA . -50.15 15.41 12.15
C1 NAG AB . -34.82 5.78 23.17
C2 NAG AB . -35.20 6.35 24.54
C3 NAG AB . -36.66 6.52 24.72
C4 NAG AB . -37.27 7.23 23.56
C5 NAG AB . -37.05 6.47 22.25
C6 NAG AB . -36.64 7.48 21.18
C7 NAG AB . -33.77 5.94 26.64
C8 NAG AB . -33.26 5.02 27.74
N2 NAG AB . -34.70 5.43 25.62
O3 NAG AB . -36.89 7.29 25.92
O4 NAG AB . -38.68 7.36 23.79
O5 NAG AB . -36.03 5.42 22.36
O6 NAG AB . -36.11 6.79 20.06
O7 NAG AB . -33.41 7.07 26.61
C1 NAG BB . -51.61 -1.58 13.66
C2 NAG BB . -51.96 -2.97 13.16
C3 NAG BB . -53.15 -3.53 13.85
C4 NAG BB . -52.96 -3.54 15.32
C5 NAG BB . -52.76 -2.12 15.88
C6 NAG BB . -51.64 -2.13 16.91
C7 NAG BB . -52.32 -4.12 10.87
C8 NAG BB . -52.70 -4.06 9.40
N2 NAG BB . -52.32 -2.90 11.70
O3 NAG BB . -53.40 -4.87 13.40
O4 NAG BB . -54.14 -4.11 15.92
O5 NAG BB . -52.47 -1.13 14.83
O6 NAG BB . -50.71 -1.08 16.64
O7 NAG BB . -52.04 -5.17 11.37
C1 NAG CB . -32.42 -9.42 8.26
C2 NAG CB . -31.55 -10.29 7.36
C3 NAG CB . -32.38 -11.18 6.53
C4 NAG CB . -33.34 -12.00 7.33
C5 NAG CB . -34.16 -11.15 8.30
C6 NAG CB . -34.95 -12.06 9.23
C7 NAG CB . -29.44 -8.89 6.92
C8 NAG CB . -28.61 -7.98 6.01
N2 NAG CB . -30.74 -9.40 6.46
O3 NAG CB . -31.50 -12.08 5.80
O4 NAG CB . -34.23 -12.68 6.44
O5 NAG CB . -33.33 -10.25 9.12
O6 NAG CB . -34.04 -12.76 10.08
O7 NAG CB . -29.04 -9.17 8.00
C1 NAG DB . -35.45 15.69 16.85
C2 NAG DB . -35.66 17.14 16.47
C3 NAG DB . -35.83 18.03 17.64
C4 NAG DB . -36.95 17.55 18.50
C5 NAG DB . -36.70 16.11 18.98
C6 NAG DB . -37.95 15.62 19.70
C7 NAG DB . -34.38 17.31 14.24
C8 NAG DB . -33.18 17.78 13.42
N2 NAG DB . -34.46 17.61 15.67
O3 NAG DB . -36.12 19.37 17.18
O4 NAG DB . -37.08 18.41 19.63
O5 NAG DB . -36.40 15.18 17.90
O6 NAG DB . -37.82 14.23 19.97
O7 NAG DB . -35.24 16.69 13.71
C1 EDO EB . -50.89 -2.35 6.94
O1 EDO EB . -50.31 -1.45 7.89
C2 EDO EB . -50.24 -2.15 5.58
O2 EDO EB . -48.81 -2.32 5.69
#